data_7YO5
#
_entry.id   7YO5
#
_cell.length_a   1.00
_cell.length_b   1.00
_cell.length_c   1.00
_cell.angle_alpha   90.00
_cell.angle_beta   90.00
_cell.angle_gamma   90.00
#
_symmetry.space_group_name_H-M   'P 1'
#
loop_
_entity.id
_entity.type
_entity.pdbx_description
1 polymer 'Calcium-activated potassium channel subunit alpha-1'
2 non-polymer 'CALCIUM ION'
#
_entity_poly.entity_id   1
_entity_poly.type   'polypeptide(L)'
_entity_poly.pdbx_seq_one_letter_code
;MDALIIPVTMEVPCDSRGQRMWWAFLASSMVTFFGGLFIILLWRTLKYLWTVCCHCGGKTKEAQKINNGSSQADGTLKPV
DEKEEAVAAEVGWMTSVKDWAGVMISAQTLTGRVLVVLVFALSIGALVIYFIDSSNPIESCQNFYKDFTLQIDMAFNVFF
LLYFGLRFIAANDKLWFWLEVNSVVDFFTVPPVFVSVYLNRSWLGLRFLRALRLIQFSEILQFLNILKTSNSIKLVNLLS
IFISTWLTAAGFIHLVENSGDPWENFQNNQALTYWECVYLLMVTMSTVGYGDVYAKTTLGRLFMVFFILGGLAMFASYVP
EIIELIGNRKKYGGSYSAVSGRKHIVVCGHITLESVSNFLKAFLHKARDDVNVEIVFLHNISPNLELEALFKRHFTQVEF
YQGSVLNPHDLARVKIESADACLILANKYCADPDAEDASNIMRVISIKNYHPKIRIITQMLQYHNKAHLLNIPSWNWKEG
DDAICLAELKLGFIAQSCLAQGLSTMLANLFSMRSFIKIEEDTWQKYYLEGVSNEMYTEYLSSAFVGLSFPTVCELCFVK
LKLLMIAIEYKSANRESRSRSRILINPGNHLKIQEGTLGFFIASDAKEVKRAFFYCKACHDDITDPKRIKKCGCKRLEDE
QPSTLSPKKKQRNGGMRNSPNTSPKLMRHDPLLIPGNDQIDNMDSNVKKYDSTGMFHWCAPKEIEKVILTRSEAAMTVLS
GHVVVCIFGDVSSALIGLRNLVMPLRASNFHYHELKHIVFVGSIEYLKREWETLHNFPKVSILPGTPLSRADLRAVNINL
CDMCVILSANQNNIDDTSLQDKECILASLNIKSMQFDDSIGVLQANSQGFTPPGMDRSSPDNSPVHGMLRQPSITTGVNI
PIITELVNDTNVQFLDQDDDDDPDTELYLTQPFACGTAFAVSVLDSLMSATYFNDNILTLIRTLVTGGATPELEALIAEE
NALRGGYSTPQTLANRDRCRVAQLALLDGPFADLGDGGCYGDLFCKALKTYNMLCFGIYRLRDAHLSTPSQCTKRYVITN
PPYEFELVPTDLIFCLMQFD
;
_entity_poly.pdbx_strand_id   A,B,C,D
#
loop_
_chem_comp.id
_chem_comp.type
_chem_comp.name
_chem_comp.formula
CA non-polymer 'CALCIUM ION' 'Ca 2'
#
# COMPACT_ATOMS: atom_id res chain seq x y z
N GLN A 19 16.77 65.57 30.99
CA GLN A 19 17.40 64.28 30.74
C GLN A 19 16.34 63.30 30.25
N ARG A 20 16.77 62.26 29.53
CA ARG A 20 15.83 61.34 28.90
C ARG A 20 15.17 60.43 29.92
N MET A 21 13.85 60.26 29.80
CA MET A 21 13.04 59.52 30.75
C MET A 21 12.71 58.09 30.29
N TRP A 22 13.37 57.59 29.25
CA TRP A 22 13.07 56.23 28.79
C TRP A 22 13.32 55.21 29.89
N TRP A 23 14.33 55.45 30.73
CA TRP A 23 14.58 54.58 31.87
C TRP A 23 13.36 54.46 32.75
N ALA A 24 12.60 55.56 32.89
CA ALA A 24 11.43 55.54 33.76
C ALA A 24 10.36 54.60 33.23
N PHE A 25 10.05 54.68 31.93
CA PHE A 25 9.04 53.79 31.36
C PHE A 25 9.50 52.33 31.42
N LEU A 26 10.76 52.08 31.04
CA LEU A 26 11.27 50.71 31.07
C LEU A 26 11.23 50.16 32.49
N ALA A 27 11.65 50.95 33.48
CA ALA A 27 11.62 50.52 34.86
C ALA A 27 10.19 50.28 35.32
N SER A 28 9.25 51.13 34.92
CA SER A 28 7.86 50.94 35.34
C SER A 28 7.33 49.61 34.85
N SER A 29 7.51 49.32 33.56
CA SER A 29 7.03 48.05 33.03
C SER A 29 7.74 46.87 33.69
N MET A 30 9.07 46.97 33.85
CA MET A 30 9.80 45.82 34.34
C MET A 30 9.53 45.58 35.82
N VAL A 31 9.29 46.62 36.60
CA VAL A 31 8.93 46.42 38.01
C VAL A 31 7.48 46.01 38.16
N THR A 32 6.61 46.33 37.19
CA THR A 32 5.31 45.66 37.16
C THR A 32 5.50 44.16 36.99
N PHE A 33 6.43 43.77 36.11
CA PHE A 33 6.78 42.35 35.98
C PHE A 33 7.32 41.78 37.29
N PHE A 34 8.23 42.52 37.96
CA PHE A 34 8.75 42.05 39.24
C PHE A 34 7.63 41.85 40.26
N GLY A 35 6.74 42.84 40.39
CA GLY A 35 5.68 42.73 41.36
C GLY A 35 4.78 41.54 41.09
N GLY A 36 4.36 41.37 39.83
CA GLY A 36 3.51 40.24 39.50
C GLY A 36 4.21 38.91 39.80
N LEU A 37 5.45 38.77 39.35
CA LEU A 37 6.18 37.53 39.56
C LEU A 37 6.37 37.24 41.04
N PHE A 38 6.70 38.26 41.83
CA PHE A 38 6.95 38.04 43.25
C PHE A 38 5.67 37.68 43.99
N ILE A 39 4.58 38.40 43.75
CA ILE A 39 3.33 38.08 44.45
C ILE A 39 2.83 36.70 44.06
N ILE A 40 2.86 36.37 42.76
CA ILE A 40 2.31 35.09 42.34
C ILE A 40 3.20 33.93 42.78
N LEU A 41 4.52 34.08 42.67
CA LEU A 41 5.43 32.98 42.96
C LEU A 41 5.53 32.71 44.46
N LEU A 42 5.45 33.75 45.29
CA LEU A 42 5.65 33.58 46.73
C LEU A 42 4.55 32.77 47.37
N TRP A 43 3.41 32.60 46.71
CA TRP A 43 2.30 31.84 47.29
C TRP A 43 2.67 30.37 47.45
N ARG A 44 3.36 29.80 46.45
CA ARG A 44 3.63 28.37 46.47
C ARG A 44 4.62 28.02 47.58
N THR A 45 5.69 28.79 47.73
CA THR A 45 6.69 28.49 48.74
C THR A 45 6.21 28.84 50.15
N LEU A 46 5.37 29.87 50.28
CA LEU A 46 4.89 30.26 51.60
C LEU A 46 4.02 29.17 52.23
N LYS A 47 3.16 28.54 51.43
CA LYS A 47 2.23 27.54 51.93
C LYS A 47 2.83 26.14 51.98
N TYR A 48 4.07 25.96 51.53
CA TYR A 48 4.72 24.66 51.60
C TYR A 48 5.27 24.47 53.00
N LEU A 49 4.72 23.48 53.73
CA LEU A 49 5.08 23.19 55.11
C LEU A 49 4.84 24.37 56.05
N TRP A 50 3.98 25.31 55.64
CA TRP A 50 3.66 26.51 56.42
C TRP A 50 4.93 27.26 56.80
N THR A 51 5.82 27.44 55.83
CA THR A 51 7.07 28.16 56.03
C THR A 51 6.81 29.63 56.36
N MET A 94 -13.87 35.35 47.50
CA MET A 94 -14.45 34.01 47.47
C MET A 94 -14.29 33.38 46.09
N THR A 95 -14.62 32.09 45.98
CA THR A 95 -14.52 31.40 44.71
C THR A 95 -15.62 31.77 43.74
N SER A 96 -16.70 32.39 44.23
CA SER A 96 -17.80 32.78 43.35
C SER A 96 -17.36 33.85 42.36
N VAL A 97 -16.53 34.79 42.81
CA VAL A 97 -16.11 35.89 41.96
C VAL A 97 -15.27 35.38 40.79
N LYS A 98 -14.38 34.42 41.03
CA LYS A 98 -13.58 33.87 39.95
C LYS A 98 -14.45 33.16 38.92
N ASP A 99 -15.42 32.37 39.37
CA ASP A 99 -16.32 31.71 38.44
C ASP A 99 -17.13 32.72 37.65
N TRP A 100 -17.58 33.80 38.30
CA TRP A 100 -18.29 34.86 37.60
C TRP A 100 -17.41 35.45 36.50
N ALA A 101 -16.20 35.88 36.86
CA ALA A 101 -15.30 36.44 35.87
C ALA A 101 -15.04 35.47 34.74
N GLY A 102 -15.04 34.16 35.04
CA GLY A 102 -14.98 33.17 33.98
C GLY A 102 -16.21 33.18 33.09
N VAL A 103 -17.38 33.50 33.67
CA VAL A 103 -18.60 33.51 32.87
C VAL A 103 -18.58 34.65 31.86
N MET A 104 -18.26 35.86 32.30
CA MET A 104 -18.24 36.99 31.37
C MET A 104 -17.16 36.86 30.31
N ILE A 105 -15.98 36.35 30.68
CA ILE A 105 -14.92 36.20 29.68
C ILE A 105 -15.27 35.13 28.66
N SER A 106 -16.10 34.15 29.02
CA SER A 106 -16.51 33.12 28.08
C SER A 106 -17.38 33.71 26.97
N ALA A 107 -17.29 33.08 25.80
CA ALA A 107 -18.01 33.55 24.62
C ALA A 107 -19.45 33.07 24.55
N GLN A 108 -19.90 32.28 25.53
CA GLN A 108 -21.27 31.77 25.50
C GLN A 108 -22.28 32.90 25.61
N THR A 109 -22.03 33.86 26.50
CA THR A 109 -22.94 34.98 26.71
C THR A 109 -22.62 36.13 25.76
N LEU A 110 -23.56 37.06 25.67
CA LEU A 110 -23.33 38.27 24.87
C LEU A 110 -22.19 39.09 25.43
N THR A 111 -21.95 39.01 26.75
CA THR A 111 -20.89 39.79 27.38
C THR A 111 -19.54 39.45 26.77
N GLY A 112 -19.22 38.16 26.67
CA GLY A 112 -17.94 37.77 26.11
C GLY A 112 -17.77 38.18 24.66
N ARG A 113 -18.83 38.02 23.87
CA ARG A 113 -18.77 38.38 22.45
C ARG A 113 -18.52 39.87 22.27
N VAL A 114 -19.34 40.70 22.94
CA VAL A 114 -19.14 42.14 22.82
C VAL A 114 -17.79 42.55 23.38
N LEU A 115 -17.33 41.87 24.45
CA LEU A 115 -16.03 42.21 25.04
C LEU A 115 -14.90 41.93 24.06
N VAL A 116 -14.91 40.77 23.41
CA VAL A 116 -13.83 40.45 22.49
C VAL A 116 -13.88 41.35 21.26
N VAL A 117 -15.09 41.68 20.79
CA VAL A 117 -15.20 42.59 19.65
C VAL A 117 -14.63 43.96 19.99
N LEU A 118 -14.99 44.49 21.17
CA LEU A 118 -14.46 45.80 21.54
C LEU A 118 -12.96 45.74 21.81
N VAL A 119 -12.46 44.62 22.35
CA VAL A 119 -11.01 44.48 22.56
C VAL A 119 -10.29 44.55 21.22
N PHE A 120 -10.79 43.84 20.21
CA PHE A 120 -10.16 43.88 18.89
C PHE A 120 -10.23 45.28 18.30
N ALA A 121 -11.39 45.93 18.39
CA ALA A 121 -11.52 47.27 17.82
C ALA A 121 -10.59 48.26 18.50
N LEU A 122 -10.48 48.18 19.83
CA LEU A 122 -9.60 49.07 20.57
C LEU A 122 -8.13 48.76 20.29
N SER A 123 -7.79 47.49 20.08
CA SER A 123 -6.43 47.16 19.68
C SER A 123 -6.07 47.78 18.33
N ILE A 124 -6.99 47.68 17.37
CA ILE A 124 -6.74 48.29 16.06
C ILE A 124 -6.62 49.80 16.19
N GLY A 125 -7.50 50.42 16.97
CA GLY A 125 -7.40 51.86 17.18
C GLY A 125 -6.08 52.26 17.82
N ALA A 126 -5.69 51.55 18.89
CA ALA A 126 -4.44 51.86 19.57
C ALA A 126 -3.26 51.68 18.63
N LEU A 127 -3.31 50.69 17.74
CA LEU A 127 -2.28 50.56 16.72
C LEU A 127 -2.26 51.77 15.80
N VAL A 128 -3.43 52.30 15.46
CA VAL A 128 -3.48 53.50 14.60
C VAL A 128 -2.82 54.69 15.28
N ILE A 129 -3.19 54.94 16.55
CA ILE A 129 -2.53 56.02 17.29
C ILE A 129 -1.04 55.76 17.45
N TYR A 130 -0.64 54.50 17.60
CA TYR A 130 0.80 54.20 17.69
C TYR A 130 1.50 54.56 16.38
N PHE A 131 0.86 54.29 15.25
CA PHE A 131 1.43 54.69 13.96
C PHE A 131 1.59 56.20 13.89
N ILE A 132 0.55 56.93 14.32
CA ILE A 132 0.62 58.40 14.27
C ILE A 132 1.72 58.91 15.18
N ASP A 133 1.88 58.30 16.36
CA ASP A 133 2.95 58.69 17.27
C ASP A 133 4.32 58.38 16.67
N SER A 134 4.46 57.24 16.00
CA SER A 134 5.71 56.88 15.35
C SER A 134 6.05 57.86 14.25
N SER A 135 5.04 58.46 13.62
CA SER A 135 5.30 59.54 12.67
C SER A 135 5.96 60.75 13.34
N ASN A 136 5.85 60.86 14.66
CA ASN A 136 6.40 61.96 15.44
C ASN A 136 7.76 61.58 16.04
N PRO A 137 8.52 62.56 16.52
CA PRO A 137 9.81 62.26 17.16
C PRO A 137 9.65 61.37 18.40
N ILE A 138 10.80 60.99 18.95
CA ILE A 138 10.83 59.96 19.99
C ILE A 138 10.32 60.52 21.32
N GLU A 139 10.96 61.57 21.82
CA GLU A 139 10.72 62.08 23.16
C GLU A 139 10.14 63.48 23.14
N SER A 140 9.16 63.72 22.27
CA SER A 140 8.46 65.00 22.25
C SER A 140 7.73 65.23 23.56
N CYS A 141 7.91 66.42 24.13
CA CYS A 141 7.31 66.75 25.42
C CYS A 141 5.85 67.12 25.20
N GLN A 142 4.95 66.17 25.50
CA GLN A 142 3.53 66.38 25.32
C GLN A 142 2.79 65.88 26.55
N ASN A 143 1.72 66.59 26.92
CA ASN A 143 0.89 66.24 28.05
C ASN A 143 -0.44 65.66 27.56
N PHE A 144 -1.21 65.12 28.51
CA PHE A 144 -2.48 64.48 28.17
C PHE A 144 -3.45 65.46 27.53
N TYR A 145 -3.55 66.67 28.10
CA TYR A 145 -4.55 67.62 27.65
C TYR A 145 -4.11 68.42 26.43
N LYS A 146 -2.80 68.54 26.20
CA LYS A 146 -2.30 69.45 25.18
C LYS A 146 -2.77 69.04 23.78
N ASP A 147 -2.73 67.75 23.47
CA ASP A 147 -3.14 67.26 22.17
C ASP A 147 -4.24 66.21 22.32
N PHE A 148 -5.30 66.38 21.54
CA PHE A 148 -6.47 65.50 21.62
C PHE A 148 -6.18 64.08 21.15
N THR A 149 -5.16 63.88 20.34
CA THR A 149 -4.82 62.54 19.85
C THR A 149 -4.25 61.65 20.95
N LEU A 150 -3.45 62.22 21.84
CA LEU A 150 -2.80 61.44 22.89
C LEU A 150 -3.79 60.95 23.95
N GLN A 151 -4.78 61.78 24.29
CA GLN A 151 -5.65 61.46 25.42
C GLN A 151 -6.52 60.24 25.13
N ILE A 152 -6.96 60.08 23.88
CA ILE A 152 -7.87 58.97 23.54
C ILE A 152 -7.19 57.62 23.64
N ASP A 153 -5.86 57.56 23.61
CA ASP A 153 -5.13 56.31 23.72
C ASP A 153 -5.16 55.73 25.13
N MET A 154 -5.66 56.49 26.10
CA MET A 154 -5.65 56.08 27.50
C MET A 154 -6.93 55.38 27.93
N ALA A 155 -8.08 55.76 27.37
CA ALA A 155 -9.33 55.04 27.66
C ALA A 155 -9.25 53.60 27.17
N PHE A 156 -8.71 53.39 25.97
CA PHE A 156 -8.54 52.03 25.48
C PHE A 156 -7.63 51.24 26.39
N ASN A 157 -6.56 51.87 26.87
CA ASN A 157 -5.61 51.18 27.74
C ASN A 157 -6.23 50.80 29.08
N VAL A 158 -7.03 51.70 29.67
CA VAL A 158 -7.65 51.34 30.94
C VAL A 158 -8.74 50.28 30.74
N PHE A 159 -9.40 50.28 29.57
CA PHE A 159 -10.32 49.19 29.27
C PHE A 159 -9.57 47.86 29.18
N PHE A 160 -8.42 47.86 28.52
CA PHE A 160 -7.59 46.67 28.47
C PHE A 160 -7.13 46.27 29.88
N LEU A 161 -6.84 47.25 30.73
CA LEU A 161 -6.38 46.97 32.08
C LEU A 161 -7.48 46.32 32.92
N LEU A 162 -8.71 46.82 32.81
CA LEU A 162 -9.80 46.21 33.55
C LEU A 162 -10.13 44.82 33.02
N TYR A 163 -10.03 44.63 31.70
CA TYR A 163 -10.18 43.28 31.16
C TYR A 163 -9.09 42.36 31.66
N PHE A 164 -7.86 42.87 31.78
CA PHE A 164 -6.75 42.10 32.32
C PHE A 164 -7.00 41.72 33.78
N GLY A 165 -7.51 42.66 34.56
CA GLY A 165 -7.86 42.34 35.94
C GLY A 165 -8.96 41.31 36.03
N LEU A 166 -9.96 41.39 35.15
CA LEU A 166 -11.00 40.38 35.10
C LEU A 166 -10.43 39.01 34.78
N ARG A 167 -9.49 38.94 33.82
CA ARG A 167 -8.88 37.67 33.48
C ARG A 167 -8.03 37.15 34.63
N PHE A 168 -7.35 38.05 35.34
CA PHE A 168 -6.60 37.65 36.53
C PHE A 168 -7.52 37.05 37.59
N ILE A 169 -8.69 37.65 37.79
CA ILE A 169 -9.66 37.10 38.71
C ILE A 169 -10.11 35.72 38.24
N ALA A 170 -10.38 35.58 36.93
CA ALA A 170 -10.86 34.32 36.38
C ALA A 170 -9.74 33.29 36.22
N ALA A 171 -8.48 33.68 36.34
CA ALA A 171 -7.38 32.74 36.15
C ALA A 171 -7.32 31.73 37.30
N ASN A 172 -7.14 30.46 36.95
CA ASN A 172 -7.03 29.40 37.95
C ASN A 172 -5.63 29.31 38.53
N ASP A 173 -4.64 29.03 37.69
CA ASP A 173 -3.23 29.02 38.09
C ASP A 173 -2.63 30.35 37.65
N LYS A 174 -2.38 31.24 38.62
CA LYS A 174 -1.93 32.58 38.29
C LYS A 174 -0.52 32.61 37.70
N LEU A 175 0.30 31.59 37.97
CA LEU A 175 1.66 31.58 37.45
C LEU A 175 1.68 31.43 35.94
N TRP A 176 0.93 30.45 35.41
CA TRP A 176 0.87 30.27 33.97
C TRP A 176 0.15 31.43 33.29
N PHE A 177 -0.88 31.96 33.93
CA PHE A 177 -1.59 33.10 33.36
C PHE A 177 -0.70 34.34 33.28
N TRP A 178 0.12 34.56 34.31
CA TRP A 178 1.02 35.71 34.30
C TRP A 178 2.03 35.63 33.16
N LEU A 179 2.41 34.42 32.77
CA LEU A 179 3.32 34.21 31.65
C LEU A 179 2.56 33.96 30.35
N GLU A 180 1.65 34.88 30.02
CA GLU A 180 0.84 34.78 28.81
C GLU A 180 1.16 35.94 27.88
N VAL A 181 1.07 35.68 26.57
CA VAL A 181 1.44 36.68 25.58
C VAL A 181 0.57 37.93 25.74
N ASN A 182 -0.75 37.74 25.82
CA ASN A 182 -1.63 38.89 25.97
C ASN A 182 -1.36 39.64 27.26
N SER A 183 -1.11 38.91 28.35
CA SER A 183 -0.81 39.56 29.63
C SER A 183 0.48 40.36 29.57
N VAL A 184 1.54 39.81 28.98
CA VAL A 184 2.80 40.53 28.93
C VAL A 184 2.68 41.74 28.02
N VAL A 185 1.92 41.63 26.92
CA VAL A 185 1.64 42.82 26.11
C VAL A 185 0.93 43.87 26.95
N ASP A 186 -0.06 43.45 27.73
CA ASP A 186 -0.86 44.40 28.50
C ASP A 186 -0.01 45.15 29.51
N PHE A 187 0.78 44.43 30.31
CA PHE A 187 1.58 45.11 31.33
C PHE A 187 2.90 45.62 30.80
N PHE A 188 3.21 45.41 29.53
CA PHE A 188 4.30 46.13 28.89
C PHE A 188 3.84 47.39 28.17
N THR A 189 2.54 47.51 27.91
CA THR A 189 2.04 48.71 27.24
C THR A 189 1.32 49.69 28.15
N VAL A 190 0.66 49.25 29.21
CA VAL A 190 -0.13 50.19 30.01
C VAL A 190 0.71 51.02 30.99
N PRO A 191 1.72 50.47 31.68
CA PRO A 191 2.47 51.32 32.63
C PRO A 191 3.05 52.56 31.96
N PRO A 192 3.61 52.46 30.75
CA PRO A 192 3.98 53.69 30.05
C PRO A 192 2.81 54.64 29.82
N VAL A 193 1.63 54.12 29.49
CA VAL A 193 0.57 55.04 29.08
C VAL A 193 -0.03 55.77 30.28
N PHE A 194 0.01 55.18 31.49
CA PHE A 194 -0.41 55.98 32.64
C PHE A 194 0.76 56.46 33.50
N VAL A 195 1.99 56.36 33.01
CA VAL A 195 3.07 57.19 33.58
C VAL A 195 3.41 58.36 32.67
N SER A 196 2.92 58.36 31.43
CA SER A 196 3.17 59.50 30.54
C SER A 196 2.63 60.79 31.13
N VAL A 197 1.48 60.73 31.81
CA VAL A 197 0.95 61.92 32.48
C VAL A 197 1.88 62.35 33.62
N TYR A 198 2.51 61.40 34.31
CA TYR A 198 3.45 61.73 35.35
C TYR A 198 4.70 62.41 34.79
N LEU A 199 5.17 61.94 33.64
CA LEU A 199 6.45 62.41 33.10
C LEU A 199 6.31 63.44 32.00
N ASN A 200 5.12 63.58 31.42
CA ASN A 200 4.85 64.53 30.32
C ASN A 200 5.73 64.28 29.10
N ARG A 201 6.20 63.04 28.92
CA ARG A 201 7.04 62.67 27.79
C ARG A 201 6.42 61.49 27.06
N SER A 202 6.15 61.67 25.77
CA SER A 202 5.48 60.66 24.96
C SER A 202 6.54 59.87 24.19
N TRP A 203 7.17 58.92 24.89
CA TRP A 203 8.16 58.05 24.27
C TRP A 203 7.41 56.96 23.52
N LEU A 204 7.87 56.66 22.29
CA LEU A 204 7.24 55.57 21.54
C LEU A 204 7.35 54.26 22.29
N GLY A 205 8.51 53.97 22.86
CA GLY A 205 8.67 52.82 23.73
C GLY A 205 8.34 51.52 23.05
N LEU A 206 7.52 50.70 23.71
CA LEU A 206 7.14 49.38 23.24
C LEU A 206 5.67 49.36 22.88
N ARG A 207 5.20 50.42 22.22
CA ARG A 207 3.79 50.61 21.94
C ARG A 207 3.32 49.83 20.72
N PHE A 208 4.23 49.19 19.98
CA PHE A 208 3.81 48.38 18.83
C PHE A 208 3.28 47.01 19.25
N LEU A 209 3.39 46.65 20.53
CA LEU A 209 2.91 45.34 20.97
C LEU A 209 1.42 45.18 20.81
N ARG A 210 0.68 46.27 20.57
CA ARG A 210 -0.73 46.14 20.22
C ARG A 210 -0.92 45.24 19.02
N ALA A 211 0.04 45.25 18.08
CA ALA A 211 -0.05 44.40 16.91
C ALA A 211 -0.07 42.92 17.29
N LEU A 212 0.55 42.56 18.42
CA LEU A 212 0.52 41.19 18.88
C LEU A 212 -0.86 40.76 19.37
N ARG A 213 -1.77 41.69 19.60
CA ARG A 213 -3.12 41.35 19.99
C ARG A 213 -4.03 41.09 18.79
N LEU A 214 -3.51 41.24 17.57
CA LEU A 214 -4.29 40.96 16.38
C LEU A 214 -4.48 39.47 16.15
N ILE A 215 -3.63 38.63 16.75
CA ILE A 215 -3.68 37.19 16.51
C ILE A 215 -5.00 36.58 16.97
N GLN A 216 -5.72 37.24 17.87
CA GLN A 216 -7.01 36.74 18.33
C GLN A 216 -8.13 36.95 17.31
N PHE A 217 -7.81 37.46 16.12
CA PHE A 217 -8.83 37.69 15.11
C PHE A 217 -9.49 36.40 14.66
N SER A 218 -8.75 35.28 14.72
CA SER A 218 -9.31 34.00 14.27
C SER A 218 -10.52 33.60 15.10
N GLU A 219 -10.36 33.60 16.43
CA GLU A 219 -11.48 33.23 17.30
C GLU A 219 -12.63 34.23 17.18
N ILE A 220 -12.30 35.52 17.06
CA ILE A 220 -13.33 36.55 16.96
C ILE A 220 -14.17 36.35 15.70
N LEU A 221 -13.52 36.07 14.57
CA LEU A 221 -14.29 35.82 13.35
C LEU A 221 -15.00 34.48 13.38
N GLN A 222 -14.43 33.50 14.10
CA GLN A 222 -15.09 32.20 14.23
C GLN A 222 -16.38 32.31 15.01
N PHE A 223 -16.39 33.11 16.08
CA PHE A 223 -17.62 33.30 16.85
C PHE A 223 -18.70 33.92 15.98
N LEU A 224 -18.34 34.89 15.14
CA LEU A 224 -19.29 35.42 14.17
C LEU A 224 -19.56 34.39 13.08
N ASN A 225 -20.70 34.57 12.40
CA ASN A 225 -21.11 33.65 11.35
C ASN A 225 -20.23 33.73 10.11
N ILE A 226 -19.36 34.73 10.00
CA ILE A 226 -18.55 34.90 8.80
C ILE A 226 -17.62 33.72 8.60
N LEU A 227 -16.97 33.27 9.67
CA LEU A 227 -15.95 32.22 9.59
C LEU A 227 -16.52 30.92 10.12
N LYS A 228 -16.71 29.95 9.22
CA LYS A 228 -17.17 28.62 9.62
C LYS A 228 -16.33 27.54 8.97
N THR A 229 -15.73 27.84 7.82
CA THR A 229 -14.91 26.87 7.10
C THR A 229 -13.56 26.70 7.79
N SER A 230 -13.21 25.46 8.09
CA SER A 230 -11.93 25.19 8.77
C SER A 230 -10.76 25.64 7.93
N ASN A 231 -10.83 25.45 6.61
CA ASN A 231 -9.80 25.94 5.71
C ASN A 231 -9.65 27.45 5.85
N SER A 232 -10.77 28.17 5.86
CA SER A 232 -10.73 29.62 6.04
C SER A 232 -10.19 29.99 7.41
N ILE A 233 -10.55 29.21 8.44
CA ILE A 233 -10.05 29.48 9.79
C ILE A 233 -8.53 29.39 9.82
N LYS A 234 -7.97 28.32 9.27
CA LYS A 234 -6.51 28.18 9.27
C LYS A 234 -5.85 29.25 8.42
N LEU A 235 -6.44 29.58 7.27
CA LEU A 235 -5.89 30.62 6.41
C LEU A 235 -5.82 31.95 7.14
N VAL A 236 -6.94 32.36 7.77
CA VAL A 236 -6.97 33.64 8.45
C VAL A 236 -6.05 33.62 9.67
N ASN A 237 -5.93 32.48 10.35
CA ASN A 237 -5.03 32.39 11.49
C ASN A 237 -3.59 32.63 11.06
N LEU A 238 -3.14 31.94 10.00
CA LEU A 238 -1.77 32.13 9.54
C LEU A 238 -1.54 33.56 9.04
N LEU A 239 -2.50 34.09 8.28
CA LEU A 239 -2.32 35.45 7.77
C LEU A 239 -2.23 36.46 8.90
N SER A 240 -3.09 36.32 9.92
CA SER A 240 -3.08 37.25 11.03
C SER A 240 -1.78 37.14 11.82
N ILE A 241 -1.31 35.93 12.10
CA ILE A 241 -0.09 35.80 12.89
C ILE A 241 1.11 36.31 12.10
N PHE A 242 1.14 36.07 10.79
CA PHE A 242 2.23 36.58 9.97
C PHE A 242 2.24 38.10 9.95
N ILE A 243 1.07 38.72 9.78
CA ILE A 243 0.99 40.17 9.78
C ILE A 243 1.41 40.74 11.12
N SER A 244 0.96 40.11 12.21
CA SER A 244 1.30 40.59 13.54
C SER A 244 2.81 40.53 13.78
N THR A 245 3.44 39.41 13.44
CA THR A 245 4.88 39.29 13.62
C THR A 245 5.63 40.30 12.76
N TRP A 246 5.18 40.49 11.52
CA TRP A 246 5.81 41.45 10.62
C TRP A 246 5.77 42.86 11.22
N LEU A 247 4.59 43.29 11.67
CA LEU A 247 4.45 44.62 12.22
C LEU A 247 5.22 44.77 13.52
N THR A 248 5.24 43.74 14.36
CA THR A 248 5.97 43.80 15.62
C THR A 248 7.47 43.96 15.38
N ALA A 249 8.01 43.17 14.45
CA ALA A 249 9.43 43.30 14.12
C ALA A 249 9.74 44.67 13.53
N ALA A 250 8.84 45.18 12.68
CA ALA A 250 9.05 46.51 12.12
C ALA A 250 9.09 47.57 13.20
N GLY A 251 8.17 47.49 14.16
CA GLY A 251 8.19 48.44 15.27
C GLY A 251 9.44 48.33 16.12
N PHE A 252 9.88 47.10 16.38
CA PHE A 252 11.10 46.90 17.16
C PHE A 252 12.29 47.53 16.47
N ILE A 253 12.40 47.34 15.15
CA ILE A 253 13.50 47.93 14.41
C ILE A 253 13.39 49.45 14.39
N HIS A 254 12.17 49.97 14.26
CA HIS A 254 12.01 51.42 14.27
C HIS A 254 12.52 51.99 15.59
N LEU A 255 12.15 51.36 16.70
CA LEU A 255 12.64 51.80 18.00
C LEU A 255 14.16 51.70 18.11
N VAL A 256 14.74 50.57 17.68
CA VAL A 256 16.16 50.36 17.88
C VAL A 256 16.99 51.30 17.01
N GLU A 257 16.55 51.52 15.76
CA GLU A 257 17.32 52.36 14.86
C GLU A 257 17.14 53.84 15.18
N ASN A 258 15.93 54.24 15.60
CA ASN A 258 15.69 55.66 15.84
C ASN A 258 16.50 56.19 17.02
N SER A 259 16.96 55.31 17.90
CA SER A 259 17.77 55.68 19.05
C SER A 259 19.04 54.84 19.06
N GLY A 260 20.18 55.49 18.92
CA GLY A 260 21.45 54.78 18.87
C GLY A 260 21.71 53.95 20.12
N ASP A 261 22.74 53.11 20.02
CA ASP A 261 23.06 52.21 21.11
C ASP A 261 23.53 53.02 22.33
N PRO A 262 23.26 52.52 23.54
CA PRO A 262 23.57 53.29 24.75
C PRO A 262 25.06 53.61 24.90
N TRP A 263 25.94 52.71 24.50
CA TRP A 263 27.37 52.90 24.73
C TRP A 263 28.01 53.86 23.75
N GLU A 264 27.27 54.35 22.75
CA GLU A 264 27.78 55.36 21.84
C GLU A 264 27.08 56.71 22.04
N ASN A 265 26.46 56.92 23.19
CA ASN A 265 25.78 58.17 23.52
C ASN A 265 24.71 58.53 22.50
N PHE A 266 24.07 57.50 21.94
CA PHE A 266 22.96 57.65 21.02
C PHE A 266 23.35 58.51 19.81
N GLN A 267 24.57 58.33 19.32
CA GLN A 267 25.02 59.00 18.12
C GLN A 267 24.70 58.23 16.84
N ASN A 268 24.30 56.96 16.97
CA ASN A 268 24.03 56.11 15.83
C ASN A 268 22.57 56.20 15.36
N ASN A 269 21.87 57.29 15.66
CA ASN A 269 20.50 57.45 15.22
C ASN A 269 20.45 57.48 13.70
N GLN A 270 19.52 56.71 13.13
CA GLN A 270 19.34 56.63 11.69
C GLN A 270 17.95 57.14 11.33
N ALA A 271 17.89 58.05 10.35
CA ALA A 271 16.62 58.65 9.97
C ALA A 271 15.76 57.65 9.20
N LEU A 272 14.90 56.93 9.92
CA LEU A 272 14.05 55.91 9.32
C LEU A 272 12.60 56.14 9.72
N THR A 273 11.69 55.99 8.75
CA THR A 273 10.27 55.98 9.04
C THR A 273 9.82 54.55 9.34
N TYR A 274 8.66 54.44 9.99
CA TYR A 274 8.14 53.12 10.33
C TYR A 274 7.84 52.32 9.07
N TRP A 275 7.27 52.97 8.06
CA TRP A 275 6.99 52.28 6.80
C TRP A 275 8.29 51.80 6.14
N GLU A 276 9.35 52.59 6.27
CA GLU A 276 10.65 52.16 5.77
C GLU A 276 11.12 50.90 6.48
N CYS A 277 10.91 50.81 7.80
CA CYS A 277 11.27 49.60 8.52
C CYS A 277 10.42 48.41 8.07
N VAL A 278 9.13 48.65 7.81
CA VAL A 278 8.27 47.58 7.32
C VAL A 278 8.80 47.06 5.98
N TYR A 279 9.17 47.98 5.10
CA TYR A 279 9.73 47.60 3.81
C TYR A 279 11.03 46.83 3.99
N LEU A 280 11.87 47.27 4.92
CA LEU A 280 13.15 46.61 5.17
C LEU A 280 12.94 45.17 5.63
N LEU A 281 12.03 44.97 6.58
CA LEU A 281 11.76 43.60 7.05
C LEU A 281 11.17 42.74 5.94
N MET A 282 10.27 43.30 5.14
CA MET A 282 9.70 42.51 4.04
C MET A 282 10.77 42.11 3.04
N VAL A 283 11.69 43.03 2.72
CA VAL A 283 12.79 42.70 1.82
C VAL A 283 13.68 41.63 2.44
N THR A 284 13.94 41.74 3.75
CA THR A 284 14.83 40.79 4.42
C THR A 284 14.26 39.38 4.39
N MET A 285 12.97 39.23 4.72
CA MET A 285 12.37 37.90 4.71
C MET A 285 11.93 37.44 3.34
N SER A 286 12.03 38.29 2.33
CA SER A 286 11.96 37.82 0.95
C SER A 286 13.31 37.31 0.45
N THR A 287 14.34 37.36 1.29
CA THR A 287 15.70 36.98 0.95
C THR A 287 16.24 37.75 -0.23
N VAL A 288 15.68 38.93 -0.51
CA VAL A 288 16.20 39.76 -1.60
C VAL A 288 17.42 40.53 -1.13
N GLY A 289 17.28 41.33 -0.08
CA GLY A 289 18.40 42.07 0.46
C GLY A 289 18.95 43.09 -0.49
N TYR A 290 18.17 44.14 -0.76
CA TYR A 290 18.62 45.19 -1.66
C TYR A 290 19.85 45.90 -1.09
N GLY A 291 19.84 46.21 0.19
CA GLY A 291 20.92 46.96 0.79
C GLY A 291 20.80 48.46 0.69
N ASP A 292 19.75 48.97 0.04
CA ASP A 292 19.50 50.41 0.07
C ASP A 292 19.14 50.88 1.46
N VAL A 293 18.38 50.08 2.20
CA VAL A 293 17.99 50.37 3.57
C VAL A 293 18.41 49.18 4.43
N TYR A 294 19.11 49.45 5.52
CA TYR A 294 19.58 48.41 6.43
C TYR A 294 19.73 49.02 7.82
N ALA A 295 20.30 48.23 8.74
CA ALA A 295 20.42 48.62 10.14
C ALA A 295 21.86 49.03 10.43
N LYS A 296 22.13 50.27 10.77
CA LYS A 296 23.55 50.57 11.06
C LYS A 296 23.85 50.54 12.57
N THR A 297 23.15 49.73 13.39
CA THR A 297 23.34 49.75 14.87
C THR A 297 23.73 48.37 15.40
N THR A 298 24.66 48.27 16.36
CA THR A 298 25.18 46.95 16.81
C THR A 298 24.07 46.15 17.47
N LEU A 299 23.02 46.81 17.90
CA LEU A 299 21.81 46.20 18.43
C LEU A 299 20.84 45.83 17.31
N GLY A 300 20.69 46.73 16.33
CA GLY A 300 19.82 46.44 15.21
C GLY A 300 20.33 45.30 14.35
N ARG A 301 21.65 45.24 14.13
CA ARG A 301 22.21 44.13 13.37
C ARG A 301 22.04 42.82 14.11
N LEU A 302 22.21 42.84 15.43
CA LEU A 302 21.98 41.63 16.23
C LEU A 302 20.53 41.19 16.12
N PHE A 303 19.61 42.14 16.16
CA PHE A 303 18.20 41.79 16.01
C PHE A 303 17.91 41.23 14.63
N MET A 304 18.51 41.81 13.58
CA MET A 304 18.46 41.20 12.25
C MET A 304 18.92 39.75 12.27
N VAL A 305 20.05 39.47 12.92
CA VAL A 305 20.53 38.08 12.93
C VAL A 305 19.52 37.16 13.60
N PHE A 306 19.17 37.48 14.85
CA PHE A 306 18.30 36.60 15.61
C PHE A 306 16.92 36.48 14.97
N PHE A 307 16.36 37.58 14.49
CA PHE A 307 15.04 37.52 13.89
C PHE A 307 15.05 36.92 12.49
N ILE A 308 16.19 36.93 11.81
CA ILE A 308 16.29 36.15 10.56
C ILE A 308 16.21 34.66 10.88
N LEU A 309 16.97 34.21 11.88
CA LEU A 309 16.82 32.81 12.29
C LEU A 309 15.38 32.52 12.70
N GLY A 310 14.77 33.41 13.48
CA GLY A 310 13.41 33.19 13.94
C GLY A 310 12.40 33.16 12.80
N GLY A 311 12.53 34.08 11.85
CA GLY A 311 11.61 34.12 10.73
C GLY A 311 11.72 32.90 9.85
N LEU A 312 12.95 32.48 9.54
CA LEU A 312 13.11 31.26 8.77
C LEU A 312 12.56 30.04 9.51
N ALA A 313 12.81 29.97 10.83
CA ALA A 313 12.31 28.84 11.60
C ALA A 313 10.79 28.81 11.62
N MET A 314 10.14 29.95 11.86
CA MET A 314 8.68 29.98 11.91
C MET A 314 8.08 29.74 10.53
N PHE A 315 8.70 30.26 9.48
CA PHE A 315 8.23 29.98 8.13
C PHE A 315 8.32 28.51 7.81
N ALA A 316 9.43 27.86 8.18
CA ALA A 316 9.56 26.42 7.96
C ALA A 316 8.52 25.65 8.75
N SER A 317 8.27 26.06 9.99
CA SER A 317 7.26 25.39 10.80
C SER A 317 5.86 25.56 10.21
N TYR A 318 5.60 26.68 9.54
CA TYR A 318 4.29 26.93 8.96
C TYR A 318 4.16 26.44 7.52
N VAL A 319 5.25 25.95 6.93
CA VAL A 319 5.17 25.38 5.58
C VAL A 319 4.07 24.33 5.44
N PRO A 320 3.91 23.36 6.35
CA PRO A 320 2.85 22.36 6.14
C PRO A 320 1.47 22.98 5.96
N GLU A 321 1.09 23.88 6.86
CA GLU A 321 -0.26 24.45 6.83
C GLU A 321 -0.52 25.18 5.51
N ILE A 322 0.46 25.96 5.04
CA ILE A 322 0.31 26.64 3.77
C ILE A 322 0.33 25.64 2.62
N ILE A 323 0.88 24.43 2.82
CA ILE A 323 0.72 23.41 1.80
C ILE A 323 -0.75 22.99 1.68
N GLU A 324 -1.40 22.64 2.79
CA GLU A 324 -2.76 22.13 2.59
C GLU A 324 -3.74 23.24 2.23
N LEU A 325 -3.68 24.39 2.91
CA LEU A 325 -4.76 25.36 2.75
C LEU A 325 -4.65 26.18 1.48
N ILE A 326 -3.53 26.10 0.75
CA ILE A 326 -3.46 26.76 -0.56
C ILE A 326 -3.82 25.77 -1.68
N GLY A 327 -3.54 24.49 -1.50
CA GLY A 327 -3.74 23.52 -2.56
C GLY A 327 -5.13 22.91 -2.61
N ASN A 328 -6.09 23.54 -1.93
CA ASN A 328 -7.46 23.02 -1.85
C ASN A 328 -8.41 24.04 -2.48
N ARG A 329 -8.86 23.75 -3.70
CA ARG A 329 -9.86 24.53 -4.40
C ARG A 329 -10.85 23.58 -5.07
N LYS A 330 -11.92 24.14 -5.64
CA LYS A 330 -12.92 23.34 -6.31
C LYS A 330 -12.43 22.92 -7.70
N LYS A 331 -13.21 22.08 -8.36
CA LYS A 331 -12.89 21.64 -9.72
C LYS A 331 -13.91 22.13 -10.73
N TYR A 332 -15.19 21.75 -10.57
CA TYR A 332 -16.21 22.21 -11.51
C TYR A 332 -17.53 22.54 -10.83
N GLY A 333 -17.54 22.86 -9.53
CA GLY A 333 -18.76 23.14 -8.81
C GLY A 333 -19.58 24.27 -9.42
N GLY A 334 -20.88 24.06 -9.54
CA GLY A 334 -21.76 25.07 -10.09
C GLY A 334 -23.09 24.51 -10.55
N SER A 335 -24.15 25.31 -10.48
CA SER A 335 -25.46 24.87 -10.91
C SER A 335 -25.56 24.90 -12.43
N TYR A 336 -26.64 24.32 -12.94
CA TYR A 336 -26.91 24.25 -14.37
C TYR A 336 -27.99 25.26 -14.75
N SER A 337 -27.73 26.04 -15.79
CA SER A 337 -28.69 27.02 -16.27
C SER A 337 -29.74 26.31 -17.11
N ALA A 338 -30.95 26.18 -16.57
CA ALA A 338 -32.05 25.51 -17.26
C ALA A 338 -32.69 26.50 -18.22
N VAL A 339 -32.24 26.46 -19.48
CA VAL A 339 -32.76 27.35 -20.50
C VAL A 339 -34.11 26.83 -20.98
N SER A 340 -35.13 27.70 -20.96
CA SER A 340 -36.46 27.31 -21.39
C SER A 340 -36.48 27.10 -22.89
N GLY A 341 -37.25 26.10 -23.33
CA GLY A 341 -37.38 25.79 -24.73
C GLY A 341 -36.41 24.75 -25.26
N ARG A 342 -35.40 24.38 -24.47
CA ARG A 342 -34.41 23.39 -24.88
C ARG A 342 -34.37 22.26 -23.86
N LYS A 343 -34.30 21.03 -24.36
CA LYS A 343 -34.21 19.86 -23.51
C LYS A 343 -32.75 19.54 -23.20
N HIS A 344 -32.54 18.80 -22.11
CA HIS A 344 -31.20 18.42 -21.71
C HIS A 344 -31.27 17.09 -20.98
N ILE A 345 -30.14 16.39 -20.94
CA ILE A 345 -30.03 15.09 -20.27
C ILE A 345 -28.85 15.12 -19.32
N VAL A 346 -28.89 14.21 -18.35
CA VAL A 346 -27.85 14.09 -17.33
C VAL A 346 -27.23 12.71 -17.46
N VAL A 347 -25.91 12.65 -17.48
CA VAL A 347 -25.17 11.40 -17.61
C VAL A 347 -24.34 11.21 -16.34
N CYS A 348 -24.57 10.11 -15.64
CA CYS A 348 -23.91 9.82 -14.38
C CYS A 348 -23.52 8.36 -14.32
N GLY A 349 -22.58 8.06 -13.42
CA GLY A 349 -22.10 6.70 -13.23
C GLY A 349 -20.62 6.58 -13.52
N HIS A 350 -20.24 5.43 -14.08
CA HIS A 350 -18.85 5.19 -14.44
C HIS A 350 -18.44 6.11 -15.58
N ILE A 351 -17.60 7.10 -15.27
CA ILE A 351 -17.17 8.10 -16.24
C ILE A 351 -15.67 7.99 -16.41
N THR A 352 -15.22 7.76 -17.64
CA THR A 352 -13.80 7.69 -17.98
C THR A 352 -13.60 8.31 -19.36
N LEU A 353 -12.35 8.34 -19.81
CA LEU A 353 -12.06 8.92 -21.12
C LEU A 353 -12.73 8.13 -22.23
N GLU A 354 -12.51 6.81 -22.25
CA GLU A 354 -13.06 6.00 -23.35
C GLU A 354 -14.58 5.98 -23.31
N SER A 355 -15.17 5.93 -22.12
CA SER A 355 -16.63 5.91 -22.01
C SER A 355 -17.23 7.17 -22.60
N VAL A 356 -16.75 8.34 -22.16
CA VAL A 356 -17.28 9.61 -22.66
C VAL A 356 -17.01 9.75 -24.15
N SER A 357 -15.81 9.35 -24.60
CA SER A 357 -15.47 9.49 -26.01
C SER A 357 -16.41 8.66 -26.89
N ASN A 358 -16.58 7.38 -26.55
CA ASN A 358 -17.45 6.54 -27.35
C ASN A 358 -18.90 7.00 -27.27
N PHE A 359 -19.36 7.41 -26.08
CA PHE A 359 -20.73 7.86 -25.94
C PHE A 359 -20.99 9.11 -26.75
N LEU A 360 -20.05 10.06 -26.77
CA LEU A 360 -20.22 11.27 -27.53
C LEU A 360 -20.12 11.01 -29.04
N LYS A 361 -19.26 10.06 -29.44
CA LYS A 361 -19.21 9.67 -30.84
C LYS A 361 -20.55 9.09 -31.29
N ALA A 362 -21.15 8.24 -30.46
CA ALA A 362 -22.42 7.62 -30.82
C ALA A 362 -23.59 8.58 -30.69
N PHE A 363 -23.46 9.62 -29.86
CA PHE A 363 -24.56 10.54 -29.58
C PHE A 363 -24.52 11.75 -30.50
N LEU A 364 -23.44 12.52 -30.47
CA LEU A 364 -23.29 13.71 -31.30
C LEU A 364 -22.79 13.32 -32.69
N HIS A 365 -23.59 12.51 -33.38
CA HIS A 365 -23.23 11.97 -34.68
C HIS A 365 -23.61 12.96 -35.77
N LYS A 366 -22.66 13.24 -36.68
CA LYS A 366 -22.92 14.17 -37.76
C LYS A 366 -24.00 13.66 -38.70
N ALA A 367 -24.02 12.34 -38.94
CA ALA A 367 -25.04 11.76 -39.82
C ALA A 367 -26.44 11.90 -39.25
N ARG A 368 -26.57 12.17 -37.95
CA ARG A 368 -27.87 12.39 -37.35
C ARG A 368 -28.39 13.78 -37.72
N ASP A 369 -29.65 14.04 -37.35
CA ASP A 369 -30.25 15.34 -37.57
C ASP A 369 -29.68 16.33 -36.55
N ASP A 370 -30.23 17.54 -36.53
CA ASP A 370 -29.77 18.52 -35.55
C ASP A 370 -30.06 18.06 -34.12
N VAL A 371 -29.04 18.14 -33.27
CA VAL A 371 -29.18 17.76 -31.87
C VAL A 371 -28.66 18.87 -30.98
N ASN A 372 -29.59 19.69 -30.46
CA ASN A 372 -29.22 20.81 -29.57
C ASN A 372 -29.30 20.39 -28.11
N VAL A 373 -29.73 19.16 -27.82
CA VAL A 373 -29.93 18.75 -26.40
C VAL A 373 -28.58 18.83 -25.68
N GLU A 374 -28.52 19.54 -24.56
CA GLU A 374 -27.23 19.70 -23.87
C GLU A 374 -26.98 18.44 -23.03
N ILE A 375 -25.74 17.99 -22.98
CA ILE A 375 -25.42 16.77 -22.19
C ILE A 375 -24.71 17.23 -20.92
N VAL A 376 -25.38 17.11 -19.78
CA VAL A 376 -24.74 17.49 -18.50
C VAL A 376 -24.09 16.22 -17.96
N PHE A 377 -22.95 16.36 -17.30
CA PHE A 377 -22.22 15.26 -16.71
C PHE A 377 -22.18 15.40 -15.20
N LEU A 378 -22.05 14.27 -14.51
CA LEU A 378 -22.03 14.25 -13.04
C LEU A 378 -21.26 13.01 -12.60
N HIS A 379 -20.02 13.21 -12.17
CA HIS A 379 -19.20 12.13 -11.64
C HIS A 379 -18.49 12.62 -10.40
N ASN A 380 -18.10 11.67 -9.54
CA ASN A 380 -17.55 11.98 -8.24
C ASN A 380 -16.02 12.01 -8.22
N ILE A 381 -15.38 12.05 -9.38
CA ILE A 381 -13.94 12.10 -9.49
C ILE A 381 -13.56 13.37 -10.26
N SER A 382 -12.39 13.91 -9.94
CA SER A 382 -11.94 15.13 -10.59
C SER A 382 -11.72 14.88 -12.08
N PRO A 383 -12.10 15.81 -12.94
CA PRO A 383 -11.92 15.61 -14.38
C PRO A 383 -10.45 15.64 -14.77
N ASN A 384 -10.12 14.88 -15.81
CA ASN A 384 -8.77 14.87 -16.34
C ASN A 384 -8.59 16.01 -17.36
N LEU A 385 -7.33 16.30 -17.68
CA LEU A 385 -7.04 17.34 -18.66
C LEU A 385 -7.61 16.97 -20.03
N GLU A 386 -7.48 15.71 -20.42
CA GLU A 386 -8.07 15.26 -21.68
C GLU A 386 -9.59 15.37 -21.65
N LEU A 387 -10.19 15.02 -20.51
CA LEU A 387 -11.64 15.13 -20.38
C LEU A 387 -12.09 16.59 -20.52
N GLU A 388 -11.35 17.51 -19.90
CA GLU A 388 -11.65 18.93 -20.07
C GLU A 388 -11.45 19.38 -21.51
N ALA A 389 -10.44 18.84 -22.20
CA ALA A 389 -10.24 19.18 -23.60
C ALA A 389 -11.42 18.73 -24.45
N LEU A 390 -11.91 17.52 -24.23
CA LEU A 390 -13.09 17.05 -24.93
C LEU A 390 -14.32 17.90 -24.60
N PHE A 391 -14.48 18.28 -23.33
CA PHE A 391 -15.61 19.09 -22.94
C PHE A 391 -15.57 20.45 -23.62
N LYS A 392 -14.39 21.06 -23.69
CA LYS A 392 -14.25 22.34 -24.37
C LYS A 392 -14.34 22.21 -25.88
N ARG A 393 -14.08 21.02 -26.42
CA ARG A 393 -14.27 20.80 -27.85
C ARG A 393 -15.74 20.82 -28.22
N HIS A 394 -16.61 20.37 -27.32
CA HIS A 394 -18.06 20.36 -27.54
C HIS A 394 -18.76 21.21 -26.48
N PHE A 395 -18.23 22.40 -26.19
CA PHE A 395 -18.77 23.22 -25.11
C PHE A 395 -20.18 23.71 -25.39
N THR A 396 -20.66 23.61 -26.63
CA THR A 396 -22.01 24.06 -26.96
C THR A 396 -23.06 23.25 -26.21
N GLN A 397 -22.86 21.95 -26.10
CA GLN A 397 -23.84 21.08 -25.44
C GLN A 397 -23.30 20.38 -24.21
N VAL A 398 -22.03 19.97 -24.21
CA VAL A 398 -21.50 19.15 -23.13
C VAL A 398 -21.01 20.05 -22.00
N GLU A 399 -21.46 19.74 -20.78
CA GLU A 399 -21.05 20.46 -19.59
C GLU A 399 -20.77 19.46 -18.48
N PHE A 400 -19.82 19.79 -17.61
CA PHE A 400 -19.44 18.94 -16.50
C PHE A 400 -19.64 19.68 -15.18
N TYR A 401 -20.18 18.97 -14.19
CA TYR A 401 -20.36 19.49 -12.84
C TYR A 401 -19.91 18.42 -11.86
N GLN A 402 -18.86 18.72 -11.10
CA GLN A 402 -18.35 17.78 -10.11
C GLN A 402 -19.38 17.57 -9.00
N GLY A 403 -19.62 16.32 -8.64
CA GLY A 403 -20.57 16.04 -7.58
C GLY A 403 -20.82 14.55 -7.46
N SER A 404 -21.60 14.20 -6.44
CA SER A 404 -21.98 12.82 -6.16
C SER A 404 -23.45 12.62 -6.51
N VAL A 405 -23.73 11.57 -7.29
CA VAL A 405 -25.08 11.33 -7.75
C VAL A 405 -26.02 11.02 -6.60
N LEU A 406 -25.51 10.45 -5.51
CA LEU A 406 -26.35 10.11 -4.38
C LEU A 406 -26.74 11.33 -3.54
N ASN A 407 -26.02 12.44 -3.70
CA ASN A 407 -26.33 13.64 -2.93
C ASN A 407 -27.46 14.40 -3.59
N PRO A 408 -28.58 14.63 -2.90
CA PRO A 408 -29.71 15.34 -3.53
C PRO A 408 -29.36 16.75 -3.99
N HIS A 409 -28.44 17.43 -3.31
CA HIS A 409 -28.05 18.77 -3.73
C HIS A 409 -27.38 18.74 -5.10
N ASP A 410 -26.53 17.73 -5.35
CA ASP A 410 -25.90 17.59 -6.66
C ASP A 410 -26.93 17.35 -7.75
N LEU A 411 -27.96 16.54 -7.44
CA LEU A 411 -29.04 16.34 -8.40
C LEU A 411 -29.80 17.64 -8.65
N ALA A 412 -30.01 18.43 -7.61
CA ALA A 412 -30.68 19.72 -7.78
C ALA A 412 -29.85 20.67 -8.64
N ARG A 413 -28.53 20.59 -8.51
CA ARG A 413 -27.67 21.49 -9.27
C ARG A 413 -27.82 21.28 -10.77
N VAL A 414 -27.90 20.02 -11.21
CA VAL A 414 -27.97 19.69 -12.63
C VAL A 414 -29.42 19.73 -13.11
N LYS A 415 -30.33 20.11 -12.21
CA LYS A 415 -31.75 20.26 -12.54
C LYS A 415 -32.33 18.95 -13.08
N ILE A 416 -32.35 17.95 -12.21
CA ILE A 416 -32.92 16.65 -12.59
C ILE A 416 -34.40 16.78 -12.89
N GLU A 417 -35.12 17.56 -12.09
CA GLU A 417 -36.57 17.67 -12.26
C GLU A 417 -36.95 18.28 -13.60
N SER A 418 -36.04 18.99 -14.26
CA SER A 418 -36.30 19.61 -15.55
C SER A 418 -35.59 18.89 -16.69
N ALA A 419 -34.96 17.76 -16.43
CA ALA A 419 -34.26 17.03 -17.46
C ALA A 419 -35.22 16.09 -18.19
N ASP A 420 -34.78 15.63 -19.37
CA ASP A 420 -35.58 14.71 -20.16
C ASP A 420 -35.27 13.25 -19.83
N ALA A 421 -33.99 12.92 -19.69
CA ALA A 421 -33.59 11.55 -19.38
C ALA A 421 -32.28 11.58 -18.60
N CYS A 422 -32.09 10.54 -17.79
CA CYS A 422 -30.84 10.34 -17.06
C CYS A 422 -30.21 9.04 -17.53
N LEU A 423 -28.96 9.11 -17.97
CA LEU A 423 -28.25 7.95 -18.50
C LEU A 423 -27.22 7.47 -17.49
N ILE A 424 -27.20 6.16 -17.24
CA ILE A 424 -26.31 5.54 -16.27
C ILE A 424 -25.35 4.63 -17.02
N LEU A 425 -24.05 4.84 -16.80
CA LEU A 425 -23.02 4.05 -17.44
C LEU A 425 -22.46 3.04 -16.45
N ALA A 426 -22.32 1.79 -16.90
CA ALA A 426 -21.76 0.72 -16.10
C ALA A 426 -20.42 0.29 -16.67
N ASN A 427 -19.41 0.21 -15.82
CA ASN A 427 -18.08 -0.20 -16.26
C ASN A 427 -18.07 -1.69 -16.60
N LYS A 428 -18.13 -2.01 -17.88
CA LYS A 428 -18.07 -3.40 -18.30
C LYS A 428 -16.76 -4.07 -17.91
N TYR A 429 -15.70 -3.28 -17.86
CA TYR A 429 -14.39 -3.90 -17.58
C TYR A 429 -14.27 -3.90 -16.07
N CYS A 430 -15.25 -4.50 -15.39
CA CYS A 430 -15.25 -4.45 -13.92
C CYS A 430 -15.03 -5.85 -13.33
N ALA A 431 -14.09 -5.96 -12.39
CA ALA A 431 -13.80 -7.25 -11.72
C ALA A 431 -15.09 -7.88 -11.22
N ASP A 432 -15.76 -7.25 -10.25
CA ASP A 432 -16.95 -7.91 -9.73
C ASP A 432 -18.19 -7.26 -10.33
N PRO A 433 -18.90 -7.94 -11.22
CA PRO A 433 -20.14 -7.36 -11.77
C PRO A 433 -21.19 -7.09 -10.70
N ASP A 434 -21.22 -7.87 -9.63
CA ASP A 434 -22.24 -7.69 -8.60
C ASP A 434 -22.11 -6.33 -7.92
N ALA A 435 -20.87 -5.91 -7.61
CA ALA A 435 -20.67 -4.64 -6.93
C ALA A 435 -21.19 -3.49 -7.79
N GLU A 436 -20.85 -3.47 -9.07
CA GLU A 436 -21.26 -2.36 -9.91
C GLU A 436 -22.75 -2.42 -10.26
N ASP A 437 -23.33 -3.62 -10.39
CA ASP A 437 -24.77 -3.64 -10.63
C ASP A 437 -25.54 -3.20 -9.40
N ALA A 438 -25.06 -3.54 -8.20
CA ALA A 438 -25.67 -3.01 -6.99
C ALA A 438 -25.51 -1.49 -6.91
N SER A 439 -24.34 -0.98 -7.30
CA SER A 439 -24.14 0.47 -7.31
C SER A 439 -25.09 1.16 -8.29
N ASN A 440 -25.30 0.56 -9.46
CA ASN A 440 -26.23 1.12 -10.43
C ASN A 440 -27.67 1.06 -9.90
N ILE A 441 -28.01 -0.01 -9.18
CA ILE A 441 -29.32 -0.09 -8.56
C ILE A 441 -29.50 1.03 -7.54
N MET A 442 -28.46 1.30 -6.74
CA MET A 442 -28.54 2.41 -5.80
C MET A 442 -28.68 3.74 -6.53
N ARG A 443 -27.96 3.91 -7.64
CA ARG A 443 -28.04 5.16 -8.39
C ARG A 443 -29.45 5.39 -8.92
N VAL A 444 -30.04 4.37 -9.54
CA VAL A 444 -31.38 4.54 -10.09
C VAL A 444 -32.39 4.73 -8.96
N ILE A 445 -32.18 4.07 -7.82
CA ILE A 445 -33.05 4.30 -6.66
C ILE A 445 -32.99 5.75 -6.24
N SER A 446 -31.78 6.32 -6.17
CA SER A 446 -31.63 7.71 -5.75
C SER A 446 -32.30 8.66 -6.73
N ILE A 447 -32.09 8.43 -8.03
CA ILE A 447 -32.70 9.32 -9.03
C ILE A 447 -34.22 9.24 -8.96
N LYS A 448 -34.77 8.03 -8.85
CA LYS A 448 -36.22 7.90 -8.74
C LYS A 448 -36.73 8.52 -7.45
N ASN A 449 -35.97 8.43 -6.36
CA ASN A 449 -36.39 9.03 -5.10
C ASN A 449 -36.44 10.55 -5.21
N TYR A 450 -35.46 11.15 -5.88
CA TYR A 450 -35.44 12.60 -6.01
C TYR A 450 -36.68 13.08 -6.78
N HIS A 451 -36.78 12.69 -8.06
CA HIS A 451 -37.89 13.11 -8.91
C HIS A 451 -38.48 11.86 -9.55
N PRO A 452 -39.59 11.35 -9.03
CA PRO A 452 -40.10 10.04 -9.52
C PRO A 452 -40.79 10.11 -10.87
N LYS A 453 -40.67 11.24 -11.57
CA LYS A 453 -41.26 11.42 -12.89
C LYS A 453 -40.18 11.64 -13.94
N ILE A 454 -39.08 10.89 -13.83
CA ILE A 454 -37.95 10.99 -14.75
C ILE A 454 -37.71 9.63 -15.38
N ARG A 455 -37.36 9.63 -16.66
CA ARG A 455 -37.04 8.39 -17.36
C ARG A 455 -35.53 8.15 -17.28
N ILE A 456 -35.16 6.89 -17.13
CA ILE A 456 -33.77 6.49 -16.90
C ILE A 456 -33.41 5.39 -17.89
N ILE A 457 -32.32 5.59 -18.62
CA ILE A 457 -31.72 4.55 -19.46
C ILE A 457 -30.44 4.12 -18.77
N THR A 458 -30.37 2.84 -18.39
CA THR A 458 -29.26 2.33 -17.60
C THR A 458 -28.77 1.02 -18.20
N GLN A 459 -27.51 0.71 -17.91
CA GLN A 459 -26.89 -0.52 -18.37
C GLN A 459 -26.85 -1.53 -17.22
N MET A 460 -27.33 -2.74 -17.50
CA MET A 460 -27.32 -3.82 -16.53
C MET A 460 -26.32 -4.88 -16.95
N LEU A 461 -25.99 -5.77 -16.02
CA LEU A 461 -25.02 -6.83 -16.30
C LEU A 461 -25.55 -8.23 -16.02
N GLN A 462 -26.63 -8.38 -15.27
CA GLN A 462 -27.22 -9.68 -15.00
C GLN A 462 -28.73 -9.58 -15.09
N TYR A 463 -29.38 -10.71 -15.39
CA TYR A 463 -30.83 -10.72 -15.52
C TYR A 463 -31.50 -10.62 -14.15
N HIS A 464 -30.97 -11.33 -13.15
CA HIS A 464 -31.57 -11.28 -11.81
C HIS A 464 -31.42 -9.88 -11.20
N ASN A 465 -30.29 -9.23 -11.42
CA ASN A 465 -30.15 -7.84 -10.98
C ASN A 465 -31.15 -6.94 -11.70
N LYS A 466 -31.43 -7.23 -12.98
CA LYS A 466 -32.45 -6.48 -13.68
C LYS A 466 -33.83 -6.69 -13.05
N ALA A 467 -34.12 -7.92 -12.61
CA ALA A 467 -35.37 -8.16 -11.90
C ALA A 467 -35.43 -7.38 -10.59
N HIS A 468 -34.32 -7.38 -9.85
CA HIS A 468 -34.25 -6.58 -8.62
C HIS A 468 -34.55 -5.12 -8.91
N LEU A 469 -33.99 -4.60 -10.01
CA LEU A 469 -34.32 -3.24 -10.45
C LEU A 469 -35.81 -3.12 -10.78
N LEU A 470 -36.39 -4.16 -11.38
CA LEU A 470 -37.81 -4.14 -11.69
C LEU A 470 -38.67 -4.03 -10.44
N ASN A 471 -38.18 -4.55 -9.32
CA ASN A 471 -38.97 -4.49 -8.08
C ASN A 471 -39.18 -3.07 -7.58
N ILE A 472 -38.45 -2.10 -8.10
CA ILE A 472 -38.60 -0.71 -7.63
C ILE A 472 -40.00 -0.22 -7.96
N PRO A 473 -40.71 0.43 -7.02
CA PRO A 473 -42.09 0.85 -7.29
C PRO A 473 -42.23 1.84 -8.43
N SER A 474 -41.27 2.74 -8.61
CA SER A 474 -41.35 3.77 -9.64
C SER A 474 -40.67 3.35 -10.94
N TRP A 475 -40.16 2.12 -11.00
CA TRP A 475 -39.49 1.63 -12.20
C TRP A 475 -40.55 1.12 -13.18
N ASN A 476 -41.12 2.06 -13.93
CA ASN A 476 -42.16 1.75 -14.90
C ASN A 476 -41.50 1.46 -16.25
N TRP A 477 -41.49 0.19 -16.66
CA TRP A 477 -40.93 -0.18 -17.95
C TRP A 477 -41.69 0.45 -19.10
N LYS A 478 -43.02 0.47 -19.01
CA LYS A 478 -43.83 0.97 -20.12
C LYS A 478 -43.77 2.50 -20.23
N GLU A 479 -43.37 3.19 -19.17
CA GLU A 479 -43.28 4.64 -19.22
C GLU A 479 -42.12 5.08 -20.11
N GLY A 480 -41.03 4.33 -20.11
CA GLY A 480 -39.86 4.72 -20.87
C GLY A 480 -38.55 4.33 -20.20
N ASP A 481 -38.62 3.84 -18.97
CA ASP A 481 -37.42 3.36 -18.29
C ASP A 481 -36.86 2.16 -19.03
N ASP A 482 -35.57 2.19 -19.35
CA ASP A 482 -34.94 1.18 -20.17
C ASP A 482 -33.72 0.61 -19.45
N ALA A 483 -33.68 -0.71 -19.31
CA ALA A 483 -32.55 -1.42 -18.72
C ALA A 483 -31.88 -2.24 -19.81
N ILE A 484 -30.68 -1.84 -20.21
CA ILE A 484 -29.95 -2.50 -21.28
C ILE A 484 -29.02 -3.52 -20.62
N CYS A 485 -29.52 -4.74 -20.45
CA CYS A 485 -28.74 -5.81 -19.82
C CYS A 485 -27.75 -6.34 -20.86
N LEU A 486 -26.48 -5.98 -20.70
CA LEU A 486 -25.49 -6.28 -21.73
C LEU A 486 -25.29 -7.78 -21.89
N ALA A 487 -25.25 -8.53 -20.78
CA ALA A 487 -24.93 -9.95 -20.86
C ALA A 487 -25.97 -10.72 -21.66
N GLU A 488 -27.25 -10.56 -21.29
CA GLU A 488 -28.29 -11.31 -22.00
C GLU A 488 -28.41 -10.84 -23.45
N LEU A 489 -28.19 -9.54 -23.69
CA LEU A 489 -28.26 -9.04 -25.05
C LEU A 489 -27.17 -9.65 -25.93
N LYS A 490 -25.93 -9.63 -25.46
CA LYS A 490 -24.84 -10.18 -26.26
C LYS A 490 -24.97 -11.69 -26.43
N LEU A 491 -25.40 -12.40 -25.38
CA LEU A 491 -25.56 -13.84 -25.51
C LEU A 491 -26.70 -14.19 -26.46
N GLY A 492 -27.79 -13.42 -26.44
CA GLY A 492 -28.83 -13.64 -27.42
C GLY A 492 -28.39 -13.30 -28.84
N PHE A 493 -27.58 -12.25 -28.99
CA PHE A 493 -26.98 -11.94 -30.28
C PHE A 493 -26.21 -13.13 -30.82
N ILE A 494 -25.37 -13.72 -29.96
CA ILE A 494 -24.56 -14.87 -30.37
C ILE A 494 -25.45 -16.06 -30.68
N ALA A 495 -26.50 -16.28 -29.88
CA ALA A 495 -27.43 -17.38 -30.15
C ALA A 495 -28.13 -17.20 -31.49
N GLN A 496 -28.55 -15.97 -31.80
CA GLN A 496 -29.19 -15.72 -33.09
C GLN A 496 -28.21 -15.91 -34.24
N SER A 497 -26.97 -15.47 -34.07
CA SER A 497 -25.95 -15.73 -35.08
C SER A 497 -25.70 -17.23 -35.25
N CYS A 498 -25.83 -17.99 -34.16
CA CYS A 498 -25.81 -19.44 -34.26
C CYS A 498 -26.97 -19.94 -35.12
N LEU A 499 -28.16 -19.37 -34.91
CA LEU A 499 -29.31 -19.72 -35.74
C LEU A 499 -29.09 -19.34 -37.19
N ALA A 500 -28.55 -18.15 -37.43
CA ALA A 500 -28.28 -17.66 -38.79
C ALA A 500 -26.95 -16.92 -38.76
N GLN A 501 -25.94 -17.49 -39.42
CA GLN A 501 -24.59 -16.93 -39.40
C GLN A 501 -24.59 -15.49 -39.90
N GLY A 502 -23.87 -14.62 -39.18
CA GLY A 502 -23.71 -13.25 -39.63
C GLY A 502 -24.84 -12.31 -39.28
N LEU A 503 -25.65 -12.62 -38.28
CA LEU A 503 -26.76 -11.77 -37.91
C LEU A 503 -26.36 -10.70 -36.88
N SER A 504 -25.48 -11.05 -35.94
CA SER A 504 -25.08 -10.10 -34.91
C SER A 504 -24.42 -8.88 -35.51
N THR A 505 -23.53 -9.08 -36.49
CA THR A 505 -22.91 -7.94 -37.16
C THR A 505 -23.94 -7.10 -37.89
N MET A 506 -24.93 -7.75 -38.50
CA MET A 506 -25.99 -7.01 -39.19
C MET A 506 -26.73 -6.09 -38.23
N LEU A 507 -27.17 -6.64 -37.10
CA LEU A 507 -27.93 -5.82 -36.14
C LEU A 507 -27.05 -4.74 -35.53
N ALA A 508 -25.78 -5.05 -35.25
CA ALA A 508 -24.88 -4.05 -34.70
C ALA A 508 -24.68 -2.90 -35.69
N ASN A 509 -24.57 -3.21 -36.97
CA ASN A 509 -24.42 -2.16 -37.98
C ASN A 509 -25.71 -1.37 -38.14
N LEU A 510 -26.86 -2.02 -37.99
CA LEU A 510 -28.13 -1.29 -38.02
C LEU A 510 -28.20 -0.28 -36.88
N PHE A 511 -27.84 -0.70 -35.67
CA PHE A 511 -27.98 0.19 -34.52
C PHE A 511 -26.92 1.28 -34.51
N SER A 512 -25.74 1.00 -35.05
CA SER A 512 -24.67 1.99 -35.06
C SER A 512 -24.95 3.04 -36.13
N MET A 513 -25.07 4.29 -35.72
CA MET A 513 -25.34 5.38 -36.66
C MET A 513 -24.13 5.58 -37.55
N ARG A 514 -24.31 5.34 -38.86
CA ARG A 514 -23.22 5.44 -39.82
C ARG A 514 -23.60 6.39 -40.94
N SER A 515 -22.58 6.87 -41.64
CA SER A 515 -22.76 7.75 -42.78
C SER A 515 -22.79 6.93 -44.07
N PHE A 516 -22.93 7.62 -45.20
CA PHE A 516 -22.98 6.97 -46.51
C PHE A 516 -21.58 7.00 -47.13
N ILE A 517 -20.67 6.26 -46.50
CA ILE A 517 -19.29 6.19 -46.94
C ILE A 517 -19.21 5.32 -48.19
N LYS A 518 -18.53 5.81 -49.22
CA LYS A 518 -18.38 5.11 -50.49
C LYS A 518 -16.92 5.11 -50.91
N ILE A 519 -16.50 4.04 -51.57
CA ILE A 519 -15.13 3.89 -52.05
C ILE A 519 -15.18 3.64 -53.55
N GLU A 520 -14.02 3.77 -54.19
CA GLU A 520 -13.92 3.61 -55.64
C GLU A 520 -13.53 2.20 -56.08
N GLU A 521 -12.72 1.49 -55.29
CA GLU A 521 -12.27 0.17 -55.69
C GLU A 521 -13.42 -0.84 -55.58
N ASP A 522 -13.40 -1.81 -56.50
CA ASP A 522 -14.42 -2.85 -56.54
C ASP A 522 -13.96 -4.02 -55.69
N THR A 523 -14.41 -4.06 -54.43
CA THR A 523 -14.13 -5.16 -53.53
C THR A 523 -15.41 -5.51 -52.77
N TRP A 524 -15.28 -6.45 -51.84
CA TRP A 524 -16.37 -6.70 -50.91
C TRP A 524 -16.64 -5.49 -50.03
N GLN A 525 -15.61 -4.67 -49.79
CA GLN A 525 -15.77 -3.49 -48.95
C GLN A 525 -16.75 -2.50 -49.55
N LYS A 526 -16.82 -2.41 -50.88
CA LYS A 526 -17.79 -1.53 -51.50
C LYS A 526 -19.22 -1.90 -51.09
N TYR A 527 -19.57 -3.18 -51.27
CA TYR A 527 -20.90 -3.63 -50.90
C TYR A 527 -21.13 -3.53 -49.40
N TYR A 528 -20.11 -3.82 -48.60
CA TYR A 528 -20.28 -3.77 -47.14
C TYR A 528 -20.55 -2.35 -46.67
N LEU A 529 -19.80 -1.37 -47.19
CA LEU A 529 -20.03 0.02 -46.83
C LEU A 529 -21.33 0.54 -47.41
N GLU A 530 -21.80 -0.01 -48.53
CA GLU A 530 -23.14 0.31 -49.01
C GLU A 530 -24.19 -0.19 -48.03
N GLY A 531 -24.01 -1.40 -47.50
CA GLY A 531 -25.00 -1.98 -46.62
C GLY A 531 -24.98 -1.44 -45.20
N VAL A 532 -23.84 -0.93 -44.74
CA VAL A 532 -23.73 -0.51 -43.35
C VAL A 532 -24.46 0.80 -43.09
N SER A 533 -24.65 1.62 -44.13
CA SER A 533 -25.26 2.95 -43.97
C SER A 533 -26.75 2.89 -43.68
N ASN A 534 -27.35 1.73 -43.47
CA ASN A 534 -28.77 1.62 -43.18
C ASN A 534 -28.99 1.67 -41.67
N GLU A 535 -29.94 2.49 -41.23
CA GLU A 535 -30.32 2.59 -39.83
C GLU A 535 -31.79 2.24 -39.68
N MET A 536 -32.13 1.68 -38.53
CA MET A 536 -33.44 1.11 -38.27
C MET A 536 -34.30 2.13 -37.54
N TYR A 537 -35.24 2.74 -38.25
CA TYR A 537 -36.14 3.74 -37.71
C TYR A 537 -37.51 3.12 -37.46
N THR A 538 -38.47 3.96 -37.09
CA THR A 538 -39.84 3.51 -36.88
C THR A 538 -40.79 4.64 -37.27
N GLU A 539 -42.03 4.27 -37.55
CA GLU A 539 -43.06 5.23 -37.93
C GLU A 539 -44.42 4.58 -37.75
N TYR A 540 -45.40 5.39 -37.35
CA TYR A 540 -46.75 4.87 -37.17
C TYR A 540 -47.43 4.66 -38.52
N LEU A 541 -48.18 3.56 -38.62
CA LEU A 541 -48.91 3.27 -39.85
C LEU A 541 -50.04 4.27 -40.04
N SER A 542 -50.22 4.70 -41.28
CA SER A 542 -51.29 5.62 -41.62
C SER A 542 -52.62 4.88 -41.72
N SER A 543 -53.71 5.66 -41.82
CA SER A 543 -55.04 5.07 -41.87
C SER A 543 -55.24 4.20 -43.11
N ALA A 544 -54.48 4.46 -44.17
CA ALA A 544 -54.59 3.68 -45.39
C ALA A 544 -54.12 2.25 -45.23
N PHE A 545 -53.51 1.95 -44.06
CA PHE A 545 -52.99 0.58 -43.80
C PHE A 545 -53.50 0.04 -42.45
N VAL A 546 -54.57 0.63 -41.89
CA VAL A 546 -55.17 0.09 -40.64
C VAL A 546 -56.20 -0.98 -41.03
N GLY A 547 -56.57 -1.07 -42.30
CA GLY A 547 -57.55 -2.13 -42.61
C GLY A 547 -56.93 -3.50 -42.40
N LEU A 548 -57.69 -4.58 -42.60
CA LEU A 548 -57.10 -5.90 -42.30
C LEU A 548 -56.26 -6.29 -43.52
N SER A 549 -55.17 -5.57 -43.76
CA SER A 549 -54.46 -5.87 -45.03
C SER A 549 -52.94 -5.77 -44.90
N PHE A 550 -52.38 -6.17 -43.77
CA PHE A 550 -50.93 -5.89 -43.56
C PHE A 550 -50.00 -6.68 -44.48
N PRO A 551 -50.18 -8.00 -44.76
CA PRO A 551 -49.26 -8.68 -45.67
C PRO A 551 -49.37 -8.02 -47.04
N THR A 552 -50.59 -7.75 -47.48
CA THR A 552 -50.82 -7.10 -48.78
C THR A 552 -50.24 -5.69 -48.74
N VAL A 553 -50.43 -5.01 -47.61
CA VAL A 553 -49.85 -3.65 -47.42
C VAL A 553 -48.33 -3.79 -47.44
N CYS A 554 -47.82 -4.78 -46.72
CA CYS A 554 -46.36 -4.96 -46.64
C CYS A 554 -45.89 -5.19 -48.06
N GLU A 555 -46.41 -6.22 -48.69
CA GLU A 555 -46.00 -6.51 -50.05
C GLU A 555 -46.07 -5.23 -50.89
N LEU A 556 -45.02 -5.01 -51.69
CA LEU A 556 -44.87 -3.89 -52.61
C LEU A 556 -44.58 -2.58 -51.91
N CYS A 557 -44.65 -2.56 -50.57
CA CYS A 557 -44.17 -1.37 -49.86
C CYS A 557 -42.66 -1.26 -49.94
N PHE A 558 -41.99 -2.34 -50.35
CA PHE A 558 -40.54 -2.34 -50.49
C PHE A 558 -40.09 -1.50 -51.68
N VAL A 559 -40.92 -1.39 -52.71
CA VAL A 559 -40.60 -0.59 -53.88
C VAL A 559 -41.48 0.65 -54.01
N LYS A 560 -42.67 0.65 -53.39
CA LYS A 560 -43.50 1.86 -53.43
C LYS A 560 -42.80 3.02 -52.76
N LEU A 561 -42.18 2.78 -51.60
CA LEU A 561 -41.48 3.82 -50.86
C LEU A 561 -40.00 3.50 -50.65
N LYS A 562 -39.51 2.41 -51.25
CA LYS A 562 -38.11 1.99 -51.13
C LYS A 562 -37.74 1.77 -49.65
N LEU A 563 -38.55 0.97 -48.97
CA LEU A 563 -38.44 0.79 -47.53
C LEU A 563 -38.34 -0.70 -47.20
N LEU A 564 -38.18 -0.98 -45.90
CA LEU A 564 -38.20 -2.33 -45.37
C LEU A 564 -38.95 -2.28 -44.05
N MET A 565 -40.09 -2.96 -43.99
CA MET A 565 -40.98 -2.90 -42.83
C MET A 565 -41.13 -4.29 -42.23
N ILE A 566 -40.89 -4.40 -40.93
CA ILE A 566 -41.03 -5.66 -40.23
C ILE A 566 -42.33 -5.69 -39.43
N SER A 581 -51.28 -4.35 -32.43
CA SER A 581 -51.17 -4.53 -30.99
C SER A 581 -49.71 -4.62 -30.56
N ARG A 582 -49.21 -5.85 -30.43
CA ARG A 582 -47.84 -6.07 -30.02
C ARG A 582 -46.89 -5.76 -31.18
N ILE A 583 -45.60 -6.02 -30.94
CA ILE A 583 -44.56 -5.67 -31.90
C ILE A 583 -44.73 -6.51 -33.17
N LEU A 584 -44.55 -5.88 -34.32
CA LEU A 584 -44.82 -6.49 -35.61
C LEU A 584 -43.64 -7.35 -36.05
N ILE A 585 -43.82 -8.67 -36.02
CA ILE A 585 -42.86 -9.60 -36.59
C ILE A 585 -43.54 -10.30 -37.76
N ASN A 586 -43.04 -10.05 -38.97
CA ASN A 586 -43.57 -10.61 -40.20
C ASN A 586 -45.08 -10.38 -40.31
N PRO A 587 -45.52 -9.15 -40.57
CA PRO A 587 -46.96 -8.88 -40.66
C PRO A 587 -47.57 -9.47 -41.91
N GLY A 588 -48.36 -10.53 -41.75
CA GLY A 588 -48.99 -11.20 -42.87
C GLY A 588 -50.12 -12.08 -42.39
N ASN A 589 -50.82 -12.66 -43.36
CA ASN A 589 -51.98 -13.51 -43.10
C ASN A 589 -53.03 -12.79 -42.28
N GLY A 596 -51.58 -1.73 -36.22
CA GLY A 596 -51.55 -1.37 -34.81
C GLY A 596 -50.25 -0.74 -34.37
N THR A 597 -49.23 -1.57 -34.20
CA THR A 597 -47.92 -1.07 -33.80
C THR A 597 -47.28 -0.28 -34.94
N LEU A 598 -46.31 0.56 -34.59
CA LEU A 598 -45.64 1.38 -35.58
C LEU A 598 -44.92 0.51 -36.59
N GLY A 599 -44.91 0.96 -37.85
CA GLY A 599 -44.19 0.25 -38.88
C GLY A 599 -42.69 0.43 -38.72
N PHE A 600 -41.99 -0.62 -38.32
CA PHE A 600 -40.55 -0.54 -38.07
C PHE A 600 -39.84 -0.50 -39.41
N PHE A 601 -39.18 0.62 -39.69
CA PHE A 601 -38.72 0.96 -41.03
C PHE A 601 -37.19 0.96 -41.07
N ILE A 602 -36.64 0.29 -42.08
CA ILE A 602 -35.19 0.26 -42.32
C ILE A 602 -34.93 1.08 -43.57
N ALA A 603 -34.07 2.09 -43.45
CA ALA A 603 -33.72 2.95 -44.57
C ALA A 603 -32.44 3.70 -44.23
N SER A 604 -31.86 4.35 -45.24
CA SER A 604 -30.65 5.13 -45.03
C SER A 604 -30.90 6.28 -44.07
N ASP A 605 -32.02 6.98 -44.23
CA ASP A 605 -32.36 8.12 -43.39
C ASP A 605 -33.84 8.09 -43.06
N ALA A 606 -34.23 8.91 -42.09
CA ALA A 606 -35.62 8.96 -41.65
C ALA A 606 -36.55 9.62 -42.67
N LYS A 607 -36.00 10.30 -43.68
CA LYS A 607 -36.84 10.89 -44.72
C LYS A 607 -37.65 9.83 -45.44
N GLU A 608 -36.98 8.76 -45.88
CA GLU A 608 -37.70 7.65 -46.49
C GLU A 608 -38.66 7.01 -45.48
N VAL A 609 -38.33 7.08 -44.19
CA VAL A 609 -39.22 6.55 -43.17
C VAL A 609 -40.46 7.43 -43.03
N LYS A 610 -40.27 8.75 -42.99
CA LYS A 610 -41.40 9.67 -42.86
C LYS A 610 -42.19 9.79 -44.16
N ARG A 611 -41.71 9.20 -45.26
CA ARG A 611 -42.49 9.16 -46.49
C ARG A 611 -43.85 8.51 -46.29
N ALA A 612 -44.00 7.65 -45.28
CA ALA A 612 -45.30 7.02 -45.02
C ALA A 612 -46.35 8.08 -44.71
N PHE A 613 -46.01 9.04 -43.84
CA PHE A 613 -46.91 10.16 -43.59
C PHE A 613 -46.91 11.15 -44.75
N PHE A 614 -45.73 11.42 -45.32
CA PHE A 614 -45.62 12.41 -46.38
C PHE A 614 -46.30 11.96 -47.66
N TYR A 615 -46.36 10.65 -47.91
CA TYR A 615 -46.87 10.10 -49.17
C TYR A 615 -47.83 8.96 -48.89
N CYS A 616 -48.79 9.20 -47.99
CA CYS A 616 -49.77 8.18 -47.64
C CYS A 616 -50.57 7.75 -48.86
N LYS A 617 -51.15 8.71 -49.59
CA LYS A 617 -52.02 8.44 -50.72
C LYS A 617 -53.15 7.49 -50.34
N LYS A 688 -46.24 -31.21 -19.20
CA LYS A 688 -45.03 -30.65 -18.62
C LYS A 688 -43.94 -30.47 -19.67
N LYS A 689 -44.33 -30.53 -20.94
CA LYS A 689 -43.37 -30.35 -22.02
C LYS A 689 -42.85 -28.92 -22.09
N TYR A 690 -43.69 -27.94 -21.75
CA TYR A 690 -43.32 -26.54 -21.78
C TYR A 690 -43.26 -26.00 -20.35
N ASP A 691 -42.91 -24.72 -20.23
CA ASP A 691 -42.76 -24.08 -18.93
C ASP A 691 -44.12 -23.63 -18.41
N SER A 692 -44.12 -22.79 -17.38
CA SER A 692 -45.36 -22.34 -16.76
C SER A 692 -46.23 -21.59 -17.77
N THR A 693 -45.63 -20.69 -18.55
CA THR A 693 -46.35 -19.94 -19.56
C THR A 693 -46.32 -20.59 -20.92
N GLY A 694 -45.56 -21.67 -21.10
CA GLY A 694 -45.47 -22.32 -22.39
C GLY A 694 -44.68 -21.57 -23.43
N MET A 695 -43.95 -20.51 -23.03
CA MET A 695 -43.24 -19.69 -23.99
C MET A 695 -41.97 -20.37 -24.51
N PHE A 696 -41.37 -21.23 -23.69
CA PHE A 696 -40.16 -21.96 -24.06
C PHE A 696 -40.31 -23.41 -23.63
N HIS A 697 -39.51 -24.27 -24.27
CA HIS A 697 -39.52 -25.69 -23.92
C HIS A 697 -39.01 -25.90 -22.50
N TRP A 698 -39.47 -26.98 -21.88
CA TRP A 698 -39.10 -27.30 -20.51
C TRP A 698 -38.91 -28.80 -20.37
N CYS A 699 -38.18 -29.18 -19.32
CA CYS A 699 -37.93 -30.58 -19.02
C CYS A 699 -37.76 -30.74 -17.51
N ALA A 700 -37.91 -31.97 -17.05
CA ALA A 700 -37.77 -32.25 -15.63
C ALA A 700 -36.36 -31.91 -15.17
N PRO A 701 -36.21 -31.41 -13.93
CA PRO A 701 -34.87 -31.03 -13.45
C PRO A 701 -33.87 -32.18 -13.49
N LYS A 702 -32.86 -32.05 -14.34
CA LYS A 702 -31.86 -33.10 -14.49
C LYS A 702 -30.85 -33.02 -13.36
N GLU A 703 -29.88 -33.93 -13.39
CA GLU A 703 -28.76 -33.94 -12.45
C GLU A 703 -27.47 -33.81 -13.24
N ILE A 704 -26.49 -33.10 -12.66
CA ILE A 704 -25.23 -32.88 -13.37
C ILE A 704 -24.52 -34.20 -13.64
N GLU A 705 -24.49 -35.10 -12.64
CA GLU A 705 -23.86 -36.40 -12.84
C GLU A 705 -24.56 -37.22 -13.91
N LYS A 706 -25.84 -36.95 -14.16
CA LYS A 706 -26.55 -37.63 -15.23
C LYS A 706 -26.14 -37.12 -16.60
N VAL A 707 -25.75 -35.86 -16.71
CA VAL A 707 -25.45 -35.26 -18.01
C VAL A 707 -23.95 -35.11 -18.27
N ILE A 708 -23.09 -35.38 -17.29
CA ILE A 708 -21.66 -35.40 -17.54
C ILE A 708 -21.33 -36.59 -18.43
N LEU A 709 -20.58 -36.33 -19.51
CA LEU A 709 -20.18 -37.36 -20.45
C LEU A 709 -18.67 -37.53 -20.40
N THR A 710 -18.23 -38.77 -20.30
CA THR A 710 -16.81 -39.05 -20.51
C THR A 710 -16.50 -39.01 -22.00
N ARG A 711 -15.21 -38.91 -22.31
CA ARG A 711 -14.80 -38.72 -23.71
C ARG A 711 -15.23 -39.89 -24.58
N SER A 712 -15.14 -41.11 -24.04
CA SER A 712 -15.48 -42.29 -24.83
C SER A 712 -16.94 -42.28 -25.27
N GLU A 713 -17.86 -42.10 -24.32
CA GLU A 713 -19.27 -42.09 -24.69
C GLU A 713 -19.66 -40.83 -25.44
N ALA A 714 -18.96 -39.72 -25.17
CA ALA A 714 -19.21 -38.50 -25.95
C ALA A 714 -18.88 -38.72 -27.41
N ALA A 715 -17.76 -39.41 -27.69
CA ALA A 715 -17.48 -39.82 -29.05
C ALA A 715 -18.53 -40.81 -29.55
N MET A 716 -18.98 -41.71 -28.68
CA MET A 716 -20.00 -42.67 -29.06
C MET A 716 -21.31 -41.96 -29.45
N THR A 717 -21.73 -40.98 -28.64
CA THR A 717 -22.96 -40.24 -28.93
C THR A 717 -22.77 -39.43 -30.20
N VAL A 718 -23.43 -39.84 -31.28
CA VAL A 718 -23.30 -39.15 -32.55
C VAL A 718 -24.00 -37.80 -32.46
N LEU A 719 -23.30 -36.76 -32.92
CA LEU A 719 -23.83 -35.40 -32.93
C LEU A 719 -23.69 -34.83 -34.34
N SER A 720 -24.77 -34.25 -34.85
CA SER A 720 -24.76 -33.64 -36.17
C SER A 720 -25.67 -32.43 -36.17
N GLY A 721 -25.18 -31.34 -36.77
CA GLY A 721 -25.95 -30.10 -36.78
C GLY A 721 -26.26 -29.57 -35.40
N HIS A 722 -25.30 -29.66 -34.49
CA HIS A 722 -25.47 -29.25 -33.11
C HIS A 722 -24.68 -27.97 -32.83
N VAL A 723 -24.66 -27.55 -31.58
CA VAL A 723 -23.97 -26.35 -31.15
C VAL A 723 -22.98 -26.73 -30.06
N VAL A 724 -21.73 -26.29 -30.22
CA VAL A 724 -20.67 -26.57 -29.26
C VAL A 724 -20.24 -25.25 -28.65
N VAL A 725 -20.45 -25.11 -27.34
CA VAL A 725 -20.09 -23.90 -26.61
C VAL A 725 -18.86 -24.21 -25.77
N CYS A 726 -17.72 -23.69 -26.20
CA CYS A 726 -16.48 -23.81 -25.43
C CYS A 726 -16.43 -22.67 -24.42
N ILE A 727 -16.25 -23.03 -23.15
CA ILE A 727 -16.30 -22.09 -22.05
C ILE A 727 -14.98 -22.13 -21.30
N PHE A 728 -14.37 -20.97 -21.10
CA PHE A 728 -13.15 -20.83 -20.31
C PHE A 728 -13.53 -20.24 -18.96
N GLY A 729 -13.15 -20.92 -17.88
CA GLY A 729 -13.48 -20.45 -16.55
C GLY A 729 -12.92 -21.37 -15.50
N ASP A 730 -13.23 -21.05 -14.25
CA ASP A 730 -12.78 -21.83 -13.11
C ASP A 730 -13.73 -21.55 -11.94
N VAL A 731 -13.33 -21.99 -10.74
CA VAL A 731 -14.18 -21.80 -9.58
C VAL A 731 -14.29 -20.33 -9.21
N SER A 732 -13.29 -19.52 -9.53
CA SER A 732 -13.27 -18.10 -9.21
C SER A 732 -13.36 -17.31 -10.51
N SER A 733 -14.58 -17.08 -10.97
CA SER A 733 -14.81 -16.34 -12.20
C SER A 733 -16.24 -15.82 -12.21
N ALA A 734 -16.49 -14.75 -12.95
CA ALA A 734 -17.84 -14.18 -12.94
C ALA A 734 -18.78 -15.13 -13.65
N LEU A 735 -20.09 -14.97 -13.51
CA LEU A 735 -20.99 -15.97 -14.13
C LEU A 735 -21.68 -15.38 -15.36
N ILE A 736 -21.29 -15.81 -16.58
CA ILE A 736 -21.99 -15.36 -17.80
C ILE A 736 -23.34 -16.05 -17.76
N GLY A 737 -24.41 -15.41 -18.23
CA GLY A 737 -25.73 -16.02 -18.06
C GLY A 737 -26.00 -17.05 -19.12
N LEU A 738 -25.36 -18.20 -19.01
CA LEU A 738 -25.54 -19.24 -20.03
C LEU A 738 -27.03 -19.48 -20.23
N ARG A 739 -27.86 -19.26 -19.21
CA ARG A 739 -29.28 -19.58 -19.37
C ARG A 739 -29.88 -18.76 -20.51
N ASN A 740 -29.71 -17.44 -20.47
CA ASN A 740 -30.26 -16.60 -21.53
C ASN A 740 -29.53 -16.80 -22.84
N LEU A 741 -28.42 -17.53 -22.85
CA LEU A 741 -27.82 -17.95 -24.12
C LEU A 741 -28.64 -19.07 -24.76
N VAL A 742 -29.10 -20.04 -23.95
CA VAL A 742 -29.84 -21.18 -24.50
C VAL A 742 -31.34 -20.93 -24.55
N MET A 743 -31.83 -19.88 -23.90
CA MET A 743 -33.26 -19.58 -23.95
C MET A 743 -33.77 -19.32 -25.36
N PRO A 744 -33.14 -18.47 -26.18
CA PRO A 744 -33.61 -18.32 -27.56
C PRO A 744 -33.50 -19.61 -28.37
N LEU A 745 -32.50 -20.44 -28.06
CA LEU A 745 -32.39 -21.73 -28.75
C LEU A 745 -33.56 -22.64 -28.42
N ARG A 746 -34.03 -22.61 -27.17
CA ARG A 746 -35.12 -23.46 -26.71
C ARG A 746 -36.49 -22.79 -26.90
N ALA A 747 -36.60 -21.85 -27.84
CA ALA A 747 -37.87 -21.20 -28.08
C ALA A 747 -38.92 -22.20 -28.57
N SER A 748 -40.16 -22.00 -28.13
CA SER A 748 -41.21 -22.97 -28.41
C SER A 748 -41.53 -23.08 -29.89
N ASN A 749 -41.37 -22.00 -30.66
CA ASN A 749 -41.70 -22.08 -32.07
C ASN A 749 -40.81 -23.05 -32.84
N PHE A 750 -39.71 -23.47 -32.25
CA PHE A 750 -38.88 -24.53 -32.84
C PHE A 750 -39.40 -25.88 -32.42
N HIS A 751 -39.51 -26.79 -33.39
CA HIS A 751 -39.98 -28.13 -33.10
C HIS A 751 -38.93 -28.92 -32.33
N TYR A 752 -39.37 -30.02 -31.71
CA TYR A 752 -38.45 -30.78 -30.87
C TYR A 752 -37.30 -31.36 -31.67
N HIS A 753 -37.56 -31.82 -32.89
CA HIS A 753 -36.48 -32.30 -33.73
C HIS A 753 -35.60 -31.15 -34.20
N GLU A 754 -36.16 -29.96 -34.38
CA GLU A 754 -35.38 -28.79 -34.78
C GLU A 754 -34.51 -28.25 -33.65
N LEU A 755 -34.68 -28.74 -32.43
CA LEU A 755 -33.88 -28.26 -31.30
C LEU A 755 -32.42 -28.66 -31.50
N LYS A 756 -31.57 -27.68 -31.79
CA LYS A 756 -30.15 -27.95 -31.95
C LYS A 756 -29.56 -28.39 -30.61
N HIS A 757 -28.80 -29.48 -30.65
CA HIS A 757 -28.18 -29.99 -29.43
C HIS A 757 -27.14 -28.99 -28.94
N ILE A 758 -27.06 -28.85 -27.62
CA ILE A 758 -26.13 -27.93 -26.97
C ILE A 758 -25.13 -28.76 -26.19
N VAL A 759 -23.84 -28.51 -26.41
CA VAL A 759 -22.77 -29.21 -25.70
C VAL A 759 -21.82 -28.17 -25.13
N PHE A 760 -21.83 -28.00 -23.81
CA PHE A 760 -20.92 -27.09 -23.13
C PHE A 760 -19.63 -27.84 -22.81
N VAL A 761 -18.55 -27.48 -23.48
CA VAL A 761 -17.24 -28.07 -23.24
C VAL A 761 -16.43 -27.07 -22.41
N GLY A 762 -16.00 -27.48 -21.22
CA GLY A 762 -15.23 -26.59 -20.38
C GLY A 762 -14.98 -27.18 -19.02
N SER A 763 -14.47 -26.33 -18.13
CA SER A 763 -14.13 -26.76 -16.78
C SER A 763 -15.38 -27.18 -16.02
N ILE A 764 -15.21 -28.19 -15.15
CA ILE A 764 -16.34 -28.73 -14.42
C ILE A 764 -16.78 -27.81 -13.29
N GLU A 765 -15.84 -27.04 -12.71
CA GLU A 765 -16.20 -26.16 -11.60
C GLU A 765 -17.13 -25.05 -12.05
N TYR A 766 -16.77 -24.35 -13.13
CA TYR A 766 -17.60 -23.24 -13.61
C TYR A 766 -18.98 -23.73 -14.03
N LEU A 767 -19.04 -24.84 -14.76
CA LEU A 767 -20.33 -25.38 -15.16
C LEU A 767 -21.13 -25.86 -13.96
N LYS A 768 -20.45 -26.36 -12.93
CA LYS A 768 -21.14 -26.75 -11.70
C LYS A 768 -21.78 -25.53 -11.03
N ARG A 769 -21.05 -24.41 -10.99
CA ARG A 769 -21.64 -23.19 -10.44
C ARG A 769 -22.75 -22.64 -11.32
N GLU A 770 -22.83 -23.06 -12.58
CA GLU A 770 -23.85 -22.60 -13.51
C GLU A 770 -24.97 -23.62 -13.74
N TRP A 771 -24.80 -24.86 -13.29
CA TRP A 771 -25.77 -25.91 -13.58
C TRP A 771 -27.11 -25.66 -12.92
N GLU A 772 -27.16 -24.85 -11.85
CA GLU A 772 -28.40 -24.64 -11.12
C GLU A 772 -29.45 -23.93 -11.96
N THR A 773 -29.05 -23.20 -13.01
CA THR A 773 -29.97 -22.47 -13.87
C THR A 773 -30.21 -23.16 -15.20
N LEU A 774 -29.71 -24.39 -15.37
CA LEU A 774 -29.77 -25.07 -16.65
C LEU A 774 -30.36 -26.48 -16.58
N HIS A 775 -30.67 -26.98 -15.38
CA HIS A 775 -31.21 -28.34 -15.27
C HIS A 775 -32.60 -28.48 -15.86
N ASN A 776 -33.28 -27.37 -16.17
CA ASN A 776 -34.65 -27.40 -16.68
C ASN A 776 -34.70 -27.25 -18.21
N PHE A 777 -33.66 -27.68 -18.90
CA PHE A 777 -33.62 -27.53 -20.35
C PHE A 777 -33.35 -28.87 -21.02
N PRO A 778 -33.96 -29.12 -22.18
CA PRO A 778 -33.77 -30.40 -22.86
C PRO A 778 -32.59 -30.39 -23.82
N LYS A 779 -32.01 -31.58 -23.99
CA LYS A 779 -30.92 -31.81 -24.95
C LYS A 779 -29.75 -30.87 -24.70
N VAL A 780 -29.17 -30.99 -23.50
CA VAL A 780 -28.01 -30.23 -23.10
C VAL A 780 -27.00 -31.18 -22.46
N SER A 781 -25.74 -31.11 -22.91
CA SER A 781 -24.71 -32.00 -22.43
C SER A 781 -23.50 -31.20 -21.96
N ILE A 782 -22.73 -31.81 -21.06
CA ILE A 782 -21.57 -31.19 -20.45
C ILE A 782 -20.35 -32.07 -20.69
N LEU A 783 -19.27 -31.47 -21.16
CA LEU A 783 -17.99 -32.17 -21.34
C LEU A 783 -16.90 -31.49 -20.52
N PRO A 784 -16.50 -32.06 -19.39
CA PRO A 784 -15.33 -31.54 -18.67
C PRO A 784 -14.08 -31.63 -19.54
N GLY A 785 -13.22 -30.64 -19.41
CA GLY A 785 -12.00 -30.58 -20.17
C GLY A 785 -11.85 -29.24 -20.87
N THR A 786 -10.61 -28.79 -21.00
CA THR A 786 -10.34 -27.49 -21.58
C THR A 786 -10.68 -27.51 -23.08
N PRO A 787 -11.20 -26.41 -23.62
CA PRO A 787 -11.44 -26.35 -25.08
C PRO A 787 -10.17 -26.43 -25.90
N LEU A 788 -9.02 -26.05 -25.34
CA LEU A 788 -7.78 -26.02 -26.12
C LEU A 788 -7.34 -27.40 -26.57
N SER A 789 -7.80 -28.46 -25.90
CA SER A 789 -7.47 -29.82 -26.30
C SER A 789 -8.30 -30.20 -27.51
N ARG A 790 -7.63 -30.61 -28.59
CA ARG A 790 -8.34 -30.98 -29.81
C ARG A 790 -9.02 -32.33 -29.71
N ALA A 791 -8.58 -33.20 -28.79
CA ALA A 791 -9.24 -34.48 -28.60
C ALA A 791 -10.66 -34.30 -28.12
N ASP A 792 -10.89 -33.36 -27.20
CA ASP A 792 -12.24 -33.08 -26.73
C ASP A 792 -13.11 -32.55 -27.85
N LEU A 793 -12.56 -31.68 -28.71
CA LEU A 793 -13.32 -31.17 -29.83
C LEU A 793 -13.66 -32.27 -30.82
N ARG A 794 -12.73 -33.19 -31.06
CA ARG A 794 -13.03 -34.34 -31.91
C ARG A 794 -14.12 -35.21 -31.30
N ALA A 795 -14.10 -35.36 -29.97
CA ALA A 795 -15.08 -36.22 -29.31
C ALA A 795 -16.50 -35.71 -29.48
N VAL A 796 -16.68 -34.40 -29.53
CA VAL A 796 -18.01 -33.82 -29.66
C VAL A 796 -18.34 -33.59 -31.13
N ASN A 797 -17.48 -34.09 -32.02
CA ASN A 797 -17.66 -33.96 -33.46
C ASN A 797 -17.77 -32.48 -33.84
N ILE A 798 -16.68 -31.75 -33.60
CA ILE A 798 -16.67 -30.31 -33.86
C ILE A 798 -16.88 -30.02 -35.34
N ASN A 799 -16.43 -30.93 -36.22
CA ASN A 799 -16.62 -30.74 -37.65
C ASN A 799 -18.07 -30.90 -38.08
N LEU A 800 -18.91 -31.50 -37.26
CA LEU A 800 -20.32 -31.73 -37.59
C LEU A 800 -21.26 -30.76 -36.90
N CYS A 801 -20.73 -29.77 -36.19
CA CYS A 801 -21.57 -28.82 -35.46
C CYS A 801 -21.94 -27.65 -36.35
N ASP A 802 -23.12 -27.08 -36.09
CA ASP A 802 -23.56 -25.92 -36.85
C ASP A 802 -22.82 -24.66 -36.42
N MET A 803 -22.39 -24.59 -35.15
CA MET A 803 -21.71 -23.41 -34.64
C MET A 803 -20.91 -23.76 -33.41
N CYS A 804 -19.68 -23.24 -33.36
CA CYS A 804 -18.83 -23.31 -32.18
C CYS A 804 -18.70 -21.91 -31.60
N VAL A 805 -19.07 -21.76 -30.34
CA VAL A 805 -19.08 -20.47 -29.65
C VAL A 805 -17.98 -20.48 -28.61
N ILE A 806 -17.00 -19.60 -28.78
CA ILE A 806 -15.92 -19.46 -27.81
C ILE A 806 -16.29 -18.36 -26.82
N LEU A 807 -16.30 -18.69 -25.54
CA LEU A 807 -16.65 -17.72 -24.52
C LEU A 807 -15.67 -17.83 -23.35
N SER A 808 -15.30 -16.69 -22.79
CA SER A 808 -14.38 -16.62 -21.66
C SER A 808 -15.08 -15.96 -20.48
N ALA A 809 -14.99 -16.61 -19.32
CA ALA A 809 -15.55 -16.06 -18.10
C ALA A 809 -14.57 -15.20 -17.32
N ASN A 810 -13.29 -15.18 -17.72
CA ASN A 810 -12.27 -14.37 -17.07
C ASN A 810 -12.00 -13.07 -17.81
N GLN A 811 -13.04 -12.50 -18.45
CA GLN A 811 -12.85 -11.27 -19.21
C GLN A 811 -12.58 -10.08 -18.29
N ASN A 812 -12.93 -10.20 -17.01
CA ASN A 812 -12.85 -9.07 -16.08
C ASN A 812 -11.75 -9.23 -15.05
N ASN A 813 -11.46 -10.45 -14.60
CA ASN A 813 -10.35 -10.66 -13.68
C ASN A 813 -9.03 -10.28 -14.33
N ILE A 814 -8.88 -10.61 -15.61
CA ILE A 814 -7.69 -10.22 -16.38
C ILE A 814 -7.76 -8.73 -16.65
N ASP A 815 -6.66 -8.02 -16.41
CA ASP A 815 -6.59 -6.58 -16.59
C ASP A 815 -5.55 -6.16 -17.61
N ASP A 816 -4.45 -6.89 -17.75
CA ASP A 816 -3.43 -6.55 -18.74
C ASP A 816 -3.96 -6.78 -20.14
N THR A 817 -3.54 -5.91 -21.07
CA THR A 817 -3.98 -6.03 -22.46
C THR A 817 -3.46 -7.32 -23.08
N SER A 818 -2.19 -7.67 -22.84
CA SER A 818 -1.64 -8.89 -23.40
C SER A 818 -2.34 -10.12 -22.86
N LEU A 819 -2.60 -10.14 -21.54
CA LEU A 819 -3.29 -11.28 -20.93
C LEU A 819 -4.76 -11.37 -21.33
N GLN A 820 -5.30 -10.35 -21.98
CA GLN A 820 -6.69 -10.38 -22.40
C GLN A 820 -6.84 -11.18 -23.70
N ASP A 821 -7.88 -12.00 -23.77
CA ASP A 821 -8.28 -12.71 -24.98
C ASP A 821 -7.25 -13.74 -25.45
N LYS A 822 -6.35 -14.20 -24.58
CA LYS A 822 -5.42 -15.24 -24.99
C LYS A 822 -6.16 -16.53 -25.32
N GLU A 823 -7.03 -16.97 -24.40
CA GLU A 823 -7.69 -18.26 -24.57
C GLU A 823 -8.57 -18.29 -25.82
N CYS A 824 -9.31 -17.22 -26.07
CA CYS A 824 -10.21 -17.19 -27.22
C CYS A 824 -9.44 -17.29 -28.53
N ILE A 825 -8.38 -16.49 -28.66
CA ILE A 825 -7.59 -16.50 -29.89
C ILE A 825 -6.91 -17.84 -30.07
N LEU A 826 -6.34 -18.40 -28.99
CA LEU A 826 -5.67 -19.69 -29.10
C LEU A 826 -6.66 -20.78 -29.50
N ALA A 827 -7.85 -20.79 -28.91
CA ALA A 827 -8.85 -21.79 -29.27
C ALA A 827 -9.29 -21.64 -30.71
N SER A 828 -9.51 -20.40 -31.16
CA SER A 828 -9.92 -20.17 -32.54
C SER A 828 -8.87 -20.67 -33.52
N LEU A 829 -7.60 -20.33 -33.28
CA LEU A 829 -6.55 -20.78 -34.17
C LEU A 829 -6.39 -22.30 -34.12
N ASN A 830 -6.52 -22.89 -32.93
CA ASN A 830 -6.40 -24.33 -32.80
C ASN A 830 -7.49 -25.04 -33.60
N ILE A 831 -8.72 -24.55 -33.50
CA ILE A 831 -9.81 -25.17 -34.25
C ILE A 831 -9.62 -24.97 -35.75
N LYS A 832 -9.15 -23.79 -36.16
CA LYS A 832 -8.92 -23.53 -37.56
C LYS A 832 -7.83 -24.44 -38.13
N SER A 833 -6.82 -24.76 -37.32
CA SER A 833 -5.70 -25.56 -37.78
C SER A 833 -5.94 -27.06 -37.67
N MET A 834 -7.11 -27.49 -37.20
CA MET A 834 -7.39 -28.92 -37.11
C MET A 834 -7.47 -29.54 -38.49
N GLN A 835 -7.33 -30.86 -38.53
CA GLN A 835 -7.49 -31.65 -39.73
C GLN A 835 -8.44 -32.80 -39.45
N PHE A 836 -9.32 -33.11 -40.40
CA PHE A 836 -10.35 -34.12 -40.22
C PHE A 836 -10.33 -35.07 -41.42
N ASP A 837 -11.17 -36.09 -41.34
CA ASP A 837 -11.27 -37.09 -42.41
C ASP A 837 -12.52 -36.86 -43.25
N THR A 875 -9.78 -33.46 -44.26
CA THR A 875 -10.13 -32.10 -44.66
C THR A 875 -9.66 -31.08 -43.62
N THR A 876 -9.46 -29.85 -44.08
CA THR A 876 -9.04 -28.78 -43.19
C THR A 876 -10.21 -28.27 -42.36
N GLY A 877 -9.90 -27.80 -41.16
CA GLY A 877 -10.87 -27.25 -40.24
C GLY A 877 -11.05 -25.76 -40.32
N VAL A 878 -10.53 -25.10 -41.36
CA VAL A 878 -10.63 -23.66 -41.46
C VAL A 878 -12.04 -23.21 -41.84
N ASN A 879 -12.86 -24.12 -42.36
CA ASN A 879 -14.22 -23.79 -42.77
C ASN A 879 -15.25 -24.03 -41.67
N ILE A 880 -14.81 -24.42 -40.47
CA ILE A 880 -15.74 -24.60 -39.35
C ILE A 880 -16.29 -23.24 -38.93
N PRO A 881 -17.60 -23.08 -38.79
CA PRO A 881 -18.15 -21.77 -38.39
C PRO A 881 -17.90 -21.50 -36.93
N ILE A 882 -17.26 -20.36 -36.64
CA ILE A 882 -16.86 -20.00 -35.28
C ILE A 882 -17.28 -18.56 -35.01
N ILE A 883 -17.86 -18.33 -33.84
CA ILE A 883 -18.12 -17.00 -33.34
C ILE A 883 -17.33 -16.82 -32.05
N THR A 884 -16.57 -15.73 -31.96
CA THR A 884 -15.66 -15.49 -30.85
C THR A 884 -15.98 -14.16 -30.21
N GLU A 885 -16.09 -14.15 -28.88
CA GLU A 885 -16.35 -12.93 -28.13
C GLU A 885 -15.02 -12.30 -27.75
N LEU A 886 -14.79 -11.06 -28.18
CA LEU A 886 -13.55 -10.34 -27.93
C LEU A 886 -13.78 -9.27 -26.88
N VAL A 887 -12.88 -9.21 -25.91
CA VAL A 887 -12.98 -8.18 -24.88
C VAL A 887 -12.35 -6.88 -25.34
N ASN A 888 -11.16 -6.95 -25.93
CA ASN A 888 -10.48 -5.79 -26.47
C ASN A 888 -10.69 -5.74 -27.97
N ASP A 889 -11.11 -4.58 -28.47
CA ASP A 889 -11.42 -4.43 -29.89
C ASP A 889 -10.19 -4.54 -30.79
N THR A 890 -8.99 -4.36 -30.24
CA THR A 890 -7.77 -4.38 -31.06
C THR A 890 -7.34 -5.79 -31.47
N ASN A 891 -7.90 -6.83 -30.86
CA ASN A 891 -7.46 -8.19 -31.10
C ASN A 891 -8.13 -8.85 -32.29
N VAL A 892 -8.99 -8.13 -33.02
CA VAL A 892 -9.73 -8.74 -34.11
C VAL A 892 -8.81 -9.15 -35.25
N GLN A 893 -7.67 -8.48 -35.41
CA GLN A 893 -6.78 -8.77 -36.54
C GLN A 893 -6.22 -10.18 -36.46
N PHE A 894 -6.02 -10.71 -35.24
CA PHE A 894 -5.44 -12.03 -35.08
C PHE A 894 -6.41 -13.16 -35.41
N LEU A 895 -7.72 -12.88 -35.40
CA LEU A 895 -8.70 -13.94 -35.59
C LEU A 895 -8.60 -14.55 -36.99
N ASP A 896 -8.44 -13.72 -38.01
CA ASP A 896 -8.37 -14.19 -39.39
C ASP A 896 -7.01 -13.83 -39.96
N GLN A 897 -6.31 -14.82 -40.50
CA GLN A 897 -4.96 -14.60 -41.01
C GLN A 897 -4.96 -14.01 -42.41
N ASP A 898 -6.01 -14.24 -43.19
CA ASP A 898 -6.09 -13.65 -44.52
C ASP A 898 -6.24 -12.14 -44.46
N ASP A 899 -6.99 -11.65 -43.47
CA ASP A 899 -7.24 -10.21 -43.36
C ASP A 899 -5.94 -9.48 -43.05
N ASP A 900 -5.79 -8.30 -43.65
CA ASP A 900 -4.61 -7.48 -43.41
C ASP A 900 -4.72 -6.78 -42.06
N ASP A 901 -3.59 -6.72 -41.36
CA ASP A 901 -3.52 -6.08 -40.05
C ASP A 901 -3.44 -4.57 -40.24
N ASP A 902 -4.58 -3.89 -40.10
CA ASP A 902 -4.68 -2.45 -40.27
C ASP A 902 -5.32 -1.86 -39.04
N PRO A 903 -4.53 -1.48 -38.04
CA PRO A 903 -5.12 -0.94 -36.79
C PRO A 903 -5.88 0.36 -36.99
N ASP A 904 -5.63 1.09 -38.08
CA ASP A 904 -6.34 2.35 -38.31
C ASP A 904 -7.84 2.10 -38.53
N THR A 905 -8.18 1.03 -39.24
CA THR A 905 -9.57 0.73 -39.51
C THR A 905 -10.34 0.42 -38.24
N GLU A 906 -11.63 0.72 -38.25
CA GLU A 906 -12.48 0.50 -37.09
C GLU A 906 -12.85 -0.97 -36.98
N LEU A 907 -13.51 -1.31 -35.86
CA LEU A 907 -13.91 -2.69 -35.63
C LEU A 907 -14.92 -3.17 -36.67
N TYR A 908 -15.88 -2.31 -37.02
CA TYR A 908 -16.92 -2.72 -37.96
C TYR A 908 -16.36 -2.90 -39.37
N LEU A 909 -15.25 -2.24 -39.68
CA LEU A 909 -14.63 -2.40 -40.99
C LEU A 909 -13.87 -3.70 -41.12
N THR A 910 -13.38 -4.25 -40.01
CA THR A 910 -12.49 -5.40 -40.06
C THR A 910 -13.24 -6.64 -40.55
N GLN A 911 -12.54 -7.48 -41.31
CA GLN A 911 -13.17 -8.63 -41.95
C GLN A 911 -13.78 -9.63 -40.98
N PRO A 912 -13.11 -10.05 -39.89
CA PRO A 912 -13.75 -11.02 -38.99
C PRO A 912 -15.09 -10.56 -38.44
N PHE A 913 -15.23 -9.28 -38.11
CA PHE A 913 -16.52 -8.78 -37.64
C PHE A 913 -17.54 -8.74 -38.76
N ALA A 914 -17.14 -8.21 -39.92
CA ALA A 914 -18.06 -8.10 -41.05
C ALA A 914 -18.49 -9.44 -41.59
N CYS A 915 -17.76 -10.51 -41.27
CA CYS A 915 -18.11 -11.85 -41.69
C CYS A 915 -18.95 -12.58 -40.65
N GLY A 916 -19.26 -11.94 -39.53
CA GLY A 916 -20.03 -12.57 -38.47
C GLY A 916 -19.30 -13.70 -37.77
N THR A 917 -17.99 -13.56 -37.59
CA THR A 917 -17.20 -14.53 -36.83
C THR A 917 -16.60 -13.94 -35.55
N ALA A 918 -16.47 -12.63 -35.46
CA ALA A 918 -15.99 -11.97 -34.27
C ALA A 918 -17.11 -11.17 -33.64
N PHE A 919 -16.95 -10.85 -32.35
CA PHE A 919 -17.95 -10.08 -31.64
C PHE A 919 -17.30 -9.42 -30.44
N ALA A 920 -17.84 -8.27 -30.05
CA ALA A 920 -17.33 -7.52 -28.91
C ALA A 920 -18.49 -6.78 -28.24
N VAL A 921 -18.28 -6.42 -26.98
CA VAL A 921 -19.29 -5.67 -26.24
C VAL A 921 -19.23 -4.18 -26.55
N SER A 922 -18.14 -3.70 -27.15
CA SER A 922 -18.02 -2.28 -27.48
C SER A 922 -19.03 -1.84 -28.54
N VAL A 923 -19.53 -2.77 -29.35
CA VAL A 923 -20.53 -2.43 -30.37
C VAL A 923 -21.88 -2.10 -29.74
N LEU A 924 -22.06 -2.39 -28.47
CA LEU A 924 -23.29 -2.03 -27.75
C LEU A 924 -23.21 -0.65 -27.13
N ASP A 925 -22.11 0.08 -27.31
CA ASP A 925 -21.98 1.40 -26.71
C ASP A 925 -23.01 2.37 -27.30
N SER A 926 -23.23 2.30 -28.62
CA SER A 926 -24.19 3.17 -29.27
C SER A 926 -25.63 2.82 -28.94
N LEU A 927 -25.87 1.64 -28.35
CA LEU A 927 -27.23 1.21 -28.09
C LEU A 927 -27.93 2.11 -27.09
N MET A 928 -27.19 2.69 -26.14
CA MET A 928 -27.80 3.61 -25.18
C MET A 928 -28.40 4.81 -25.89
N SER A 929 -27.62 5.47 -26.75
CA SER A 929 -28.13 6.60 -27.51
C SER A 929 -29.26 6.17 -28.44
N ALA A 930 -29.11 5.01 -29.08
CA ALA A 930 -30.11 4.53 -30.01
C ALA A 930 -31.46 4.32 -29.33
N THR A 931 -31.45 3.72 -28.13
CA THR A 931 -32.69 3.51 -27.41
C THR A 931 -33.16 4.77 -26.69
N TYR A 932 -32.28 5.75 -26.48
CA TYR A 932 -32.76 7.03 -25.97
C TYR A 932 -33.56 7.77 -27.03
N PHE A 933 -33.03 7.83 -28.25
CA PHE A 933 -33.74 8.55 -29.30
C PHE A 933 -35.02 7.85 -29.74
N ASN A 934 -35.15 6.55 -29.43
CA ASN A 934 -36.42 5.85 -29.64
C ASN A 934 -36.40 4.61 -28.75
N ASP A 935 -37.26 4.60 -27.73
CA ASP A 935 -37.29 3.47 -26.81
C ASP A 935 -37.79 2.21 -27.48
N ASN A 936 -38.75 2.35 -28.40
CA ASN A 936 -39.35 1.18 -29.07
C ASN A 936 -38.29 0.32 -29.72
N ILE A 937 -37.21 0.93 -30.21
CA ILE A 937 -36.09 0.22 -30.81
C ILE A 937 -35.73 -0.96 -29.92
N LEU A 938 -35.49 -0.69 -28.64
CA LEU A 938 -35.08 -1.74 -27.71
C LEU A 938 -36.13 -2.86 -27.68
N THR A 939 -37.40 -2.50 -27.53
CA THR A 939 -38.42 -3.54 -27.36
C THR A 939 -38.58 -4.35 -28.64
N LEU A 940 -38.00 -3.89 -29.75
CA LEU A 940 -37.89 -4.75 -30.92
C LEU A 940 -36.71 -5.70 -30.77
N ILE A 941 -35.51 -5.15 -30.57
CA ILE A 941 -34.31 -5.99 -30.60
C ILE A 941 -34.42 -7.09 -29.54
N ARG A 942 -34.87 -6.74 -28.34
CA ARG A 942 -35.00 -7.74 -27.29
C ARG A 942 -35.93 -8.87 -27.75
N THR A 943 -37.11 -8.53 -28.26
CA THR A 943 -38.03 -9.58 -28.68
C THR A 943 -37.53 -10.24 -29.96
N LEU A 944 -36.59 -9.61 -30.68
CA LEU A 944 -36.01 -10.27 -31.89
C LEU A 944 -34.94 -11.27 -31.45
N VAL A 945 -34.25 -10.99 -30.35
CA VAL A 945 -33.08 -11.81 -29.94
C VAL A 945 -33.42 -12.82 -28.85
N THR A 946 -34.09 -12.42 -27.77
CA THR A 946 -34.30 -13.36 -26.63
C THR A 946 -35.40 -14.34 -26.99
N GLY A 947 -36.18 -14.03 -28.01
CA GLY A 947 -37.17 -14.97 -28.49
C GLY A 947 -38.56 -14.70 -27.94
N GLY A 948 -38.93 -13.42 -27.82
CA GLY A 948 -40.25 -13.05 -27.36
C GLY A 948 -40.25 -12.38 -26.01
N ALA A 949 -40.51 -11.07 -25.96
CA ALA A 949 -40.56 -10.33 -24.68
C ALA A 949 -42.01 -10.12 -24.21
N THR A 950 -42.83 -11.16 -24.24
CA THR A 950 -44.25 -10.97 -23.88
C THR A 950 -44.33 -10.58 -22.41
N PRO A 951 -45.13 -9.54 -22.04
CA PRO A 951 -45.16 -9.07 -20.67
C PRO A 951 -45.41 -10.25 -19.74
N GLU A 952 -46.48 -10.98 -19.93
CA GLU A 952 -46.76 -12.10 -19.03
C GLU A 952 -45.48 -12.86 -18.71
N LEU A 953 -44.62 -13.08 -19.70
CA LEU A 953 -43.39 -13.82 -19.47
C LEU A 953 -42.48 -13.10 -18.50
N GLU A 954 -42.24 -11.80 -18.74
CA GLU A 954 -41.37 -11.05 -17.84
C GLU A 954 -41.99 -10.90 -16.46
N ALA A 955 -43.31 -10.77 -16.38
CA ALA A 955 -43.96 -10.74 -15.07
C ALA A 955 -43.76 -12.04 -14.32
N LEU A 956 -43.91 -13.18 -15.00
CA LEU A 956 -43.70 -14.47 -14.35
C LEU A 956 -42.25 -14.64 -13.92
N ILE A 957 -41.31 -14.15 -14.73
CA ILE A 957 -39.90 -14.22 -14.36
C ILE A 957 -39.63 -13.36 -13.13
N ALA A 958 -40.23 -12.17 -13.09
CA ALA A 958 -40.01 -11.27 -11.96
C ALA A 958 -40.58 -11.84 -10.67
N GLU A 959 -41.83 -12.32 -10.71
CA GLU A 959 -42.47 -12.80 -9.48
C GLU A 959 -41.85 -14.11 -9.01
N GLU A 960 -41.64 -15.06 -9.91
CA GLU A 960 -41.07 -16.34 -9.53
C GLU A 960 -39.57 -16.27 -9.27
N ASN A 961 -38.91 -15.22 -9.76
CA ASN A 961 -37.46 -15.04 -9.70
C ASN A 961 -36.71 -16.11 -10.48
N ALA A 962 -37.42 -16.97 -11.19
CA ALA A 962 -36.85 -18.04 -12.02
C ALA A 962 -37.96 -18.54 -12.92
N LEU A 963 -37.66 -19.56 -13.72
CA LEU A 963 -38.63 -20.19 -14.60
C LEU A 963 -39.04 -21.54 -14.05
N ARG A 964 -40.32 -21.87 -14.19
CA ARG A 964 -40.88 -23.09 -13.63
C ARG A 964 -41.70 -23.81 -14.70
N GLY A 965 -41.75 -25.14 -14.59
CA GLY A 965 -42.53 -25.92 -15.52
C GLY A 965 -44.03 -25.75 -15.33
N GLY A 966 -44.76 -26.00 -16.40
CA GLY A 966 -46.20 -25.85 -16.38
C GLY A 966 -46.87 -26.73 -17.41
N TYR A 967 -48.13 -27.04 -17.17
CA TYR A 967 -48.87 -27.92 -18.07
C TYR A 967 -49.22 -27.19 -19.36
N SER A 968 -49.61 -27.97 -20.36
CA SER A 968 -49.90 -27.44 -21.69
C SER A 968 -51.40 -27.21 -21.86
N THR A 969 -51.76 -26.01 -22.30
CA THR A 969 -53.13 -25.59 -22.51
C THR A 969 -53.23 -24.94 -23.88
N PRO A 970 -54.44 -24.76 -24.41
CA PRO A 970 -54.57 -24.00 -25.67
C PRO A 970 -53.99 -22.60 -25.58
N GLN A 971 -54.02 -21.98 -24.40
CA GLN A 971 -53.32 -20.71 -24.22
C GLN A 971 -51.82 -20.89 -24.42
N THR A 972 -51.25 -21.97 -23.88
CA THR A 972 -49.84 -22.25 -24.09
C THR A 972 -49.53 -22.49 -25.56
N LEU A 973 -50.40 -23.24 -26.25
CA LEU A 973 -50.21 -23.45 -27.68
C LEU A 973 -50.37 -22.17 -28.48
N ALA A 974 -51.09 -21.17 -27.94
CA ALA A 974 -51.17 -19.87 -28.59
C ALA A 974 -49.88 -19.08 -28.43
N ASN A 975 -48.99 -19.49 -27.52
CA ASN A 975 -47.69 -18.85 -27.34
C ASN A 975 -46.59 -19.59 -28.10
N ARG A 976 -46.94 -20.58 -28.91
CA ARG A 976 -45.96 -21.39 -29.63
C ARG A 976 -45.83 -21.01 -31.09
N ASP A 977 -46.75 -20.20 -31.61
CA ASP A 977 -46.74 -19.87 -33.06
C ASP A 977 -46.04 -18.54 -33.31
N ARG A 978 -44.79 -18.42 -32.86
CA ARG A 978 -44.02 -17.17 -33.13
C ARG A 978 -43.34 -17.29 -34.50
N CYS A 979 -42.95 -16.15 -35.08
CA CYS A 979 -42.21 -16.19 -36.37
C CYS A 979 -40.75 -16.55 -36.08
N ARG A 980 -40.13 -17.34 -36.95
CA ARG A 980 -38.76 -17.78 -36.71
C ARG A 980 -37.81 -17.10 -37.70
N VAL A 981 -36.52 -17.24 -37.42
CA VAL A 981 -35.46 -16.67 -38.24
C VAL A 981 -34.50 -17.79 -38.64
N ALA A 982 -34.03 -17.75 -39.88
CA ALA A 982 -33.14 -18.78 -40.38
C ALA A 982 -32.40 -18.25 -41.60
N GLN A 983 -31.59 -19.13 -42.20
CA GLN A 983 -30.83 -18.82 -43.40
C GLN A 983 -31.08 -19.92 -44.42
N LEU A 984 -31.42 -19.52 -45.65
CA LEU A 984 -31.70 -20.45 -46.73
C LEU A 984 -30.74 -20.24 -47.87
N ALA A 985 -30.50 -21.32 -48.62
CA ALA A 985 -29.51 -21.32 -49.70
C ALA A 985 -30.17 -20.91 -51.01
N LEU A 986 -29.49 -20.05 -51.76
CA LEU A 986 -29.97 -19.63 -53.06
C LEU A 986 -29.59 -20.60 -54.18
N LEU A 987 -28.53 -21.39 -53.98
CA LEU A 987 -28.14 -22.39 -54.97
C LEU A 987 -29.24 -23.42 -55.18
N ASP A 988 -29.83 -23.91 -54.10
CA ASP A 988 -30.83 -24.96 -54.15
C ASP A 988 -32.08 -24.52 -53.42
N GLY A 989 -33.24 -24.90 -53.96
CA GLY A 989 -34.51 -24.60 -53.33
C GLY A 989 -35.57 -24.23 -54.34
N PRO A 990 -36.76 -23.86 -53.84
CA PRO A 990 -37.83 -23.41 -54.75
C PRO A 990 -37.48 -22.13 -55.50
N PHE A 991 -36.55 -21.33 -54.99
CA PHE A 991 -36.14 -20.09 -55.62
C PHE A 991 -34.87 -20.24 -56.45
N ALA A 992 -34.52 -21.47 -56.83
CA ALA A 992 -33.28 -21.70 -57.58
C ALA A 992 -33.33 -20.98 -58.93
N ASP A 993 -34.49 -21.00 -59.60
CA ASP A 993 -34.64 -20.27 -60.85
C ASP A 993 -34.41 -18.77 -60.65
N LEU A 994 -34.76 -18.25 -59.47
CA LEU A 994 -34.44 -16.88 -59.10
C LEU A 994 -33.01 -16.73 -58.58
N GLY A 995 -32.22 -17.80 -58.64
CA GLY A 995 -30.88 -17.75 -58.08
C GLY A 995 -29.96 -16.78 -58.81
N ASP A 996 -30.06 -16.73 -60.13
CA ASP A 996 -29.19 -15.89 -60.95
C ASP A 996 -29.95 -14.69 -61.49
N GLY A 997 -31.11 -14.44 -60.87
CA GLY A 997 -31.90 -13.25 -61.24
C GLY A 997 -31.39 -12.10 -60.42
N GLY A 998 -30.54 -11.27 -61.05
CA GLY A 998 -29.92 -10.11 -60.38
C GLY A 998 -30.83 -9.32 -59.47
N CYS A 999 -31.95 -8.80 -59.96
CA CYS A 999 -32.77 -7.90 -59.11
C CYS A 999 -33.16 -8.65 -57.83
N TYR A 1000 -32.82 -8.08 -56.69
CA TYR A 1000 -33.20 -8.69 -55.40
C TYR A 1000 -34.65 -8.28 -55.16
N GLY A 1001 -35.00 -7.09 -55.64
CA GLY A 1001 -36.40 -6.71 -55.61
C GLY A 1001 -37.30 -7.83 -56.07
N ASP A 1002 -36.94 -8.48 -57.16
CA ASP A 1002 -37.67 -9.66 -57.61
C ASP A 1002 -37.67 -10.74 -56.55
N LEU A 1003 -36.52 -10.96 -55.90
CA LEU A 1003 -36.42 -12.00 -54.88
C LEU A 1003 -37.46 -11.78 -53.79
N PHE A 1004 -37.48 -10.59 -53.18
CA PHE A 1004 -38.41 -10.43 -52.07
C PHE A 1004 -39.84 -10.28 -52.56
N CYS A 1005 -40.06 -9.78 -53.78
CA CYS A 1005 -41.42 -9.68 -54.29
C CYS A 1005 -42.05 -11.07 -54.42
N LYS A 1006 -41.37 -11.98 -55.12
CA LYS A 1006 -41.90 -13.34 -55.20
C LYS A 1006 -41.84 -14.10 -53.89
N ALA A 1007 -40.88 -13.80 -53.01
CA ALA A 1007 -40.88 -14.46 -51.70
C ALA A 1007 -42.14 -14.09 -50.91
N LEU A 1008 -42.47 -12.79 -50.87
CA LEU A 1008 -43.66 -12.34 -50.16
C LEU A 1008 -44.93 -12.85 -50.84
N LYS A 1009 -44.97 -12.84 -52.17
CA LYS A 1009 -46.16 -13.31 -52.86
C LYS A 1009 -46.38 -14.80 -52.64
N THR A 1010 -45.32 -15.59 -52.64
CA THR A 1010 -45.46 -17.04 -52.48
C THR A 1010 -45.79 -17.41 -51.04
N TYR A 1011 -44.91 -17.07 -50.10
CA TYR A 1011 -45.08 -17.57 -48.74
C TYR A 1011 -44.74 -16.53 -47.67
N ASN A 1012 -44.56 -15.26 -48.07
CA ASN A 1012 -44.33 -14.15 -47.14
C ASN A 1012 -43.05 -14.35 -46.33
N MET A 1013 -41.95 -14.60 -47.05
CA MET A 1013 -40.65 -14.80 -46.42
C MET A 1013 -39.92 -13.46 -46.40
N LEU A 1014 -39.88 -12.83 -45.24
CA LEU A 1014 -39.20 -11.54 -45.08
C LEU A 1014 -37.71 -11.73 -45.23
N CYS A 1015 -37.15 -11.28 -46.35
CA CYS A 1015 -35.73 -11.33 -46.62
C CYS A 1015 -35.15 -9.95 -46.31
N PHE A 1016 -34.47 -9.83 -45.17
CA PHE A 1016 -33.92 -8.54 -44.75
C PHE A 1016 -32.46 -8.37 -45.11
N GLY A 1017 -31.76 -9.45 -45.44
CA GLY A 1017 -30.34 -9.35 -45.75
C GLY A 1017 -29.85 -10.54 -46.53
N ILE A 1018 -28.67 -10.38 -47.12
CA ILE A 1018 -28.05 -11.41 -47.94
C ILE A 1018 -26.67 -11.72 -47.40
N TYR A 1019 -26.19 -12.93 -47.70
CA TYR A 1019 -24.90 -13.41 -47.20
C TYR A 1019 -24.09 -13.87 -48.42
N ARG A 1020 -23.11 -13.05 -48.81
CA ARG A 1020 -22.40 -13.18 -50.07
C ARG A 1020 -20.96 -13.62 -49.83
N LEU A 1021 -20.47 -14.53 -50.68
CA LEU A 1021 -19.06 -14.90 -50.64
C LEU A 1021 -18.20 -13.68 -50.89
N ARG A 1022 -17.14 -13.54 -50.11
CA ARG A 1022 -16.27 -12.37 -50.25
C ARG A 1022 -15.43 -12.41 -51.53
N ASP A 1023 -15.39 -13.56 -52.21
CA ASP A 1023 -14.66 -13.68 -53.47
C ASP A 1023 -15.60 -13.87 -54.66
N ALA A 1024 -16.91 -14.00 -54.43
CA ALA A 1024 -17.86 -14.07 -55.53
C ALA A 1024 -17.98 -12.75 -56.27
N HIS A 1025 -17.48 -11.65 -55.71
CA HIS A 1025 -17.44 -10.38 -56.41
C HIS A 1025 -16.35 -10.33 -57.47
N LEU A 1026 -15.39 -11.24 -57.41
CA LEU A 1026 -14.34 -11.33 -58.40
C LEU A 1026 -14.64 -12.46 -59.39
N SER A 1027 -13.70 -12.71 -60.29
CA SER A 1027 -13.85 -13.75 -61.30
C SER A 1027 -12.98 -14.97 -61.07
N THR A 1028 -11.83 -14.81 -60.43
CA THR A 1028 -10.93 -15.94 -60.18
C THR A 1028 -11.55 -16.88 -59.16
N PRO A 1029 -11.74 -18.16 -59.48
CA PRO A 1029 -12.32 -19.09 -58.50
C PRO A 1029 -11.33 -19.39 -57.38
N SER A 1030 -11.73 -19.10 -56.15
CA SER A 1030 -10.92 -19.33 -54.97
C SER A 1030 -11.67 -20.19 -53.97
N GLN A 1031 -10.94 -20.70 -52.98
CA GLN A 1031 -11.50 -21.58 -51.96
C GLN A 1031 -11.87 -20.83 -50.68
N CYS A 1032 -11.76 -19.50 -50.67
CA CYS A 1032 -12.10 -18.73 -49.48
C CYS A 1032 -13.60 -18.81 -49.24
N THR A 1033 -13.99 -19.53 -48.17
CA THR A 1033 -15.39 -19.74 -47.86
C THR A 1033 -16.00 -18.57 -47.10
N LYS A 1034 -15.18 -17.62 -46.63
CA LYS A 1034 -15.66 -16.52 -45.82
C LYS A 1034 -16.73 -15.72 -46.56
N ARG A 1035 -17.82 -15.44 -45.86
CA ARG A 1035 -18.92 -14.66 -46.40
C ARG A 1035 -19.14 -13.40 -45.58
N TYR A 1036 -19.63 -12.36 -46.23
CA TYR A 1036 -19.97 -11.10 -45.59
C TYR A 1036 -21.44 -10.79 -45.81
N VAL A 1037 -21.99 -9.99 -44.91
CA VAL A 1037 -23.43 -9.70 -44.87
C VAL A 1037 -23.71 -8.37 -45.55
N ILE A 1038 -24.82 -8.33 -46.28
CA ILE A 1038 -25.33 -7.10 -46.90
C ILE A 1038 -26.73 -6.86 -46.37
N THR A 1039 -26.95 -5.66 -45.83
CA THR A 1039 -28.18 -5.33 -45.11
C THR A 1039 -29.12 -4.59 -46.06
N ASN A 1040 -30.32 -5.16 -46.24
CA ASN A 1040 -31.36 -4.56 -47.08
C ASN A 1040 -30.82 -4.16 -48.44
N PRO A 1041 -30.50 -5.12 -49.31
CA PRO A 1041 -30.00 -4.78 -50.64
C PRO A 1041 -31.08 -4.07 -51.45
N PRO A 1042 -30.69 -3.17 -52.34
CA PRO A 1042 -31.68 -2.53 -53.22
C PRO A 1042 -32.22 -3.52 -54.25
N TYR A 1043 -33.32 -3.12 -54.88
CA TYR A 1043 -33.87 -3.93 -55.97
C TYR A 1043 -32.90 -3.96 -57.16
N GLU A 1044 -32.23 -2.83 -57.42
CA GLU A 1044 -31.26 -2.77 -58.52
C GLU A 1044 -30.04 -3.64 -58.26
N PHE A 1045 -29.81 -4.05 -57.01
CA PHE A 1045 -28.62 -4.80 -56.67
C PHE A 1045 -28.57 -6.12 -57.43
N GLU A 1046 -27.39 -6.41 -57.99
CA GLU A 1046 -27.19 -7.63 -58.76
C GLU A 1046 -27.23 -8.85 -57.84
N LEU A 1047 -27.33 -10.02 -58.45
CA LEU A 1047 -27.44 -11.27 -57.72
C LEU A 1047 -26.53 -12.34 -58.31
N VAL A 1048 -26.05 -13.22 -57.43
CA VAL A 1048 -25.22 -14.36 -57.80
C VAL A 1048 -25.88 -15.60 -57.19
N PRO A 1049 -25.94 -16.73 -57.91
CA PRO A 1049 -26.62 -17.91 -57.34
C PRO A 1049 -26.01 -18.39 -56.04
N THR A 1050 -24.69 -18.26 -55.85
CA THR A 1050 -24.03 -18.71 -54.63
C THR A 1050 -24.28 -17.67 -53.54
N ASP A 1051 -25.46 -17.79 -52.92
CA ASP A 1051 -25.88 -16.83 -51.90
C ASP A 1051 -26.66 -17.54 -50.81
N LEU A 1052 -26.63 -16.95 -49.62
CA LEU A 1052 -27.46 -17.36 -48.49
C LEU A 1052 -28.37 -16.20 -48.14
N ILE A 1053 -29.66 -16.48 -47.99
CA ILE A 1053 -30.66 -15.45 -47.73
C ILE A 1053 -31.01 -15.46 -46.25
N PHE A 1054 -31.21 -14.26 -45.70
CA PHE A 1054 -31.69 -14.12 -44.32
C PHE A 1054 -33.21 -14.10 -44.35
N CYS A 1055 -33.82 -15.08 -43.68
CA CYS A 1055 -35.25 -15.32 -43.82
C CYS A 1055 -35.94 -15.27 -42.46
N LEU A 1056 -37.13 -14.66 -42.44
CA LEU A 1056 -38.04 -14.75 -41.31
C LEU A 1056 -39.16 -15.71 -41.71
N MET A 1057 -39.08 -16.95 -41.24
CA MET A 1057 -40.12 -17.92 -41.53
C MET A 1057 -41.44 -17.49 -40.90
N GLN A 1058 -42.52 -17.79 -41.60
CA GLN A 1058 -43.85 -17.35 -41.19
C GLN A 1058 -44.24 -18.02 -39.88
N PHE A 1059 -45.41 -17.65 -39.36
CA PHE A 1059 -45.87 -18.15 -38.07
C PHE A 1059 -45.91 -19.68 -38.07
N ASP A 1060 -45.31 -20.28 -37.05
CA ASP A 1060 -45.23 -21.74 -36.95
C ASP A 1060 -45.65 -22.22 -35.58
N GLN B 19 0.38 72.02 -18.37
CA GLN B 19 -0.81 71.54 -17.67
C GLN B 19 -0.93 70.03 -17.78
N ARG B 20 -0.88 69.34 -16.64
CA ARG B 20 -1.01 67.89 -16.63
C ARG B 20 -2.42 67.47 -17.02
N MET B 21 -2.51 66.42 -17.83
CA MET B 21 -3.81 65.91 -18.29
C MET B 21 -3.90 64.39 -18.17
N TRP B 22 -3.06 63.78 -17.34
CA TRP B 22 -3.18 62.34 -17.09
C TRP B 22 -4.52 62.01 -16.45
N TRP B 23 -5.02 62.91 -15.60
CA TRP B 23 -6.32 62.69 -14.98
C TRP B 23 -7.42 62.57 -16.02
N ALA B 24 -7.24 63.15 -17.20
CA ALA B 24 -8.23 62.99 -18.26
C ALA B 24 -8.38 61.53 -18.66
N PHE B 25 -7.27 60.88 -19.00
CA PHE B 25 -7.32 59.47 -19.38
C PHE B 25 -7.78 58.60 -18.22
N LEU B 26 -7.23 58.86 -17.02
CA LEU B 26 -7.58 58.02 -15.87
C LEU B 26 -9.07 58.13 -15.55
N ALA B 27 -9.60 59.36 -15.56
CA ALA B 27 -11.02 59.56 -15.29
C ALA B 27 -11.88 58.99 -16.40
N SER B 28 -11.42 59.06 -17.65
CA SER B 28 -12.17 58.47 -18.74
C SER B 28 -12.36 56.96 -18.51
N SER B 29 -11.26 56.26 -18.24
CA SER B 29 -11.38 54.82 -17.97
C SER B 29 -12.23 54.55 -16.74
N MET B 30 -12.02 55.34 -15.67
CA MET B 30 -12.75 55.12 -14.43
C MET B 30 -14.25 55.32 -14.62
N VAL B 31 -14.65 56.38 -15.31
CA VAL B 31 -16.06 56.64 -15.52
C VAL B 31 -16.66 55.62 -16.48
N THR B 32 -15.88 55.13 -17.45
CA THR B 32 -16.39 54.05 -18.28
C THR B 32 -16.75 52.83 -17.44
N PHE B 33 -15.81 52.37 -16.60
CA PHE B 33 -16.08 51.22 -15.76
C PHE B 33 -17.22 51.49 -14.78
N PHE B 34 -17.24 52.69 -14.18
CA PHE B 34 -18.25 53.01 -13.19
C PHE B 34 -19.64 53.11 -13.82
N GLY B 35 -19.74 53.71 -15.01
CA GLY B 35 -21.02 53.75 -15.69
C GLY B 35 -21.52 52.37 -16.07
N GLY B 36 -20.61 51.51 -16.54
CA GLY B 36 -21.02 50.14 -16.85
C GLY B 36 -21.55 49.41 -15.63
N LEU B 37 -20.82 49.47 -14.52
CA LEU B 37 -21.27 48.78 -13.32
C LEU B 37 -22.55 49.38 -12.77
N PHE B 38 -22.68 50.71 -12.86
CA PHE B 38 -23.87 51.38 -12.34
C PHE B 38 -25.10 51.00 -13.16
N ILE B 39 -25.00 50.96 -14.49
CA ILE B 39 -26.16 50.60 -15.29
C ILE B 39 -26.52 49.12 -15.08
N ILE B 40 -25.50 48.26 -14.93
CA ILE B 40 -25.79 46.85 -14.66
C ILE B 40 -26.53 46.70 -13.34
N LEU B 41 -26.06 47.40 -12.30
CA LEU B 41 -26.70 47.30 -10.99
C LEU B 41 -28.10 47.90 -11.02
N LEU B 42 -28.29 49.01 -11.72
CA LEU B 42 -29.60 49.64 -11.80
C LEU B 42 -30.61 48.74 -12.51
N TRP B 43 -30.19 48.11 -13.61
CA TRP B 43 -31.08 47.16 -14.29
C TRP B 43 -31.31 45.91 -13.45
N ARG B 44 -30.34 45.53 -12.62
CA ARG B 44 -30.46 44.32 -11.82
C ARG B 44 -31.60 44.43 -10.81
N THR B 45 -31.63 45.53 -10.06
CA THR B 45 -32.65 45.70 -9.02
C THR B 45 -33.94 46.33 -9.54
N LEU B 46 -33.96 46.81 -10.79
CA LEU B 46 -35.18 47.41 -11.33
C LEU B 46 -36.30 46.39 -11.42
N LYS B 47 -35.98 45.16 -11.84
CA LYS B 47 -36.96 44.09 -11.94
C LYS B 47 -36.99 43.22 -10.68
N TYR B 48 -36.45 43.71 -9.57
CA TYR B 48 -36.53 42.98 -8.30
C TYR B 48 -37.97 43.04 -7.81
N LEU B 49 -38.72 41.95 -8.06
CA LEU B 49 -40.16 41.91 -7.83
C LEU B 49 -40.88 43.04 -8.58
N TRP B 50 -40.36 43.39 -9.75
CA TRP B 50 -40.89 44.46 -10.58
C TRP B 50 -40.99 45.77 -9.81
N THR B 51 -39.85 46.16 -9.23
CA THR B 51 -39.76 47.40 -8.45
C THR B 51 -39.90 48.62 -9.34
N MET B 94 -32.41 40.87 -29.85
CA MET B 94 -33.23 39.71 -29.52
C MET B 94 -32.37 38.51 -29.18
N THR B 95 -33.01 37.40 -28.82
CA THR B 95 -32.29 36.19 -28.43
C THR B 95 -31.57 35.54 -29.60
N SER B 96 -32.05 35.74 -30.83
CA SER B 96 -31.38 35.17 -31.99
C SER B 96 -30.00 35.79 -32.18
N VAL B 97 -29.87 37.09 -31.95
CA VAL B 97 -28.58 37.75 -32.07
C VAL B 97 -27.60 37.20 -31.04
N LYS B 98 -28.08 36.83 -29.85
CA LYS B 98 -27.20 36.23 -28.85
C LYS B 98 -26.64 34.90 -29.35
N ASP B 99 -27.47 34.06 -29.96
CA ASP B 99 -26.98 32.79 -30.50
C ASP B 99 -26.02 33.03 -31.66
N TRP B 100 -26.32 34.01 -32.52
CA TRP B 100 -25.42 34.33 -33.61
C TRP B 100 -24.06 34.78 -33.11
N ALA B 101 -24.04 35.63 -32.07
CA ALA B 101 -22.77 36.08 -31.50
C ALA B 101 -22.05 34.92 -30.81
N GLY B 102 -22.80 34.02 -30.17
CA GLY B 102 -22.17 32.85 -29.58
C GLY B 102 -21.49 31.97 -30.60
N VAL B 103 -22.13 31.80 -31.76
CA VAL B 103 -21.50 31.09 -32.86
C VAL B 103 -20.28 31.85 -33.36
N MET B 104 -20.39 33.17 -33.44
CA MET B 104 -19.28 34.01 -33.92
C MET B 104 -18.04 33.83 -33.05
N ILE B 105 -18.20 33.96 -31.73
CA ILE B 105 -17.08 33.82 -30.80
C ILE B 105 -16.76 32.37 -30.49
N SER B 106 -17.53 31.43 -31.01
CA SER B 106 -17.25 30.02 -30.81
C SER B 106 -16.05 29.58 -31.65
N ALA B 107 -15.29 28.54 -31.28
CA ALA B 107 -14.04 28.28 -32.06
C ALA B 107 -14.18 27.47 -33.35
N GLN B 108 -15.28 26.72 -33.56
CA GLN B 108 -15.39 25.75 -34.69
C GLN B 108 -15.47 26.22 -36.17
N THR B 109 -16.14 27.34 -36.42
CA THR B 109 -16.21 27.87 -37.79
C THR B 109 -14.90 28.59 -38.06
N LEU B 110 -14.52 28.77 -39.32
CA LEU B 110 -13.29 29.55 -39.65
C LEU B 110 -13.55 30.90 -39.02
N THR B 111 -14.82 31.31 -38.99
CA THR B 111 -15.20 32.56 -38.30
C THR B 111 -14.47 32.69 -36.97
N GLY B 112 -14.61 31.73 -36.04
CA GLY B 112 -14.00 31.91 -34.73
C GLY B 112 -12.49 31.80 -34.79
N ARG B 113 -11.98 30.89 -35.62
CA ARG B 113 -10.53 30.74 -35.77
C ARG B 113 -9.90 32.03 -36.27
N VAL B 114 -10.40 32.56 -37.39
CA VAL B 114 -9.82 33.78 -37.92
C VAL B 114 -10.01 34.93 -36.95
N LEU B 115 -11.14 34.97 -36.25
CA LEU B 115 -11.39 36.04 -35.30
C LEU B 115 -10.35 36.04 -34.18
N VAL B 116 -10.14 34.88 -33.55
CA VAL B 116 -9.23 34.84 -32.40
C VAL B 116 -7.79 35.04 -32.86
N VAL B 117 -7.43 34.52 -34.04
CA VAL B 117 -6.08 34.71 -34.54
C VAL B 117 -5.81 36.19 -34.80
N LEU B 118 -6.76 36.89 -35.43
CA LEU B 118 -6.61 38.32 -35.62
C LEU B 118 -6.53 39.05 -34.29
N VAL B 119 -7.38 38.67 -33.33
CA VAL B 119 -7.35 39.31 -32.02
C VAL B 119 -5.97 39.21 -31.40
N PHE B 120 -5.38 38.02 -31.43
CA PHE B 120 -4.11 37.82 -30.74
C PHE B 120 -2.95 38.47 -31.49
N ALA B 121 -3.01 38.46 -32.83
CA ALA B 121 -1.99 39.16 -33.60
C ALA B 121 -2.03 40.66 -33.32
N LEU B 122 -3.23 41.25 -33.27
CA LEU B 122 -3.34 42.66 -32.94
C LEU B 122 -2.94 42.92 -31.49
N SER B 123 -3.15 41.95 -30.60
CA SER B 123 -2.66 42.09 -29.24
C SER B 123 -1.14 42.20 -29.21
N ILE B 124 -0.45 41.34 -29.97
CA ILE B 124 1.01 41.42 -30.05
C ILE B 124 1.44 42.76 -30.63
N GLY B 125 0.76 43.20 -31.69
CA GLY B 125 1.10 44.48 -32.29
C GLY B 125 0.91 45.64 -31.33
N ALA B 126 -0.19 45.61 -30.56
CA ALA B 126 -0.44 46.66 -29.59
C ALA B 126 0.57 46.65 -28.46
N LEU B 127 1.01 45.46 -28.03
CA LEU B 127 2.06 45.40 -27.01
C LEU B 127 3.37 45.97 -27.54
N VAL B 128 3.71 45.69 -28.80
CA VAL B 128 4.90 46.28 -29.39
C VAL B 128 4.76 47.80 -29.47
N ILE B 129 3.57 48.28 -29.83
CA ILE B 129 3.32 49.72 -29.86
C ILE B 129 3.49 50.32 -28.48
N TYR B 130 3.04 49.59 -27.45
CA TYR B 130 3.20 50.07 -26.07
C TYR B 130 4.68 50.16 -25.70
N PHE B 131 5.49 49.18 -26.12
CA PHE B 131 6.92 49.27 -25.87
C PHE B 131 7.52 50.48 -26.56
N ILE B 132 7.15 50.72 -27.83
CA ILE B 132 7.67 51.85 -28.56
C ILE B 132 7.29 53.16 -27.88
N ASP B 133 6.05 53.27 -27.41
CA ASP B 133 5.62 54.45 -26.68
C ASP B 133 6.37 54.58 -25.36
N SER B 134 6.67 53.45 -24.70
CA SER B 134 7.43 53.49 -23.47
C SER B 134 8.84 54.01 -23.71
N SER B 135 9.39 53.77 -24.91
CA SER B 135 10.65 54.41 -25.29
C SER B 135 10.52 55.92 -25.43
N ASN B 136 9.31 56.43 -25.58
CA ASN B 136 8.98 57.85 -25.61
C ASN B 136 8.62 58.29 -24.19
N PRO B 137 9.00 59.51 -23.78
CA PRO B 137 8.58 59.99 -22.47
C PRO B 137 7.07 60.00 -22.30
N ILE B 138 6.66 60.09 -21.04
CA ILE B 138 5.38 59.53 -20.62
C ILE B 138 4.21 60.25 -21.28
N GLU B 139 4.19 61.58 -21.21
CA GLU B 139 3.06 62.31 -21.74
C GLU B 139 3.53 63.58 -22.43
N SER B 140 2.96 63.84 -23.61
CA SER B 140 3.27 65.02 -24.40
C SER B 140 2.11 65.35 -25.31
N CYS B 141 2.02 66.61 -25.73
CA CYS B 141 0.97 67.04 -26.65
C CYS B 141 1.43 66.75 -28.07
N GLN B 142 0.86 65.71 -28.68
CA GLN B 142 1.25 65.27 -30.01
C GLN B 142 0.02 65.16 -30.90
N ASN B 143 0.15 65.59 -32.14
CA ASN B 143 -0.94 65.48 -33.10
C ASN B 143 -1.25 64.01 -33.37
N PHE B 144 -2.54 63.67 -33.39
CA PHE B 144 -2.96 62.30 -33.61
C PHE B 144 -2.54 61.81 -35.00
N TYR B 145 -2.75 62.64 -36.02
CA TYR B 145 -2.42 62.25 -37.39
C TYR B 145 -0.93 62.32 -37.68
N LYS B 146 -0.19 63.18 -36.99
CA LYS B 146 1.21 63.42 -37.35
C LYS B 146 2.08 62.18 -37.13
N ASP B 147 1.84 61.45 -36.03
CA ASP B 147 2.70 60.32 -35.69
C ASP B 147 2.35 59.09 -36.53
N PHE B 148 3.06 58.00 -36.28
CA PHE B 148 2.89 56.76 -37.02
C PHE B 148 2.54 55.57 -36.13
N THR B 149 2.03 55.81 -34.92
CA THR B 149 1.83 54.74 -33.95
C THR B 149 0.43 54.73 -33.33
N LEU B 150 -0.37 55.78 -33.52
CA LEU B 150 -1.67 55.88 -32.86
C LEU B 150 -2.82 55.34 -33.68
N GLN B 151 -2.76 55.45 -35.01
CA GLN B 151 -3.85 54.94 -35.84
C GLN B 151 -3.96 53.42 -35.73
N ILE B 152 -2.82 52.72 -35.71
CA ILE B 152 -2.84 51.27 -35.53
C ILE B 152 -3.44 50.91 -34.18
N ASP B 153 -3.03 51.63 -33.13
CA ASP B 153 -3.56 51.38 -31.80
C ASP B 153 -5.06 51.66 -31.74
N MET B 154 -5.52 52.74 -32.39
CA MET B 154 -6.94 53.04 -32.41
C MET B 154 -7.73 51.95 -33.12
N ALA B 155 -7.22 51.47 -34.27
CA ALA B 155 -7.90 50.39 -34.97
C ALA B 155 -7.95 49.12 -34.13
N PHE B 156 -6.84 48.81 -33.46
CA PHE B 156 -6.81 47.62 -32.59
C PHE B 156 -7.82 47.76 -31.46
N ASN B 157 -7.91 48.94 -30.87
CA ASN B 157 -8.85 49.16 -29.77
C ASN B 157 -10.29 49.07 -30.23
N VAL B 158 -10.60 49.60 -31.43
CA VAL B 158 -11.95 49.49 -31.97
C VAL B 158 -12.30 48.02 -32.21
N PHE B 159 -11.35 47.26 -32.77
CA PHE B 159 -11.61 45.85 -33.02
C PHE B 159 -11.82 45.09 -31.71
N PHE B 160 -11.01 45.42 -30.68
CA PHE B 160 -11.19 44.79 -29.38
C PHE B 160 -12.54 45.14 -28.78
N LEU B 161 -12.98 46.39 -28.95
CA LEU B 161 -14.27 46.82 -28.41
C LEU B 161 -15.42 46.09 -29.10
N LEU B 162 -15.36 45.93 -30.42
CA LEU B 162 -16.41 45.19 -31.10
C LEU B 162 -16.37 43.71 -30.74
N TYR B 163 -15.17 43.15 -30.52
CA TYR B 163 -15.09 41.78 -30.05
C TYR B 163 -15.72 41.63 -28.67
N PHE B 164 -15.48 42.59 -27.78
CA PHE B 164 -16.14 42.58 -26.47
C PHE B 164 -17.65 42.70 -26.60
N GLY B 165 -18.12 43.54 -27.53
CA GLY B 165 -19.54 43.62 -27.77
C GLY B 165 -20.14 42.31 -28.21
N LEU B 166 -19.46 41.62 -29.13
CA LEU B 166 -19.90 40.31 -29.57
C LEU B 166 -19.94 39.32 -28.41
N ARG B 167 -18.90 39.32 -27.57
CA ARG B 167 -18.88 38.42 -26.42
C ARG B 167 -20.00 38.73 -25.44
N PHE B 168 -20.27 40.02 -25.21
CA PHE B 168 -21.35 40.41 -24.30
C PHE B 168 -22.69 39.92 -24.85
N ILE B 169 -22.93 40.11 -26.16
CA ILE B 169 -24.13 39.56 -26.78
C ILE B 169 -24.16 38.05 -26.61
N ALA B 170 -23.00 37.42 -26.59
CA ALA B 170 -22.91 35.98 -26.35
C ALA B 170 -22.77 35.62 -24.87
N ALA B 171 -22.81 36.60 -23.97
CA ALA B 171 -22.65 36.35 -22.54
C ALA B 171 -24.01 36.18 -21.90
N ASN B 172 -24.24 35.01 -21.29
CA ASN B 172 -25.51 34.76 -20.63
C ASN B 172 -25.66 35.57 -19.35
N ASP B 173 -24.59 35.64 -18.54
CA ASP B 173 -24.59 36.38 -17.29
C ASP B 173 -23.79 37.66 -17.48
N LYS B 174 -24.49 38.79 -17.49
CA LYS B 174 -23.82 40.08 -17.69
C LYS B 174 -23.00 40.47 -16.47
N LEU B 175 -23.46 40.10 -15.28
CA LEU B 175 -22.78 40.51 -14.05
C LEU B 175 -21.38 39.90 -13.96
N TRP B 176 -21.29 38.59 -14.13
CA TRP B 176 -19.99 37.93 -13.99
C TRP B 176 -19.10 38.16 -15.20
N PHE B 177 -19.68 38.55 -16.34
CA PHE B 177 -18.87 38.80 -17.53
C PHE B 177 -18.33 40.22 -17.57
N TRP B 178 -19.05 41.18 -16.99
CA TRP B 178 -18.53 42.54 -16.91
C TRP B 178 -17.29 42.60 -16.05
N LEU B 179 -17.18 41.72 -15.06
CA LEU B 179 -15.99 41.62 -14.22
C LEU B 179 -15.10 40.50 -14.74
N GLU B 180 -14.42 40.80 -15.85
CA GLU B 180 -13.59 39.83 -16.54
C GLU B 180 -12.24 40.46 -16.86
N VAL B 181 -11.18 39.64 -16.77
CA VAL B 181 -9.82 40.16 -16.88
C VAL B 181 -9.58 40.76 -18.26
N ASN B 182 -9.91 40.02 -19.32
CA ASN B 182 -9.77 40.57 -20.66
C ASN B 182 -10.68 41.77 -20.86
N SER B 183 -11.88 41.73 -20.27
CA SER B 183 -12.76 42.89 -20.31
C SER B 183 -12.13 44.09 -19.62
N VAL B 184 -11.52 43.87 -18.45
CA VAL B 184 -10.88 44.95 -17.72
C VAL B 184 -9.76 45.55 -18.56
N VAL B 185 -8.96 44.71 -19.20
CA VAL B 185 -7.91 45.19 -20.09
C VAL B 185 -8.54 46.02 -21.22
N ASP B 186 -9.64 45.53 -21.79
CA ASP B 186 -10.27 46.21 -22.92
C ASP B 186 -10.72 47.62 -22.53
N PHE B 187 -11.49 47.75 -21.45
CA PHE B 187 -11.99 49.08 -21.10
C PHE B 187 -11.02 49.86 -20.23
N PHE B 188 -9.82 49.34 -19.99
CA PHE B 188 -8.74 50.14 -19.43
C PHE B 188 -7.73 50.56 -20.47
N THR B 189 -7.77 49.99 -21.67
CA THR B 189 -6.87 50.41 -22.74
C THR B 189 -7.56 51.12 -23.90
N VAL B 190 -8.88 50.96 -24.07
CA VAL B 190 -9.58 51.65 -25.15
C VAL B 190 -9.87 53.11 -24.79
N PRO B 191 -10.43 53.42 -23.61
CA PRO B 191 -10.71 54.82 -23.27
C PRO B 191 -9.46 55.70 -23.31
N PRO B 192 -8.26 55.18 -22.92
CA PRO B 192 -7.05 56.00 -23.08
C PRO B 192 -6.87 56.55 -24.49
N VAL B 193 -6.82 55.67 -25.50
CA VAL B 193 -6.64 56.14 -26.87
C VAL B 193 -7.88 56.91 -27.34
N PHE B 194 -9.06 56.57 -26.81
CA PHE B 194 -10.28 57.28 -27.20
C PHE B 194 -10.21 58.75 -26.83
N VAL B 195 -9.73 59.06 -25.62
CA VAL B 195 -9.60 60.44 -25.18
C VAL B 195 -8.27 61.06 -25.61
N SER B 196 -7.29 60.25 -26.01
CA SER B 196 -6.01 60.78 -26.46
C SER B 196 -6.16 61.63 -27.71
N VAL B 197 -6.97 61.17 -28.67
CA VAL B 197 -7.19 61.95 -29.88
C VAL B 197 -7.98 63.21 -29.57
N TYR B 198 -8.94 63.13 -28.63
CA TYR B 198 -9.73 64.29 -28.26
C TYR B 198 -8.84 65.37 -27.62
N LEU B 199 -7.92 64.96 -26.75
CA LEU B 199 -7.03 65.92 -26.09
C LEU B 199 -5.71 66.10 -26.83
N ASN B 200 -5.46 65.34 -27.90
CA ASN B 200 -4.23 65.46 -28.69
C ASN B 200 -2.98 65.24 -27.82
N ARG B 201 -3.10 64.35 -26.84
CA ARG B 201 -2.00 64.00 -25.95
C ARG B 201 -1.84 62.49 -25.92
N SER B 202 -0.60 62.02 -26.08
CA SER B 202 -0.28 60.60 -26.04
C SER B 202 0.32 60.27 -24.68
N TRP B 203 -0.46 59.58 -23.83
CA TRP B 203 -0.01 59.19 -22.50
C TRP B 203 0.23 57.69 -22.47
N LEU B 204 1.32 57.28 -21.81
CA LEU B 204 1.58 55.86 -21.63
C LEU B 204 0.50 55.21 -20.78
N GLY B 205 0.23 55.79 -19.60
CA GLY B 205 -0.84 55.33 -18.74
C GLY B 205 -0.70 53.87 -18.36
N LEU B 206 -1.84 53.23 -18.13
CA LEU B 206 -1.89 51.80 -17.80
C LEU B 206 -2.07 50.95 -19.06
N ARG B 207 -1.19 51.15 -20.03
CA ARG B 207 -1.28 50.45 -21.31
C ARG B 207 -0.51 49.14 -21.32
N PHE B 208 0.16 48.78 -20.22
CA PHE B 208 0.87 47.50 -20.17
C PHE B 208 -0.08 46.32 -20.03
N LEU B 209 -1.33 46.56 -19.64
CA LEU B 209 -2.29 45.48 -19.48
C LEU B 209 -2.50 44.66 -20.74
N ARG B 210 -2.01 45.14 -21.89
CA ARG B 210 -2.04 44.34 -23.11
C ARG B 210 -1.40 42.97 -22.88
N ALA B 211 -0.34 42.92 -22.06
CA ALA B 211 0.33 41.66 -21.80
C ALA B 211 -0.62 40.62 -21.23
N LEU B 212 -1.67 41.05 -20.52
CA LEU B 212 -2.63 40.12 -19.95
C LEU B 212 -3.32 39.29 -21.03
N ARG B 213 -3.41 39.80 -22.25
CA ARG B 213 -4.04 39.07 -23.35
C ARG B 213 -3.08 38.12 -24.05
N LEU B 214 -1.78 38.20 -23.74
CA LEU B 214 -0.82 37.28 -24.32
C LEU B 214 -1.02 35.84 -23.85
N ILE B 215 -1.62 35.65 -22.67
CA ILE B 215 -1.76 34.33 -22.08
C ILE B 215 -2.54 33.37 -22.95
N GLN B 216 -3.27 33.87 -23.94
CA GLN B 216 -4.04 33.02 -24.85
C GLN B 216 -3.18 32.39 -25.94
N PHE B 217 -1.85 32.52 -25.84
CA PHE B 217 -0.97 31.97 -26.88
C PHE B 217 -1.24 30.50 -27.12
N SER B 218 -1.43 29.72 -26.05
CA SER B 218 -1.71 28.30 -26.19
C SER B 218 -2.87 28.05 -27.12
N GLU B 219 -3.93 28.85 -27.01
CA GLU B 219 -5.10 28.69 -27.87
C GLU B 219 -4.69 28.68 -29.34
N ILE B 220 -3.83 29.64 -29.74
CA ILE B 220 -3.39 29.69 -31.12
C ILE B 220 -2.67 28.41 -31.50
N LEU B 221 -1.78 27.94 -30.62
CA LEU B 221 -1.04 26.72 -30.89
C LEU B 221 -1.97 25.52 -31.04
N GLN B 222 -3.19 25.60 -30.50
CA GLN B 222 -4.14 24.51 -30.69
C GLN B 222 -4.54 24.40 -32.15
N PHE B 223 -4.76 25.52 -32.84
CA PHE B 223 -5.28 25.46 -34.19
C PHE B 223 -4.22 25.01 -35.18
N LEU B 224 -3.00 25.53 -35.06
CA LEU B 224 -1.93 25.11 -35.95
C LEU B 224 -1.45 23.71 -35.59
N ASN B 225 -1.04 22.97 -36.62
CA ASN B 225 -0.56 21.60 -36.45
C ASN B 225 0.86 21.54 -35.91
N ILE B 226 1.41 22.67 -35.43
CA ILE B 226 2.78 22.69 -34.95
C ILE B 226 2.93 21.80 -33.72
N LEU B 227 1.99 21.89 -32.79
CA LEU B 227 2.10 21.15 -31.53
C LEU B 227 0.70 20.89 -30.98
N LYS B 228 0.38 19.60 -30.80
CA LYS B 228 -0.89 19.18 -30.23
C LYS B 228 -0.61 18.11 -29.17
N THR B 229 -0.44 18.54 -27.92
CA THR B 229 -0.18 17.65 -26.79
C THR B 229 -0.57 18.37 -25.51
N SER B 230 -1.24 17.65 -24.61
CA SER B 230 -1.69 18.26 -23.35
C SER B 230 -0.53 18.79 -22.53
N ASN B 231 0.54 18.00 -22.41
CA ASN B 231 1.70 18.42 -21.63
C ASN B 231 2.30 19.69 -22.21
N SER B 232 2.54 19.70 -23.53
CA SER B 232 3.15 20.87 -24.16
C SER B 232 2.22 22.08 -24.13
N ILE B 233 0.91 21.88 -24.31
CA ILE B 233 -0.01 23.01 -24.31
C ILE B 233 -0.09 23.61 -22.91
N LYS B 234 -0.07 22.77 -21.87
CA LYS B 234 -0.08 23.30 -20.52
C LYS B 234 1.24 23.99 -20.19
N LEU B 235 2.35 23.46 -20.70
CA LEU B 235 3.64 24.11 -20.51
C LEU B 235 3.65 25.50 -21.15
N VAL B 236 3.15 25.62 -22.38
CA VAL B 236 3.15 26.92 -23.02
C VAL B 236 2.16 27.85 -22.35
N ASN B 237 1.06 27.32 -21.81
CA ASN B 237 0.15 28.15 -21.02
C ASN B 237 0.87 28.74 -19.81
N LEU B 238 1.60 27.91 -19.08
CA LEU B 238 2.31 28.39 -17.89
C LEU B 238 3.38 29.42 -18.27
N LEU B 239 4.12 29.15 -19.34
CA LEU B 239 5.14 30.10 -19.78
C LEU B 239 4.51 31.43 -20.18
N SER B 240 3.38 31.37 -20.90
CA SER B 240 2.71 32.59 -21.33
C SER B 240 2.22 33.40 -20.14
N ILE B 241 1.60 32.76 -19.16
CA ILE B 241 1.09 33.52 -18.01
C ILE B 241 2.23 34.10 -17.20
N PHE B 242 3.33 33.34 -17.05
CA PHE B 242 4.49 33.87 -16.34
C PHE B 242 5.06 35.10 -17.04
N ILE B 243 5.22 35.01 -18.36
CA ILE B 243 5.78 36.15 -19.11
C ILE B 243 4.84 37.34 -19.05
N SER B 244 3.53 37.10 -19.14
CA SER B 244 2.56 38.19 -19.09
C SER B 244 2.61 38.90 -17.74
N THR B 245 2.63 38.13 -16.65
CA THR B 245 2.72 38.76 -15.33
C THR B 245 4.02 39.53 -15.17
N TRP B 246 5.13 38.96 -15.64
CA TRP B 246 6.42 39.62 -15.54
C TRP B 246 6.40 40.97 -16.27
N LEU B 247 5.94 40.97 -17.53
CA LEU B 247 5.92 42.19 -18.31
C LEU B 247 4.96 43.22 -17.73
N THR B 248 3.80 42.77 -17.24
CA THR B 248 2.83 43.71 -16.67
C THR B 248 3.38 44.38 -15.42
N ALA B 249 3.98 43.59 -14.52
CA ALA B 249 4.56 44.18 -13.32
C ALA B 249 5.70 45.12 -13.65
N ALA B 250 6.54 44.74 -14.63
CA ALA B 250 7.62 45.63 -15.04
C ALA B 250 7.07 46.94 -15.58
N GLY B 251 6.02 46.87 -16.40
CA GLY B 251 5.42 48.08 -16.92
C GLY B 251 4.87 48.97 -15.82
N PHE B 252 4.17 48.38 -14.85
CA PHE B 252 3.60 49.19 -13.77
C PHE B 252 4.69 49.85 -12.95
N ILE B 253 5.74 49.11 -12.61
CA ILE B 253 6.83 49.69 -11.81
C ILE B 253 7.53 50.79 -12.60
N HIS B 254 7.73 50.58 -13.90
CA HIS B 254 8.34 51.61 -14.73
C HIS B 254 7.50 52.88 -14.76
N LEU B 255 6.18 52.72 -14.91
CA LEU B 255 5.30 53.89 -14.92
C LEU B 255 5.35 54.62 -13.59
N VAL B 256 5.35 53.87 -12.48
CA VAL B 256 5.36 54.50 -11.17
C VAL B 256 6.67 55.23 -10.92
N GLU B 257 7.80 54.63 -11.34
CA GLU B 257 9.10 55.23 -11.05
C GLU B 257 9.39 56.42 -11.97
N ASN B 258 9.03 56.32 -13.25
CA ASN B 258 9.31 57.41 -14.17
C ASN B 258 8.56 58.68 -13.79
N SER B 259 7.30 58.56 -13.40
CA SER B 259 6.50 59.68 -12.94
C SER B 259 6.40 59.60 -11.41
N GLY B 260 7.14 60.47 -10.74
CA GLY B 260 7.22 60.46 -9.29
C GLY B 260 5.87 60.54 -8.58
N ASP B 261 5.87 60.23 -7.28
CA ASP B 261 4.64 60.26 -6.51
C ASP B 261 4.05 61.67 -6.50
N PRO B 262 2.72 61.81 -6.73
CA PRO B 262 2.09 63.11 -6.76
C PRO B 262 2.11 63.76 -5.38
N TRP B 263 2.39 63.01 -4.31
CA TRP B 263 2.37 63.73 -3.02
C TRP B 263 3.53 64.73 -2.88
N GLU B 264 4.52 64.73 -3.78
CA GLU B 264 5.59 65.76 -3.70
C GLU B 264 5.87 66.43 -5.06
N ASN B 265 4.87 66.99 -5.71
CA ASN B 265 4.98 67.84 -6.94
C ASN B 265 5.86 67.14 -7.95
N PHE B 266 5.88 65.81 -7.95
CA PHE B 266 6.59 65.11 -9.01
C PHE B 266 8.08 65.49 -9.04
N GLN B 267 8.71 65.40 -7.88
CA GLN B 267 10.13 65.69 -7.75
C GLN B 267 11.00 64.46 -7.57
N ASN B 268 10.40 63.28 -7.41
CA ASN B 268 11.13 62.03 -7.27
C ASN B 268 11.16 61.23 -8.57
N ASN B 269 11.22 61.92 -9.70
CA ASN B 269 11.21 61.27 -11.00
C ASN B 269 12.54 60.58 -11.24
N GLN B 270 12.56 59.26 -11.06
CA GLN B 270 13.76 58.47 -11.30
C GLN B 270 13.80 58.04 -12.75
N ALA B 271 14.87 58.42 -13.45
CA ALA B 271 15.00 58.16 -14.88
C ALA B 271 15.38 56.69 -15.07
N LEU B 272 14.37 55.85 -15.22
CA LEU B 272 14.55 54.42 -15.42
C LEU B 272 13.93 54.00 -16.74
N THR B 273 14.71 53.33 -17.58
CA THR B 273 14.19 52.79 -18.82
C THR B 273 13.33 51.57 -18.54
N TYR B 274 12.63 51.11 -19.58
CA TYR B 274 11.76 49.95 -19.40
C TYR B 274 12.56 48.65 -19.31
N TRP B 275 13.62 48.52 -20.11
CA TRP B 275 14.43 47.31 -20.07
C TRP B 275 15.11 47.15 -18.72
N GLU B 276 15.65 48.24 -18.17
CA GLU B 276 16.23 48.19 -16.84
C GLU B 276 15.17 47.85 -15.79
N CYS B 277 13.93 48.30 -16.00
CA CYS B 277 12.85 47.93 -15.09
C CYS B 277 12.56 46.44 -15.14
N VAL B 278 12.52 45.86 -16.34
CA VAL B 278 12.35 44.42 -16.48
C VAL B 278 13.48 43.69 -15.79
N TYR B 279 14.71 44.19 -15.94
CA TYR B 279 15.86 43.61 -15.26
C TYR B 279 15.68 43.66 -13.75
N LEU B 280 15.19 44.78 -13.23
CA LEU B 280 14.95 44.91 -11.80
C LEU B 280 13.93 43.88 -11.32
N LEU B 281 12.80 43.76 -12.03
CA LEU B 281 11.80 42.78 -11.64
C LEU B 281 12.35 41.37 -11.68
N MET B 282 13.21 41.06 -12.66
CA MET B 282 13.74 39.71 -12.76
C MET B 282 14.73 39.42 -11.65
N VAL B 283 15.62 40.37 -11.33
CA VAL B 283 16.57 40.14 -10.24
C VAL B 283 15.87 40.21 -8.89
N THR B 284 14.65 40.72 -8.83
CA THR B 284 13.90 40.68 -7.58
C THR B 284 13.17 39.34 -7.42
N MET B 285 12.52 38.87 -8.48
CA MET B 285 11.84 37.58 -8.41
C MET B 285 12.80 36.41 -8.27
N SER B 286 14.06 36.58 -8.62
CA SER B 286 15.06 35.56 -8.35
C SER B 286 15.58 35.62 -6.92
N THR B 287 15.14 36.60 -6.13
CA THR B 287 15.59 36.80 -4.75
C THR B 287 17.11 36.96 -4.68
N VAL B 288 17.67 37.60 -5.71
CA VAL B 288 19.10 37.88 -5.75
C VAL B 288 19.34 39.22 -5.09
N GLY B 289 18.73 40.27 -5.64
CA GLY B 289 18.77 41.57 -5.01
C GLY B 289 20.13 42.25 -5.03
N TYR B 290 20.58 42.66 -6.22
CA TYR B 290 21.82 43.42 -6.30
C TYR B 290 21.73 44.71 -5.52
N GLY B 291 20.61 45.42 -5.65
CA GLY B 291 20.34 46.59 -4.85
C GLY B 291 20.96 47.89 -5.31
N ASP B 292 21.61 47.91 -6.48
CA ASP B 292 22.08 49.16 -7.03
C ASP B 292 21.03 49.86 -7.88
N VAL B 293 20.13 49.10 -8.48
CA VAL B 293 18.96 49.63 -9.16
C VAL B 293 17.75 49.21 -8.35
N TYR B 294 17.02 50.19 -7.82
CA TYR B 294 15.97 49.90 -6.86
C TYR B 294 14.93 51.02 -6.89
N ALA B 295 13.76 50.72 -6.33
CA ALA B 295 12.68 51.69 -6.27
C ALA B 295 12.97 52.74 -5.21
N LYS B 296 12.66 54.00 -5.52
CA LYS B 296 12.84 55.10 -4.59
C LYS B 296 11.53 55.75 -4.16
N THR B 297 10.53 55.78 -5.01
CA THR B 297 9.26 56.39 -4.66
C THR B 297 8.49 55.52 -3.67
N THR B 298 7.62 56.15 -2.89
CA THR B 298 6.81 55.40 -1.94
C THR B 298 5.87 54.43 -2.63
N LEU B 299 5.22 54.88 -3.71
CA LEU B 299 4.36 53.98 -4.47
C LEU B 299 5.15 52.84 -5.08
N GLY B 300 6.34 53.15 -5.61
CA GLY B 300 7.18 52.11 -6.19
C GLY B 300 7.56 51.05 -5.17
N ARG B 301 7.99 51.49 -3.98
CA ARG B 301 8.37 50.54 -2.93
C ARG B 301 7.17 49.74 -2.44
N LEU B 302 6.01 50.39 -2.30
CA LEU B 302 4.82 49.67 -1.85
C LEU B 302 4.42 48.59 -2.86
N PHE B 303 4.43 48.94 -4.15
CA PHE B 303 4.09 47.92 -5.14
C PHE B 303 5.18 46.87 -5.25
N MET B 304 6.44 47.24 -4.98
CA MET B 304 7.49 46.23 -4.95
C MET B 304 7.25 45.21 -3.86
N VAL B 305 6.84 45.68 -2.68
CA VAL B 305 6.48 44.77 -1.59
C VAL B 305 5.31 43.88 -2.00
N PHE B 306 4.24 44.50 -2.51
CA PHE B 306 3.06 43.73 -2.89
C PHE B 306 3.37 42.71 -3.97
N PHE B 307 4.16 43.10 -4.97
CA PHE B 307 4.47 42.16 -6.05
C PHE B 307 5.45 41.10 -5.60
N ILE B 308 6.36 41.39 -4.68
CA ILE B 308 7.19 40.34 -4.11
C ILE B 308 6.32 39.28 -3.46
N LEU B 309 5.39 39.73 -2.62
CA LEU B 309 4.50 38.78 -1.94
C LEU B 309 3.68 37.98 -2.95
N GLY B 310 3.08 38.68 -3.92
CA GLY B 310 2.22 38.01 -4.88
C GLY B 310 2.97 37.06 -5.79
N GLY B 311 4.16 37.45 -6.24
CA GLY B 311 4.95 36.59 -7.10
C GLY B 311 5.44 35.35 -6.39
N LEU B 312 5.89 35.50 -5.15
CA LEU B 312 6.25 34.30 -4.37
C LEU B 312 5.03 33.41 -4.16
N ALA B 313 3.87 34.01 -3.88
CA ALA B 313 2.67 33.21 -3.68
C ALA B 313 2.29 32.45 -4.95
N MET B 314 2.34 33.12 -6.11
CA MET B 314 1.93 32.47 -7.35
C MET B 314 2.95 31.41 -7.77
N PHE B 315 4.24 31.66 -7.54
CA PHE B 315 5.23 30.63 -7.83
C PHE B 315 5.03 29.43 -6.93
N ALA B 316 4.73 29.66 -5.65
CA ALA B 316 4.45 28.56 -4.73
C ALA B 316 3.21 27.78 -5.17
N SER B 317 2.19 28.49 -5.67
CA SER B 317 1.01 27.81 -6.18
C SER B 317 1.34 26.95 -7.40
N TYR B 318 2.19 27.46 -8.29
CA TYR B 318 2.49 26.77 -9.54
C TYR B 318 3.61 25.74 -9.41
N VAL B 319 4.26 25.63 -8.26
CA VAL B 319 5.30 24.62 -8.02
C VAL B 319 4.96 23.25 -8.59
N PRO B 320 3.81 22.62 -8.25
CA PRO B 320 3.59 21.24 -8.71
C PRO B 320 3.59 21.09 -10.23
N GLU B 321 2.99 22.04 -10.95
CA GLU B 321 2.96 21.94 -12.41
C GLU B 321 4.37 22.04 -13.00
N ILE B 322 5.17 22.97 -12.48
CA ILE B 322 6.55 23.11 -12.92
C ILE B 322 7.33 21.83 -12.62
N ILE B 323 7.06 21.21 -11.47
CA ILE B 323 7.73 19.95 -11.14
C ILE B 323 7.36 18.86 -12.15
N GLU B 324 6.06 18.73 -12.45
CA GLU B 324 5.61 17.58 -13.21
C GLU B 324 5.87 17.68 -14.71
N LEU B 325 5.64 18.83 -15.34
CA LEU B 325 5.71 18.89 -16.80
C LEU B 325 7.14 18.73 -17.31
N ILE B 326 8.12 19.33 -16.63
CA ILE B 326 9.51 19.04 -16.99
C ILE B 326 9.85 17.59 -16.65
N GLY B 327 9.28 17.05 -15.57
CA GLY B 327 9.58 15.68 -15.18
C GLY B 327 9.10 14.65 -16.18
N ASN B 328 8.12 14.99 -17.02
CA ASN B 328 7.53 14.05 -17.96
C ASN B 328 7.88 14.47 -19.39
N ARG B 329 8.33 13.50 -20.18
CA ARG B 329 8.64 13.72 -21.59
C ARG B 329 8.64 12.37 -22.30
N LYS B 330 8.78 12.40 -23.62
CA LYS B 330 8.88 11.17 -24.39
C LYS B 330 10.23 10.50 -24.15
N LYS B 331 10.25 9.53 -23.25
CA LYS B 331 11.52 8.97 -22.79
C LYS B 331 12.25 8.21 -23.90
N TYR B 332 11.54 7.30 -24.57
CA TYR B 332 12.18 6.42 -25.54
C TYR B 332 11.43 6.32 -26.86
N GLY B 333 10.34 7.07 -27.03
CA GLY B 333 9.61 7.07 -28.28
C GLY B 333 10.45 7.52 -29.46
N GLY B 334 10.49 6.71 -30.51
CA GLY B 334 11.31 7.05 -31.66
C GLY B 334 11.38 5.90 -32.63
N SER B 335 12.30 6.01 -33.58
CA SER B 335 12.50 5.03 -34.63
C SER B 335 13.90 4.43 -34.52
N TYR B 336 14.23 3.55 -35.46
CA TYR B 336 15.51 2.87 -35.51
C TYR B 336 16.22 3.23 -36.80
N SER B 337 17.54 3.39 -36.73
CA SER B 337 18.36 3.74 -37.88
C SER B 337 18.76 2.46 -38.59
N ALA B 338 18.17 2.22 -39.77
CA ALA B 338 18.44 1.00 -40.54
C ALA B 338 19.79 1.15 -41.25
N VAL B 339 20.85 0.84 -40.51
CA VAL B 339 22.20 0.92 -41.05
C VAL B 339 22.46 -0.33 -41.88
N SER B 340 22.89 -0.13 -43.13
CA SER B 340 23.23 -1.26 -43.99
C SER B 340 24.47 -1.96 -43.48
N GLY B 341 24.53 -3.27 -43.73
CA GLY B 341 25.63 -4.06 -43.20
C GLY B 341 25.61 -4.27 -41.71
N ARG B 342 24.52 -3.89 -41.04
CA ARG B 342 24.39 -3.99 -39.59
C ARG B 342 23.07 -4.71 -39.30
N LYS B 343 23.12 -6.04 -39.28
CA LYS B 343 21.93 -6.82 -39.00
C LYS B 343 21.51 -6.65 -37.55
N HIS B 344 20.20 -6.53 -37.33
CA HIS B 344 19.66 -6.26 -36.01
C HIS B 344 18.63 -7.32 -35.64
N ILE B 345 18.50 -7.56 -34.34
CA ILE B 345 17.55 -8.48 -33.78
C ILE B 345 16.76 -7.77 -32.69
N VAL B 346 15.58 -8.31 -32.38
CA VAL B 346 14.66 -7.72 -31.43
C VAL B 346 14.48 -8.67 -30.26
N VAL B 347 14.63 -8.16 -29.04
CA VAL B 347 14.45 -8.93 -27.83
C VAL B 347 13.31 -8.30 -27.05
N CYS B 348 12.23 -9.07 -26.87
CA CYS B 348 11.04 -8.61 -26.16
C CYS B 348 10.50 -9.72 -25.28
N GLY B 349 9.79 -9.32 -24.23
CA GLY B 349 9.20 -10.28 -23.32
C GLY B 349 9.35 -9.88 -21.87
N HIS B 350 9.88 -10.79 -21.05
CA HIS B 350 10.11 -10.50 -19.63
C HIS B 350 11.43 -9.76 -19.51
N ILE B 351 11.36 -8.44 -19.62
CA ILE B 351 12.53 -7.57 -19.58
C ILE B 351 12.74 -7.17 -18.13
N THR B 352 13.70 -7.81 -17.47
CA THR B 352 14.06 -7.50 -16.09
C THR B 352 15.58 -7.38 -16.01
N LEU B 353 16.05 -6.81 -14.89
CA LEU B 353 17.47 -6.58 -14.73
C LEU B 353 18.25 -7.88 -14.80
N GLU B 354 17.77 -8.91 -14.10
CA GLU B 354 18.50 -10.18 -14.07
C GLU B 354 18.51 -10.86 -15.43
N SER B 355 17.34 -10.97 -16.06
CA SER B 355 17.25 -11.66 -17.34
C SER B 355 18.04 -10.93 -18.42
N VAL B 356 17.89 -9.60 -18.49
CA VAL B 356 18.62 -8.84 -19.49
C VAL B 356 20.11 -8.88 -19.22
N SER B 357 20.51 -8.87 -17.94
CA SER B 357 21.93 -8.96 -17.61
C SER B 357 22.52 -10.28 -18.08
N ASN B 358 21.81 -11.39 -17.80
CA ASN B 358 22.30 -12.69 -18.24
C ASN B 358 22.36 -12.78 -19.76
N PHE B 359 21.32 -12.29 -20.43
CA PHE B 359 21.31 -12.35 -21.89
C PHE B 359 22.42 -11.52 -22.49
N LEU B 360 22.67 -10.33 -21.93
CA LEU B 360 23.76 -9.49 -22.44
C LEU B 360 25.10 -10.14 -22.20
N LYS B 361 25.30 -10.74 -21.03
CA LYS B 361 26.58 -11.39 -20.74
C LYS B 361 26.83 -12.57 -21.68
N ALA B 362 25.80 -13.39 -21.90
CA ALA B 362 25.98 -14.57 -22.75
C ALA B 362 26.12 -14.17 -24.22
N PHE B 363 25.28 -13.25 -24.70
CA PHE B 363 25.28 -12.88 -26.10
C PHE B 363 26.54 -12.10 -26.48
N LEU B 364 26.90 -11.09 -25.68
CA LEU B 364 28.06 -10.26 -25.96
C LEU B 364 29.30 -10.91 -25.37
N HIS B 365 29.65 -12.06 -25.95
CA HIS B 365 30.83 -12.80 -25.51
C HIS B 365 32.08 -12.15 -26.12
N LYS B 366 33.01 -11.77 -25.24
CA LYS B 366 34.22 -11.09 -25.71
C LYS B 366 35.07 -12.02 -26.57
N ALA B 367 35.17 -13.28 -26.19
CA ALA B 367 35.96 -14.26 -26.94
C ALA B 367 35.25 -14.79 -28.17
N ARG B 368 34.18 -14.13 -28.60
CA ARG B 368 33.43 -14.53 -29.79
C ARG B 368 33.79 -13.61 -30.94
N ASP B 369 34.04 -14.19 -32.11
CA ASP B 369 34.34 -13.39 -33.29
C ASP B 369 33.19 -12.45 -33.60
N ASP B 370 33.53 -11.21 -33.97
CA ASP B 370 32.53 -10.16 -34.17
C ASP B 370 31.69 -10.49 -35.39
N VAL B 371 30.45 -10.94 -35.17
CA VAL B 371 29.51 -11.15 -36.25
C VAL B 371 28.89 -9.84 -36.72
N ASN B 372 29.09 -8.76 -35.96
CA ASN B 372 28.64 -7.42 -36.33
C ASN B 372 27.11 -7.36 -36.41
N VAL B 373 26.46 -7.71 -35.30
CA VAL B 373 25.00 -7.75 -35.21
C VAL B 373 24.53 -6.68 -34.23
N GLU B 374 23.52 -5.92 -34.67
CA GLU B 374 22.85 -4.94 -33.82
C GLU B 374 21.90 -5.64 -32.85
N ILE B 375 21.72 -5.03 -31.68
CA ILE B 375 20.80 -5.52 -30.67
C ILE B 375 19.84 -4.41 -30.30
N VAL B 376 18.53 -4.70 -30.38
CA VAL B 376 17.49 -3.72 -30.09
C VAL B 376 16.51 -4.35 -29.10
N PHE B 377 16.06 -3.54 -28.14
CA PHE B 377 15.10 -3.99 -27.13
C PHE B 377 13.76 -3.31 -27.35
N LEU B 378 12.73 -3.85 -26.69
CA LEU B 378 11.38 -3.30 -26.80
C LEU B 378 10.57 -3.79 -25.61
N HIS B 379 10.14 -2.87 -24.75
CA HIS B 379 9.32 -3.21 -23.60
C HIS B 379 8.60 -1.96 -23.13
N ASN B 380 7.50 -2.18 -22.39
CA ASN B 380 6.66 -1.09 -21.92
C ASN B 380 7.00 -0.64 -20.50
N ILE B 381 8.04 -1.21 -19.89
CA ILE B 381 8.48 -0.83 -18.55
C ILE B 381 9.87 -0.22 -18.68
N SER B 382 10.08 0.89 -17.96
CA SER B 382 11.36 1.59 -18.02
C SER B 382 12.46 0.72 -17.40
N PRO B 383 13.67 0.74 -17.97
CA PRO B 383 14.74 -0.12 -17.46
C PRO B 383 15.48 0.48 -16.27
N ASN B 384 16.53 -0.20 -15.82
CA ASN B 384 17.37 0.28 -14.72
C ASN B 384 18.56 1.05 -15.26
N LEU B 385 19.21 1.79 -14.37
CA LEU B 385 20.31 2.66 -14.79
C LEU B 385 21.56 1.85 -15.13
N GLU B 386 21.84 0.80 -14.37
CA GLU B 386 23.00 -0.04 -14.67
C GLU B 386 22.81 -0.79 -15.99
N LEU B 387 21.58 -1.17 -16.32
CA LEU B 387 21.32 -1.75 -17.63
C LEU B 387 21.69 -0.77 -18.74
N GLU B 388 21.33 0.50 -18.57
CA GLU B 388 21.72 1.52 -19.54
C GLU B 388 23.23 1.72 -19.55
N ALA B 389 23.89 1.57 -18.41
CA ALA B 389 25.34 1.67 -18.36
C ALA B 389 25.99 0.57 -19.20
N LEU B 390 25.51 -0.66 -19.05
CA LEU B 390 25.99 -1.75 -19.91
C LEU B 390 25.61 -1.50 -21.37
N PHE B 391 24.47 -0.87 -21.62
CA PHE B 391 24.08 -0.51 -22.98
C PHE B 391 25.11 0.42 -23.61
N LYS B 392 25.51 1.46 -22.90
CA LYS B 392 26.47 2.41 -23.46
C LYS B 392 27.90 1.91 -23.39
N ARG B 393 28.18 0.88 -22.58
CA ARG B 393 29.49 0.22 -22.67
C ARG B 393 29.66 -0.41 -24.05
N HIS B 394 28.69 -1.22 -24.47
CA HIS B 394 28.59 -1.70 -25.84
C HIS B 394 27.66 -0.79 -26.64
N PHE B 395 27.93 0.50 -26.61
CA PHE B 395 27.05 1.48 -27.25
C PHE B 395 26.99 1.29 -28.76
N THR B 396 28.01 0.65 -29.33
CA THR B 396 28.04 0.46 -30.78
C THR B 396 26.94 -0.47 -31.26
N GLN B 397 26.61 -1.51 -30.48
CA GLN B 397 25.67 -2.52 -30.94
C GLN B 397 24.45 -2.72 -30.03
N VAL B 398 24.24 -1.88 -29.03
CA VAL B 398 23.13 -2.05 -28.10
C VAL B 398 22.38 -0.74 -27.95
N GLU B 399 21.05 -0.82 -27.89
CA GLU B 399 20.20 0.32 -27.58
C GLU B 399 18.86 -0.19 -27.06
N PHE B 400 18.02 0.75 -26.61
CA PHE B 400 16.78 0.42 -25.91
C PHE B 400 15.65 1.28 -26.48
N TYR B 401 14.42 0.77 -26.30
CA TYR B 401 13.23 1.47 -26.78
C TYR B 401 12.06 1.17 -25.86
N GLN B 402 10.99 1.94 -26.02
CA GLN B 402 9.75 1.77 -25.26
C GLN B 402 8.60 1.49 -26.21
N GLY B 403 7.73 0.57 -25.83
CA GLY B 403 6.58 0.24 -26.64
C GLY B 403 5.99 -1.09 -26.23
N SER B 404 5.06 -1.56 -27.05
CA SER B 404 4.38 -2.84 -26.85
C SER B 404 4.55 -3.67 -28.11
N VAL B 405 5.07 -4.89 -27.96
CA VAL B 405 5.31 -5.77 -29.10
C VAL B 405 4.00 -6.11 -29.82
N LEU B 406 2.87 -6.08 -29.12
CA LEU B 406 1.60 -6.41 -29.74
C LEU B 406 1.18 -5.38 -30.77
N ASN B 407 1.55 -4.11 -30.57
CA ASN B 407 1.13 -3.05 -31.49
C ASN B 407 1.95 -3.10 -32.76
N PRO B 408 1.32 -3.20 -33.94
CA PRO B 408 2.08 -3.21 -35.19
C PRO B 408 2.93 -1.95 -35.40
N HIS B 409 2.46 -0.79 -34.93
CA HIS B 409 3.23 0.44 -35.10
C HIS B 409 4.55 0.37 -34.33
N ASP B 410 4.53 -0.20 -33.13
CA ASP B 410 5.76 -0.36 -32.37
C ASP B 410 6.74 -1.28 -33.09
N LEU B 411 6.23 -2.37 -33.68
CA LEU B 411 7.10 -3.25 -34.47
C LEU B 411 7.68 -2.51 -35.67
N ALA B 412 6.86 -1.67 -36.32
CA ALA B 412 7.35 -0.87 -37.44
C ALA B 412 8.44 0.10 -36.99
N ARG B 413 8.35 0.57 -35.76
CA ARG B 413 9.42 1.47 -35.27
C ARG B 413 10.77 0.75 -35.24
N VAL B 414 10.79 -0.48 -34.68
CA VAL B 414 12.04 -1.28 -34.46
C VAL B 414 12.41 -2.00 -35.75
N LYS B 415 11.62 -1.86 -36.80
CA LYS B 415 11.96 -2.43 -38.11
C LYS B 415 12.06 -3.96 -38.14
N ILE B 416 11.00 -4.66 -37.75
CA ILE B 416 10.96 -6.15 -37.82
C ILE B 416 11.15 -6.68 -39.25
N GLU B 417 10.67 -5.99 -40.28
CA GLU B 417 10.76 -6.53 -41.66
C GLU B 417 12.22 -6.58 -42.07
N SER B 418 13.07 -5.87 -41.35
CA SER B 418 14.50 -5.84 -41.64
C SER B 418 15.31 -6.63 -40.61
N ALA B 419 14.68 -6.98 -39.47
CA ALA B 419 15.38 -7.69 -38.41
C ALA B 419 15.76 -9.10 -38.83
N ASP B 420 16.91 -9.58 -38.37
CA ASP B 420 17.36 -10.94 -38.68
C ASP B 420 16.58 -11.99 -37.91
N ALA B 421 16.30 -11.73 -36.63
CA ALA B 421 15.58 -12.68 -35.79
C ALA B 421 14.93 -11.93 -34.65
N CYS B 422 13.94 -12.57 -34.04
CA CYS B 422 13.23 -12.02 -32.89
C CYS B 422 13.38 -12.97 -31.72
N LEU B 423 13.95 -12.48 -30.62
CA LEU B 423 14.18 -13.27 -29.42
C LEU B 423 13.12 -12.92 -28.38
N ILE B 424 12.52 -13.94 -27.78
CA ILE B 424 11.48 -13.75 -26.77
C ILE B 424 11.92 -14.47 -25.50
N LEU B 425 12.17 -13.70 -24.45
CA LEU B 425 12.44 -14.26 -23.15
C LEU B 425 11.13 -14.52 -22.41
N ALA B 426 11.21 -15.35 -21.38
CA ALA B 426 10.03 -15.77 -20.64
C ALA B 426 10.22 -15.50 -19.15
N ASN B 427 9.11 -15.26 -18.47
CA ASN B 427 9.09 -15.08 -17.03
C ASN B 427 8.96 -16.46 -16.39
N LYS B 428 10.10 -17.13 -16.22
CA LYS B 428 10.10 -18.45 -15.61
C LYS B 428 9.57 -18.41 -14.18
N TYR B 429 9.61 -17.24 -13.58
CA TYR B 429 9.13 -17.11 -12.18
C TYR B 429 7.73 -16.51 -12.23
N CYS B 430 6.80 -17.16 -12.93
CA CYS B 430 5.46 -16.54 -13.12
C CYS B 430 4.33 -17.45 -12.71
N ALA B 431 3.39 -16.97 -11.90
CA ALA B 431 2.24 -17.83 -11.58
C ALA B 431 1.49 -18.26 -12.85
N ASP B 432 0.84 -19.42 -12.81
CA ASP B 432 0.12 -20.01 -13.98
C ASP B 432 1.07 -20.00 -15.18
N PRO B 433 2.08 -20.89 -15.29
CA PRO B 433 2.87 -20.97 -16.53
C PRO B 433 2.04 -20.86 -17.79
N ASP B 434 0.79 -21.34 -17.78
CA ASP B 434 -0.04 -21.29 -18.98
C ASP B 434 -0.28 -19.85 -19.42
N ALA B 435 -0.41 -18.93 -18.45
CA ALA B 435 -0.69 -17.53 -18.80
C ALA B 435 0.43 -16.92 -19.61
N GLU B 436 1.68 -17.04 -19.14
CA GLU B 436 2.80 -16.46 -19.86
C GLU B 436 3.14 -17.26 -21.11
N ASP B 437 2.87 -18.56 -21.12
CA ASP B 437 3.00 -19.32 -22.35
C ASP B 437 2.06 -18.80 -23.43
N ALA B 438 0.80 -18.57 -23.07
CA ALA B 438 -0.16 -18.01 -24.03
C ALA B 438 0.23 -16.60 -24.43
N SER B 439 0.76 -15.83 -23.47
CA SER B 439 1.22 -14.48 -23.80
C SER B 439 2.33 -14.50 -24.84
N ASN B 440 3.29 -15.41 -24.66
CA ASN B 440 4.38 -15.52 -25.64
C ASN B 440 3.85 -16.01 -26.98
N ILE B 441 2.88 -16.93 -26.96
CA ILE B 441 2.27 -17.38 -28.22
C ILE B 441 1.61 -16.20 -28.93
N MET B 442 0.90 -15.36 -28.17
CA MET B 442 0.24 -14.20 -28.77
C MET B 442 1.26 -13.22 -29.33
N ARG B 443 2.37 -13.02 -28.61
CA ARG B 443 3.45 -12.18 -29.14
C ARG B 443 3.98 -12.72 -30.46
N VAL B 444 4.17 -14.04 -30.53
CA VAL B 444 4.61 -14.67 -31.77
C VAL B 444 3.57 -14.44 -32.87
N ILE B 445 2.29 -14.55 -32.53
CA ILE B 445 1.23 -14.33 -33.51
C ILE B 445 1.30 -12.93 -34.07
N SER B 446 1.44 -11.94 -33.19
CA SER B 446 1.50 -10.56 -33.63
C SER B 446 2.72 -10.31 -34.52
N ILE B 447 3.89 -10.82 -34.11
CA ILE B 447 5.10 -10.59 -34.88
C ILE B 447 5.00 -11.25 -36.24
N LYS B 448 4.50 -12.48 -36.29
CA LYS B 448 4.38 -13.18 -37.56
C LYS B 448 3.35 -12.53 -38.47
N ASN B 449 2.24 -12.06 -37.89
CA ASN B 449 1.22 -11.41 -38.70
C ASN B 449 1.72 -10.09 -39.29
N TYR B 450 2.44 -9.30 -38.48
CA TYR B 450 3.03 -8.08 -39.02
C TYR B 450 4.08 -8.38 -40.09
N HIS B 451 4.90 -9.41 -39.86
CA HIS B 451 5.91 -9.82 -40.82
C HIS B 451 6.06 -11.33 -40.77
N PRO B 452 5.75 -12.05 -41.85
CA PRO B 452 5.74 -13.51 -41.82
C PRO B 452 7.04 -14.18 -42.24
N LYS B 453 8.08 -13.43 -42.58
CA LYS B 453 9.35 -14.01 -43.04
C LYS B 453 10.49 -13.69 -42.10
N ILE B 454 10.23 -13.79 -40.79
CA ILE B 454 11.23 -13.56 -39.76
C ILE B 454 11.29 -14.78 -38.86
N ARG B 455 12.50 -15.21 -38.52
CA ARG B 455 12.69 -16.35 -37.63
C ARG B 455 12.57 -15.88 -36.19
N ILE B 456 11.88 -16.67 -35.38
CA ILE B 456 11.57 -16.32 -33.99
C ILE B 456 12.11 -17.42 -33.09
N ILE B 457 12.85 -17.04 -32.05
CA ILE B 457 13.30 -17.95 -31.02
C ILE B 457 12.69 -17.49 -29.71
N THR B 458 11.87 -18.34 -29.10
CA THR B 458 11.14 -17.98 -27.89
C THR B 458 11.35 -19.03 -26.81
N GLN B 459 11.38 -18.56 -25.56
CA GLN B 459 11.42 -19.45 -24.41
C GLN B 459 10.02 -19.96 -24.11
N MET B 460 9.96 -21.11 -23.44
CA MET B 460 8.70 -21.76 -23.14
C MET B 460 8.80 -22.46 -21.79
N LEU B 461 7.66 -22.68 -21.16
CA LEU B 461 7.62 -23.25 -19.82
C LEU B 461 7.01 -24.65 -19.76
N GLN B 462 6.09 -24.98 -20.66
CA GLN B 462 5.48 -26.31 -20.70
C GLN B 462 5.61 -26.87 -22.10
N TYR B 463 5.09 -28.08 -22.30
CA TYR B 463 5.30 -28.82 -23.54
C TYR B 463 4.18 -28.65 -24.56
N HIS B 464 2.92 -28.76 -24.13
CA HIS B 464 1.80 -28.62 -25.06
C HIS B 464 1.77 -27.24 -25.71
N ASN B 465 2.36 -26.24 -25.06
CA ASN B 465 2.47 -24.93 -25.69
C ASN B 465 3.34 -24.96 -26.93
N LYS B 466 4.23 -25.95 -27.06
CA LYS B 466 4.97 -26.10 -28.31
C LYS B 466 4.04 -26.50 -29.45
N ALA B 467 3.09 -27.40 -29.21
CA ALA B 467 2.09 -27.70 -30.22
C ALA B 467 1.24 -26.47 -30.51
N HIS B 468 0.86 -25.73 -29.46
CA HIS B 468 0.16 -24.48 -29.65
C HIS B 468 0.91 -23.56 -30.60
N LEU B 469 2.23 -23.46 -30.42
CA LEU B 469 3.07 -22.67 -31.31
C LEU B 469 3.05 -23.25 -32.73
N LEU B 470 3.07 -24.57 -32.84
CA LEU B 470 3.03 -25.21 -34.15
C LEU B 470 1.73 -24.92 -34.87
N ASN B 471 0.66 -24.58 -34.14
CA ASN B 471 -0.61 -24.26 -34.77
C ASN B 471 -0.52 -23.04 -35.69
N ILE B 472 0.51 -22.21 -35.54
CA ILE B 472 0.58 -20.96 -36.32
C ILE B 472 0.78 -21.30 -37.79
N PRO B 473 -0.02 -20.74 -38.70
CA PRO B 473 0.16 -21.06 -40.13
C PRO B 473 1.51 -20.64 -40.69
N SER B 474 2.07 -19.53 -40.24
CA SER B 474 3.32 -19.01 -40.79
C SER B 474 4.55 -19.51 -40.04
N TRP B 475 4.37 -20.24 -38.95
CA TRP B 475 5.50 -20.77 -38.18
C TRP B 475 6.11 -21.95 -38.93
N ASN B 476 7.36 -21.79 -39.37
CA ASN B 476 8.05 -22.85 -40.14
C ASN B 476 9.34 -23.25 -39.43
N TRP B 477 9.33 -24.40 -38.74
CA TRP B 477 10.53 -24.82 -37.98
C TRP B 477 11.67 -25.05 -38.94
N LYS B 478 11.39 -25.65 -40.09
CA LYS B 478 12.46 -26.00 -41.03
C LYS B 478 13.16 -24.74 -41.55
N GLU B 479 12.66 -23.54 -41.26
CA GLU B 479 13.39 -22.33 -41.65
C GLU B 479 14.28 -21.79 -40.54
N GLY B 480 14.09 -22.22 -39.30
CA GLY B 480 14.93 -21.75 -38.22
C GLY B 480 14.16 -21.24 -37.02
N ASP B 481 12.86 -21.53 -36.97
CA ASP B 481 12.02 -21.15 -35.84
C ASP B 481 12.11 -22.23 -34.77
N ASP B 482 12.39 -21.80 -33.54
CA ASP B 482 12.62 -22.73 -32.44
C ASP B 482 11.86 -22.27 -31.20
N ALA B 483 11.55 -23.24 -30.33
CA ALA B 483 10.88 -22.98 -29.07
C ALA B 483 11.66 -23.72 -27.97
N ILE B 484 12.39 -22.97 -27.15
CA ILE B 484 13.23 -23.55 -26.11
C ILE B 484 12.34 -23.75 -24.89
N CYS B 485 11.78 -24.96 -24.77
CA CYS B 485 11.01 -25.31 -23.58
C CYS B 485 11.96 -25.62 -22.44
N LEU B 486 11.89 -24.82 -21.38
CA LEU B 486 12.85 -24.95 -20.30
C LEU B 486 12.62 -26.23 -19.50
N ALA B 487 11.34 -26.57 -19.24
CA ALA B 487 11.04 -27.71 -18.38
C ALA B 487 11.52 -29.01 -19.00
N GLU B 488 11.20 -29.25 -20.28
CA GLU B 488 11.56 -30.52 -20.87
C GLU B 488 13.07 -30.65 -21.07
N LEU B 489 13.76 -29.56 -21.43
CA LEU B 489 15.20 -29.62 -21.54
C LEU B 489 15.86 -29.86 -20.19
N LYS B 490 15.41 -29.18 -19.15
CA LYS B 490 16.02 -29.38 -17.84
C LYS B 490 15.77 -30.80 -17.32
N LEU B 491 14.57 -31.34 -17.54
CA LEU B 491 14.31 -32.69 -17.08
C LEU B 491 15.04 -33.73 -17.92
N GLY B 492 15.24 -33.45 -19.22
CA GLY B 492 16.07 -34.33 -20.02
C GLY B 492 17.51 -34.31 -19.58
N PHE B 493 18.02 -33.13 -19.19
CA PHE B 493 19.37 -33.05 -18.63
C PHE B 493 19.47 -33.85 -17.34
N ILE B 494 18.45 -33.74 -16.48
CA ILE B 494 18.44 -34.52 -15.24
C ILE B 494 18.45 -36.01 -15.54
N ALA B 495 17.63 -36.44 -16.49
CA ALA B 495 17.58 -37.87 -16.83
C ALA B 495 18.90 -38.36 -17.41
N GLN B 496 19.53 -37.55 -18.26
CA GLN B 496 20.81 -37.95 -18.83
C GLN B 496 21.90 -38.00 -17.77
N SER B 497 21.86 -37.08 -16.79
CA SER B 497 22.79 -37.18 -15.68
C SER B 497 22.49 -38.40 -14.82
N CYS B 498 21.22 -38.80 -14.74
CA CYS B 498 20.88 -40.05 -14.06
C CYS B 498 21.49 -41.24 -14.79
N LEU B 499 21.47 -41.22 -16.12
CA LEU B 499 22.11 -42.29 -16.89
C LEU B 499 23.62 -42.26 -16.69
N ALA B 500 24.23 -41.08 -16.75
CA ALA B 500 25.66 -40.90 -16.56
C ALA B 500 25.88 -39.63 -15.75
N GLN B 501 26.33 -39.80 -14.52
CA GLN B 501 26.47 -38.66 -13.61
C GLN B 501 27.41 -37.60 -14.19
N GLY B 502 27.00 -36.34 -14.07
CA GLY B 502 27.80 -35.23 -14.54
C GLY B 502 27.60 -34.85 -15.98
N LEU B 503 26.63 -35.44 -16.68
CA LEU B 503 26.43 -35.09 -18.08
C LEU B 503 25.73 -33.74 -18.24
N SER B 504 24.97 -33.31 -17.23
CA SER B 504 24.31 -32.01 -17.31
C SER B 504 25.32 -30.88 -17.41
N THR B 505 26.27 -30.84 -16.48
CA THR B 505 27.34 -29.84 -16.57
C THR B 505 28.21 -30.06 -17.79
N MET B 506 28.34 -31.31 -18.25
CA MET B 506 29.04 -31.57 -19.49
C MET B 506 28.42 -30.81 -20.66
N LEU B 507 27.11 -30.95 -20.84
CA LEU B 507 26.43 -30.23 -21.90
C LEU B 507 26.44 -28.73 -21.67
N ALA B 508 26.24 -28.30 -20.41
CA ALA B 508 26.22 -26.87 -20.12
C ALA B 508 27.54 -26.21 -20.46
N ASN B 509 28.67 -26.89 -20.17
CA ASN B 509 29.97 -26.36 -20.52
C ASN B 509 30.27 -26.53 -22.00
N LEU B 510 29.65 -27.51 -22.67
CA LEU B 510 29.71 -27.55 -24.13
C LEU B 510 29.10 -26.30 -24.73
N PHE B 511 27.96 -25.87 -24.20
CA PHE B 511 27.28 -24.67 -24.69
C PHE B 511 27.74 -23.40 -23.99
N SER B 512 28.65 -23.51 -23.03
CA SER B 512 29.14 -22.34 -22.31
C SER B 512 30.11 -21.56 -23.19
N MET B 513 29.83 -20.27 -23.36
CA MET B 513 30.67 -19.39 -24.19
C MET B 513 31.74 -18.79 -23.30
N ARG B 514 32.75 -19.61 -22.99
CA ARG B 514 33.79 -19.27 -22.04
C ARG B 514 35.14 -19.19 -22.74
N SER B 515 35.89 -18.13 -22.47
CA SER B 515 37.26 -18.02 -22.96
C SER B 515 38.18 -18.96 -22.17
N PHE B 516 39.38 -19.16 -22.71
CA PHE B 516 40.37 -20.03 -22.09
C PHE B 516 41.00 -19.29 -20.92
N ILE B 517 40.54 -19.60 -19.70
CA ILE B 517 41.12 -19.07 -18.47
C ILE B 517 42.03 -20.13 -17.89
N LYS B 518 43.25 -19.74 -17.54
CA LYS B 518 44.26 -20.67 -17.04
C LYS B 518 44.63 -20.32 -15.61
N ILE B 519 44.90 -21.36 -14.82
CA ILE B 519 45.30 -21.21 -13.42
C ILE B 519 46.69 -21.80 -13.27
N GLU B 520 47.61 -21.01 -12.70
CA GLU B 520 49.01 -21.42 -12.60
C GLU B 520 49.18 -22.59 -11.64
N GLU B 521 48.58 -22.51 -10.47
CA GLU B 521 48.80 -23.52 -9.43
C GLU B 521 48.11 -24.84 -9.81
N ASP B 522 48.24 -25.82 -8.93
CA ASP B 522 47.74 -27.18 -9.17
C ASP B 522 46.47 -27.40 -8.36
N THR B 523 45.33 -27.23 -9.02
CA THR B 523 44.02 -27.50 -8.43
C THR B 523 43.15 -28.17 -9.49
N TRP B 524 42.02 -28.73 -9.04
CA TRP B 524 41.05 -29.24 -9.99
C TRP B 524 40.47 -28.14 -10.86
N GLN B 525 40.55 -26.89 -10.41
CA GLN B 525 40.10 -25.77 -11.23
C GLN B 525 40.89 -25.67 -12.52
N LYS B 526 42.17 -26.07 -12.51
CA LYS B 526 42.96 -26.03 -13.74
C LYS B 526 42.37 -26.93 -14.81
N TYR B 527 42.11 -28.19 -14.47
CA TYR B 527 41.52 -29.11 -15.45
C TYR B 527 40.09 -28.72 -15.78
N TYR B 528 39.34 -28.20 -14.81
CA TYR B 528 37.98 -27.78 -15.11
C TYR B 528 37.95 -26.62 -16.10
N LEU B 529 38.85 -25.64 -15.94
CA LEU B 529 38.93 -24.55 -16.89
C LEU B 529 39.48 -25.00 -18.23
N GLU B 530 40.34 -26.03 -18.23
CA GLU B 530 40.74 -26.62 -19.51
C GLU B 530 39.52 -27.20 -20.22
N GLY B 531 38.65 -27.89 -19.49
CA GLY B 531 37.48 -28.48 -20.10
C GLY B 531 36.46 -27.45 -20.56
N VAL B 532 36.24 -26.40 -19.75
CA VAL B 532 35.14 -25.48 -20.02
C VAL B 532 35.41 -24.59 -21.23
N SER B 533 36.68 -24.36 -21.57
CA SER B 533 37.00 -23.51 -22.72
C SER B 533 36.63 -24.15 -24.05
N ASN B 534 36.27 -25.44 -24.04
CA ASN B 534 35.93 -26.16 -25.26
C ASN B 534 34.44 -25.98 -25.54
N GLU B 535 34.12 -25.26 -26.60
CA GLU B 535 32.74 -25.04 -27.00
C GLU B 535 32.31 -26.15 -27.96
N MET B 536 31.15 -25.96 -28.60
CA MET B 536 30.60 -26.93 -29.54
C MET B 536 30.19 -26.21 -30.82
N TYR B 537 30.65 -26.71 -31.95
CA TYR B 537 30.37 -26.10 -33.25
C TYR B 537 29.81 -27.14 -34.21
N THR B 538 29.36 -26.66 -35.36
CA THR B 538 28.77 -27.52 -36.38
C THR B 538 29.17 -27.02 -37.76
N GLU B 539 29.58 -27.95 -38.62
CA GLU B 539 30.02 -27.63 -39.97
C GLU B 539 30.08 -28.90 -40.79
N TYR B 540 30.02 -28.75 -42.11
CA TYR B 540 30.03 -29.89 -43.01
C TYR B 540 31.46 -30.37 -43.23
N LEU B 541 31.65 -31.68 -43.13
CA LEU B 541 32.97 -32.28 -43.25
C LEU B 541 33.52 -32.11 -44.67
N SER B 542 34.80 -32.43 -44.82
CA SER B 542 35.52 -32.18 -46.07
C SER B 542 35.21 -33.27 -47.09
N SER B 543 35.85 -33.19 -48.26
CA SER B 543 35.67 -34.16 -49.32
C SER B 543 36.55 -35.39 -49.18
N ALA B 544 37.50 -35.38 -48.24
CA ALA B 544 38.38 -36.52 -48.02
C ALA B 544 37.68 -37.68 -47.34
N PHE B 545 36.36 -37.60 -47.14
CA PHE B 545 35.62 -38.62 -46.43
C PHE B 545 34.52 -39.27 -47.27
N VAL B 546 34.24 -38.74 -48.46
CA VAL B 546 33.08 -39.18 -49.22
C VAL B 546 33.21 -40.65 -49.62
N GLY B 547 32.07 -41.29 -49.83
CA GLY B 547 32.03 -42.68 -50.25
C GLY B 547 31.34 -43.59 -49.25
N LEU B 548 30.38 -43.04 -48.50
CA LEU B 548 29.64 -43.78 -47.48
C LEU B 548 30.58 -44.41 -46.45
N SER B 549 31.74 -43.78 -46.25
CA SER B 549 32.74 -44.26 -45.31
C SER B 549 33.06 -43.20 -44.26
N PHE B 550 32.10 -42.31 -44.00
CA PHE B 550 32.33 -41.23 -43.04
C PHE B 550 32.76 -41.75 -41.66
N PRO B 551 32.04 -42.68 -41.01
CA PRO B 551 32.46 -43.12 -39.67
C PRO B 551 33.79 -43.87 -39.70
N THR B 552 33.94 -44.76 -40.68
CA THR B 552 35.16 -45.57 -40.74
C THR B 552 36.39 -44.71 -40.99
N VAL B 553 36.29 -43.78 -41.94
CA VAL B 553 37.45 -42.95 -42.27
C VAL B 553 37.73 -41.94 -41.16
N CYS B 554 36.68 -41.35 -40.58
CA CYS B 554 36.89 -40.30 -39.58
C CYS B 554 37.66 -40.81 -38.37
N GLU B 555 37.54 -42.08 -38.02
CA GLU B 555 38.36 -42.65 -36.98
C GLU B 555 39.83 -42.56 -37.37
N LEU B 556 40.66 -42.20 -36.39
CA LEU B 556 42.10 -41.92 -36.51
C LEU B 556 42.33 -40.56 -37.18
N CYS B 557 41.29 -39.91 -37.69
CA CYS B 557 41.41 -38.56 -38.22
C CYS B 557 41.12 -37.50 -37.17
N PHE B 558 40.62 -37.89 -35.99
CA PHE B 558 40.43 -36.94 -34.90
C PHE B 558 41.77 -36.52 -34.30
N VAL B 559 42.68 -37.47 -34.12
CA VAL B 559 43.97 -37.16 -33.49
C VAL B 559 44.81 -36.27 -34.40
N LYS B 560 44.75 -36.51 -35.71
CA LYS B 560 45.57 -35.73 -36.64
C LYS B 560 45.05 -34.31 -36.81
N LEU B 561 43.80 -34.03 -36.46
CA LEU B 561 43.20 -32.73 -36.68
C LEU B 561 42.57 -32.12 -35.44
N LYS B 562 42.44 -32.86 -34.35
CA LYS B 562 41.92 -32.36 -33.07
C LYS B 562 40.47 -31.91 -33.20
N LEU B 563 39.61 -32.84 -33.61
CA LEU B 563 38.18 -32.61 -33.69
C LEU B 563 37.44 -33.81 -33.11
N LEU B 564 36.14 -33.59 -32.83
CA LEU B 564 35.25 -34.65 -32.38
C LEU B 564 33.91 -34.46 -33.06
N MET B 565 33.44 -35.49 -33.77
CA MET B 565 32.15 -35.44 -34.45
C MET B 565 31.24 -36.53 -33.90
N ILE B 566 29.96 -36.22 -33.78
CA ILE B 566 28.98 -37.16 -33.25
C ILE B 566 27.89 -37.42 -34.29
N SER B 581 19.80 -35.81 -43.33
CA SER B 581 18.96 -34.84 -42.64
C SER B 581 18.74 -35.23 -41.18
N ARG B 582 18.31 -36.47 -40.98
CA ARG B 582 18.06 -36.96 -39.62
C ARG B 582 19.37 -37.00 -38.84
N ILE B 583 19.32 -36.52 -37.60
CA ILE B 583 20.53 -36.28 -36.83
C ILE B 583 21.25 -37.61 -36.57
N LEU B 584 22.55 -37.63 -36.84
CA LEU B 584 23.38 -38.81 -36.64
C LEU B 584 24.11 -38.69 -35.31
N ILE B 585 23.87 -39.63 -34.41
CA ILE B 585 24.52 -39.67 -33.11
C ILE B 585 25.56 -40.79 -33.14
N ASN B 586 26.84 -40.42 -33.06
CA ASN B 586 27.95 -41.36 -33.09
C ASN B 586 27.84 -42.29 -34.29
N PRO B 587 28.06 -41.78 -35.51
CA PRO B 587 27.85 -42.61 -36.70
C PRO B 587 28.78 -43.82 -36.72
N GLY B 588 28.26 -44.94 -37.21
CA GLY B 588 29.04 -46.16 -37.31
C GLY B 588 28.96 -46.79 -38.67
N ASN B 589 30.11 -47.11 -39.25
CA ASN B 589 30.24 -47.72 -40.58
C ASN B 589 29.31 -47.07 -41.63
N GLY B 596 25.50 -38.31 -44.49
CA GLY B 596 24.61 -37.36 -45.11
C GLY B 596 24.24 -36.20 -44.21
N THR B 597 23.88 -36.51 -42.97
CA THR B 597 23.53 -35.48 -42.00
C THR B 597 24.75 -34.64 -41.65
N LEU B 598 24.51 -33.36 -41.34
CA LEU B 598 25.57 -32.44 -41.01
C LEU B 598 26.35 -32.93 -39.80
N GLY B 599 27.62 -32.51 -39.71
CA GLY B 599 28.50 -32.95 -38.65
C GLY B 599 28.67 -31.89 -37.56
N PHE B 600 28.68 -32.35 -36.31
CA PHE B 600 28.77 -31.46 -35.15
C PHE B 600 30.15 -31.62 -34.52
N PHE B 601 30.85 -30.50 -34.35
CA PHE B 601 32.27 -30.50 -34.02
C PHE B 601 32.50 -29.88 -32.65
N ILE B 602 33.30 -30.55 -31.83
CA ILE B 602 33.68 -30.05 -30.51
C ILE B 602 35.14 -29.59 -30.59
N ALA B 603 35.36 -28.30 -30.40
CA ALA B 603 36.70 -27.75 -30.48
C ALA B 603 36.76 -26.47 -29.65
N SER B 604 37.99 -26.03 -29.37
CA SER B 604 38.18 -24.83 -28.55
C SER B 604 37.62 -23.60 -29.24
N ASP B 605 37.83 -23.48 -30.55
CA ASP B 605 37.39 -22.31 -31.30
C ASP B 605 36.81 -22.79 -32.62
N ALA B 606 36.47 -21.83 -33.49
CA ALA B 606 35.84 -22.13 -34.77
C ALA B 606 36.85 -22.29 -35.90
N LYS B 607 38.09 -21.85 -35.72
CA LYS B 607 39.08 -21.97 -36.79
C LYS B 607 39.35 -23.43 -37.14
N GLU B 608 39.44 -24.29 -36.13
CA GLU B 608 39.64 -25.72 -36.40
C GLU B 608 38.43 -26.33 -37.07
N VAL B 609 37.23 -25.80 -36.77
CA VAL B 609 36.01 -26.34 -37.36
C VAL B 609 36.03 -26.17 -38.86
N LYS B 610 36.42 -24.98 -39.34
CA LYS B 610 36.56 -24.77 -40.78
C LYS B 610 37.84 -25.40 -41.33
N ARG B 611 38.86 -25.62 -40.49
CA ARG B 611 40.02 -26.39 -40.92
C ARG B 611 39.62 -27.80 -41.31
N ALA B 612 38.72 -28.40 -40.54
CA ALA B 612 38.30 -29.77 -40.80
C ALA B 612 37.65 -29.93 -42.18
N PHE B 613 37.17 -28.84 -42.77
CA PHE B 613 36.63 -28.87 -44.12
C PHE B 613 37.65 -28.41 -45.16
N PHE B 614 38.47 -27.41 -44.81
CA PHE B 614 39.46 -26.91 -45.75
C PHE B 614 40.60 -27.91 -45.93
N TYR B 615 41.09 -28.47 -44.83
CA TYR B 615 42.20 -29.42 -44.87
C TYR B 615 41.67 -30.76 -45.38
N CYS B 616 41.79 -30.97 -46.69
CA CYS B 616 41.27 -32.17 -47.34
C CYS B 616 42.36 -33.20 -47.62
N LYS B 617 43.41 -32.82 -48.35
CA LYS B 617 44.47 -33.72 -48.77
C LYS B 617 43.92 -34.94 -49.52
N LYS B 688 2.90 -54.93 -28.41
CA LYS B 688 2.75 -53.65 -27.72
C LYS B 688 3.95 -53.37 -26.83
N LYS B 689 5.09 -54.00 -27.14
CA LYS B 689 6.29 -53.76 -26.35
C LYS B 689 6.79 -52.34 -26.50
N TYR B 690 6.77 -51.81 -27.72
CA TYR B 690 7.20 -50.45 -28.01
C TYR B 690 6.00 -49.58 -28.38
N ASP B 691 6.27 -48.33 -28.74
CA ASP B 691 5.23 -47.38 -29.06
C ASP B 691 4.90 -47.43 -30.55
N SER B 692 4.06 -46.49 -31.01
CA SER B 692 3.65 -46.49 -32.41
C SER B 692 4.82 -46.25 -33.35
N THR B 693 5.68 -45.28 -33.01
CA THR B 693 6.84 -44.99 -33.83
C THR B 693 8.03 -45.88 -33.51
N GLY B 694 7.93 -46.72 -32.50
CA GLY B 694 9.04 -47.61 -32.14
C GLY B 694 10.30 -46.89 -31.73
N MET B 695 10.15 -45.79 -30.99
CA MET B 695 11.28 -44.98 -30.55
C MET B 695 11.55 -45.08 -29.05
N PHE B 696 10.51 -45.32 -28.26
CA PHE B 696 10.63 -45.48 -26.81
C PHE B 696 9.96 -46.78 -26.40
N HIS B 697 9.95 -47.05 -25.10
CA HIS B 697 9.26 -48.21 -24.58
C HIS B 697 7.77 -47.92 -24.45
N TRP B 698 7.00 -48.95 -24.06
CA TRP B 698 5.57 -48.79 -23.88
C TRP B 698 5.07 -49.80 -22.87
N CYS B 699 3.93 -49.50 -22.27
CA CYS B 699 3.28 -50.40 -21.32
C CYS B 699 1.79 -50.15 -21.36
N ALA B 700 1.03 -51.18 -20.95
CA ALA B 700 -0.41 -51.06 -20.93
C ALA B 700 -0.85 -50.05 -19.88
N PRO B 701 -1.96 -49.35 -20.11
CA PRO B 701 -2.44 -48.36 -19.13
C PRO B 701 -2.69 -48.97 -17.76
N LYS B 702 -1.91 -48.56 -16.77
CA LYS B 702 -2.03 -49.05 -15.41
C LYS B 702 -2.78 -48.04 -14.54
N GLU B 703 -3.11 -48.46 -13.34
CA GLU B 703 -3.78 -47.62 -12.36
C GLU B 703 -2.79 -47.23 -11.26
N ILE B 704 -2.83 -45.96 -10.87
CA ILE B 704 -1.89 -45.45 -9.89
C ILE B 704 -2.06 -46.15 -8.54
N GLU B 705 -3.29 -46.51 -8.19
CA GLU B 705 -3.51 -47.24 -6.95
C GLU B 705 -2.85 -48.61 -6.98
N LYS B 706 -2.69 -49.20 -8.17
CA LYS B 706 -2.00 -50.47 -8.29
C LYS B 706 -0.50 -50.32 -8.09
N VAL B 707 0.08 -49.21 -8.58
CA VAL B 707 1.53 -49.03 -8.52
C VAL B 707 1.99 -48.34 -7.25
N ILE B 708 1.10 -48.14 -6.28
CA ILE B 708 1.51 -47.54 -5.01
C ILE B 708 2.21 -48.60 -4.17
N LEU B 709 3.46 -48.31 -3.78
CA LEU B 709 4.22 -49.15 -2.87
C LEU B 709 4.45 -48.38 -1.59
N THR B 710 3.76 -48.79 -0.52
CA THR B 710 3.84 -48.08 0.76
C THR B 710 5.15 -48.48 1.46
N ARG B 711 5.24 -48.12 2.75
CA ARG B 711 6.49 -48.32 3.48
C ARG B 711 6.88 -49.79 3.55
N SER B 712 5.90 -50.67 3.85
CA SER B 712 6.20 -52.09 3.94
C SER B 712 6.62 -52.66 2.59
N GLU B 713 5.89 -52.31 1.53
CA GLU B 713 6.22 -52.81 0.20
C GLU B 713 7.58 -52.28 -0.26
N ALA B 714 7.87 -51.02 0.03
CA ALA B 714 9.19 -50.47 -0.29
C ALA B 714 10.28 -51.20 0.47
N ALA B 715 10.04 -51.50 1.75
CA ALA B 715 11.05 -52.18 2.56
C ALA B 715 11.31 -53.59 2.04
N MET B 716 10.26 -54.33 1.69
CA MET B 716 10.46 -55.71 1.25
C MET B 716 11.05 -55.77 -0.15
N THR B 717 10.65 -54.86 -1.03
CA THR B 717 11.19 -54.82 -2.39
C THR B 717 12.60 -54.23 -2.36
N VAL B 718 13.57 -55.01 -2.80
CA VAL B 718 14.97 -54.58 -2.80
C VAL B 718 15.22 -53.83 -4.11
N LEU B 719 14.91 -52.55 -4.09
CA LEU B 719 15.12 -51.68 -5.26
C LEU B 719 16.61 -51.37 -5.33
N SER B 720 17.34 -52.22 -6.04
CA SER B 720 18.79 -52.08 -6.17
C SER B 720 19.11 -51.36 -7.47
N GLY B 721 19.96 -50.34 -7.38
CA GLY B 721 20.35 -49.59 -8.57
C GLY B 721 19.21 -48.92 -9.29
N HIS B 722 18.21 -48.46 -8.54
CA HIS B 722 17.02 -47.84 -9.11
C HIS B 722 17.19 -46.32 -9.10
N VAL B 723 16.11 -45.61 -9.41
CA VAL B 723 16.09 -44.15 -9.43
C VAL B 723 14.97 -43.67 -8.52
N VAL B 724 15.28 -42.73 -7.64
CA VAL B 724 14.31 -42.17 -6.72
C VAL B 724 14.20 -40.67 -6.98
N VAL B 725 12.97 -40.19 -7.16
CA VAL B 725 12.70 -38.79 -7.41
C VAL B 725 11.87 -38.27 -6.25
N CYS B 726 12.44 -37.38 -5.46
CA CYS B 726 11.75 -36.80 -4.31
C CYS B 726 11.19 -35.44 -4.71
N ILE B 727 9.87 -35.28 -4.62
CA ILE B 727 9.25 -34.03 -5.02
C ILE B 727 8.42 -33.47 -3.88
N PHE B 728 8.22 -32.16 -3.91
CA PHE B 728 7.44 -31.43 -2.91
C PHE B 728 6.31 -30.72 -3.66
N GLY B 729 5.17 -31.41 -3.83
CA GLY B 729 4.07 -30.86 -4.58
C GLY B 729 2.74 -31.22 -3.94
N ASP B 730 1.71 -30.49 -4.35
CA ASP B 730 0.37 -30.70 -3.77
C ASP B 730 -0.60 -30.33 -4.89
N VAL B 731 -1.90 -30.37 -4.63
CA VAL B 731 -2.86 -30.10 -5.74
C VAL B 731 -2.68 -28.66 -6.21
N SER B 732 -2.38 -27.73 -5.30
CA SER B 732 -2.30 -26.30 -5.70
C SER B 732 -0.86 -25.92 -6.01
N SER B 733 -0.03 -26.89 -6.36
CA SER B 733 1.31 -26.59 -6.83
C SER B 733 1.37 -26.62 -8.35
N ALA B 734 2.35 -25.90 -8.90
CA ALA B 734 2.51 -25.83 -10.34
C ALA B 734 2.89 -27.20 -10.90
N LEU B 735 2.43 -27.49 -12.11
CA LEU B 735 2.68 -28.76 -12.77
C LEU B 735 4.05 -28.70 -13.45
N ILE B 736 4.98 -29.53 -12.98
CA ILE B 736 6.31 -29.57 -13.59
C ILE B 736 6.41 -30.54 -14.75
N GLY B 737 5.38 -31.37 -14.98
CA GLY B 737 5.40 -32.26 -16.11
C GLY B 737 6.41 -33.38 -16.00
N LEU B 738 6.16 -34.34 -15.12
CA LEU B 738 7.10 -35.45 -14.92
C LEU B 738 7.25 -36.32 -16.16
N ARG B 739 6.35 -36.20 -17.14
CA ARG B 739 6.36 -37.11 -18.28
C ARG B 739 7.65 -37.01 -19.08
N ASN B 740 8.17 -35.81 -19.26
CA ASN B 740 9.38 -35.64 -20.05
C ASN B 740 10.65 -35.92 -19.26
N LEU B 741 10.52 -36.35 -17.99
CA LEU B 741 11.65 -36.82 -17.21
C LEU B 741 11.82 -38.34 -17.32
N VAL B 742 10.73 -39.08 -17.25
CA VAL B 742 10.80 -40.54 -17.37
C VAL B 742 10.96 -40.97 -18.82
N MET B 743 10.54 -40.15 -19.79
CA MET B 743 10.63 -40.54 -21.19
C MET B 743 12.07 -40.74 -21.66
N PRO B 744 13.03 -39.85 -21.39
CA PRO B 744 14.39 -40.11 -21.88
C PRO B 744 15.01 -41.38 -21.32
N LEU B 745 14.60 -41.81 -20.14
CA LEU B 745 15.11 -43.07 -19.59
C LEU B 745 14.46 -44.27 -20.28
N ARG B 746 13.18 -44.17 -20.62
CA ARG B 746 12.45 -45.26 -21.25
C ARG B 746 12.63 -45.24 -22.77
N ALA B 747 13.87 -45.20 -23.23
CA ALA B 747 14.18 -45.19 -24.65
C ALA B 747 14.34 -46.61 -25.18
N SER B 748 13.96 -46.81 -26.44
CA SER B 748 13.95 -48.15 -27.02
C SER B 748 15.35 -48.74 -27.08
N ASN B 749 16.39 -47.91 -27.19
CA ASN B 749 17.75 -48.43 -27.26
C ASN B 749 18.20 -49.08 -25.95
N PHE B 750 17.36 -49.04 -24.92
CA PHE B 750 17.62 -49.75 -23.68
C PHE B 750 16.77 -51.01 -23.62
N HIS B 751 17.40 -52.13 -23.29
CA HIS B 751 16.66 -53.38 -23.12
C HIS B 751 15.71 -53.26 -21.94
N TYR B 752 14.64 -54.07 -21.97
CA TYR B 752 13.63 -54.00 -20.94
C TYR B 752 14.17 -54.34 -19.56
N HIS B 753 15.21 -55.19 -19.50
CA HIS B 753 15.77 -55.56 -18.21
C HIS B 753 16.61 -54.42 -17.61
N GLU B 754 17.35 -53.70 -18.45
CA GLU B 754 18.23 -52.63 -17.98
C GLU B 754 17.50 -51.31 -17.77
N LEU B 755 16.17 -51.33 -17.70
CA LEU B 755 15.41 -50.12 -17.42
C LEU B 755 15.41 -49.87 -15.92
N LYS B 756 15.93 -48.72 -15.51
CA LYS B 756 16.01 -48.40 -14.08
C LYS B 756 14.63 -48.14 -13.53
N HIS B 757 14.32 -48.77 -12.39
CA HIS B 757 13.04 -48.56 -11.74
C HIS B 757 12.95 -47.15 -11.19
N ILE B 758 11.83 -46.48 -11.44
CA ILE B 758 11.59 -45.13 -10.95
C ILE B 758 10.64 -45.21 -9.76
N VAL B 759 10.97 -44.53 -8.68
CA VAL B 759 10.08 -44.42 -7.53
C VAL B 759 9.93 -42.94 -7.17
N PHE B 760 8.69 -42.48 -7.10
CA PHE B 760 8.39 -41.08 -6.81
C PHE B 760 7.99 -40.95 -5.35
N VAL B 761 8.79 -40.24 -4.57
CA VAL B 761 8.52 -39.98 -3.17
C VAL B 761 7.89 -38.60 -3.05
N GLY B 762 6.63 -38.56 -2.62
CA GLY B 762 5.96 -37.28 -2.47
C GLY B 762 4.47 -37.47 -2.37
N SER B 763 3.77 -36.34 -2.28
CA SER B 763 2.33 -36.36 -2.09
C SER B 763 1.65 -37.12 -3.22
N ILE B 764 0.69 -37.97 -2.86
CA ILE B 764 -0.02 -38.79 -3.84
C ILE B 764 -0.84 -37.93 -4.79
N GLU B 765 -1.25 -36.74 -4.34
CA GLU B 765 -2.10 -35.89 -5.17
C GLU B 765 -1.36 -35.41 -6.43
N TYR B 766 -0.11 -34.97 -6.28
CA TYR B 766 0.64 -34.51 -7.44
C TYR B 766 0.87 -35.63 -8.44
N LEU B 767 1.23 -36.82 -7.95
CA LEU B 767 1.45 -37.95 -8.83
C LEU B 767 0.16 -38.43 -9.49
N LYS B 768 -0.98 -38.31 -8.80
CA LYS B 768 -2.24 -38.66 -9.45
C LYS B 768 -2.62 -37.61 -10.49
N ARG B 769 -2.21 -36.36 -10.28
CA ARG B 769 -2.38 -35.35 -11.32
C ARG B 769 -1.54 -35.67 -12.55
N GLU B 770 -0.32 -36.15 -12.35
CA GLU B 770 0.58 -36.43 -13.46
C GLU B 770 0.38 -37.82 -14.07
N TRP B 771 -0.37 -38.71 -13.42
CA TRP B 771 -0.44 -40.09 -13.87
C TRP B 771 -1.24 -40.25 -15.17
N GLU B 772 -2.09 -39.28 -15.51
CA GLU B 772 -2.81 -39.37 -16.77
C GLU B 772 -1.87 -39.39 -17.97
N THR B 773 -0.66 -38.84 -17.83
CA THR B 773 0.38 -38.96 -18.83
C THR B 773 1.56 -39.81 -18.38
N LEU B 774 1.63 -40.17 -17.10
CA LEU B 774 2.67 -41.04 -16.59
C LEU B 774 2.30 -42.52 -16.59
N HIS B 775 1.09 -42.87 -17.04
CA HIS B 775 0.59 -44.22 -16.86
C HIS B 775 1.24 -45.24 -17.79
N ASN B 776 1.64 -44.83 -19.00
CA ASN B 776 2.09 -45.77 -20.01
C ASN B 776 3.56 -46.18 -19.86
N PHE B 777 4.23 -45.73 -18.80
CA PHE B 777 5.63 -46.07 -18.60
C PHE B 777 5.75 -47.17 -17.56
N PRO B 778 6.37 -48.30 -17.87
CA PRO B 778 6.45 -49.41 -16.91
C PRO B 778 7.52 -49.15 -15.85
N LYS B 779 7.51 -50.02 -14.83
CA LYS B 779 8.48 -49.98 -13.74
C LYS B 779 8.51 -48.61 -13.07
N VAL B 780 7.33 -48.12 -12.69
CA VAL B 780 7.17 -46.85 -12.01
C VAL B 780 6.34 -47.08 -10.76
N SER B 781 6.83 -46.60 -9.62
CA SER B 781 6.20 -46.82 -8.33
C SER B 781 6.02 -45.50 -7.60
N ILE B 782 5.04 -45.47 -6.70
CA ILE B 782 4.60 -44.26 -6.02
C ILE B 782 4.72 -44.47 -4.53
N LEU B 783 5.12 -43.42 -3.80
CA LEU B 783 5.14 -43.49 -2.35
C LEU B 783 4.69 -42.15 -1.76
N PRO B 784 3.49 -42.11 -1.18
CA PRO B 784 3.06 -40.89 -0.46
C PRO B 784 3.87 -40.69 0.80
N GLY B 785 4.40 -39.48 0.95
CA GLY B 785 5.21 -39.16 2.12
C GLY B 785 6.18 -38.03 1.87
N THR B 786 6.52 -37.29 2.90
CA THR B 786 7.44 -36.17 2.76
C THR B 786 8.83 -36.69 2.41
N PRO B 787 9.53 -36.04 1.47
CA PRO B 787 10.91 -36.43 1.18
C PRO B 787 11.87 -36.16 2.32
N LEU B 788 11.47 -35.38 3.32
CA LEU B 788 12.31 -35.12 4.48
C LEU B 788 12.25 -36.23 5.51
N SER B 789 11.36 -37.21 5.34
CA SER B 789 11.24 -38.30 6.30
C SER B 789 12.39 -39.28 6.12
N ARG B 790 13.18 -39.47 7.18
CA ARG B 790 14.30 -40.41 7.12
C ARG B 790 13.82 -41.83 6.89
N ALA B 791 12.74 -42.24 7.56
CA ALA B 791 12.25 -43.61 7.42
C ALA B 791 11.78 -43.89 6.00
N ASP B 792 11.08 -42.93 5.39
CA ASP B 792 10.60 -43.12 4.02
C ASP B 792 11.76 -43.27 3.04
N LEU B 793 12.82 -42.47 3.22
CA LEU B 793 13.98 -42.58 2.34
C LEU B 793 14.75 -43.87 2.58
N ARG B 794 14.79 -44.35 3.82
CA ARG B 794 15.50 -45.60 4.11
C ARG B 794 14.70 -46.80 3.61
N ALA B 795 13.38 -46.67 3.55
CA ALA B 795 12.55 -47.79 3.09
C ALA B 795 12.71 -48.04 1.59
N VAL B 796 13.03 -47.01 0.82
CA VAL B 796 13.13 -47.13 -0.62
C VAL B 796 14.56 -47.48 -1.01
N ASN B 797 15.39 -47.80 -0.02
CA ASN B 797 16.79 -48.17 -0.24
C ASN B 797 17.54 -47.07 -0.99
N ILE B 798 17.60 -45.90 -0.34
CA ILE B 798 18.29 -44.76 -0.94
C ILE B 798 19.78 -45.08 -1.14
N ASN B 799 20.34 -45.93 -0.29
CA ASN B 799 21.73 -46.34 -0.50
C ASN B 799 21.90 -47.16 -1.77
N LEU B 800 20.91 -47.98 -2.11
CA LEU B 800 20.94 -48.75 -3.36
C LEU B 800 20.17 -48.01 -4.45
N CYS B 801 20.78 -46.94 -4.95
CA CYS B 801 20.24 -46.21 -6.08
C CYS B 801 21.37 -45.54 -6.84
N ASP B 802 21.22 -45.45 -8.17
CA ASP B 802 22.25 -44.84 -8.99
C ASP B 802 22.16 -43.32 -9.01
N MET B 803 21.01 -42.75 -8.65
CA MET B 803 20.85 -41.31 -8.70
C MET B 803 19.58 -40.94 -7.95
N CYS B 804 19.66 -39.89 -7.15
CA CYS B 804 18.51 -39.37 -6.41
C CYS B 804 18.28 -37.93 -6.84
N VAL B 805 17.11 -37.67 -7.41
CA VAL B 805 16.76 -36.36 -7.93
C VAL B 805 15.89 -35.64 -6.91
N ILE B 806 16.29 -34.42 -6.55
CA ILE B 806 15.55 -33.59 -5.61
C ILE B 806 14.95 -32.44 -6.40
N LEU B 807 13.64 -32.48 -6.60
CA LEU B 807 12.91 -31.42 -7.29
C LEU B 807 11.88 -30.80 -6.36
N SER B 808 11.78 -29.48 -6.39
CA SER B 808 10.74 -28.75 -5.67
C SER B 808 9.82 -28.12 -6.70
N ALA B 809 8.54 -28.47 -6.65
CA ALA B 809 7.59 -28.02 -7.66
C ALA B 809 7.31 -26.53 -7.59
N ASN B 810 7.74 -25.86 -6.52
CA ASN B 810 7.47 -24.43 -6.34
C ASN B 810 8.58 -23.61 -6.98
N GLN B 811 8.57 -23.58 -8.31
CA GLN B 811 9.47 -22.68 -9.04
C GLN B 811 9.11 -21.23 -8.78
N ASN B 812 7.82 -20.93 -8.63
CA ASN B 812 7.33 -19.57 -8.62
C ASN B 812 6.26 -19.32 -7.56
N ASN B 813 5.98 -20.36 -6.76
CA ASN B 813 4.90 -20.25 -5.75
C ASN B 813 5.48 -19.58 -4.49
N ILE B 814 6.80 -19.46 -4.41
CA ILE B 814 7.40 -18.71 -3.28
C ILE B 814 8.18 -17.55 -3.88
N ASP B 815 8.23 -16.39 -3.23
CA ASP B 815 8.87 -15.21 -3.87
C ASP B 815 10.24 -14.96 -3.25
N ASP B 816 10.32 -15.04 -1.93
CA ASP B 816 11.58 -14.77 -1.23
C ASP B 816 12.65 -15.78 -1.63
N THR B 817 13.90 -15.30 -1.77
CA THR B 817 14.98 -16.16 -2.20
C THR B 817 15.36 -17.18 -1.13
N SER B 818 15.49 -16.73 0.13
CA SER B 818 15.85 -17.65 1.20
C SER B 818 14.77 -18.71 1.39
N LEU B 819 13.49 -18.31 1.30
CA LEU B 819 12.41 -19.29 1.37
C LEU B 819 12.46 -20.26 0.20
N GLN B 820 13.00 -19.81 -0.94
CA GLN B 820 13.12 -20.67 -2.10
C GLN B 820 14.31 -21.62 -1.95
N ASP B 821 14.21 -22.78 -2.61
CA ASP B 821 15.20 -23.86 -2.61
C ASP B 821 15.47 -24.40 -1.21
N LYS B 822 14.65 -24.06 -0.21
CA LYS B 822 14.94 -24.46 1.16
C LYS B 822 14.72 -25.96 1.35
N GLU B 823 13.57 -26.46 0.89
CA GLU B 823 13.26 -27.88 1.07
C GLU B 823 14.29 -28.75 0.36
N CYS B 824 14.72 -28.34 -0.83
CA CYS B 824 15.73 -29.09 -1.56
C CYS B 824 17.04 -29.17 -0.78
N ILE B 825 17.52 -28.03 -0.29
CA ILE B 825 18.84 -28.02 0.41
C ILE B 825 18.73 -28.86 1.66
N LEU B 826 17.63 -28.74 2.38
CA LEU B 826 17.53 -29.47 3.68
C LEU B 826 17.56 -30.96 3.39
N ALA B 827 16.87 -31.40 2.36
CA ALA B 827 16.82 -32.85 2.13
C ALA B 827 18.18 -33.30 1.63
N SER B 828 18.74 -32.57 0.68
CA SER B 828 20.08 -32.98 0.27
C SER B 828 20.99 -33.17 1.47
N LEU B 829 20.94 -32.24 2.43
CA LEU B 829 21.75 -32.37 3.63
C LEU B 829 21.30 -33.55 4.48
N ASN B 830 20.01 -33.85 4.48
CA ASN B 830 19.52 -35.05 5.15
C ASN B 830 20.12 -36.30 4.53
N ILE B 831 20.16 -36.35 3.20
CA ILE B 831 20.73 -37.52 2.52
C ILE B 831 22.21 -37.64 2.82
N LYS B 832 22.93 -36.51 2.79
CA LYS B 832 24.36 -36.52 3.07
C LYS B 832 24.68 -37.02 4.47
N SER B 833 23.74 -36.94 5.40
CA SER B 833 23.95 -37.36 6.79
C SER B 833 23.34 -38.72 7.08
N MET B 834 23.09 -39.53 6.06
CA MET B 834 22.54 -40.86 6.26
C MET B 834 23.50 -41.75 7.02
N GLN B 835 22.93 -42.75 7.69
CA GLN B 835 23.73 -43.80 8.35
C GLN B 835 22.88 -45.05 8.42
N PHE B 836 23.34 -46.12 7.76
CA PHE B 836 22.58 -47.37 7.67
C PHE B 836 23.18 -48.46 8.54
N ASP B 837 24.47 -48.73 8.40
CA ASP B 837 25.12 -49.77 9.20
C ASP B 837 26.28 -49.19 10.00
N THR B 875 25.93 -47.96 5.91
CA THR B 875 27.11 -47.13 6.02
C THR B 875 26.76 -45.64 5.89
N THR B 876 27.76 -44.82 5.61
CA THR B 876 27.53 -43.39 5.44
C THR B 876 26.81 -43.11 4.13
N GLY B 877 26.10 -41.99 4.10
CA GLY B 877 25.37 -41.56 2.92
C GLY B 877 26.02 -40.46 2.13
N VAL B 878 27.28 -40.11 2.41
CA VAL B 878 27.93 -39.04 1.66
C VAL B 878 28.18 -39.46 0.23
N ASN B 879 28.52 -40.73 0.01
CA ASN B 879 28.82 -41.22 -1.33
C ASN B 879 27.57 -41.39 -2.19
N ILE B 880 26.38 -41.26 -1.60
CA ILE B 880 25.15 -41.45 -2.38
C ILE B 880 25.05 -40.38 -3.45
N PRO B 881 24.73 -40.72 -4.70
CA PRO B 881 24.61 -39.68 -5.73
C PRO B 881 23.36 -38.83 -5.51
N ILE B 882 23.54 -37.51 -5.57
CA ILE B 882 22.47 -36.56 -5.34
C ILE B 882 22.58 -35.45 -6.40
N ILE B 883 21.44 -35.11 -7.00
CA ILE B 883 21.35 -33.97 -7.90
C ILE B 883 20.17 -33.12 -7.44
N THR B 884 20.37 -31.81 -7.37
CA THR B 884 19.39 -30.91 -6.77
C THR B 884 19.06 -29.77 -7.73
N GLU B 885 17.78 -29.56 -7.97
CA GLU B 885 17.35 -28.35 -8.67
C GLU B 885 17.47 -27.14 -7.76
N LEU B 886 17.91 -26.02 -8.33
CA LEU B 886 18.00 -24.77 -7.60
C LEU B 886 17.36 -23.67 -8.44
N VAL B 887 16.43 -22.93 -7.84
CA VAL B 887 15.86 -21.78 -8.53
C VAL B 887 16.74 -20.56 -8.37
N ASN B 888 17.66 -20.56 -7.41
CA ASN B 888 18.61 -19.48 -7.22
C ASN B 888 20.01 -20.06 -7.26
N ASP B 889 20.82 -19.61 -8.22
CA ASP B 889 22.17 -20.14 -8.38
C ASP B 889 23.07 -19.82 -7.19
N THR B 890 22.71 -18.84 -6.37
CA THR B 890 23.54 -18.48 -5.22
C THR B 890 23.51 -19.58 -4.16
N ASN B 891 22.38 -20.27 -4.01
CA ASN B 891 22.22 -21.24 -2.93
C ASN B 891 23.11 -22.46 -3.09
N VAL B 892 23.77 -22.64 -4.23
CA VAL B 892 24.62 -23.80 -4.45
C VAL B 892 25.76 -23.87 -3.44
N GLN B 893 26.09 -22.74 -2.81
CA GLN B 893 27.19 -22.72 -1.85
C GLN B 893 26.91 -23.60 -0.64
N PHE B 894 25.64 -23.74 -0.25
CA PHE B 894 25.28 -24.52 0.92
C PHE B 894 25.22 -26.02 0.64
N LEU B 895 25.25 -26.42 -0.63
CA LEU B 895 25.09 -27.85 -0.96
C LEU B 895 26.26 -28.66 -0.43
N ASP B 896 27.47 -28.11 -0.46
CA ASP B 896 28.66 -28.82 -0.01
C ASP B 896 29.39 -27.95 1.02
N GLN B 897 30.21 -28.61 1.84
CA GLN B 897 30.93 -27.93 2.91
C GLN B 897 32.42 -27.79 2.65
N ASP B 898 33.00 -28.62 1.79
CA ASP B 898 34.43 -28.50 1.48
C ASP B 898 34.73 -27.30 0.58
N ASP B 899 33.73 -26.80 -0.15
CA ASP B 899 33.95 -25.74 -1.12
C ASP B 899 34.34 -24.43 -0.44
N ASP B 900 35.22 -23.69 -1.10
CA ASP B 900 35.53 -22.33 -0.68
C ASP B 900 34.40 -21.41 -1.13
N ASP B 901 33.68 -20.84 -0.17
CA ASP B 901 32.48 -20.07 -0.46
C ASP B 901 32.88 -18.69 -0.95
N ASP B 902 32.90 -18.51 -2.27
CA ASP B 902 33.27 -17.25 -2.90
C ASP B 902 32.08 -16.71 -3.69
N PRO B 903 31.37 -15.71 -3.16
CA PRO B 903 30.22 -15.16 -3.92
C PRO B 903 30.59 -14.60 -5.27
N ASP B 904 31.80 -14.05 -5.42
CA ASP B 904 32.22 -13.52 -6.72
C ASP B 904 32.33 -14.62 -7.75
N THR B 905 32.76 -15.81 -7.33
CA THR B 905 32.89 -16.94 -8.25
C THR B 905 31.54 -17.28 -8.87
N GLU B 906 31.53 -17.47 -10.19
CA GLU B 906 30.30 -17.76 -10.91
C GLU B 906 29.85 -19.19 -10.66
N LEU B 907 28.64 -19.50 -11.14
CA LEU B 907 28.04 -20.80 -10.87
C LEU B 907 28.85 -21.94 -11.47
N TYR B 908 29.36 -21.75 -12.68
CA TYR B 908 30.05 -22.85 -13.36
C TYR B 908 31.32 -23.27 -12.63
N LEU B 909 32.00 -22.33 -11.98
CA LEU B 909 33.21 -22.65 -11.24
C LEU B 909 32.94 -23.25 -9.87
N THR B 910 31.70 -23.24 -9.39
CA THR B 910 31.39 -23.81 -8.09
C THR B 910 31.61 -25.31 -8.08
N GLN B 911 32.06 -25.83 -6.94
CA GLN B 911 32.33 -27.25 -6.81
C GLN B 911 31.10 -28.12 -7.04
N PRO B 912 29.94 -27.87 -6.43
CA PRO B 912 28.80 -28.76 -6.68
C PRO B 912 28.37 -28.80 -8.14
N PHE B 913 28.45 -27.68 -8.84
CA PHE B 913 28.11 -27.67 -10.25
C PHE B 913 29.15 -28.42 -11.07
N ALA B 914 30.43 -28.21 -10.76
CA ALA B 914 31.49 -28.90 -11.49
C ALA B 914 31.44 -30.41 -11.28
N CYS B 915 30.97 -30.85 -10.11
CA CYS B 915 30.87 -32.27 -9.83
C CYS B 915 29.59 -32.89 -10.38
N GLY B 916 28.73 -32.11 -11.02
CA GLY B 916 27.47 -32.62 -11.53
C GLY B 916 26.49 -33.04 -10.46
N THR B 917 26.42 -32.28 -9.36
CA THR B 917 25.46 -32.54 -8.30
C THR B 917 24.43 -31.43 -8.14
N ALA B 918 24.59 -30.31 -8.84
CA ALA B 918 23.63 -29.22 -8.81
C ALA B 918 23.30 -28.80 -10.24
N PHE B 919 22.09 -28.30 -10.43
CA PHE B 919 21.66 -27.88 -11.76
C PHE B 919 20.54 -26.87 -11.60
N ALA B 920 20.80 -25.64 -12.03
CA ALA B 920 19.79 -24.60 -12.08
C ALA B 920 19.27 -24.46 -13.52
N VAL B 921 18.43 -23.45 -13.75
CA VAL B 921 17.95 -23.16 -15.09
C VAL B 921 18.62 -21.96 -15.71
N SER B 922 19.43 -21.22 -14.96
CA SER B 922 20.17 -20.10 -15.53
C SER B 922 21.21 -20.57 -16.54
N VAL B 923 21.69 -21.81 -16.40
CA VAL B 923 22.66 -22.34 -17.34
C VAL B 923 22.07 -22.50 -18.74
N LEU B 924 20.74 -22.55 -18.84
CA LEU B 924 20.08 -22.65 -20.13
C LEU B 924 19.75 -21.29 -20.74
N ASP B 925 20.13 -20.19 -20.07
CA ASP B 925 19.87 -18.87 -20.62
C ASP B 925 20.73 -18.59 -21.85
N SER B 926 21.99 -19.03 -21.82
CA SER B 926 22.86 -18.87 -22.98
C SER B 926 22.42 -19.71 -24.17
N LEU B 927 21.53 -20.68 -23.94
CA LEU B 927 21.08 -21.54 -25.02
C LEU B 927 20.35 -20.75 -26.10
N MET B 928 19.72 -19.62 -25.72
CA MET B 928 19.11 -18.76 -26.72
C MET B 928 20.14 -18.25 -27.72
N SER B 929 21.24 -17.68 -27.20
CA SER B 929 22.29 -17.19 -28.10
C SER B 929 22.91 -18.34 -28.88
N ALA B 930 23.13 -19.48 -28.23
CA ALA B 930 23.74 -20.62 -28.90
C ALA B 930 22.89 -21.10 -30.07
N THR B 931 21.57 -21.20 -29.87
CA THR B 931 20.69 -21.65 -30.94
C THR B 931 20.41 -20.55 -31.96
N TYR B 932 20.60 -19.28 -31.59
CA TYR B 932 20.50 -18.22 -32.59
C TYR B 932 21.68 -18.27 -33.54
N PHE B 933 22.89 -18.47 -33.01
CA PHE B 933 24.06 -18.52 -33.87
C PHE B 933 24.09 -19.79 -34.71
N ASN B 934 23.45 -20.86 -34.23
CA ASN B 934 23.35 -22.09 -35.01
C ASN B 934 22.16 -22.88 -34.49
N ASP B 935 21.12 -22.98 -35.31
CA ASP B 935 19.91 -23.69 -34.89
C ASP B 935 20.16 -25.19 -34.75
N ASN B 936 21.02 -25.77 -35.58
CA ASN B 936 21.19 -27.22 -35.64
C ASN B 936 21.49 -27.81 -34.27
N ILE B 937 22.33 -27.13 -33.48
CA ILE B 937 22.74 -27.66 -32.19
C ILE B 937 21.53 -27.91 -31.30
N LEU B 938 20.53 -27.02 -31.35
CA LEU B 938 19.32 -27.24 -30.57
C LEU B 938 18.67 -28.56 -30.94
N THR B 939 18.56 -28.82 -32.25
CA THR B 939 18.02 -30.10 -32.69
C THR B 939 18.84 -31.25 -32.12
N LEU B 940 20.17 -31.09 -32.08
CA LEU B 940 21.01 -32.13 -31.49
C LEU B 940 20.59 -32.40 -30.05
N ILE B 941 20.34 -31.34 -29.28
CA ILE B 941 19.86 -31.54 -27.92
C ILE B 941 18.54 -32.27 -27.93
N ARG B 942 17.64 -31.89 -28.85
CA ARG B 942 16.35 -32.56 -28.93
C ARG B 942 16.50 -34.02 -29.30
N THR B 943 17.65 -34.42 -29.83
CA THR B 943 17.93 -35.83 -30.10
C THR B 943 18.78 -36.48 -29.02
N LEU B 944 19.49 -35.70 -28.21
CA LEU B 944 20.42 -36.26 -27.23
C LEU B 944 19.75 -36.50 -25.89
N VAL B 945 19.22 -35.43 -25.29
CA VAL B 945 18.65 -35.54 -23.95
C VAL B 945 17.17 -35.91 -23.95
N THR B 946 16.46 -35.67 -25.03
CA THR B 946 15.04 -35.99 -25.07
C THR B 946 14.81 -37.49 -25.25
N GLY B 947 15.73 -38.18 -25.90
CA GLY B 947 15.56 -39.58 -26.23
C GLY B 947 15.20 -39.86 -27.68
N GLY B 948 15.18 -38.85 -28.54
CA GLY B 948 14.86 -39.05 -29.93
C GLY B 948 13.42 -38.75 -30.27
N ALA B 949 12.89 -37.63 -29.76
CA ALA B 949 11.51 -37.27 -30.04
C ALA B 949 11.39 -36.74 -31.46
N THR B 950 10.64 -37.45 -32.30
CA THR B 950 10.36 -37.18 -33.70
C THR B 950 9.12 -36.29 -33.81
N PRO B 951 9.10 -35.32 -34.74
CA PRO B 951 7.93 -34.45 -34.87
C PRO B 951 6.62 -35.18 -35.08
N GLU B 952 6.62 -36.33 -35.75
CA GLU B 952 5.38 -37.10 -35.86
C GLU B 952 4.93 -37.60 -34.49
N LEU B 953 5.88 -38.02 -33.65
CA LEU B 953 5.55 -38.38 -32.28
C LEU B 953 4.99 -37.17 -31.53
N GLU B 954 5.56 -35.99 -31.79
CA GLU B 954 5.05 -34.77 -31.16
C GLU B 954 3.60 -34.51 -31.57
N ALA B 955 3.29 -34.69 -32.86
CA ALA B 955 1.92 -34.49 -33.32
C ALA B 955 0.98 -35.52 -32.69
N LEU B 956 1.41 -36.78 -32.61
CA LEU B 956 0.58 -37.80 -31.98
C LEU B 956 0.33 -37.48 -30.52
N ILE B 957 1.35 -36.97 -29.82
CA ILE B 957 1.17 -36.53 -28.43
C ILE B 957 0.18 -35.37 -28.36
N ALA B 958 0.30 -34.43 -29.30
CA ALA B 958 -0.59 -33.27 -29.29
C ALA B 958 -2.04 -33.68 -29.47
N GLU B 959 -2.30 -34.64 -30.36
CA GLU B 959 -3.67 -35.07 -30.59
C GLU B 959 -4.23 -35.85 -29.42
N GLU B 960 -3.59 -36.96 -29.07
CA GLU B 960 -4.12 -37.89 -28.08
C GLU B 960 -3.83 -37.49 -26.64
N ASN B 961 -2.93 -36.53 -26.42
CA ASN B 961 -2.50 -36.09 -25.10
C ASN B 961 -1.74 -37.18 -24.33
N ALA B 962 -1.50 -38.32 -24.97
CA ALA B 962 -0.73 -39.40 -24.37
C ALA B 962 -0.09 -40.21 -25.49
N LEU B 963 1.13 -40.67 -25.27
CA LEU B 963 1.84 -41.42 -26.31
C LEU B 963 1.11 -42.72 -26.62
N ARG B 964 1.10 -43.08 -27.90
CA ARG B 964 0.34 -44.22 -28.39
C ARG B 964 1.28 -45.38 -28.69
N GLY B 965 0.91 -46.56 -28.23
CA GLY B 965 1.69 -47.75 -28.51
C GLY B 965 1.50 -48.24 -29.93
N GLY B 966 2.26 -49.27 -30.28
CA GLY B 966 2.20 -49.85 -31.61
C GLY B 966 2.95 -51.16 -31.72
N TYR B 967 2.37 -52.11 -32.44
CA TYR B 967 3.02 -53.39 -32.63
C TYR B 967 4.33 -53.22 -33.39
N SER B 968 5.38 -53.90 -32.93
CA SER B 968 6.74 -53.64 -33.38
C SER B 968 6.94 -54.19 -34.78
N THR B 969 6.77 -53.33 -35.78
CA THR B 969 7.17 -53.64 -37.13
C THR B 969 8.69 -53.53 -37.28
N PRO B 970 9.28 -54.12 -38.32
CA PRO B 970 10.74 -53.98 -38.50
C PRO B 970 11.20 -52.55 -38.61
N GLN B 971 10.35 -51.63 -39.07
CA GLN B 971 10.70 -50.22 -39.07
C GLN B 971 10.91 -49.71 -37.65
N THR B 972 10.09 -50.19 -36.70
CA THR B 972 10.32 -49.86 -35.30
C THR B 972 11.65 -50.41 -34.82
N LEU B 973 12.01 -51.61 -35.26
CA LEU B 973 13.31 -52.17 -34.90
C LEU B 973 14.44 -51.31 -35.43
N ALA B 974 14.29 -50.78 -36.64
CA ALA B 974 15.31 -49.90 -37.19
C ALA B 974 15.48 -48.64 -36.35
N ASN B 975 14.36 -48.05 -35.91
CA ASN B 975 14.45 -46.85 -35.08
C ASN B 975 14.97 -47.15 -33.69
N ARG B 976 14.73 -48.36 -33.18
CA ARG B 976 15.20 -48.73 -31.85
C ARG B 976 16.72 -48.66 -31.76
N ASP B 977 17.41 -48.87 -32.87
CA ASP B 977 18.88 -48.87 -32.90
C ASP B 977 19.37 -47.43 -32.81
N ARG B 978 19.86 -47.03 -31.64
CA ARG B 978 20.40 -45.69 -31.45
C ARG B 978 21.61 -45.77 -30.53
N CYS B 979 22.57 -44.85 -30.76
CA CYS B 979 23.77 -44.77 -29.93
C CYS B 979 23.42 -44.07 -28.62
N ARG B 980 23.16 -44.85 -27.58
CA ARG B 980 22.87 -44.30 -26.27
C ARG B 980 24.16 -43.93 -25.56
N VAL B 981 24.03 -43.03 -24.58
CA VAL B 981 25.17 -42.56 -23.81
C VAL B 981 25.42 -43.51 -22.65
N ALA B 982 26.68 -43.58 -22.22
CA ALA B 982 27.05 -44.48 -21.14
C ALA B 982 28.29 -43.96 -20.44
N GLN B 983 28.54 -44.50 -19.26
CA GLN B 983 29.71 -44.13 -18.45
C GLN B 983 30.24 -45.39 -17.79
N LEU B 984 31.46 -45.76 -18.13
CA LEU B 984 32.05 -47.01 -17.68
C LEU B 984 33.28 -46.75 -16.83
N ALA B 985 33.53 -47.66 -15.89
CA ALA B 985 34.70 -47.57 -15.03
C ALA B 985 35.94 -48.11 -15.74
N LEU B 986 37.03 -47.36 -15.67
CA LEU B 986 38.27 -47.74 -16.35
C LEU B 986 39.13 -48.67 -15.51
N LEU B 987 38.78 -48.92 -14.26
CA LEU B 987 39.61 -49.75 -13.40
C LEU B 987 39.66 -51.20 -13.90
N ASP B 988 38.51 -51.73 -14.32
CA ASP B 988 38.40 -53.13 -14.71
C ASP B 988 37.78 -53.22 -16.10
N GLY B 989 37.49 -54.45 -16.53
CA GLY B 989 36.88 -54.69 -17.80
C GLY B 989 37.92 -54.87 -18.91
N PRO B 990 37.48 -54.71 -20.16
CA PRO B 990 38.44 -54.81 -21.28
C PRO B 990 39.52 -53.73 -21.26
N PHE B 991 39.29 -52.63 -20.54
CA PHE B 991 40.27 -51.55 -20.43
C PHE B 991 41.08 -51.63 -19.14
N ALA B 992 41.01 -52.77 -18.43
CA ALA B 992 41.72 -52.90 -17.16
C ALA B 992 43.23 -52.75 -17.35
N ASP B 993 43.78 -53.43 -18.36
CA ASP B 993 45.20 -53.28 -18.67
C ASP B 993 45.54 -51.90 -19.22
N LEU B 994 44.55 -51.16 -19.74
CA LEU B 994 44.72 -49.78 -20.13
C LEU B 994 44.21 -48.80 -19.08
N GLY B 995 43.90 -49.30 -17.88
CA GLY B 995 43.45 -48.40 -16.83
C GLY B 995 44.50 -47.37 -16.45
N ASP B 996 45.76 -47.78 -16.45
CA ASP B 996 46.88 -46.90 -16.10
C ASP B 996 47.61 -46.41 -17.35
N GLY B 997 46.88 -46.13 -18.42
CA GLY B 997 47.49 -45.59 -19.62
C GLY B 997 47.97 -44.16 -19.41
N GLY B 998 48.71 -43.68 -20.41
CA GLY B 998 49.25 -42.33 -20.34
C GLY B 998 48.92 -41.48 -21.54
N CYS B 999 47.76 -41.74 -22.18
CA CYS B 999 47.38 -41.00 -23.37
C CYS B 999 45.87 -41.14 -23.56
N TYR B 1000 45.15 -40.03 -23.48
CA TYR B 1000 43.73 -40.04 -23.84
C TYR B 1000 43.55 -40.36 -25.31
N GLY B 1001 44.44 -39.83 -26.16
CA GLY B 1001 44.32 -40.07 -27.59
C GLY B 1001 44.39 -41.54 -27.95
N ASP B 1002 45.37 -42.24 -27.37
CA ASP B 1002 45.48 -43.68 -27.59
C ASP B 1002 44.25 -44.40 -27.06
N LEU B 1003 43.74 -43.97 -25.91
CA LEU B 1003 42.57 -44.62 -25.33
C LEU B 1003 41.38 -44.52 -26.27
N PHE B 1004 41.03 -43.31 -26.72
CA PHE B 1004 39.81 -43.22 -27.51
C PHE B 1004 40.01 -43.74 -28.92
N CYS B 1005 41.25 -43.70 -29.44
CA CYS B 1005 41.52 -44.35 -30.71
C CYS B 1005 41.26 -45.85 -30.62
N LYS B 1006 41.83 -46.50 -29.60
CA LYS B 1006 41.59 -47.93 -29.42
C LYS B 1006 40.12 -48.21 -29.20
N ALA B 1007 39.43 -47.32 -28.47
CA ALA B 1007 38.01 -47.49 -28.25
C ALA B 1007 37.24 -47.43 -29.56
N LEU B 1008 37.61 -46.49 -30.45
CA LEU B 1008 36.91 -46.35 -31.72
C LEU B 1008 37.13 -47.55 -32.63
N LYS B 1009 38.37 -48.01 -32.79
CA LYS B 1009 38.56 -49.18 -33.63
C LYS B 1009 38.01 -50.46 -33.00
N THR B 1010 38.05 -50.58 -31.67
CA THR B 1010 37.58 -51.81 -31.04
C THR B 1010 36.07 -51.92 -31.10
N TYR B 1011 35.35 -50.98 -30.48
CA TYR B 1011 33.90 -51.06 -30.39
C TYR B 1011 33.21 -49.81 -30.91
N ASN B 1012 33.94 -48.88 -31.52
CA ASN B 1012 33.40 -47.57 -31.87
C ASN B 1012 32.92 -46.83 -30.63
N MET B 1013 33.68 -46.96 -29.55
CA MET B 1013 33.36 -46.31 -28.28
C MET B 1013 33.87 -44.88 -28.37
N LEU B 1014 32.96 -43.93 -28.59
CA LEU B 1014 33.35 -42.52 -28.73
C LEU B 1014 33.38 -41.88 -27.36
N CYS B 1015 34.57 -41.49 -26.92
CA CYS B 1015 34.76 -40.84 -25.63
C CYS B 1015 34.97 -39.34 -25.85
N PHE B 1016 34.17 -38.52 -25.17
CA PHE B 1016 34.22 -37.07 -25.34
C PHE B 1016 34.66 -36.32 -24.10
N GLY B 1017 34.64 -36.94 -22.93
CA GLY B 1017 35.04 -36.26 -21.71
C GLY B 1017 35.39 -37.27 -20.64
N ILE B 1018 35.89 -36.76 -19.52
CA ILE B 1018 36.31 -37.61 -18.41
C ILE B 1018 35.63 -37.13 -17.14
N TYR B 1019 35.47 -38.05 -16.19
CA TYR B 1019 34.88 -37.77 -14.88
C TYR B 1019 35.89 -38.24 -13.85
N ARG B 1020 36.80 -37.33 -13.48
CA ARG B 1020 37.98 -37.66 -12.70
C ARG B 1020 37.76 -37.33 -11.23
N LEU B 1021 38.26 -38.20 -10.35
CA LEU B 1021 38.16 -37.98 -8.92
C LEU B 1021 38.61 -36.58 -8.53
N ARG B 1022 37.97 -36.01 -7.52
CA ARG B 1022 38.21 -34.62 -7.16
C ARG B 1022 39.66 -34.38 -6.76
N ASP B 1023 40.24 -35.31 -6.01
CA ASP B 1023 41.61 -35.18 -5.52
C ASP B 1023 42.55 -36.20 -6.17
N ALA B 1024 42.37 -36.44 -7.47
CA ALA B 1024 43.26 -37.34 -8.19
C ALA B 1024 44.66 -36.76 -8.29
N HIS B 1025 44.78 -35.44 -8.47
CA HIS B 1025 46.08 -34.80 -8.54
C HIS B 1025 46.70 -34.55 -7.16
N LEU B 1026 45.93 -34.69 -6.09
CA LEU B 1026 46.44 -34.51 -4.75
C LEU B 1026 47.21 -35.74 -4.30
N SER B 1027 48.41 -35.53 -3.77
CA SER B 1027 49.26 -36.65 -3.38
C SER B 1027 48.68 -37.43 -2.23
N THR B 1028 48.11 -36.75 -1.24
CA THR B 1028 47.60 -37.41 -0.05
C THR B 1028 46.38 -38.26 -0.40
N PRO B 1029 46.39 -39.55 -0.10
CA PRO B 1029 45.23 -40.40 -0.42
C PRO B 1029 44.06 -40.14 0.50
N SER B 1030 43.02 -39.49 -0.01
CA SER B 1030 41.82 -39.20 0.76
C SER B 1030 40.72 -40.19 0.38
N GLN B 1031 39.51 -39.97 0.91
CA GLN B 1031 38.37 -40.83 0.65
C GLN B 1031 37.22 -40.08 -0.01
N CYS B 1032 37.52 -39.00 -0.71
CA CYS B 1032 36.48 -38.19 -1.37
C CYS B 1032 36.02 -38.90 -2.64
N THR B 1033 34.80 -39.41 -2.62
CA THR B 1033 34.26 -40.10 -3.79
C THR B 1033 33.81 -39.10 -4.86
N LYS B 1034 33.69 -37.82 -4.52
CA LYS B 1034 33.21 -36.84 -5.47
C LYS B 1034 34.17 -36.70 -6.65
N ARG B 1035 33.59 -36.51 -7.84
CA ARG B 1035 34.34 -36.43 -9.08
C ARG B 1035 33.93 -35.19 -9.85
N TYR B 1036 34.90 -34.56 -10.50
CA TYR B 1036 34.64 -33.40 -11.36
C TYR B 1036 34.90 -33.77 -12.81
N VAL B 1037 34.23 -33.06 -13.71
CA VAL B 1037 34.20 -33.40 -15.13
C VAL B 1037 35.20 -32.53 -15.88
N ILE B 1038 35.89 -33.13 -16.84
CA ILE B 1038 36.77 -32.43 -17.76
C ILE B 1038 36.28 -32.69 -19.18
N THR B 1039 36.03 -31.61 -19.92
CA THR B 1039 35.46 -31.70 -21.27
C THR B 1039 36.59 -31.77 -22.29
N ASN B 1040 36.70 -32.92 -22.96
CA ASN B 1040 37.62 -33.16 -24.07
C ASN B 1040 39.04 -32.70 -23.77
N PRO B 1041 39.76 -33.38 -22.88
CA PRO B 1041 41.18 -33.07 -22.68
C PRO B 1041 41.99 -33.51 -23.89
N PRO B 1042 43.15 -32.90 -24.13
CA PRO B 1042 43.95 -33.26 -25.29
C PRO B 1042 44.48 -34.68 -25.19
N TYR B 1043 45.11 -35.12 -26.29
CA TYR B 1043 45.65 -36.48 -26.33
C TYR B 1043 46.87 -36.66 -25.44
N GLU B 1044 47.49 -35.57 -24.99
CA GLU B 1044 48.61 -35.66 -24.05
C GLU B 1044 48.17 -35.66 -22.60
N PHE B 1045 46.86 -35.60 -22.34
CA PHE B 1045 46.35 -35.61 -20.97
C PHE B 1045 46.72 -36.91 -20.28
N GLU B 1046 47.24 -36.80 -19.06
CA GLU B 1046 47.65 -37.97 -18.29
C GLU B 1046 46.42 -38.69 -17.75
N LEU B 1047 46.40 -40.01 -17.92
CA LEU B 1047 45.23 -40.82 -17.57
C LEU B 1047 45.43 -41.45 -16.19
N VAL B 1048 44.75 -40.89 -15.20
CA VAL B 1048 44.77 -41.47 -13.85
C VAL B 1048 44.03 -42.80 -13.87
N PRO B 1049 44.53 -43.83 -13.19
CA PRO B 1049 43.83 -45.13 -13.19
C PRO B 1049 42.40 -45.06 -12.68
N THR B 1050 42.11 -44.18 -11.73
CA THR B 1050 40.77 -44.05 -11.15
C THR B 1050 40.04 -42.93 -11.86
N ASP B 1051 39.53 -43.24 -13.05
CA ASP B 1051 38.82 -42.27 -13.88
C ASP B 1051 37.57 -42.91 -14.46
N LEU B 1052 36.57 -42.08 -14.73
CA LEU B 1052 35.32 -42.51 -15.36
C LEU B 1052 35.21 -41.85 -16.73
N ILE B 1053 34.96 -42.67 -17.76
CA ILE B 1053 34.96 -42.21 -19.14
C ILE B 1053 33.53 -41.87 -19.56
N PHE B 1054 33.39 -40.76 -20.28
CA PHE B 1054 32.12 -40.38 -20.89
C PHE B 1054 32.11 -40.90 -22.33
N CYS B 1055 31.47 -42.05 -22.54
CA CYS B 1055 31.55 -42.76 -23.79
C CYS B 1055 30.17 -42.94 -24.40
N LEU B 1056 30.06 -42.66 -25.70
CA LEU B 1056 28.83 -42.90 -26.46
C LEU B 1056 28.92 -44.30 -27.04
N MET B 1057 28.14 -45.17 -26.44
CA MET B 1057 28.25 -46.57 -26.85
C MET B 1057 27.69 -46.72 -28.24
N GLN B 1058 28.11 -47.77 -28.94
CA GLN B 1058 27.53 -48.06 -30.27
C GLN B 1058 26.09 -48.48 -30.00
N PHE B 1059 25.26 -48.43 -31.02
CA PHE B 1059 23.83 -48.68 -30.81
C PHE B 1059 23.58 -50.10 -30.33
N ASP B 1060 22.41 -50.32 -29.76
CA ASP B 1060 22.05 -51.65 -29.24
C ASP B 1060 20.56 -51.86 -29.49
N GLN C 19 42.54 49.50 -35.12
CA GLN C 19 41.26 49.09 -35.68
C GLN C 19 40.80 47.78 -35.06
N ARG C 20 39.51 47.68 -34.74
CA ARG C 20 38.97 46.50 -34.09
C ARG C 20 38.86 45.35 -35.09
N MET C 21 39.50 44.23 -34.79
CA MET C 21 39.48 43.05 -35.64
C MET C 21 38.53 41.98 -35.17
N TRP C 22 37.76 42.22 -34.10
CA TRP C 22 36.85 41.21 -33.57
C TRP C 22 35.83 40.79 -34.62
N TRP C 23 35.40 41.73 -35.46
CA TRP C 23 34.45 41.41 -36.50
C TRP C 23 34.99 40.33 -37.44
N ALA C 24 36.30 40.35 -37.69
CA ALA C 24 36.90 39.32 -38.55
C ALA C 24 36.75 37.94 -37.93
N PHE C 25 37.05 37.81 -36.64
CA PHE C 25 36.94 36.50 -35.98
C PHE C 25 35.50 36.02 -35.95
N LEU C 26 34.58 36.92 -35.59
CA LEU C 26 33.17 36.53 -35.53
C LEU C 26 32.65 36.14 -36.91
N ALA C 27 33.04 36.89 -37.94
CA ALA C 27 32.63 36.56 -39.30
C ALA C 27 33.20 35.23 -39.74
N SER C 28 34.46 34.95 -39.38
CA SER C 28 35.06 33.66 -39.73
C SER C 28 34.28 32.51 -39.09
N SER C 29 33.96 32.65 -37.80
CA SER C 29 33.20 31.60 -37.13
C SER C 29 31.82 31.43 -37.75
N MET C 30 31.15 32.53 -38.05
CA MET C 30 29.79 32.44 -38.61
C MET C 30 29.81 31.88 -40.02
N VAL C 31 30.81 32.21 -40.83
CA VAL C 31 30.85 31.66 -42.18
C VAL C 31 31.22 30.18 -42.14
N THR C 32 32.07 29.76 -41.20
CA THR C 32 32.31 28.33 -41.04
C THR C 32 31.03 27.59 -40.67
N PHE C 33 30.27 28.16 -39.72
CA PHE C 33 28.99 27.57 -39.34
C PHE C 33 28.04 27.48 -40.53
N PHE C 34 27.91 28.58 -41.28
CA PHE C 34 27.00 28.60 -42.41
C PHE C 34 27.43 27.65 -43.51
N GLY C 35 28.74 27.56 -43.77
CA GLY C 35 29.24 26.64 -44.79
C GLY C 35 28.95 25.20 -44.43
N GLY C 36 29.21 24.82 -43.18
CA GLY C 36 28.85 23.48 -42.76
C GLY C 36 27.37 23.23 -42.84
N LEU C 37 26.57 24.18 -42.35
CA LEU C 37 25.12 24.01 -42.35
C LEU C 37 24.60 23.79 -43.76
N PHE C 38 25.07 24.58 -44.73
CA PHE C 38 24.60 24.41 -46.10
C PHE C 38 25.19 23.16 -46.76
N ILE C 39 26.39 22.76 -46.37
CA ILE C 39 26.96 21.53 -46.92
C ILE C 39 26.09 20.34 -46.57
N ILE C 40 25.63 20.26 -45.32
CA ILE C 40 24.69 19.19 -44.96
C ILE C 40 23.27 19.47 -45.44
N LEU C 41 22.89 20.74 -45.65
CA LEU C 41 21.58 21.01 -46.25
C LEU C 41 21.49 20.46 -47.67
N LEU C 42 22.50 20.75 -48.51
CA LEU C 42 22.47 20.27 -49.88
C LEU C 42 22.56 18.76 -49.98
N TRP C 43 22.93 18.07 -48.89
CA TRP C 43 22.89 16.61 -48.90
C TRP C 43 21.49 16.09 -49.13
N ARG C 44 20.50 16.69 -48.47
CA ARG C 44 19.12 16.23 -48.55
C ARG C 44 18.13 17.26 -49.08
N THR C 45 18.54 18.51 -49.30
CA THR C 45 17.67 19.51 -49.91
C THR C 45 17.95 19.73 -51.38
N LEU C 46 19.22 19.69 -51.79
CA LEU C 46 19.54 19.77 -53.21
C LEU C 46 18.98 18.57 -53.96
N LYS C 47 19.06 17.38 -53.35
CA LYS C 47 18.49 16.17 -53.92
C LYS C 47 17.15 15.82 -53.29
N TYR C 48 16.41 16.82 -52.82
CA TYR C 48 15.08 16.60 -52.26
C TYR C 48 14.12 16.26 -53.40
N LEU C 49 13.82 14.97 -53.54
CA LEU C 49 12.97 14.47 -54.62
C LEU C 49 13.57 14.78 -56.00
N TRP C 50 14.91 14.90 -56.05
CA TRP C 50 15.64 15.14 -57.29
C TRP C 50 15.11 16.40 -58.00
N THR C 51 15.02 17.48 -57.25
CA THR C 51 14.53 18.75 -57.78
C THR C 51 15.64 19.50 -58.52
N MET C 94 32.90 5.50 -49.39
CA MET C 94 32.98 4.10 -48.99
C MET C 94 32.88 3.96 -47.47
N THR C 95 32.43 2.79 -47.02
CA THR C 95 32.28 2.53 -45.59
C THR C 95 33.59 2.14 -44.92
N SER C 96 34.64 1.86 -45.70
CA SER C 96 35.91 1.46 -45.10
C SER C 96 36.51 2.60 -44.26
N VAL C 97 36.50 3.82 -44.80
CA VAL C 97 37.05 4.95 -44.07
C VAL C 97 36.21 5.25 -42.83
N LYS C 98 34.89 5.14 -42.93
CA LYS C 98 34.03 5.37 -41.78
C LYS C 98 34.30 4.34 -40.68
N ASP C 99 34.42 3.07 -41.06
CA ASP C 99 34.71 2.04 -40.07
C ASP C 99 36.08 2.26 -39.44
N TRP C 100 37.09 2.60 -40.25
CA TRP C 100 38.43 2.82 -39.72
C TRP C 100 38.44 4.01 -38.76
N ALA C 101 37.73 5.08 -39.10
CA ALA C 101 37.62 6.21 -38.18
C ALA C 101 36.90 5.80 -36.91
N GLY C 102 35.91 4.91 -37.00
CA GLY C 102 35.27 4.40 -35.81
C GLY C 102 36.14 3.47 -34.99
N VAL C 103 37.21 2.94 -35.57
CA VAL C 103 38.06 2.00 -34.84
C VAL C 103 38.70 2.67 -33.63
N MET C 104 39.35 3.82 -33.84
CA MET C 104 40.06 4.47 -32.75
C MET C 104 39.22 5.48 -31.98
N ILE C 105 37.92 5.57 -32.28
CA ILE C 105 37.04 6.44 -31.52
C ILE C 105 36.07 5.65 -30.63
N SER C 106 35.72 4.42 -31.00
CA SER C 106 34.88 3.59 -30.15
C SER C 106 35.56 3.33 -28.81
N ALA C 107 34.80 3.45 -27.73
CA ALA C 107 35.35 3.29 -26.39
C ALA C 107 35.77 1.86 -26.09
N GLN C 108 35.41 0.89 -26.93
CA GLN C 108 35.74 -0.51 -26.67
C GLN C 108 37.24 -0.73 -26.65
N THR C 109 37.94 -0.25 -27.67
CA THR C 109 39.36 -0.50 -27.82
C THR C 109 40.18 0.40 -26.90
N LEU C 110 41.43 -0.01 -26.66
CA LEU C 110 42.33 0.80 -25.85
C LEU C 110 42.79 2.05 -26.59
N THR C 111 42.91 1.97 -27.92
CA THR C 111 43.34 3.14 -28.68
C THR C 111 42.35 4.29 -28.54
N GLY C 112 41.05 3.98 -28.53
CA GLY C 112 40.06 5.00 -28.26
C GLY C 112 40.24 5.62 -26.88
N ARG C 113 40.57 4.80 -25.89
CA ARG C 113 40.76 5.29 -24.53
C ARG C 113 41.92 6.27 -24.45
N VAL C 114 43.08 5.90 -25.00
CA VAL C 114 44.22 6.80 -24.95
C VAL C 114 43.96 8.04 -25.80
N LEU C 115 43.25 7.90 -26.92
CA LEU C 115 42.93 9.05 -27.75
C LEU C 115 42.07 10.06 -26.99
N VAL C 116 41.01 9.59 -26.33
CA VAL C 116 40.13 10.51 -25.62
C VAL C 116 40.83 11.08 -24.39
N VAL C 117 41.71 10.29 -23.76
CA VAL C 117 42.49 10.81 -22.63
C VAL C 117 43.40 11.94 -23.10
N LEU C 118 44.05 11.76 -24.25
CA LEU C 118 44.86 12.83 -24.82
C LEU C 118 44.01 14.06 -25.13
N VAL C 119 42.83 13.84 -25.71
CA VAL C 119 41.93 14.96 -26.02
C VAL C 119 41.59 15.74 -24.76
N PHE C 120 41.21 15.03 -23.70
CA PHE C 120 40.82 15.70 -22.46
C PHE C 120 41.99 16.44 -21.82
N ALA C 121 43.18 15.82 -21.80
CA ALA C 121 44.33 16.48 -21.20
C ALA C 121 44.71 17.73 -21.98
N LEU C 122 44.66 17.66 -23.31
CA LEU C 122 44.98 18.84 -24.10
C LEU C 122 43.90 19.91 -23.96
N SER C 123 42.64 19.50 -23.76
CA SER C 123 41.58 20.49 -23.50
C SER C 123 41.82 21.19 -22.17
N ILE C 124 42.24 20.45 -21.14
CA ILE C 124 42.55 21.08 -19.85
C ILE C 124 43.72 22.05 -20.00
N GLY C 125 44.76 21.64 -20.74
CA GLY C 125 45.87 22.56 -20.99
C GLY C 125 45.42 23.80 -21.73
N ALA C 126 44.53 23.64 -22.71
CA ALA C 126 44.02 24.78 -23.46
C ALA C 126 43.20 25.70 -22.56
N LEU C 127 42.46 25.13 -21.61
CA LEU C 127 41.73 25.95 -20.65
C LEU C 127 42.69 26.73 -19.75
N VAL C 128 43.79 26.10 -19.36
CA VAL C 128 44.81 26.84 -18.59
C VAL C 128 45.37 27.99 -19.40
N ILE C 129 45.65 27.73 -20.68
CA ILE C 129 46.12 28.80 -21.57
C ILE C 129 45.07 29.89 -21.70
N TYR C 130 43.79 29.52 -21.71
CA TYR C 130 42.72 30.51 -21.76
C TYR C 130 42.71 31.37 -20.49
N PHE C 131 42.96 30.76 -19.34
CA PHE C 131 43.08 31.55 -18.11
C PHE C 131 44.25 32.53 -18.20
N ILE C 132 45.39 32.06 -18.72
CA ILE C 132 46.54 32.94 -18.89
C ILE C 132 46.20 34.10 -19.82
N ASP C 133 45.46 33.81 -20.90
CA ASP C 133 45.02 34.85 -21.81
C ASP C 133 44.08 35.83 -21.10
N SER C 134 43.19 35.31 -20.24
CA SER C 134 42.30 36.17 -19.47
C SER C 134 43.09 37.11 -18.58
N SER C 135 44.23 36.66 -18.06
CA SER C 135 45.10 37.58 -17.32
C SER C 135 45.59 38.70 -18.23
N ASN C 136 45.90 38.38 -19.48
CA ASN C 136 46.31 39.38 -20.46
C ASN C 136 45.11 40.29 -20.80
N PRO C 137 45.35 41.59 -21.04
CA PRO C 137 44.29 42.43 -21.64
C PRO C 137 43.61 41.79 -22.84
N ILE C 138 42.39 42.21 -23.12
CA ILE C 138 41.50 41.45 -23.98
C ILE C 138 42.02 41.40 -25.42
N GLU C 139 42.48 42.54 -25.96
CA GLU C 139 42.86 42.61 -27.35
C GLU C 139 44.25 43.25 -27.47
N SER C 140 45.14 42.57 -28.19
CA SER C 140 46.47 43.08 -28.48
C SER C 140 46.96 42.43 -29.77
N CYS C 141 47.67 43.23 -30.58
CA CYS C 141 48.23 42.72 -31.82
C CYS C 141 49.34 41.73 -31.51
N GLN C 142 49.06 40.44 -31.69
CA GLN C 142 49.98 39.38 -31.29
C GLN C 142 50.02 38.30 -32.36
N ASN C 143 51.22 37.89 -32.74
CA ASN C 143 51.44 36.81 -33.69
C ASN C 143 52.25 35.70 -33.02
N PHE C 144 52.65 34.70 -33.81
CA PHE C 144 53.43 33.59 -33.28
C PHE C 144 54.78 34.06 -32.75
N TYR C 145 55.45 34.97 -33.47
CA TYR C 145 56.76 35.43 -33.06
C TYR C 145 56.70 36.37 -31.86
N LYS C 146 55.52 36.90 -31.52
CA LYS C 146 55.42 37.80 -30.38
C LYS C 146 55.49 37.05 -29.05
N ASP C 147 54.84 35.90 -28.94
CA ASP C 147 54.78 35.15 -27.69
C ASP C 147 55.15 33.69 -27.92
N PHE C 148 54.99 32.86 -26.89
CA PHE C 148 55.29 31.43 -26.98
C PHE C 148 54.08 30.55 -26.67
N THR C 149 52.89 31.13 -26.55
CA THR C 149 51.69 30.36 -26.23
C THR C 149 50.79 30.13 -27.44
N LEU C 150 50.84 31.00 -28.45
CA LEU C 150 49.96 30.85 -29.61
C LEU C 150 50.26 29.58 -30.37
N GLN C 151 51.54 29.23 -30.51
CA GLN C 151 51.90 28.02 -31.23
C GLN C 151 51.39 26.77 -30.53
N ILE C 152 51.46 26.74 -29.20
CA ILE C 152 50.93 25.61 -28.45
C ILE C 152 49.43 25.48 -28.69
N ASP C 153 48.70 26.60 -28.62
CA ASP C 153 47.27 26.58 -28.89
C ASP C 153 46.98 26.19 -30.33
N MET C 154 47.83 26.62 -31.27
CA MET C 154 47.64 26.24 -32.67
C MET C 154 47.78 24.73 -32.84
N ALA C 155 48.79 24.13 -32.21
CA ALA C 155 48.94 22.68 -32.28
C ALA C 155 47.76 21.97 -31.63
N PHE C 156 47.31 22.47 -30.48
CA PHE C 156 46.14 21.88 -29.82
C PHE C 156 44.93 21.94 -30.73
N ASN C 157 44.72 23.07 -31.41
CA ASN C 157 43.55 23.24 -32.24
C ASN C 157 43.62 22.41 -33.51
N VAL C 158 44.80 22.26 -34.12
CA VAL C 158 44.88 21.42 -35.31
C VAL C 158 44.68 19.96 -34.94
N PHE C 159 45.19 19.53 -33.78
CA PHE C 159 44.90 18.18 -33.33
C PHE C 159 43.41 17.98 -33.07
N PHE C 160 42.77 18.98 -32.45
CA PHE C 160 41.33 18.90 -32.21
C PHE C 160 40.57 18.84 -33.52
N LEU C 161 41.01 19.60 -34.53
CA LEU C 161 40.38 19.56 -35.84
C LEU C 161 40.53 18.18 -36.48
N LEU C 162 41.71 17.56 -36.33
CA LEU C 162 41.91 16.21 -36.84
C LEU C 162 40.95 15.23 -36.16
N TYR C 163 40.83 15.32 -34.84
CA TYR C 163 39.92 14.44 -34.11
C TYR C 163 38.47 14.67 -34.53
N PHE C 164 38.09 15.94 -34.71
CA PHE C 164 36.73 16.27 -35.14
C PHE C 164 36.45 15.73 -36.53
N GLY C 165 37.43 15.82 -37.43
CA GLY C 165 37.26 15.22 -38.75
C GLY C 165 37.12 13.71 -38.70
N LEU C 166 37.91 13.07 -37.83
CA LEU C 166 37.80 11.63 -37.67
C LEU C 166 36.42 11.22 -37.20
N ARG C 167 35.89 11.93 -36.20
CA ARG C 167 34.55 11.57 -35.71
C ARG C 167 33.46 12.00 -36.67
N PHE C 168 33.71 13.01 -37.51
CA PHE C 168 32.77 13.33 -38.58
C PHE C 168 32.71 12.22 -39.62
N ILE C 169 33.87 11.66 -39.98
CA ILE C 169 33.90 10.52 -40.89
C ILE C 169 33.19 9.33 -40.26
N ALA C 170 33.44 9.08 -38.97
CA ALA C 170 32.77 7.98 -38.29
C ALA C 170 31.30 8.27 -38.03
N ALA C 171 30.88 9.54 -38.12
CA ALA C 171 29.49 9.89 -37.84
C ALA C 171 28.58 9.38 -38.95
N ASN C 172 27.46 8.78 -38.57
CA ASN C 172 26.50 8.28 -39.55
C ASN C 172 25.56 9.39 -40.02
N ASP C 173 24.80 9.97 -39.10
CA ASP C 173 23.86 11.04 -39.42
C ASP C 173 24.57 12.38 -39.30
N LYS C 174 24.88 13.01 -40.43
CA LYS C 174 25.61 14.26 -40.41
C LYS C 174 24.77 15.39 -39.82
N LEU C 175 23.47 15.43 -40.15
CA LEU C 175 22.63 16.52 -39.69
C LEU C 175 22.55 16.57 -38.17
N TRP C 176 22.42 15.41 -37.54
CA TRP C 176 22.38 15.37 -36.07
C TRP C 176 23.76 15.40 -35.46
N PHE C 177 24.82 15.13 -36.23
CA PHE C 177 26.18 15.25 -35.71
C PHE C 177 26.62 16.71 -35.64
N TRP C 178 26.26 17.50 -36.65
CA TRP C 178 26.54 18.93 -36.64
C TRP C 178 25.63 19.72 -35.71
N LEU C 179 24.55 19.12 -35.22
CA LEU C 179 23.70 19.74 -34.21
C LEU C 179 24.06 19.28 -32.80
N GLU C 180 25.30 18.81 -32.60
CA GLU C 180 25.76 18.34 -31.31
C GLU C 180 26.35 19.52 -30.52
N VAL C 181 27.04 19.22 -29.43
CA VAL C 181 27.67 20.23 -28.59
C VAL C 181 29.18 20.24 -28.74
N ASN C 182 29.82 19.07 -28.75
CA ASN C 182 31.27 19.01 -28.86
C ASN C 182 31.74 19.55 -30.20
N SER C 183 31.03 19.22 -31.27
CA SER C 183 31.38 19.76 -32.59
C SER C 183 31.24 21.28 -32.60
N VAL C 184 30.17 21.80 -31.98
CA VAL C 184 29.97 23.24 -31.91
C VAL C 184 31.14 23.90 -31.19
N VAL C 185 31.56 23.32 -30.06
CA VAL C 185 32.72 23.85 -29.35
C VAL C 185 33.96 23.82 -30.23
N ASP C 186 34.16 22.71 -30.95
CA ASP C 186 35.38 22.55 -31.74
C ASP C 186 35.46 23.60 -32.84
N PHE C 187 34.41 23.74 -33.65
CA PHE C 187 34.47 24.70 -34.75
C PHE C 187 34.04 26.10 -34.34
N PHE C 188 33.79 26.34 -33.05
CA PHE C 188 33.75 27.70 -32.54
C PHE C 188 35.05 28.10 -31.85
N THR C 189 35.93 27.14 -31.55
CA THR C 189 37.23 27.48 -30.99
C THR C 189 38.39 27.39 -31.99
N VAL C 190 38.24 26.64 -33.08
CA VAL C 190 39.34 26.53 -34.05
C VAL C 190 39.47 27.76 -34.96
N PRO C 191 38.42 28.22 -35.64
CA PRO C 191 38.58 29.32 -36.61
C PRO C 191 39.19 30.58 -36.02
N PRO C 192 38.86 30.95 -34.75
CA PRO C 192 39.55 32.11 -34.15
C PRO C 192 41.05 32.01 -34.17
N VAL C 193 41.61 30.94 -33.59
CA VAL C 193 43.06 30.80 -33.57
C VAL C 193 43.60 30.58 -34.97
N PHE C 194 42.79 29.99 -35.87
CA PHE C 194 43.24 29.80 -37.24
C PHE C 194 43.48 31.13 -37.93
N VAL C 195 42.57 32.10 -37.75
CA VAL C 195 42.72 33.41 -38.35
C VAL C 195 43.51 34.38 -37.48
N SER C 196 43.91 33.94 -36.28
CA SER C 196 44.73 34.80 -35.42
C SER C 196 46.05 35.16 -36.10
N VAL C 197 46.69 34.20 -36.75
CA VAL C 197 47.92 34.48 -37.47
C VAL C 197 47.67 35.38 -38.68
N TYR C 198 46.52 35.22 -39.33
CA TYR C 198 46.21 36.02 -40.52
C TYR C 198 46.17 37.51 -40.19
N LEU C 199 45.50 37.87 -39.09
CA LEU C 199 45.34 39.26 -38.70
C LEU C 199 46.27 39.68 -37.57
N ASN C 200 47.14 38.78 -37.10
CA ASN C 200 48.09 39.07 -36.02
C ASN C 200 47.39 39.64 -34.80
N ARG C 201 46.26 39.06 -34.43
CA ARG C 201 45.47 39.50 -33.29
C ARG C 201 45.19 38.33 -32.37
N SER C 202 45.08 38.63 -31.08
CA SER C 202 44.89 37.63 -30.04
C SER C 202 43.65 37.95 -29.20
N TRP C 203 42.54 38.24 -29.89
CA TRP C 203 41.29 38.50 -29.21
C TRP C 203 40.86 37.30 -28.37
N LEU C 204 40.37 37.57 -27.17
CA LEU C 204 39.88 36.50 -26.31
C LEU C 204 38.71 35.78 -26.95
N GLY C 205 37.69 36.52 -27.38
CA GLY C 205 36.59 35.95 -28.12
C GLY C 205 35.90 34.83 -27.38
N LEU C 206 35.44 33.85 -28.14
CA LEU C 206 34.75 32.68 -27.58
C LEU C 206 35.72 31.55 -27.28
N ARG C 207 36.78 31.85 -26.53
CA ARG C 207 37.78 30.86 -26.18
C ARG C 207 37.45 30.10 -24.91
N PHE C 208 36.37 30.47 -24.21
CA PHE C 208 35.96 29.76 -23.00
C PHE C 208 35.13 28.51 -23.30
N LEU C 209 34.67 28.36 -24.54
CA LEU C 209 33.85 27.20 -24.89
C LEU C 209 34.58 25.88 -24.63
N ARG C 210 35.91 25.92 -24.57
CA ARG C 210 36.69 24.72 -24.29
C ARG C 210 36.25 24.09 -22.98
N ALA C 211 35.84 24.91 -22.01
CA ALA C 211 35.43 24.36 -20.72
C ALA C 211 34.25 23.42 -20.87
N LEU C 212 33.44 23.59 -21.91
CA LEU C 212 32.31 22.70 -22.13
C LEU C 212 32.74 21.26 -22.41
N ARG C 213 33.99 21.04 -22.77
CA ARG C 213 34.50 19.69 -22.96
C ARG C 213 34.95 19.05 -21.66
N LEU C 214 35.06 19.82 -20.57
CA LEU C 214 35.52 19.27 -19.31
C LEU C 214 34.59 18.19 -18.78
N ILE C 215 33.32 18.19 -19.20
CA ILE C 215 32.38 17.15 -18.79
C ILE C 215 32.86 15.78 -19.22
N GLN C 216 33.71 15.70 -20.25
CA GLN C 216 34.23 14.40 -20.67
C GLN C 216 35.07 13.74 -19.59
N PHE C 217 35.48 14.51 -18.57
CA PHE C 217 36.08 13.93 -17.38
C PHE C 217 35.26 12.74 -16.89
N SER C 218 33.94 12.89 -16.83
CA SER C 218 33.08 11.80 -16.39
C SER C 218 33.30 10.56 -17.25
N GLU C 219 33.30 10.73 -18.58
CA GLU C 219 33.50 9.59 -19.46
C GLU C 219 34.86 8.94 -19.23
N ILE C 220 35.85 9.72 -18.81
CA ILE C 220 37.16 9.14 -18.47
C ILE C 220 37.00 8.12 -17.36
N LEU C 221 36.22 8.47 -16.33
CA LEU C 221 35.99 7.53 -15.24
C LEU C 221 35.25 6.28 -15.71
N GLN C 222 34.62 6.34 -16.89
CA GLN C 222 33.99 5.13 -17.43
C GLN C 222 35.04 4.05 -17.68
N PHE C 223 36.25 4.45 -18.05
CA PHE C 223 37.31 3.47 -18.26
C PHE C 223 37.80 2.90 -16.93
N LEU C 224 38.03 3.76 -15.94
CA LEU C 224 38.50 3.34 -14.62
C LEU C 224 37.71 4.13 -13.58
N ASN C 225 36.57 3.59 -13.16
CA ASN C 225 35.74 4.20 -12.13
C ASN C 225 36.25 3.79 -10.75
N ILE C 226 37.33 4.46 -10.32
CA ILE C 226 38.07 4.06 -9.12
C ILE C 226 37.15 3.92 -7.91
N LEU C 227 36.04 4.66 -7.88
CA LEU C 227 35.07 4.50 -6.79
C LEU C 227 34.19 3.27 -6.95
N LYS C 228 34.06 2.75 -8.17
CA LYS C 228 33.32 1.51 -8.46
C LYS C 228 31.87 1.61 -7.99
N THR C 229 31.14 2.58 -8.55
CA THR C 229 29.73 2.75 -8.21
C THR C 229 29.06 3.59 -9.27
N SER C 230 27.83 3.21 -9.64
CA SER C 230 27.04 4.04 -10.55
C SER C 230 26.65 5.36 -9.90
N ASN C 231 26.37 5.34 -8.59
CA ASN C 231 26.16 6.59 -7.88
C ASN C 231 27.38 7.50 -8.00
N SER C 232 28.57 6.91 -7.99
CA SER C 232 29.80 7.70 -8.12
C SER C 232 29.90 8.34 -9.51
N ILE C 233 29.55 7.59 -10.56
CA ILE C 233 29.64 8.17 -11.90
C ILE C 233 28.59 9.27 -12.07
N LYS C 234 27.40 9.09 -11.47
CA LYS C 234 26.41 10.15 -11.49
C LYS C 234 26.92 11.39 -10.75
N LEU C 235 27.55 11.20 -9.60
CA LEU C 235 28.08 12.32 -8.83
C LEU C 235 29.13 13.08 -9.62
N VAL C 236 30.07 12.36 -10.22
CA VAL C 236 31.14 13.02 -10.96
C VAL C 236 30.59 13.71 -12.20
N ASN C 237 29.57 13.11 -12.84
CA ASN C 237 28.95 13.75 -14.00
C ASN C 237 28.29 15.06 -13.61
N LEU C 238 27.53 15.06 -12.51
CA LEU C 238 26.87 16.29 -12.07
C LEU C 238 27.90 17.35 -11.68
N LEU C 239 28.95 16.95 -10.95
CA LEU C 239 29.97 17.92 -10.58
C LEU C 239 30.65 18.51 -11.80
N SER C 240 31.00 17.67 -12.78
CA SER C 240 31.67 18.15 -13.97
C SER C 240 30.79 19.09 -14.77
N ILE C 241 29.50 18.76 -14.93
CA ILE C 241 28.63 19.61 -15.73
C ILE C 241 28.38 20.93 -15.02
N PHE C 242 28.23 20.91 -13.70
CA PHE C 242 28.05 22.16 -12.96
C PHE C 242 29.29 23.04 -13.07
N ILE C 243 30.48 22.45 -12.94
CA ILE C 243 31.72 23.23 -13.06
C ILE C 243 31.85 23.80 -14.46
N SER C 244 31.54 23.00 -15.48
CA SER C 244 31.66 23.47 -16.85
C SER C 244 30.71 24.64 -17.13
N THR C 245 29.46 24.53 -16.68
CA THR C 245 28.52 25.63 -16.86
C THR C 245 28.99 26.87 -16.13
N TRP C 246 29.47 26.71 -14.89
CA TRP C 246 30.00 27.81 -14.11
C TRP C 246 31.11 28.54 -14.87
N LEU C 247 32.11 27.79 -15.34
CA LEU C 247 33.27 28.39 -16.00
C LEU C 247 32.87 29.03 -17.33
N THR C 248 32.00 28.38 -18.09
CA THR C 248 31.57 28.93 -19.38
C THR C 248 30.81 30.24 -19.18
N ALA C 249 29.89 30.28 -18.22
CA ALA C 249 29.17 31.52 -17.95
C ALA C 249 30.12 32.61 -17.49
N ALA C 250 31.09 32.26 -16.63
CA ALA C 250 32.06 33.26 -16.18
C ALA C 250 32.83 33.83 -17.36
N GLY C 251 33.29 32.97 -18.28
CA GLY C 251 34.01 33.46 -19.44
C GLY C 251 33.15 34.34 -20.32
N PHE C 252 31.89 33.94 -20.55
CA PHE C 252 31.03 34.71 -21.43
C PHE C 252 30.75 36.09 -20.85
N ILE C 253 30.45 36.16 -19.55
CA ILE C 253 30.19 37.45 -18.92
C ILE C 253 31.46 38.29 -18.86
N HIS C 254 32.62 37.66 -18.65
CA HIS C 254 33.88 38.40 -18.67
C HIS C 254 34.10 39.05 -20.04
N LEU C 255 33.86 38.28 -21.10
CA LEU C 255 33.99 38.83 -22.45
C LEU C 255 33.03 39.98 -22.67
N VAL C 256 31.78 39.83 -22.22
CA VAL C 256 30.78 40.87 -22.45
C VAL C 256 31.13 42.13 -21.69
N GLU C 257 31.57 41.99 -20.43
CA GLU C 257 31.83 43.17 -19.60
C GLU C 257 33.12 43.88 -19.99
N ASN C 258 34.18 43.13 -20.31
CA ASN C 258 35.43 43.76 -20.66
C ASN C 258 35.38 44.49 -22.00
N SER C 259 34.34 44.28 -22.80
CA SER C 259 34.16 44.97 -24.07
C SER C 259 32.74 45.52 -24.11
N GLY C 260 32.60 46.83 -23.89
CA GLY C 260 31.31 47.48 -23.80
C GLY C 260 30.38 47.21 -24.97
N ASP C 261 29.09 47.47 -24.78
CA ASP C 261 28.12 47.20 -25.83
C ASP C 261 28.38 48.11 -27.04
N PRO C 262 28.20 47.59 -28.26
CA PRO C 262 28.49 48.41 -29.45
C PRO C 262 27.53 49.58 -29.64
N TRP C 263 26.37 49.55 -28.98
CA TRP C 263 25.39 50.62 -29.15
C TRP C 263 25.92 51.98 -28.69
N GLU C 264 26.94 51.99 -27.83
CA GLU C 264 27.51 53.24 -27.32
C GLU C 264 28.99 53.34 -27.64
N ASN C 265 29.41 52.82 -28.79
CA ASN C 265 30.78 52.95 -29.29
C ASN C 265 31.80 52.39 -28.29
N PHE C 266 31.47 51.25 -27.69
CA PHE C 266 32.37 50.54 -26.79
C PHE C 266 32.84 51.42 -25.63
N GLN C 267 31.93 52.23 -25.10
CA GLN C 267 32.25 53.13 -24.01
C GLN C 267 31.76 52.65 -22.66
N ASN C 268 31.35 51.38 -22.56
CA ASN C 268 30.87 50.81 -21.31
C ASN C 268 31.82 49.76 -20.74
N ASN C 269 33.09 49.81 -21.13
CA ASN C 269 34.06 48.84 -20.64
C ASN C 269 34.21 48.96 -19.13
N GLN C 270 34.19 47.81 -18.45
CA GLN C 270 34.34 47.74 -17.01
C GLN C 270 35.52 46.84 -16.68
N ALA C 271 36.42 47.33 -15.82
CA ALA C 271 37.63 46.60 -15.46
C ALA C 271 37.27 45.48 -14.48
N LEU C 272 36.81 44.37 -15.05
CA LEU C 272 36.43 43.20 -14.28
C LEU C 272 37.36 42.04 -14.63
N THR C 273 38.02 41.48 -13.62
CA THR C 273 38.86 40.32 -13.84
C THR C 273 37.99 39.07 -13.96
N TYR C 274 38.59 38.01 -14.51
CA TYR C 274 37.86 36.76 -14.69
C TYR C 274 37.45 36.15 -13.36
N TRP C 275 38.35 36.16 -12.38
CA TRP C 275 38.02 35.59 -11.08
C TRP C 275 36.95 36.41 -10.36
N GLU C 276 36.96 37.74 -10.55
CA GLU C 276 35.88 38.55 -10.05
C GLU C 276 34.55 38.15 -10.68
N CYS C 277 34.58 37.80 -11.96
CA CYS C 277 33.36 37.34 -12.63
C CYS C 277 32.90 35.99 -12.06
N VAL C 278 33.84 35.11 -11.74
CA VAL C 278 33.50 33.86 -11.08
C VAL C 278 32.83 34.12 -9.74
N TYR C 279 33.40 35.03 -8.97
CA TYR C 279 32.81 35.41 -7.68
C TYR C 279 31.41 35.98 -7.87
N LEU C 280 31.23 36.80 -8.91
CA LEU C 280 29.91 37.34 -9.22
C LEU C 280 28.92 36.25 -9.54
N LEU C 281 29.34 35.26 -10.33
CA LEU C 281 28.45 34.15 -10.67
C LEU C 281 28.03 33.39 -9.43
N MET C 282 28.97 33.16 -8.50
CA MET C 282 28.61 32.48 -7.27
C MET C 282 27.65 33.31 -6.42
N VAL C 283 27.94 34.59 -6.23
CA VAL C 283 27.07 35.42 -5.41
C VAL C 283 25.73 35.71 -6.07
N THR C 284 25.59 35.42 -7.37
CA THR C 284 24.29 35.60 -8.00
C THR C 284 23.53 34.29 -8.20
N MET C 285 24.19 33.14 -8.10
CA MET C 285 23.48 31.87 -8.19
C MET C 285 23.33 31.17 -6.85
N SER C 286 23.85 31.77 -5.79
CA SER C 286 23.53 31.24 -4.46
C SER C 286 22.40 32.13 -3.99
N THR C 287 22.07 33.15 -4.78
CA THR C 287 20.98 34.11 -4.51
C THR C 287 21.45 35.15 -3.50
N VAL C 288 22.71 35.11 -3.09
CA VAL C 288 23.18 36.05 -2.04
C VAL C 288 23.08 37.45 -2.63
N GLY C 289 23.42 37.62 -3.89
CA GLY C 289 23.23 38.93 -4.51
C GLY C 289 23.88 40.02 -3.71
N TYR C 290 25.17 39.92 -3.50
CA TYR C 290 25.82 40.93 -2.64
C TYR C 290 25.68 42.32 -3.26
N GLY C 291 25.83 42.44 -4.56
CA GLY C 291 25.77 43.78 -5.13
C GLY C 291 27.09 44.49 -5.03
N ASP C 292 28.11 43.84 -4.49
CA ASP C 292 29.46 44.44 -4.49
C ASP C 292 30.00 44.48 -5.91
N VAL C 293 29.82 43.40 -6.65
CA VAL C 293 30.32 43.31 -8.05
C VAL C 293 29.06 43.25 -8.91
N TYR C 294 28.92 44.13 -9.87
CA TYR C 294 27.67 44.17 -10.64
C TYR C 294 28.04 44.17 -12.12
N ALA C 295 27.13 43.81 -13.02
CA ALA C 295 27.24 43.78 -14.48
C ALA C 295 26.62 45.05 -15.03
N LYS C 296 27.46 45.98 -15.48
CA LYS C 296 26.99 47.31 -15.87
C LYS C 296 26.49 47.37 -17.31
N THR C 297 27.08 46.62 -18.21
CA THR C 297 26.71 46.70 -19.62
C THR C 297 25.33 46.12 -19.87
N THR C 298 24.66 46.63 -20.91
CA THR C 298 23.31 46.17 -21.23
C THR C 298 23.31 44.70 -21.63
N LEU C 299 24.27 44.29 -22.46
CA LEU C 299 24.38 42.87 -22.81
C LEU C 299 24.67 42.03 -21.58
N GLY C 300 25.51 42.54 -20.68
CA GLY C 300 25.78 41.83 -19.45
C GLY C 300 24.53 41.61 -18.63
N ARG C 301 23.71 42.66 -18.48
CA ARG C 301 22.46 42.54 -17.73
C ARG C 301 21.50 41.57 -18.41
N LEU C 302 21.41 41.63 -19.74
CA LEU C 302 20.50 40.74 -20.46
C LEU C 302 20.91 39.28 -20.25
N PHE C 303 22.19 38.97 -20.44
CA PHE C 303 22.64 37.61 -20.21
C PHE C 303 22.52 37.22 -18.75
N MET C 304 22.71 38.16 -17.83
CA MET C 304 22.55 37.85 -16.42
C MET C 304 21.13 37.40 -16.13
N VAL C 305 20.15 38.13 -16.66
CA VAL C 305 18.75 37.75 -16.46
C VAL C 305 18.47 36.38 -17.06
N PHE C 306 18.85 36.21 -18.34
CA PHE C 306 18.51 34.96 -19.02
C PHE C 306 19.20 33.78 -18.37
N PHE C 307 20.44 33.95 -17.93
CA PHE C 307 21.18 32.81 -17.40
C PHE C 307 20.90 32.57 -15.93
N ILE C 308 20.42 33.57 -15.17
CA ILE C 308 19.82 33.26 -13.87
C ILE C 308 18.59 32.39 -14.06
N LEU C 309 17.73 32.76 -15.02
CA LEU C 309 16.57 31.92 -15.29
C LEU C 309 17.00 30.50 -15.66
N GLY C 310 17.95 30.38 -16.59
CA GLY C 310 18.38 29.07 -17.04
C GLY C 310 19.07 28.26 -15.97
N GLY C 311 19.94 28.90 -15.18
CA GLY C 311 20.63 28.19 -14.11
C GLY C 311 19.68 27.71 -13.02
N LEU C 312 18.71 28.55 -12.65
CA LEU C 312 17.73 28.10 -11.67
C LEU C 312 16.90 26.94 -12.21
N ALA C 313 16.52 27.00 -13.50
CA ALA C 313 15.78 25.89 -14.09
C ALA C 313 16.61 24.61 -14.11
N MET C 314 17.89 24.72 -14.48
CA MET C 314 18.76 23.55 -14.52
C MET C 314 18.98 22.96 -13.12
N PHE C 315 19.17 23.83 -12.13
CA PHE C 315 19.33 23.35 -10.75
C PHE C 315 18.06 22.66 -10.27
N ALA C 316 16.89 23.22 -10.60
CA ALA C 316 15.64 22.59 -10.22
C ALA C 316 15.49 21.23 -10.90
N SER C 317 15.91 21.12 -12.15
CA SER C 317 15.87 19.84 -12.85
C SER C 317 16.81 18.83 -12.21
N TYR C 318 17.96 19.29 -11.71
CA TYR C 318 18.93 18.38 -11.08
C TYR C 318 18.62 18.09 -9.62
N VAL C 319 17.65 18.79 -9.02
CA VAL C 319 17.28 18.50 -7.63
C VAL C 319 16.97 17.01 -7.39
N PRO C 320 16.16 16.33 -8.21
CA PRO C 320 15.89 14.91 -7.92
C PRO C 320 17.13 14.04 -7.84
N GLU C 321 18.12 14.27 -8.70
CA GLU C 321 19.33 13.46 -8.67
C GLU C 321 20.13 13.73 -7.40
N ILE C 322 20.19 14.99 -6.97
CA ILE C 322 20.86 15.32 -5.71
C ILE C 322 20.13 14.63 -4.56
N ILE C 323 18.80 14.65 -4.58
CA ILE C 323 18.02 14.03 -3.50
C ILE C 323 18.30 12.54 -3.45
N GLU C 324 18.26 11.86 -4.59
CA GLU C 324 18.42 10.41 -4.59
C GLU C 324 19.86 10.00 -4.28
N LEU C 325 20.84 10.81 -4.66
CA LEU C 325 22.24 10.44 -4.44
C LEU C 325 22.61 10.53 -2.97
N ILE C 326 22.14 11.56 -2.27
CA ILE C 326 22.57 11.82 -0.90
C ILE C 326 22.06 10.73 0.05
N GLY C 327 20.86 10.21 -0.18
CA GLY C 327 20.24 9.32 0.78
C GLY C 327 21.02 8.05 1.05
N ASN C 328 21.90 7.65 0.13
CA ASN C 328 22.64 6.40 0.27
C ASN C 328 23.87 6.56 1.15
N ARG C 329 23.69 6.49 2.47
CA ARG C 329 24.79 6.51 3.42
C ARG C 329 24.81 5.22 4.23
N LYS C 330 25.99 4.87 4.73
CA LYS C 330 26.21 3.62 5.46
C LYS C 330 26.41 3.92 6.93
N LYS C 331 25.63 3.25 7.78
CA LYS C 331 25.68 3.50 9.23
C LYS C 331 26.92 2.88 9.86
N TYR C 332 27.06 1.56 9.78
CA TYR C 332 28.14 0.86 10.47
C TYR C 332 28.75 -0.22 9.59
N GLY C 333 28.96 0.08 8.32
CA GLY C 333 29.64 -0.85 7.44
C GLY C 333 31.14 -0.91 7.71
N GLY C 334 31.62 -2.03 8.22
CA GLY C 334 33.03 -2.15 8.54
C GLY C 334 33.49 -3.58 8.76
N SER C 335 34.41 -3.78 9.70
CA SER C 335 34.95 -5.10 9.98
C SER C 335 35.36 -5.17 11.44
N TYR C 336 35.43 -6.39 11.96
CA TYR C 336 35.77 -6.62 13.36
C TYR C 336 37.25 -6.99 13.49
N SER C 337 37.86 -6.52 14.56
CA SER C 337 39.28 -6.77 14.84
C SER C 337 39.40 -7.80 15.95
N ALA C 338 40.24 -8.81 15.73
CA ALA C 338 40.41 -9.89 16.69
C ALA C 338 41.43 -9.48 17.74
N VAL C 339 40.97 -9.21 18.95
CA VAL C 339 41.86 -8.84 20.06
C VAL C 339 42.50 -10.11 20.61
N SER C 340 43.83 -10.10 20.70
CA SER C 340 44.54 -11.26 21.20
C SER C 340 44.26 -11.48 22.68
N GLY C 341 44.08 -12.73 23.07
CA GLY C 341 43.78 -13.05 24.46
C GLY C 341 42.40 -12.66 24.90
N ARG C 342 41.47 -12.47 23.96
CA ARG C 342 40.12 -12.03 24.28
C ARG C 342 39.13 -12.88 23.51
N LYS C 343 38.16 -13.46 24.21
CA LYS C 343 37.10 -14.19 23.56
C LYS C 343 36.00 -13.24 23.11
N HIS C 344 35.26 -13.64 22.08
CA HIS C 344 34.17 -12.84 21.57
C HIS C 344 33.11 -13.75 20.96
N ILE C 345 31.88 -13.23 20.91
CA ILE C 345 30.76 -13.92 20.29
C ILE C 345 30.04 -12.95 19.37
N VAL C 346 29.26 -13.52 18.45
CA VAL C 346 28.49 -12.75 17.49
C VAL C 346 27.03 -13.17 17.57
N VAL C 347 26.12 -12.21 17.49
CA VAL C 347 24.69 -12.46 17.60
C VAL C 347 24.03 -12.08 16.28
N CYS C 348 23.22 -13.00 15.74
CA CYS C 348 22.48 -12.75 14.52
C CYS C 348 21.03 -13.20 14.71
N GLY C 349 20.22 -12.98 13.68
CA GLY C 349 18.83 -13.39 13.71
C GLY C 349 17.90 -12.18 13.74
N HIS C 350 16.78 -12.34 14.44
CA HIS C 350 15.80 -11.28 14.58
C HIS C 350 16.26 -10.31 15.67
N ILE C 351 16.71 -9.12 15.27
CA ILE C 351 17.24 -8.12 16.19
C ILE C 351 16.23 -7.00 16.31
N THR C 352 15.78 -6.75 17.54
CA THR C 352 14.91 -5.62 17.85
C THR C 352 15.43 -4.95 19.12
N LEU C 353 14.81 -3.82 19.47
CA LEU C 353 15.23 -3.09 20.65
C LEU C 353 14.98 -3.90 21.92
N GLU C 354 13.77 -4.43 22.08
CA GLU C 354 13.42 -5.14 23.31
C GLU C 354 14.21 -6.44 23.43
N SER C 355 14.39 -7.17 22.32
CA SER C 355 15.12 -8.43 22.38
C SER C 355 16.59 -8.20 22.73
N VAL C 356 17.22 -7.22 22.09
CA VAL C 356 18.61 -6.91 22.39
C VAL C 356 18.75 -6.41 23.82
N SER C 357 17.80 -5.58 24.27
CA SER C 357 17.86 -5.07 25.64
C SER C 357 17.79 -6.21 26.65
N ASN C 358 16.86 -7.15 26.45
CA ASN C 358 16.75 -8.29 27.34
C ASN C 358 18.01 -9.15 27.29
N PHE C 359 18.56 -9.35 26.10
CA PHE C 359 19.77 -10.17 26.00
C PHE C 359 20.94 -9.53 26.72
N LEU C 360 21.09 -8.20 26.60
CA LEU C 360 22.16 -7.52 27.32
C LEU C 360 21.94 -7.56 28.83
N LYS C 361 20.69 -7.39 29.28
CA LYS C 361 20.43 -7.47 30.72
C LYS C 361 20.77 -8.86 31.25
N ALA C 362 20.40 -9.92 30.52
CA ALA C 362 20.71 -11.26 30.97
C ALA C 362 22.20 -11.57 30.88
N PHE C 363 22.88 -11.01 29.89
CA PHE C 363 24.29 -11.33 29.65
C PHE C 363 25.20 -10.53 30.56
N LEU C 364 25.17 -9.20 30.43
CA LEU C 364 26.01 -8.31 31.24
C LEU C 364 25.31 -8.09 32.58
N HIS C 365 25.42 -9.09 33.45
CA HIS C 365 24.80 -9.05 34.76
C HIS C 365 25.86 -8.77 35.82
N LYS C 366 25.57 -7.83 36.71
CA LYS C 366 26.52 -7.45 37.75
C LYS C 366 26.80 -8.59 38.71
N ALA C 367 25.76 -9.36 39.06
CA ALA C 367 25.94 -10.45 40.01
C ALA C 367 26.88 -11.51 39.46
N ARG C 368 26.78 -11.82 38.18
CA ARG C 368 27.73 -12.73 37.55
C ARG C 368 29.12 -12.09 37.54
N ASP C 369 30.14 -12.95 37.52
CA ASP C 369 31.52 -12.50 37.45
C ASP C 369 31.74 -11.60 36.24
N ASP C 370 32.82 -10.82 36.29
CA ASP C 370 33.13 -9.86 35.25
C ASP C 370 33.08 -10.49 33.87
N VAL C 371 32.15 -10.00 33.05
CA VAL C 371 31.96 -10.54 31.70
C VAL C 371 32.90 -9.79 30.77
N ASN C 372 33.97 -10.47 30.35
CA ASN C 372 35.00 -9.86 29.53
C ASN C 372 34.90 -10.25 28.06
N VAL C 373 33.89 -11.01 27.66
CA VAL C 373 33.76 -11.46 26.28
C VAL C 373 33.11 -10.36 25.45
N GLU C 374 33.78 -9.96 24.37
CA GLU C 374 33.25 -8.95 23.48
C GLU C 374 32.02 -9.47 22.77
N ILE C 375 31.02 -8.61 22.61
CA ILE C 375 29.75 -8.97 21.98
C ILE C 375 29.66 -8.23 20.65
N VAL C 376 29.52 -8.99 19.56
CA VAL C 376 29.39 -8.45 18.22
C VAL C 376 27.98 -8.73 17.72
N PHE C 377 27.37 -7.75 17.08
CA PHE C 377 26.04 -7.91 16.51
C PHE C 377 26.11 -7.80 14.99
N LEU C 378 25.01 -8.19 14.35
CA LEU C 378 24.94 -8.21 12.89
C LEU C 378 23.48 -8.31 12.48
N HIS C 379 23.07 -7.45 11.55
CA HIS C 379 21.71 -7.48 11.04
C HIS C 379 21.67 -6.80 9.69
N ASN C 380 20.60 -7.09 8.94
CA ASN C 380 20.40 -6.52 7.62
C ASN C 380 19.75 -5.14 7.65
N ILE C 381 19.40 -4.65 8.84
CA ILE C 381 18.74 -3.36 9.01
C ILE C 381 19.69 -2.46 9.80
N SER C 382 19.83 -1.21 9.36
CA SER C 382 20.71 -0.28 10.04
C SER C 382 20.21 -0.03 11.46
N PRO C 383 21.10 0.11 12.43
CA PRO C 383 20.67 0.28 13.82
C PRO C 383 19.93 1.59 14.03
N ASN C 384 18.96 1.56 14.94
CA ASN C 384 18.20 2.75 15.29
C ASN C 384 19.01 3.64 16.23
N LEU C 385 18.52 4.87 16.41
CA LEU C 385 19.24 5.84 17.22
C LEU C 385 19.35 5.38 18.68
N GLU C 386 18.26 4.88 19.25
CA GLU C 386 18.31 4.42 20.63
C GLU C 386 19.17 3.17 20.77
N LEU C 387 19.21 2.32 19.74
CA LEU C 387 20.12 1.18 19.76
C LEU C 387 21.57 1.65 19.78
N GLU C 388 21.89 2.67 19.00
CA GLU C 388 23.25 3.23 19.01
C GLU C 388 23.58 3.84 20.36
N ALA C 389 22.60 4.53 20.98
CA ALA C 389 22.83 5.07 22.31
C ALA C 389 23.09 3.97 23.33
N LEU C 390 22.32 2.89 23.27
CA LEU C 390 22.53 1.77 24.18
C LEU C 390 23.90 1.14 23.96
N PHE C 391 24.31 0.98 22.70
CA PHE C 391 25.63 0.44 22.42
C PHE C 391 26.73 1.38 22.90
N LYS C 392 26.48 2.69 22.85
CA LYS C 392 27.43 3.64 23.42
C LYS C 392 27.52 3.50 24.94
N ARG C 393 26.40 3.19 25.59
CA ARG C 393 26.43 2.91 27.02
C ARG C 393 27.32 1.70 27.32
N HIS C 394 27.24 0.68 26.46
CA HIS C 394 28.06 -0.54 26.58
C HIS C 394 29.19 -0.55 25.57
N PHE C 395 29.83 0.61 25.37
CA PHE C 395 30.86 0.76 24.34
C PHE C 395 32.01 -0.24 24.53
N THR C 396 32.29 -0.65 25.76
CA THR C 396 33.41 -1.56 26.02
C THR C 396 33.22 -2.91 25.33
N GLN C 397 32.05 -3.51 25.49
CA GLN C 397 31.85 -4.86 24.97
C GLN C 397 31.09 -4.85 23.64
N VAL C 398 29.98 -4.13 23.58
CA VAL C 398 29.07 -4.20 22.45
C VAL C 398 29.54 -3.27 21.35
N GLU C 399 29.47 -3.75 20.11
CA GLU C 399 29.82 -2.95 18.94
C GLU C 399 29.13 -3.53 17.72
N PHE C 400 28.44 -2.68 16.96
CA PHE C 400 27.56 -3.11 15.89
C PHE C 400 28.30 -3.18 14.56
N TYR C 401 27.84 -4.10 13.70
CA TYR C 401 28.27 -4.17 12.32
C TYR C 401 27.06 -4.50 11.45
N GLN C 402 27.10 -4.05 10.20
CA GLN C 402 25.99 -4.22 9.29
C GLN C 402 26.34 -5.26 8.24
N GLY C 403 25.44 -6.21 8.03
CA GLY C 403 25.66 -7.24 7.03
C GLY C 403 24.55 -8.26 7.05
N SER C 404 24.66 -9.23 6.16
CA SER C 404 23.71 -10.33 6.05
C SER C 404 24.38 -11.63 6.47
N VAL C 405 23.70 -12.39 7.32
CA VAL C 405 24.28 -13.63 7.83
C VAL C 405 24.51 -14.64 6.70
N LEU C 406 23.62 -14.66 5.70
CA LEU C 406 23.76 -15.60 4.59
C LEU C 406 24.92 -15.27 3.67
N ASN C 407 25.51 -14.08 3.79
CA ASN C 407 26.61 -13.68 2.93
C ASN C 407 27.93 -14.05 3.57
N PRO C 408 28.76 -14.89 2.94
CA PRO C 408 30.04 -15.26 3.55
C PRO C 408 30.97 -14.08 3.81
N HIS C 409 30.85 -13.02 3.01
CA HIS C 409 31.69 -11.84 3.23
C HIS C 409 31.40 -11.21 4.59
N ASP C 410 30.12 -11.09 4.94
CA ASP C 410 29.76 -10.53 6.23
C ASP C 410 30.24 -11.41 7.39
N LEU C 411 30.12 -12.73 7.23
CA LEU C 411 30.60 -13.64 8.26
C LEU C 411 32.11 -13.51 8.45
N ALA C 412 32.87 -13.41 7.34
CA ALA C 412 34.30 -13.21 7.45
C ALA C 412 34.64 -11.85 8.03
N ARG C 413 33.78 -10.85 7.81
CA ARG C 413 34.04 -9.52 8.33
C ARG C 413 34.06 -9.50 9.85
N VAL C 414 33.10 -10.18 10.48
CA VAL C 414 32.96 -10.13 11.93
C VAL C 414 33.71 -11.29 12.57
N LYS C 415 34.53 -11.98 11.78
CA LYS C 415 35.40 -13.06 12.26
C LYS C 415 34.58 -14.16 12.95
N ILE C 416 33.66 -14.73 12.19
CA ILE C 416 32.88 -15.87 12.67
C ILE C 416 33.78 -17.05 13.00
N GLU C 417 34.92 -17.16 12.32
CA GLU C 417 35.81 -18.30 12.57
C GLU C 417 36.47 -18.22 13.94
N SER C 418 36.76 -17.02 14.43
CA SER C 418 37.45 -16.86 15.69
C SER C 418 36.53 -16.76 16.90
N ALA C 419 35.22 -16.66 16.68
CA ALA C 419 34.30 -16.53 17.79
C ALA C 419 34.14 -17.85 18.54
N ASP C 420 33.93 -17.75 19.85
CA ASP C 420 33.69 -18.95 20.64
C ASP C 420 32.35 -19.59 20.29
N ALA C 421 31.32 -18.78 20.09
CA ALA C 421 30.00 -19.29 19.73
C ALA C 421 29.22 -18.19 19.03
N CYS C 422 28.21 -18.61 18.28
CA CYS C 422 27.30 -17.71 17.59
C CYS C 422 25.90 -17.91 18.13
N LEU C 423 25.23 -16.80 18.47
CA LEU C 423 23.90 -16.83 19.06
C LEU C 423 22.89 -16.34 18.03
N ILE C 424 21.85 -17.13 17.81
CA ILE C 424 20.81 -16.83 16.83
C ILE C 424 19.50 -16.62 17.57
N LEU C 425 18.93 -15.44 17.43
CA LEU C 425 17.66 -15.10 18.06
C LEU C 425 16.52 -15.31 17.07
N ALA C 426 15.35 -15.65 17.60
CA ALA C 426 14.17 -15.92 16.79
C ALA C 426 13.04 -15.00 17.22
N ASN C 427 12.24 -14.59 16.24
CA ASN C 427 11.09 -13.71 16.49
C ASN C 427 9.94 -14.56 17.02
N LYS C 428 9.87 -14.68 18.35
CA LYS C 428 8.79 -15.45 18.96
C LYS C 428 7.44 -14.78 18.73
N TYR C 429 7.41 -13.46 18.70
CA TYR C 429 6.16 -12.71 18.47
C TYR C 429 6.02 -12.34 16.99
N CYS C 430 6.02 -13.36 16.14
CA CYS C 430 5.91 -13.18 14.71
C CYS C 430 4.76 -14.01 14.16
N ALA C 431 4.17 -13.53 13.07
CA ALA C 431 3.16 -14.29 12.36
C ALA C 431 3.79 -15.47 11.63
N ASP C 432 3.05 -16.58 11.56
CA ASP C 432 3.51 -17.80 10.90
C ASP C 432 4.87 -18.23 11.44
N PRO C 433 4.91 -18.78 12.66
CA PRO C 433 6.21 -19.16 13.25
C PRO C 433 6.99 -20.18 12.44
N ASP C 434 6.32 -20.97 11.59
CA ASP C 434 7.02 -21.93 10.76
C ASP C 434 8.02 -21.24 9.83
N ALA C 435 7.63 -20.09 9.27
CA ALA C 435 8.55 -19.34 8.41
C ALA C 435 9.77 -18.87 9.19
N GLU C 436 9.56 -18.40 10.43
CA GLU C 436 10.69 -17.96 11.25
C GLU C 436 11.61 -19.12 11.58
N ASP C 437 11.03 -20.29 11.89
CA ASP C 437 11.85 -21.46 12.17
C ASP C 437 12.67 -21.87 10.96
N ALA C 438 12.06 -21.85 9.78
CA ALA C 438 12.80 -22.18 8.56
C ALA C 438 13.87 -21.15 8.27
N SER C 439 13.60 -19.87 8.53
CA SER C 439 14.62 -18.84 8.36
C SER C 439 15.81 -19.09 9.27
N ASN C 440 15.55 -19.38 10.55
CA ASN C 440 16.64 -19.72 11.46
C ASN C 440 17.39 -20.96 11.00
N ILE C 441 16.68 -21.90 10.40
CA ILE C 441 17.34 -23.08 9.82
C ILE C 441 18.33 -22.66 8.75
N MET C 442 17.92 -21.73 7.88
CA MET C 442 18.84 -21.23 6.87
C MET C 442 20.02 -20.48 7.47
N ARG C 443 19.77 -19.67 8.51
CA ARG C 443 20.87 -18.97 9.18
C ARG C 443 21.91 -19.97 9.68
N VAL C 444 21.46 -20.99 10.42
CA VAL C 444 22.41 -21.94 10.96
C VAL C 444 23.08 -22.75 9.86
N ILE C 445 22.35 -23.03 8.78
CA ILE C 445 22.96 -23.75 7.65
C ILE C 445 24.11 -22.94 7.07
N SER C 446 23.91 -21.64 6.87
CA SER C 446 24.97 -20.80 6.33
C SER C 446 26.15 -20.73 7.29
N ILE C 447 25.88 -20.57 8.58
CA ILE C 447 26.97 -20.49 9.56
C ILE C 447 27.78 -21.77 9.56
N LYS C 448 27.10 -22.92 9.55
CA LYS C 448 27.83 -24.19 9.50
C LYS C 448 28.58 -24.35 8.18
N ASN C 449 28.02 -23.83 7.09
CA ASN C 449 28.71 -23.90 5.80
C ASN C 449 30.03 -23.14 5.85
N TYR C 450 30.04 -21.96 6.46
CA TYR C 450 31.29 -21.22 6.56
C TYR C 450 32.29 -21.96 7.45
N HIS C 451 31.86 -22.40 8.63
CA HIS C 451 32.75 -22.98 9.62
C HIS C 451 32.03 -24.12 10.33
N PRO C 452 32.26 -25.37 9.91
CA PRO C 452 31.56 -26.49 10.57
C PRO C 452 31.78 -26.59 12.07
N LYS C 453 32.97 -26.26 12.56
CA LYS C 453 33.28 -26.43 13.97
C LYS C 453 33.06 -25.16 14.77
N ILE C 454 31.82 -24.66 14.79
CA ILE C 454 31.45 -23.48 15.56
C ILE C 454 30.27 -23.84 16.45
N ARG C 455 30.30 -23.34 17.69
CA ARG C 455 29.20 -23.57 18.61
C ARG C 455 28.01 -22.68 18.25
N ILE C 456 26.84 -23.28 18.11
CA ILE C 456 25.63 -22.59 17.69
C ILE C 456 24.57 -22.73 18.77
N ILE C 457 24.01 -21.62 19.20
CA ILE C 457 22.88 -21.58 20.13
C ILE C 457 21.74 -20.88 19.40
N THR C 458 20.67 -21.61 19.12
CA THR C 458 19.55 -21.10 18.35
C THR C 458 18.24 -21.45 19.02
N GLN C 459 17.21 -20.68 18.70
CA GLN C 459 15.88 -20.85 19.26
C GLN C 459 14.93 -21.34 18.17
N MET C 460 14.24 -22.44 18.46
CA MET C 460 13.27 -23.03 17.54
C MET C 460 11.89 -22.97 18.17
N LEU C 461 10.88 -22.61 17.38
CA LEU C 461 9.53 -22.44 17.89
C LEU C 461 8.67 -23.68 17.74
N GLN C 462 9.20 -24.76 17.17
CA GLN C 462 8.48 -26.02 17.04
C GLN C 462 9.44 -27.17 17.29
N TYR C 463 8.89 -28.39 17.31
CA TYR C 463 9.67 -29.58 17.54
C TYR C 463 10.01 -30.33 16.25
N HIS C 464 9.10 -30.35 15.28
CA HIS C 464 9.44 -30.93 13.98
C HIS C 464 10.53 -30.11 13.31
N ASN C 465 10.52 -28.79 13.48
CA ASN C 465 11.62 -27.98 12.98
C ASN C 465 12.92 -28.31 13.69
N LYS C 466 12.85 -28.63 14.98
CA LYS C 466 14.05 -29.09 15.69
C LYS C 466 14.57 -30.39 15.10
N ALA C 467 13.67 -31.33 14.80
CA ALA C 467 14.07 -32.58 14.17
C ALA C 467 14.71 -32.33 12.81
N HIS C 468 14.15 -31.39 12.04
CA HIS C 468 14.76 -30.98 10.78
C HIS C 468 16.16 -30.44 11.00
N LEU C 469 16.34 -29.61 12.04
CA LEU C 469 17.64 -29.05 12.35
C LEU C 469 18.64 -30.13 12.75
N LEU C 470 18.17 -31.23 13.34
CA LEU C 470 19.06 -32.32 13.69
C LEU C 470 19.72 -32.96 12.47
N ASN C 471 19.18 -32.71 11.28
CA ASN C 471 19.60 -33.41 10.09
C ASN C 471 20.84 -32.82 9.44
N ILE C 472 21.28 -31.64 9.89
CA ILE C 472 22.44 -30.98 9.28
C ILE C 472 23.69 -31.82 9.54
N PRO C 473 24.55 -32.05 8.54
CA PRO C 473 25.72 -32.91 8.76
C PRO C 473 26.65 -32.42 9.85
N SER C 474 26.79 -31.10 10.03
CA SER C 474 27.70 -30.55 11.02
C SER C 474 26.96 -30.14 12.30
N TRP C 475 25.66 -30.43 12.39
CA TRP C 475 24.87 -30.11 13.58
C TRP C 475 25.15 -31.16 14.66
N ASN C 476 26.37 -31.12 15.18
CA ASN C 476 26.78 -31.99 16.28
C ASN C 476 26.42 -31.32 17.59
N TRP C 477 25.37 -31.82 18.23
CA TRP C 477 24.89 -31.24 19.48
C TRP C 477 25.58 -31.82 20.70
N LYS C 478 26.56 -32.71 20.51
CA LYS C 478 27.18 -33.38 21.65
C LYS C 478 27.97 -32.40 22.51
N GLU C 479 28.69 -31.47 21.89
CA GLU C 479 29.58 -30.58 22.61
C GLU C 479 29.16 -29.11 22.57
N GLY C 480 27.89 -28.83 22.34
CA GLY C 480 27.41 -27.47 22.55
C GLY C 480 26.58 -26.82 21.47
N ASP C 481 26.12 -27.59 20.49
CA ASP C 481 25.18 -27.06 19.48
C ASP C 481 23.77 -27.21 20.03
N ASP C 482 23.45 -26.36 21.01
CA ASP C 482 22.17 -26.44 21.69
C ASP C 482 21.10 -25.68 20.92
N ALA C 483 19.91 -26.26 20.87
CA ALA C 483 18.75 -25.67 20.19
C ALA C 483 17.63 -25.53 21.22
N ILE C 484 17.57 -24.37 21.85
CA ILE C 484 16.56 -24.13 22.88
C ILE C 484 15.21 -23.96 22.18
N CYS C 485 14.35 -24.97 22.30
CA CYS C 485 13.03 -24.93 21.70
C CYS C 485 12.06 -24.35 22.73
N LEU C 486 11.63 -23.10 22.49
CA LEU C 486 10.82 -22.39 23.47
C LEU C 486 9.47 -23.07 23.68
N ALA C 487 8.84 -23.56 22.62
CA ALA C 487 7.50 -24.12 22.74
C ALA C 487 7.49 -25.34 23.65
N GLU C 488 8.35 -26.32 23.36
CA GLU C 488 8.33 -27.56 24.13
C GLU C 488 8.84 -27.32 25.55
N LEU C 489 9.81 -26.42 25.72
CA LEU C 489 10.31 -26.12 27.06
C LEU C 489 9.23 -25.45 27.91
N LYS C 490 8.51 -24.48 27.34
CA LYS C 490 7.47 -23.80 28.11
C LYS C 490 6.31 -24.74 28.41
N LEU C 491 5.92 -25.60 27.45
CA LEU C 491 4.85 -26.54 27.73
C LEU C 491 5.30 -27.59 28.73
N GLY C 492 6.59 -27.94 28.75
CA GLY C 492 7.09 -28.83 29.77
C GLY C 492 7.08 -28.20 31.16
N PHE C 493 7.45 -26.92 31.24
CA PHE C 493 7.31 -26.22 32.51
C PHE C 493 5.86 -26.24 32.97
N ILE C 494 4.93 -26.00 32.05
CA ILE C 494 3.50 -26.02 32.40
C ILE C 494 3.10 -27.40 32.90
N ALA C 495 3.52 -28.46 32.20
CA ALA C 495 3.15 -29.80 32.61
C ALA C 495 3.76 -30.17 33.96
N GLN C 496 5.01 -29.76 34.20
CA GLN C 496 5.64 -30.04 35.48
C GLN C 496 4.95 -29.31 36.62
N SER C 497 4.58 -28.04 36.41
CA SER C 497 3.81 -27.34 37.42
C SER C 497 2.44 -27.97 37.61
N CYS C 498 1.89 -28.56 36.55
CA CYS C 498 0.67 -29.35 36.70
C CYS C 498 0.90 -30.54 37.61
N LEU C 499 2.05 -31.21 37.46
CA LEU C 499 2.38 -32.31 38.35
C LEU C 499 2.61 -31.82 39.77
N ALA C 500 3.33 -30.71 39.94
CA ALA C 500 3.61 -30.13 41.25
C ALA C 500 3.50 -28.62 41.13
N GLN C 501 2.50 -28.04 41.79
CA GLN C 501 2.19 -26.63 41.63
C GLN C 501 3.40 -25.76 41.97
N GLY C 502 3.61 -24.72 41.17
CA GLY C 502 4.67 -23.77 41.42
C GLY C 502 6.05 -24.20 40.98
N LEU C 503 6.15 -25.22 40.13
CA LEU C 503 7.47 -25.69 39.68
C LEU C 503 8.06 -24.77 38.61
N SER C 504 7.22 -24.26 37.71
CA SER C 504 7.72 -23.42 36.63
C SER C 504 8.36 -22.15 37.17
N THR C 505 7.73 -21.51 38.16
CA THR C 505 8.28 -20.27 38.69
C THR C 505 9.61 -20.51 39.40
N MET C 506 9.73 -21.61 40.14
CA MET C 506 11.00 -21.88 40.83
C MET C 506 12.09 -22.22 39.83
N LEU C 507 11.77 -22.97 38.78
CA LEU C 507 12.77 -23.26 37.75
C LEU C 507 13.21 -21.98 37.04
N ALA C 508 12.26 -21.11 36.70
CA ALA C 508 12.59 -19.87 36.01
C ALA C 508 13.45 -18.97 36.89
N ASN C 509 13.12 -18.88 38.19
CA ASN C 509 13.92 -18.09 39.10
C ASN C 509 15.30 -18.69 39.30
N LEU C 510 15.42 -20.01 39.26
CA LEU C 510 16.73 -20.65 39.38
C LEU C 510 17.60 -20.36 38.17
N PHE C 511 17.05 -20.56 36.97
CA PHE C 511 17.86 -20.40 35.77
C PHE C 511 18.20 -18.93 35.51
N SER C 512 17.28 -18.03 35.80
CA SER C 512 17.54 -16.61 35.61
C SER C 512 18.54 -16.11 36.64
N MET C 513 19.53 -15.35 36.18
CA MET C 513 20.56 -14.79 37.06
C MET C 513 20.01 -13.50 37.64
N ARG C 514 19.54 -13.57 38.89
CA ARG C 514 18.90 -12.46 39.56
C ARG C 514 19.81 -11.92 40.66
N SER C 515 20.00 -10.60 40.67
CA SER C 515 20.77 -9.95 41.73
C SER C 515 19.93 -9.92 43.00
N PHE C 516 20.38 -10.64 44.02
CA PHE C 516 19.61 -10.74 45.26
C PHE C 516 19.45 -9.38 45.91
N ILE C 517 18.22 -9.07 46.30
CA ILE C 517 17.89 -7.83 46.99
C ILE C 517 17.16 -8.17 48.28
N LYS C 518 17.58 -7.55 49.38
CA LYS C 518 17.00 -7.80 50.70
C LYS C 518 16.22 -6.57 51.12
N ILE C 519 14.92 -6.74 51.38
CA ILE C 519 14.10 -5.68 51.93
C ILE C 519 13.90 -5.96 53.42
N GLU C 520 13.66 -4.89 54.18
CA GLU C 520 13.63 -4.97 55.63
C GLU C 520 12.23 -5.26 56.18
N GLU C 521 11.20 -4.65 55.61
CA GLU C 521 9.85 -4.82 56.11
C GLU C 521 9.42 -6.27 56.03
N ASP C 522 8.87 -6.79 57.12
CA ASP C 522 8.57 -8.22 57.23
C ASP C 522 7.36 -8.61 56.39
N THR C 523 7.62 -9.06 55.16
CA THR C 523 6.59 -9.58 54.27
C THR C 523 7.10 -10.86 53.63
N TRP C 524 6.22 -11.52 52.87
CA TRP C 524 6.63 -12.71 52.15
C TRP C 524 7.64 -12.40 51.05
N GLN C 525 7.76 -11.12 50.67
CA GLN C 525 8.72 -10.74 49.64
C GLN C 525 10.15 -11.02 50.10
N LYS C 526 10.45 -10.80 51.38
CA LYS C 526 11.77 -11.11 51.90
C LYS C 526 12.12 -12.58 51.67
N TYR C 527 11.23 -13.48 52.07
CA TYR C 527 11.51 -14.91 51.95
C TYR C 527 11.55 -15.33 50.50
N TYR C 528 10.68 -14.76 49.66
CA TYR C 528 10.71 -15.09 48.24
C TYR C 528 12.02 -14.66 47.59
N LEU C 529 12.49 -13.46 47.92
CA LEU C 529 13.77 -13.00 47.39
C LEU C 529 14.93 -13.85 47.88
N GLU C 530 14.89 -14.25 49.15
CA GLU C 530 15.93 -15.16 49.66
C GLU C 530 15.91 -16.48 48.92
N GLY C 531 14.72 -17.01 48.65
CA GLY C 531 14.63 -18.28 47.93
C GLY C 531 15.12 -18.16 46.50
N VAL C 532 14.81 -17.04 45.83
CA VAL C 532 15.24 -16.87 44.44
C VAL C 532 16.67 -16.37 44.33
N SER C 533 17.32 -16.02 45.43
CA SER C 533 18.73 -15.65 45.38
C SER C 533 19.59 -16.83 44.92
N ASN C 534 19.15 -18.05 45.19
CA ASN C 534 19.89 -19.23 44.78
C ASN C 534 19.96 -19.32 43.26
N GLU C 535 21.13 -19.70 42.75
CA GLU C 535 21.36 -19.85 41.33
C GLU C 535 21.79 -21.29 41.04
N MET C 536 22.11 -21.56 39.78
CA MET C 536 22.46 -22.90 39.33
C MET C 536 23.91 -22.94 38.87
N TYR C 537 24.62 -23.99 39.28
CA TYR C 537 26.02 -24.15 38.92
C TYR C 537 26.33 -25.64 38.80
N THR C 538 27.43 -25.95 38.12
CA THR C 538 27.84 -27.33 37.92
C THR C 538 29.34 -27.46 38.17
N GLU C 539 29.75 -28.67 38.54
CA GLU C 539 31.14 -28.99 38.80
C GLU C 539 31.30 -30.50 38.89
N TYR C 540 32.45 -30.99 38.45
CA TYR C 540 32.71 -32.43 38.45
C TYR C 540 33.11 -32.90 39.83
N LEU C 541 32.59 -34.07 40.22
CA LEU C 541 32.79 -34.57 41.57
C LEU C 541 34.26 -34.83 41.86
N SER C 542 34.61 -34.76 43.14
CA SER C 542 35.99 -34.87 43.58
C SER C 542 36.35 -36.33 43.85
N SER C 543 37.62 -36.54 44.19
CA SER C 543 38.13 -37.90 44.38
C SER C 543 37.45 -38.60 45.56
N ALA C 544 37.25 -37.89 46.66
CA ALA C 544 36.65 -38.50 47.84
C ALA C 544 35.20 -38.91 47.63
N PHE C 545 34.54 -38.39 46.60
CA PHE C 545 33.12 -38.66 46.37
C PHE C 545 32.86 -39.45 45.09
N VAL C 546 33.90 -40.03 44.47
CA VAL C 546 33.74 -40.63 43.15
C VAL C 546 33.88 -42.15 43.18
N GLY C 547 34.41 -42.72 44.25
CA GLY C 547 34.62 -44.15 44.25
C GLY C 547 33.43 -44.95 44.75
N LEU C 548 32.59 -45.38 43.80
CA LEU C 548 31.40 -46.21 44.04
C LEU C 548 30.63 -45.78 45.29
N SER C 549 30.48 -44.48 45.50
CA SER C 549 29.80 -43.95 46.67
C SER C 549 28.97 -42.72 46.35
N PHE C 550 28.52 -42.57 45.10
CA PHE C 550 27.83 -41.36 44.69
C PHE C 550 26.56 -41.10 45.48
N PRO C 551 25.60 -42.03 45.56
CA PRO C 551 24.40 -41.72 46.36
C PRO C 551 24.67 -41.69 47.85
N THR C 552 25.54 -42.57 48.34
CA THR C 552 25.85 -42.59 49.77
C THR C 552 26.48 -41.27 50.21
N VAL C 553 27.37 -40.71 49.39
CA VAL C 553 27.84 -39.35 49.63
C VAL C 553 26.68 -38.37 49.53
N CYS C 554 25.82 -38.56 48.52
CA CYS C 554 24.68 -37.68 48.35
C CYS C 554 23.72 -37.72 49.54
N GLU C 555 23.82 -38.74 50.39
CA GLU C 555 23.04 -38.73 51.61
C GLU C 555 23.46 -37.59 52.54
N LEU C 556 24.77 -37.35 52.65
CA LEU C 556 25.29 -36.33 53.55
C LEU C 556 26.41 -35.53 52.89
N CYS C 557 26.22 -35.17 51.62
CA CYS C 557 27.16 -34.29 50.94
C CYS C 557 26.84 -32.82 51.17
N PHE C 558 25.73 -32.52 51.84
CA PHE C 558 25.12 -31.19 51.76
C PHE C 558 25.19 -30.40 53.04
N VAL C 559 25.06 -31.06 54.19
CA VAL C 559 25.10 -30.34 55.48
C VAL C 559 26.47 -29.72 55.69
N LYS C 560 27.53 -30.39 55.27
CA LYS C 560 28.88 -29.88 55.42
C LYS C 560 29.29 -28.95 54.27
N LEU C 561 28.55 -28.94 53.17
CA LEU C 561 28.88 -28.10 52.02
C LEU C 561 27.90 -26.98 51.76
N LYS C 562 26.75 -26.97 52.44
CA LYS C 562 25.76 -25.88 52.33
C LYS C 562 25.35 -25.64 50.88
N LEU C 563 24.99 -26.72 50.20
CA LEU C 563 24.60 -26.65 48.79
C LEU C 563 23.54 -27.70 48.51
N LEU C 564 23.18 -27.86 47.24
CA LEU C 564 22.18 -28.83 46.82
C LEU C 564 22.46 -29.21 45.38
N MET C 565 22.50 -30.52 45.11
CA MET C 565 22.81 -31.03 43.78
C MET C 565 21.87 -32.17 43.41
N ILE C 566 21.76 -32.41 42.11
CA ILE C 566 20.99 -33.54 41.61
C ILE C 566 21.86 -34.37 40.67
N SER C 581 26.67 -41.94 35.50
CA SER C 581 26.87 -42.37 34.11
C SER C 581 26.42 -41.30 33.14
N ARG C 582 25.26 -41.51 32.52
CA ARG C 582 24.74 -40.55 31.54
C ARG C 582 24.44 -39.21 32.20
N ILE C 583 23.49 -39.19 33.14
CA ILE C 583 23.06 -37.97 33.80
C ILE C 583 22.91 -38.24 35.29
N LEU C 584 22.97 -37.17 36.08
CA LEU C 584 22.81 -37.24 37.53
C LEU C 584 21.40 -36.78 37.88
N ILE C 585 20.51 -37.73 38.13
CA ILE C 585 19.12 -37.45 38.48
C ILE C 585 18.76 -38.27 39.71
N ASN C 586 18.63 -37.58 40.86
CA ASN C 586 18.25 -38.20 42.13
C ASN C 586 19.13 -39.41 42.44
N PRO C 587 20.40 -39.20 42.82
CA PRO C 587 21.29 -40.33 43.08
C PRO C 587 20.81 -41.21 44.23
N GLY C 588 20.46 -42.45 43.92
CA GLY C 588 19.96 -43.36 44.93
C GLY C 588 20.66 -44.70 44.93
N ASN C 589 21.15 -45.13 46.10
CA ASN C 589 21.87 -46.38 46.30
C ASN C 589 22.85 -46.70 45.16
N GLY C 596 29.87 -40.59 37.97
CA GLY C 596 30.67 -40.45 36.77
C GLY C 596 30.33 -39.21 35.98
N THR C 597 29.10 -38.74 36.14
CA THR C 597 28.63 -37.54 35.48
C THR C 597 29.01 -36.31 36.31
N LEU C 598 29.09 -35.16 35.66
CA LEU C 598 29.30 -33.91 36.36
C LEU C 598 28.16 -33.66 37.34
N GLY C 599 28.49 -33.09 38.49
CA GLY C 599 27.47 -32.74 39.46
C GLY C 599 26.81 -31.42 39.10
N PHE C 600 25.48 -31.41 39.16
CA PHE C 600 24.69 -30.23 38.89
C PHE C 600 24.21 -29.68 40.24
N PHE C 601 24.75 -28.54 40.65
CA PHE C 601 24.55 -28.00 41.99
C PHE C 601 23.62 -26.81 41.97
N ILE C 602 23.15 -26.44 43.16
CA ILE C 602 22.40 -25.21 43.39
C ILE C 602 23.09 -24.45 44.52
N ALA C 603 23.40 -23.18 44.28
CA ALA C 603 24.07 -22.37 45.29
C ALA C 603 23.75 -20.90 45.05
N SER C 604 23.96 -20.10 46.09
CA SER C 604 23.70 -18.66 45.97
C SER C 604 24.68 -17.98 45.03
N ASP C 605 25.87 -18.54 44.86
CA ASP C 605 26.88 -17.94 44.00
C ASP C 605 27.87 -19.01 43.60
N ALA C 606 28.72 -18.68 42.62
CA ALA C 606 29.72 -19.62 42.13
C ALA C 606 30.79 -19.90 43.18
N LYS C 607 31.14 -18.90 44.00
CA LYS C 607 32.17 -19.08 45.02
C LYS C 607 31.74 -20.06 46.10
N GLU C 608 30.44 -20.38 46.19
CA GLU C 608 29.98 -21.41 47.11
C GLU C 608 30.07 -22.81 46.50
N VAL C 609 30.48 -22.93 45.24
CA VAL C 609 30.49 -24.21 44.54
C VAL C 609 31.92 -24.74 44.46
N LYS C 610 32.90 -23.85 44.56
CA LYS C 610 34.30 -24.27 44.52
C LYS C 610 34.67 -25.21 45.66
N ARG C 611 33.91 -25.18 46.75
CA ARG C 611 34.12 -26.12 47.84
C ARG C 611 33.83 -27.56 47.45
N ALA C 612 33.17 -27.79 46.32
CA ALA C 612 32.93 -29.16 45.87
C ALA C 612 34.22 -29.89 45.52
N PHE C 613 35.32 -29.16 45.30
CA PHE C 613 36.60 -29.81 45.04
C PHE C 613 37.70 -29.26 45.94
N PHE C 614 37.62 -28.00 46.35
CA PHE C 614 38.54 -27.51 47.38
C PHE C 614 38.29 -28.19 48.71
N TYR C 615 37.03 -28.36 49.09
CA TYR C 615 36.69 -29.07 50.33
C TYR C 615 36.49 -30.56 50.06
N CYS C 616 37.48 -31.18 49.41
CA CYS C 616 37.39 -32.59 49.06
C CYS C 616 37.44 -33.47 50.31
N LYS C 617 38.41 -33.22 51.18
CA LYS C 617 38.59 -33.97 52.42
C LYS C 617 38.63 -35.48 52.20
N LYS C 688 1.36 -54.33 23.65
CA LYS C 688 1.75 -53.01 23.17
C LYS C 688 1.25 -51.91 24.10
N LYS C 689 2.09 -51.50 25.04
CA LYS C 689 1.71 -50.50 26.03
C LYS C 689 2.70 -49.35 26.19
N TYR C 690 3.96 -49.52 25.81
CA TYR C 690 4.97 -48.49 26.00
C TYR C 690 5.54 -48.04 24.65
N ASP C 691 6.54 -47.19 24.73
CA ASP C 691 7.27 -46.72 23.56
C ASP C 691 8.12 -47.84 22.97
N SER C 692 8.61 -47.61 21.75
CA SER C 692 9.57 -48.53 21.16
C SER C 692 10.81 -48.68 22.03
N THR C 693 11.28 -47.57 22.60
CA THR C 693 12.36 -47.58 23.56
C THR C 693 11.87 -47.53 25.00
N GLY C 694 10.56 -47.64 25.23
CA GLY C 694 10.02 -47.65 26.58
C GLY C 694 10.16 -46.37 27.36
N MET C 695 9.89 -45.22 26.72
CA MET C 695 9.87 -43.93 27.40
C MET C 695 8.50 -43.57 27.95
N PHE C 696 7.46 -43.62 27.12
CA PHE C 696 6.13 -43.14 27.47
C PHE C 696 5.11 -44.22 27.23
N HIS C 697 4.01 -44.18 27.98
CA HIS C 697 2.91 -45.10 27.76
C HIS C 697 2.36 -44.92 26.34
N TRP C 698 2.03 -46.03 25.70
CA TRP C 698 1.52 -46.01 24.34
C TRP C 698 0.23 -46.81 24.26
N CYS C 699 -0.62 -46.41 23.33
CA CYS C 699 -1.89 -47.07 23.09
C CYS C 699 -2.14 -47.16 21.59
N ALA C 700 -2.99 -48.11 21.21
CA ALA C 700 -3.35 -48.24 19.81
C ALA C 700 -4.03 -46.95 19.33
N PRO C 701 -3.75 -46.52 18.11
CA PRO C 701 -4.33 -45.25 17.63
C PRO C 701 -5.84 -45.26 17.70
N LYS C 702 -6.39 -44.15 18.19
CA LYS C 702 -7.83 -43.98 18.33
C LYS C 702 -8.36 -43.02 17.27
N GLU C 703 -9.64 -42.73 17.36
CA GLU C 703 -10.31 -41.82 16.43
C GLU C 703 -10.91 -40.65 17.20
N ILE C 704 -10.83 -39.46 16.62
CA ILE C 704 -11.30 -38.26 17.30
C ILE C 704 -12.81 -38.33 17.52
N GLU C 705 -13.55 -38.89 16.57
CA GLU C 705 -14.99 -39.00 16.74
C GLU C 705 -15.35 -39.90 17.91
N LYS C 706 -14.48 -40.87 18.23
CA LYS C 706 -14.73 -41.74 19.38
C LYS C 706 -14.52 -40.98 20.69
N VAL C 707 -13.42 -40.23 20.80
CA VAL C 707 -13.05 -39.60 22.05
C VAL C 707 -13.82 -38.31 22.33
N ILE C 708 -14.54 -37.78 21.36
CA ILE C 708 -15.30 -36.56 21.57
C ILE C 708 -16.50 -36.86 22.46
N LEU C 709 -16.66 -36.07 23.53
CA LEU C 709 -17.75 -36.23 24.46
C LEU C 709 -18.59 -34.95 24.49
N THR C 710 -19.83 -35.09 24.91
CA THR C 710 -20.71 -33.94 25.10
C THR C 710 -20.96 -33.75 26.59
N ARG C 711 -21.84 -32.80 26.91
CA ARG C 711 -22.06 -32.44 28.31
C ARG C 711 -22.63 -33.61 29.12
N SER C 712 -23.59 -34.34 28.55
CA SER C 712 -24.17 -35.47 29.27
C SER C 712 -23.14 -36.55 29.52
N GLU C 713 -22.35 -36.91 28.50
CA GLU C 713 -21.32 -37.92 28.69
C GLU C 713 -20.22 -37.43 29.62
N ALA C 714 -19.89 -36.14 29.56
CA ALA C 714 -18.91 -35.59 30.50
C ALA C 714 -19.41 -35.71 31.94
N ALA C 715 -20.70 -35.45 32.16
CA ALA C 715 -21.28 -35.64 33.49
C ALA C 715 -21.24 -37.12 33.90
N MET C 716 -21.55 -38.01 32.97
CA MET C 716 -21.53 -39.44 33.28
C MET C 716 -20.14 -39.91 33.65
N THR C 717 -19.13 -39.46 32.92
CA THR C 717 -17.74 -39.83 33.19
C THR C 717 -17.26 -39.05 34.41
N VAL C 718 -17.05 -39.75 35.52
CA VAL C 718 -16.64 -39.11 36.76
C VAL C 718 -15.15 -38.82 36.73
N LEU C 719 -14.78 -37.62 36.27
CA LEU C 719 -13.39 -37.21 36.18
C LEU C 719 -13.04 -36.46 37.46
N SER C 720 -12.44 -37.17 38.41
CA SER C 720 -12.00 -36.58 39.66
C SER C 720 -10.49 -36.68 39.77
N GLY C 721 -9.86 -35.61 40.25
CA GLY C 721 -8.41 -35.56 40.31
C GLY C 721 -7.76 -35.64 38.94
N HIS C 722 -8.35 -35.01 37.95
CA HIS C 722 -7.89 -35.03 36.58
C HIS C 722 -7.24 -33.71 36.21
N VAL C 723 -6.89 -33.55 34.95
CA VAL C 723 -6.25 -32.34 34.44
C VAL C 723 -7.05 -31.85 33.23
N VAL C 724 -7.37 -30.56 33.23
CA VAL C 724 -8.16 -29.96 32.16
C VAL C 724 -7.33 -28.88 31.49
N VAL C 725 -7.31 -28.89 30.16
CA VAL C 725 -6.60 -27.88 29.38
C VAL C 725 -7.63 -27.18 28.50
N CYS C 726 -7.79 -25.88 28.70
CA CYS C 726 -8.70 -25.06 27.91
C CYS C 726 -7.91 -24.40 26.79
N ILE C 727 -8.23 -24.77 25.56
CA ILE C 727 -7.50 -24.31 24.37
C ILE C 727 -8.32 -23.22 23.71
N PHE C 728 -7.73 -22.03 23.57
CA PHE C 728 -8.37 -20.92 22.87
C PHE C 728 -7.77 -20.83 21.47
N GLY C 729 -8.25 -21.71 20.59
CA GLY C 729 -7.83 -21.70 19.21
C GLY C 729 -9.00 -21.70 18.25
N ASP C 730 -8.73 -21.86 16.97
CA ASP C 730 -9.78 -21.93 15.95
C ASP C 730 -9.22 -22.65 14.74
N VAL C 731 -9.94 -22.59 13.62
CA VAL C 731 -9.54 -23.31 12.41
C VAL C 731 -8.24 -22.72 11.86
N SER C 732 -8.07 -21.41 11.95
CA SER C 732 -6.90 -20.73 11.38
C SER C 732 -6.07 -20.17 12.54
N SER C 733 -5.16 -21.00 13.05
CA SER C 733 -4.27 -20.59 14.12
C SER C 733 -3.07 -21.51 14.14
N ALA C 734 -1.97 -21.03 14.71
CA ALA C 734 -0.77 -21.83 14.82
C ALA C 734 -1.00 -23.02 15.75
N LEU C 735 -0.33 -24.12 15.43
CA LEU C 735 -0.49 -25.37 16.19
C LEU C 735 0.48 -25.36 17.36
N ILE C 736 -0.05 -25.25 18.58
CA ILE C 736 0.79 -25.36 19.76
C ILE C 736 1.31 -26.79 19.88
N GLY C 737 2.41 -26.94 20.60
CA GLY C 737 2.99 -28.25 20.79
C GLY C 737 2.21 -29.14 21.74
N LEU C 738 0.92 -29.37 21.44
CA LEU C 738 0.12 -30.25 22.28
C LEU C 738 0.70 -31.66 22.35
N ARG C 739 1.50 -32.04 21.36
CA ARG C 739 2.22 -33.31 21.42
C ARG C 739 3.11 -33.37 22.66
N ASN C 740 3.91 -32.34 22.88
CA ASN C 740 4.91 -32.35 23.95
C ASN C 740 4.37 -31.88 25.29
N LEU C 741 3.10 -31.48 25.35
CA LEU C 741 2.49 -31.16 26.64
C LEU C 741 2.14 -32.41 27.42
N VAL C 742 1.71 -33.47 26.72
CA VAL C 742 1.24 -34.67 27.40
C VAL C 742 2.32 -35.72 27.62
N MET C 743 3.49 -35.56 27.00
CA MET C 743 4.55 -36.55 27.18
C MET C 743 4.99 -36.68 28.64
N PRO C 744 5.29 -35.61 29.38
CA PRO C 744 5.62 -35.79 30.80
C PRO C 744 4.48 -36.39 31.60
N LEU C 745 3.23 -36.07 31.25
CA LEU C 745 2.08 -36.61 31.97
C LEU C 745 1.75 -38.04 31.55
N ARG C 746 2.30 -38.52 30.43
CA ARG C 746 2.13 -39.90 30.00
C ARG C 746 3.44 -40.69 30.10
N ALA C 747 4.39 -40.21 30.90
CA ALA C 747 5.67 -40.89 31.04
C ALA C 747 5.48 -42.28 31.66
N SER C 748 6.31 -43.21 31.23
CA SER C 748 6.13 -44.61 31.63
C SER C 748 6.37 -44.82 33.13
N ASN C 749 7.25 -44.02 33.73
CA ASN C 749 7.54 -44.21 35.15
C ASN C 749 6.31 -43.98 36.02
N PHE C 750 5.31 -43.25 35.52
CA PHE C 750 4.04 -43.15 36.20
C PHE C 750 3.27 -44.45 36.09
N HIS C 751 2.71 -44.90 37.21
CA HIS C 751 1.85 -46.07 37.19
C HIS C 751 0.57 -45.76 36.40
N TYR C 752 -0.01 -46.81 35.81
CA TYR C 752 -1.17 -46.61 34.95
C TYR C 752 -2.33 -45.98 35.72
N HIS C 753 -2.52 -46.36 36.98
CA HIS C 753 -3.52 -45.70 37.81
C HIS C 753 -3.14 -44.26 38.11
N GLU C 754 -1.84 -43.98 38.22
CA GLU C 754 -1.38 -42.62 38.52
C GLU C 754 -1.57 -41.67 37.35
N LEU C 755 -1.77 -42.20 36.13
CA LEU C 755 -1.93 -41.37 34.95
C LEU C 755 -3.12 -40.42 35.10
N LYS C 756 -2.84 -39.12 35.19
CA LYS C 756 -3.89 -38.13 35.31
C LYS C 756 -4.68 -38.04 34.00
N HIS C 757 -6.00 -38.15 34.10
CA HIS C 757 -6.85 -38.01 32.93
C HIS C 757 -6.72 -36.59 32.38
N ILE C 758 -6.55 -36.48 31.06
CA ILE C 758 -6.38 -35.20 30.39
C ILE C 758 -7.60 -34.93 29.53
N VAL C 759 -8.27 -33.81 29.78
CA VAL C 759 -9.43 -33.42 28.99
C VAL C 759 -9.13 -32.05 28.36
N PHE C 760 -9.25 -31.98 27.03
CA PHE C 760 -9.01 -30.76 26.29
C PHE C 760 -10.35 -30.15 25.91
N VAL C 761 -10.63 -28.96 26.42
CA VAL C 761 -11.88 -28.26 26.14
C VAL C 761 -11.58 -27.15 25.14
N GLY C 762 -12.27 -27.18 24.01
CA GLY C 762 -12.05 -26.15 23.00
C GLY C 762 -12.74 -26.50 21.70
N SER C 763 -12.46 -25.67 20.70
CA SER C 763 -13.10 -25.82 19.40
C SER C 763 -12.72 -27.15 18.75
N ILE C 764 -13.69 -27.75 18.06
CA ILE C 764 -13.47 -29.06 17.47
C ILE C 764 -12.46 -28.99 16.33
N GLU C 765 -12.50 -27.93 15.53
CA GLU C 765 -11.66 -27.86 14.34
C GLU C 765 -10.19 -27.77 14.70
N TYR C 766 -9.83 -26.91 15.65
CA TYR C 766 -8.43 -26.74 16.02
C TYR C 766 -7.85 -28.05 16.54
N LEU C 767 -8.56 -28.70 17.46
CA LEU C 767 -8.10 -29.98 17.99
C LEU C 767 -8.10 -31.06 16.93
N LYS C 768 -8.97 -30.93 15.92
CA LYS C 768 -8.90 -31.81 14.76
C LYS C 768 -7.58 -31.63 14.03
N ARG C 769 -7.12 -30.38 13.89
CA ARG C 769 -5.80 -30.14 13.32
C ARG C 769 -4.69 -30.66 14.23
N GLU C 770 -4.97 -30.89 15.51
CA GLU C 770 -3.98 -31.38 16.46
C GLU C 770 -4.14 -32.86 16.78
N TRP C 771 -5.27 -33.47 16.41
CA TRP C 771 -5.55 -34.84 16.84
C TRP C 771 -4.56 -35.84 16.25
N GLU C 772 -3.98 -35.52 15.09
CA GLU C 772 -3.11 -36.48 14.41
C GLU C 772 -1.86 -36.82 15.21
N THR C 773 -1.54 -36.03 16.24
CA THR C 773 -0.41 -36.32 17.11
C THR C 773 -0.83 -36.74 18.51
N LEU C 774 -2.14 -36.74 18.81
CA LEU C 774 -2.63 -37.08 20.13
C LEU C 774 -3.43 -38.38 20.16
N HIS C 775 -3.60 -39.05 19.03
CA HIS C 775 -4.37 -40.29 19.02
C HIS C 775 -3.59 -41.47 19.57
N ASN C 776 -2.31 -41.30 19.89
CA ASN C 776 -1.49 -42.38 20.41
C ASN C 776 -1.32 -42.34 21.92
N PHE C 777 -2.14 -41.55 22.63
CA PHE C 777 -1.99 -41.49 24.07
C PHE C 777 -3.25 -41.96 24.77
N PRO C 778 -3.12 -42.60 25.93
CA PRO C 778 -4.31 -43.10 26.64
C PRO C 778 -4.91 -42.05 27.56
N LYS C 779 -6.18 -42.29 27.90
CA LYS C 779 -6.91 -41.46 28.87
C LYS C 779 -6.91 -39.99 28.48
N VAL C 780 -7.25 -39.72 27.22
CA VAL C 780 -7.34 -38.36 26.70
C VAL C 780 -8.74 -38.17 26.12
N SER C 781 -9.42 -37.11 26.56
CA SER C 781 -10.78 -36.82 26.11
C SER C 781 -10.86 -35.41 25.57
N ILE C 782 -11.80 -35.19 24.67
CA ILE C 782 -11.97 -33.92 23.96
C ILE C 782 -13.40 -33.43 24.17
N LEU C 783 -13.54 -32.19 24.63
CA LEU C 783 -14.85 -31.56 24.80
C LEU C 783 -14.97 -30.36 23.87
N PRO C 784 -15.77 -30.45 22.80
CA PRO C 784 -16.03 -29.27 21.99
C PRO C 784 -16.81 -28.22 22.77
N GLY C 785 -16.53 -26.96 22.45
CA GLY C 785 -17.20 -25.85 23.12
C GLY C 785 -16.22 -24.82 23.65
N THR C 786 -16.68 -23.58 23.74
CA THR C 786 -15.83 -22.51 24.22
C THR C 786 -15.46 -22.73 25.68
N PRO C 787 -14.20 -22.54 26.06
CA PRO C 787 -13.83 -22.68 27.48
C PRO C 787 -14.44 -21.61 28.37
N LEU C 788 -15.08 -20.61 27.77
CA LEU C 788 -15.72 -19.54 28.51
C LEU C 788 -17.14 -19.88 28.95
N SER C 789 -17.61 -21.09 28.65
CA SER C 789 -18.95 -21.51 29.03
C SER C 789 -18.92 -22.14 30.43
N ARG C 790 -19.79 -21.64 31.31
CA ARG C 790 -19.86 -22.20 32.66
C ARG C 790 -20.31 -23.66 32.62
N ALA C 791 -21.30 -23.97 31.78
CA ALA C 791 -21.81 -25.34 31.72
C ALA C 791 -20.75 -26.31 31.24
N ASP C 792 -19.95 -25.92 30.25
CA ASP C 792 -18.89 -26.80 29.76
C ASP C 792 -17.85 -27.06 30.84
N LEU C 793 -17.48 -26.03 31.61
CA LEU C 793 -16.54 -26.23 32.70
C LEU C 793 -17.13 -27.13 33.79
N ARG C 794 -18.41 -26.97 34.09
CA ARG C 794 -19.05 -27.82 35.09
C ARG C 794 -19.13 -29.26 34.62
N ALA C 795 -19.30 -29.47 33.31
CA ALA C 795 -19.45 -30.83 32.79
C ALA C 795 -18.20 -31.67 33.01
N VAL C 796 -17.01 -31.05 32.98
CA VAL C 796 -15.77 -31.77 33.20
C VAL C 796 -15.31 -31.70 34.65
N ASN C 797 -16.17 -31.25 35.56
CA ASN C 797 -15.86 -31.14 36.98
C ASN C 797 -14.60 -30.29 37.19
N ILE C 798 -14.72 -29.01 36.81
CA ILE C 798 -13.60 -28.09 36.92
C ILE C 798 -13.17 -27.94 38.37
N ASN C 799 -14.11 -28.06 39.31
CA ASN C 799 -13.73 -28.04 40.73
C ASN C 799 -12.97 -29.29 41.11
N LEU C 800 -13.33 -30.44 40.53
CA LEU C 800 -12.67 -31.71 40.83
C LEU C 800 -11.55 -31.99 39.84
N CYS C 801 -10.61 -31.05 39.74
CA CYS C 801 -9.45 -31.20 38.87
C CYS C 801 -8.18 -30.91 39.66
N ASP C 802 -7.08 -31.50 39.18
CA ASP C 802 -5.79 -31.24 39.80
C ASP C 802 -5.14 -29.97 39.23
N MET C 803 -5.44 -29.63 37.99
CA MET C 803 -4.89 -28.43 37.38
C MET C 803 -5.66 -28.09 36.12
N CYS C 804 -5.91 -26.79 35.94
CA CYS C 804 -6.52 -26.24 34.74
C CYS C 804 -5.49 -25.36 34.04
N VAL C 805 -5.20 -25.67 32.79
CA VAL C 805 -4.18 -24.96 32.02
C VAL C 805 -4.88 -24.17 30.92
N ILE C 806 -4.74 -22.86 30.96
CA ILE C 806 -5.38 -21.97 30.00
C ILE C 806 -4.33 -21.67 28.92
N LEU C 807 -4.47 -22.32 27.76
CA LEU C 807 -3.53 -22.11 26.67
C LEU C 807 -4.22 -21.43 25.50
N SER C 808 -3.47 -20.59 24.79
CA SER C 808 -3.96 -19.85 23.65
C SER C 808 -3.09 -20.10 22.45
N ALA C 809 -3.71 -20.32 21.29
CA ALA C 809 -2.99 -20.50 20.04
C ALA C 809 -2.83 -19.21 19.25
N ASN C 810 -3.40 -18.10 19.74
CA ASN C 810 -3.32 -16.81 19.07
C ASN C 810 -2.29 -15.89 19.74
N GLN C 811 -1.21 -16.47 20.27
CA GLN C 811 -0.22 -15.67 20.99
C GLN C 811 0.52 -14.70 20.08
N ASN C 812 0.52 -14.92 18.77
CA ASN C 812 1.19 -14.03 17.85
C ASN C 812 0.36 -13.69 16.61
N ASN C 813 -0.75 -14.37 16.36
CA ASN C 813 -1.60 -14.03 15.23
C ASN C 813 -2.17 -12.63 15.36
N ILE C 814 -2.61 -12.26 16.57
CA ILE C 814 -3.13 -10.94 16.83
C ILE C 814 -1.97 -10.02 17.20
N ASP C 815 -2.15 -8.72 16.97
CA ASP C 815 -1.06 -7.76 17.08
C ASP C 815 -1.12 -6.88 18.33
N ASP C 816 -2.27 -6.26 18.60
CA ASP C 816 -2.36 -5.30 19.68
C ASP C 816 -2.18 -5.96 21.04
N THR C 817 -1.48 -5.27 21.95
CA THR C 817 -1.25 -5.82 23.28
C THR C 817 -2.55 -5.95 24.07
N SER C 818 -3.47 -4.99 23.91
CA SER C 818 -4.77 -5.10 24.56
C SER C 818 -5.52 -6.33 24.08
N LEU C 819 -5.46 -6.60 22.78
CA LEU C 819 -6.08 -7.80 22.23
C LEU C 819 -5.33 -9.06 22.64
N GLN C 820 -4.09 -8.95 23.10
CA GLN C 820 -3.40 -10.10 23.65
C GLN C 820 -3.97 -10.45 25.02
N ASP C 821 -4.04 -11.75 25.29
CA ASP C 821 -4.46 -12.27 26.60
C ASP C 821 -5.89 -11.87 26.95
N LYS C 822 -6.72 -11.62 25.93
CA LYS C 822 -8.13 -11.36 26.19
C LYS C 822 -8.82 -12.61 26.72
N GLU C 823 -8.83 -13.67 25.91
CA GLU C 823 -9.56 -14.88 26.25
C GLU C 823 -8.96 -15.57 27.47
N CYS C 824 -7.63 -15.52 27.62
CA CYS C 824 -6.99 -16.16 28.76
C CYS C 824 -7.43 -15.51 30.07
N ILE C 825 -7.37 -14.18 30.14
CA ILE C 825 -7.79 -13.48 31.35
C ILE C 825 -9.28 -13.67 31.57
N LEU C 826 -10.07 -13.64 30.51
CA LEU C 826 -11.51 -13.83 30.65
C LEU C 826 -11.83 -15.20 31.25
N ALA C 827 -11.17 -16.24 30.74
CA ALA C 827 -11.39 -17.59 31.26
C ALA C 827 -10.91 -17.71 32.69
N SER C 828 -9.77 -17.09 33.02
CA SER C 828 -9.27 -17.15 34.39
C SER C 828 -10.26 -16.51 35.36
N LEU C 829 -10.78 -15.33 35.00
CA LEU C 829 -11.76 -14.67 35.86
C LEU C 829 -13.06 -15.47 35.94
N ASN C 830 -13.48 -16.06 34.82
CA ASN C 830 -14.71 -16.85 34.82
C ASN C 830 -14.59 -18.06 35.73
N ILE C 831 -13.45 -18.76 35.66
CA ILE C 831 -13.24 -19.92 36.53
C ILE C 831 -13.13 -19.49 37.99
N LYS C 832 -12.40 -18.40 38.25
CA LYS C 832 -12.19 -17.98 39.64
C LYS C 832 -13.50 -17.63 40.32
N SER C 833 -14.41 -16.97 39.61
CA SER C 833 -15.68 -16.55 40.19
C SER C 833 -16.78 -17.57 39.84
N MET C 834 -16.62 -18.76 40.40
CA MET C 834 -17.60 -19.83 40.28
C MET C 834 -18.07 -20.24 41.67
N GLN C 835 -19.30 -20.74 41.73
CA GLN C 835 -19.87 -21.26 42.97
C GLN C 835 -20.34 -22.68 42.73
N PHE C 836 -19.90 -23.61 43.57
CA PHE C 836 -20.23 -25.02 43.42
C PHE C 836 -21.07 -25.56 44.55
N ASP C 837 -20.63 -25.40 45.80
CA ASP C 837 -21.35 -25.91 46.95
C ASP C 837 -20.92 -25.21 48.23
N THR C 875 -17.96 -24.83 47.05
CA THR C 875 -17.03 -23.77 47.39
C THR C 875 -16.80 -22.83 46.22
N THR C 876 -16.20 -21.69 46.49
CA THR C 876 -15.88 -20.72 45.44
C THR C 876 -14.71 -21.21 44.60
N GLY C 877 -14.65 -20.71 43.37
CA GLY C 877 -13.65 -21.13 42.41
C GLY C 877 -12.29 -20.48 42.53
N VAL C 878 -12.09 -19.56 43.49
CA VAL C 878 -10.80 -18.92 43.64
C VAL C 878 -9.74 -19.91 44.11
N ASN C 879 -10.15 -21.04 44.68
CA ASN C 879 -9.23 -22.06 45.16
C ASN C 879 -8.84 -23.06 44.08
N ILE C 880 -9.38 -22.92 42.87
CA ILE C 880 -9.04 -23.84 41.78
C ILE C 880 -7.66 -23.50 41.25
N PRO C 881 -6.75 -24.47 41.14
CA PRO C 881 -5.39 -24.18 40.65
C PRO C 881 -5.42 -23.86 39.16
N ILE C 882 -4.98 -22.65 38.82
CA ILE C 882 -4.98 -22.17 37.45
C ILE C 882 -3.58 -21.72 37.07
N ILE C 883 -3.13 -22.14 35.89
CA ILE C 883 -1.88 -21.67 35.31
C ILE C 883 -2.18 -21.13 33.92
N THR C 884 -1.72 -19.92 33.63
CA THR C 884 -2.09 -19.22 32.41
C THR C 884 -0.85 -18.64 31.75
N GLU C 885 -0.68 -18.92 30.45
CA GLU C 885 0.38 -18.29 29.68
C GLU C 885 0.01 -16.85 29.37
N LEU C 886 1.01 -15.97 29.40
CA LEU C 886 0.81 -14.54 29.13
C LEU C 886 1.77 -14.11 28.03
N VAL C 887 1.22 -13.53 26.97
CA VAL C 887 2.07 -13.00 25.90
C VAL C 887 2.83 -11.77 26.39
N ASN C 888 2.13 -10.86 27.05
CA ASN C 888 2.72 -9.63 27.57
C ASN C 888 2.72 -9.69 29.09
N ASP C 889 3.88 -9.45 29.70
CA ASP C 889 4.01 -9.56 31.15
C ASP C 889 3.22 -8.49 31.90
N THR C 890 2.91 -7.36 31.25
CA THR C 890 2.17 -6.30 31.93
C THR C 890 0.76 -6.70 32.31
N ASN C 891 0.23 -7.78 31.75
CA ASN C 891 -1.13 -8.21 32.03
C ASN C 891 -1.26 -9.03 33.30
N VAL C 892 -0.14 -9.31 33.98
CA VAL C 892 -0.19 -10.15 35.18
C VAL C 892 -0.99 -9.47 36.29
N GLN C 893 -1.05 -8.15 36.29
CA GLN C 893 -1.77 -7.42 37.33
C GLN C 893 -3.26 -7.68 37.32
N PHE C 894 -3.79 -8.16 36.20
CA PHE C 894 -5.22 -8.44 36.08
C PHE C 894 -5.60 -9.86 36.49
N LEU C 895 -4.62 -10.76 36.64
CA LEU C 895 -4.92 -12.13 37.02
C LEU C 895 -5.27 -12.24 38.49
N ASP C 896 -4.71 -11.38 39.34
CA ASP C 896 -4.96 -11.42 40.77
C ASP C 896 -5.26 -10.03 41.28
N GLN C 897 -6.09 -9.96 42.33
CA GLN C 897 -6.50 -8.69 42.91
C GLN C 897 -5.61 -8.26 44.08
N ASP C 898 -5.16 -9.22 44.88
CA ASP C 898 -4.33 -8.89 46.03
C ASP C 898 -3.02 -8.23 45.60
N ASP C 899 -2.51 -8.59 44.42
CA ASP C 899 -1.33 -7.92 43.88
C ASP C 899 -1.60 -6.44 43.66
N ASP C 900 -0.63 -5.61 44.02
CA ASP C 900 -0.74 -4.18 43.82
C ASP C 900 -0.55 -3.84 42.35
N ASP C 901 -1.35 -2.90 41.85
CA ASP C 901 -1.29 -2.49 40.45
C ASP C 901 -0.09 -1.56 40.23
N ASP C 902 1.10 -2.12 40.41
CA ASP C 902 2.35 -1.38 40.32
C ASP C 902 3.15 -1.85 39.11
N PRO C 903 3.11 -1.13 37.98
CA PRO C 903 3.87 -1.57 36.80
C PRO C 903 5.38 -1.60 37.03
N ASP C 904 5.90 -0.81 37.96
CA ASP C 904 7.33 -0.80 38.22
C ASP C 904 7.81 -2.14 38.77
N THR C 905 6.93 -2.88 39.43
CA THR C 905 7.28 -4.21 39.90
C THR C 905 7.61 -5.12 38.71
N GLU C 906 8.74 -5.82 38.81
CA GLU C 906 9.15 -6.68 37.71
C GLU C 906 8.31 -7.95 37.69
N LEU C 907 8.27 -8.59 36.51
CA LEU C 907 7.48 -9.79 36.33
C LEU C 907 7.89 -10.90 37.31
N TYR C 908 9.15 -10.93 37.70
CA TYR C 908 9.63 -11.97 38.61
C TYR C 908 9.23 -11.72 40.05
N LEU C 909 8.63 -10.57 40.36
CA LEU C 909 8.24 -10.23 41.71
C LEU C 909 6.73 -10.21 41.93
N THR C 910 5.93 -10.28 40.86
CA THR C 910 4.48 -10.23 41.00
C THR C 910 3.97 -11.48 41.70
N GLN C 911 2.90 -11.30 42.48
CA GLN C 911 2.33 -12.42 43.23
C GLN C 911 1.83 -13.56 42.34
N PRO C 912 1.10 -13.32 41.24
CA PRO C 912 0.69 -14.48 40.41
C PRO C 912 1.85 -15.27 39.86
N PHE C 913 2.95 -14.60 39.49
CA PHE C 913 4.13 -15.33 39.05
C PHE C 913 4.78 -16.08 40.21
N ALA C 914 4.89 -15.44 41.37
CA ALA C 914 5.56 -16.06 42.51
C ALA C 914 4.78 -17.27 43.01
N CYS C 915 3.47 -17.27 42.87
CA CYS C 915 2.63 -18.37 43.33
C CYS C 915 2.56 -19.51 42.31
N GLY C 916 3.19 -19.35 41.15
CA GLY C 916 3.09 -20.36 40.11
C GLY C 916 1.72 -20.47 39.48
N THR C 917 1.04 -19.34 39.28
CA THR C 917 -0.25 -19.31 38.60
C THR C 917 -0.18 -18.61 37.25
N ALA C 918 0.92 -17.93 36.95
CA ALA C 918 1.13 -17.31 35.65
C ALA C 918 2.52 -17.69 35.15
N PHE C 919 2.67 -17.72 33.83
CA PHE C 919 3.94 -18.13 33.24
C PHE C 919 4.06 -17.47 31.86
N ALA C 920 4.85 -16.41 31.78
CA ALA C 920 5.12 -15.76 30.51
C ALA C 920 6.28 -16.45 29.79
N VAL C 921 6.20 -16.48 28.46
CA VAL C 921 7.23 -17.12 27.67
C VAL C 921 8.52 -16.30 27.66
N SER C 922 8.47 -15.05 28.13
CA SER C 922 9.65 -14.20 28.09
C SER C 922 10.75 -14.69 29.01
N VAL C 923 10.40 -15.29 30.15
CA VAL C 923 11.39 -15.65 31.15
C VAL C 923 12.41 -16.64 30.62
N LEU C 924 12.09 -17.35 29.53
CA LEU C 924 13.04 -18.30 28.96
C LEU C 924 14.17 -17.64 28.20
N ASP C 925 14.02 -16.36 27.83
CA ASP C 925 15.03 -15.70 27.02
C ASP C 925 16.38 -15.67 27.72
N SER C 926 16.39 -15.29 29.00
CA SER C 926 17.63 -15.30 29.76
C SER C 926 18.25 -16.69 29.78
N LEU C 927 17.42 -17.72 29.77
CA LEU C 927 17.92 -19.09 29.72
C LEU C 927 18.91 -19.26 28.58
N MET C 928 18.62 -18.66 27.43
CA MET C 928 19.54 -18.75 26.29
C MET C 928 20.93 -18.29 26.69
N SER C 929 21.02 -17.11 27.30
CA SER C 929 22.33 -16.62 27.75
C SER C 929 22.97 -17.60 28.71
N ALA C 930 22.16 -18.20 29.60
CA ALA C 930 22.68 -19.19 30.53
C ALA C 930 23.30 -20.36 29.78
N THR C 931 22.64 -20.81 28.71
CA THR C 931 23.17 -21.94 27.95
C THR C 931 24.51 -21.61 27.31
N TYR C 932 24.85 -20.32 27.20
CA TYR C 932 26.18 -19.97 26.69
C TYR C 932 27.25 -20.30 27.71
N PHE C 933 26.97 -20.10 29.00
CA PHE C 933 27.99 -20.26 30.02
C PHE C 933 28.08 -21.68 30.55
N ASN C 934 27.12 -22.55 30.26
CA ASN C 934 27.23 -23.95 30.60
C ASN C 934 26.24 -24.73 29.75
N ASP C 935 26.76 -25.60 28.88
CA ASP C 935 25.88 -26.47 28.11
C ASP C 935 25.07 -27.38 29.01
N ASN C 936 25.71 -27.96 30.03
CA ASN C 936 25.10 -29.00 30.85
C ASN C 936 23.74 -28.57 31.38
N ILE C 937 23.61 -27.29 31.75
CA ILE C 937 22.35 -26.77 32.27
C ILE C 937 21.20 -27.22 31.39
N LEU C 938 21.26 -26.89 30.10
CA LEU C 938 20.16 -27.23 29.21
C LEU C 938 19.90 -28.73 29.22
N THR C 939 20.97 -29.52 29.11
CA THR C 939 20.78 -30.97 29.13
C THR C 939 19.97 -31.38 30.34
N LEU C 940 20.36 -30.88 31.53
CA LEU C 940 19.67 -31.27 32.73
C LEU C 940 18.21 -30.87 32.66
N ILE C 941 17.93 -29.64 32.23
CA ILE C 941 16.54 -29.20 32.25
C ILE C 941 15.74 -30.07 31.30
N ARG C 942 16.37 -30.52 30.20
CA ARG C 942 15.68 -31.37 29.25
C ARG C 942 15.23 -32.67 29.91
N THR C 943 16.05 -33.24 30.78
CA THR C 943 15.62 -34.45 31.47
C THR C 943 14.84 -34.13 32.74
N LEU C 944 14.86 -32.87 33.20
CA LEU C 944 14.08 -32.50 34.37
C LEU C 944 12.67 -32.08 34.01
N VAL C 945 12.38 -31.86 32.73
CA VAL C 945 11.14 -31.24 32.30
C VAL C 945 10.42 -32.11 31.28
N THR C 946 11.11 -32.44 30.19
CA THR C 946 10.48 -33.21 29.13
C THR C 946 10.10 -34.61 29.61
N GLY C 947 10.79 -35.11 30.63
CA GLY C 947 10.49 -36.44 31.14
C GLY C 947 11.30 -37.53 30.47
N GLY C 948 12.62 -37.43 30.56
CA GLY C 948 13.50 -38.45 30.02
C GLY C 948 13.73 -38.35 28.52
N ALA C 949 14.30 -37.22 28.08
CA ALA C 949 14.70 -37.06 26.68
C ALA C 949 16.12 -37.60 26.50
N THR C 950 16.23 -38.91 26.63
CA THR C 950 17.52 -39.57 26.54
C THR C 950 18.05 -39.53 25.10
N PRO C 951 19.37 -39.60 24.91
CA PRO C 951 19.91 -39.60 23.54
C PRO C 951 19.32 -40.66 22.64
N GLU C 952 18.99 -41.84 23.17
CA GLU C 952 18.32 -42.85 22.36
C GLU C 952 16.96 -42.36 21.89
N LEU C 953 16.22 -41.69 22.79
CA LEU C 953 14.89 -41.21 22.42
C LEU C 953 14.97 -40.16 21.32
N GLU C 954 15.91 -39.22 21.42
CA GLU C 954 16.02 -38.20 20.38
C GLU C 954 16.56 -38.78 19.09
N ALA C 955 17.42 -39.80 19.17
CA ALA C 955 17.85 -40.50 17.96
C ALA C 955 16.67 -41.16 17.26
N LEU C 956 15.78 -41.80 18.03
CA LEU C 956 14.57 -42.36 17.44
C LEU C 956 13.70 -41.26 16.83
N ILE C 957 13.54 -40.15 17.54
CA ILE C 957 12.73 -39.04 17.03
C ILE C 957 13.26 -38.57 15.69
N ALA C 958 14.58 -38.42 15.59
CA ALA C 958 15.18 -38.04 14.30
C ALA C 958 15.04 -39.13 13.26
N GLU C 959 14.96 -40.39 13.70
CA GLU C 959 14.94 -41.51 12.75
C GLU C 959 13.62 -41.60 11.99
N GLU C 960 12.50 -41.49 12.70
CA GLU C 960 11.20 -41.68 12.08
C GLU C 960 10.28 -40.47 12.14
N ASN C 961 10.66 -39.42 12.88
CA ASN C 961 9.93 -38.15 12.92
C ASN C 961 8.55 -38.28 13.54
N ALA C 962 8.19 -39.49 13.97
CA ALA C 962 6.88 -39.74 14.58
C ALA C 962 7.01 -40.95 15.48
N LEU C 963 6.93 -40.74 16.78
CA LEU C 963 7.18 -41.81 17.74
C LEU C 963 6.16 -42.92 17.60
N ARG C 964 6.62 -44.16 17.73
CA ARG C 964 5.78 -45.33 17.62
C ARG C 964 6.00 -46.24 18.82
N GLY C 965 4.96 -47.01 19.17
CA GLY C 965 5.05 -47.90 20.31
C GLY C 965 5.89 -49.12 20.04
N GLY C 966 6.18 -49.85 21.11
CA GLY C 966 7.00 -51.05 21.02
C GLY C 966 6.60 -52.07 22.06
N TYR C 967 7.11 -53.27 21.89
CA TYR C 967 6.80 -54.37 22.79
C TYR C 967 7.52 -54.20 24.13
N SER C 968 7.01 -54.89 25.14
CA SER C 968 7.54 -54.82 26.50
C SER C 968 8.66 -55.83 26.64
N THR C 969 9.85 -55.34 26.95
CA THR C 969 11.05 -56.14 27.17
C THR C 969 11.68 -55.73 28.48
N PRO C 970 12.52 -56.58 29.08
CA PRO C 970 13.23 -56.16 30.30
C PRO C 970 14.08 -54.93 30.08
N GLN C 971 14.62 -54.73 28.87
CA GLN C 971 15.31 -53.49 28.56
C GLN C 971 14.35 -52.29 28.65
N THR C 972 13.14 -52.44 28.11
CA THR C 972 12.15 -51.37 28.22
C THR C 972 11.78 -51.11 29.67
N LEU C 973 11.63 -52.18 30.46
CA LEU C 973 11.36 -52.01 31.88
C LEU C 973 12.50 -51.30 32.58
N ALA C 974 13.74 -51.51 32.11
CA ALA C 974 14.86 -50.72 32.61
C ALA C 974 14.72 -49.25 32.21
N ASN C 975 14.19 -48.98 31.02
CA ASN C 975 13.90 -47.60 30.62
C ASN C 975 12.79 -46.98 31.45
N ARG C 976 11.94 -47.80 32.08
CA ARG C 976 10.90 -47.31 32.98
C ARG C 976 11.43 -47.05 34.38
N ASP C 977 12.72 -47.28 34.61
CA ASP C 977 13.34 -47.09 35.92
C ASP C 977 13.75 -45.62 36.10
N ARG C 978 12.75 -44.75 36.02
CA ARG C 978 12.97 -43.31 36.07
C ARG C 978 12.24 -42.70 37.26
N CYS C 979 12.81 -41.62 37.80
CA CYS C 979 12.22 -40.93 38.94
C CYS C 979 10.99 -40.14 38.52
N ARG C 980 10.25 -39.67 39.53
CA ARG C 980 9.08 -38.83 39.32
C ARG C 980 9.14 -37.67 40.31
N VAL C 981 8.42 -36.60 39.98
CA VAL C 981 8.37 -35.40 40.80
C VAL C 981 6.94 -35.18 41.27
N ALA C 982 6.80 -34.80 42.54
CA ALA C 982 5.48 -34.53 43.14
C ALA C 982 5.70 -33.65 44.35
N GLN C 983 4.67 -33.56 45.20
CA GLN C 983 4.73 -32.81 46.44
C GLN C 983 4.27 -33.68 47.60
N LEU C 984 4.72 -33.32 48.79
CA LEU C 984 4.35 -34.01 50.02
C LEU C 984 3.79 -33.00 51.00
N ALA C 985 2.74 -33.40 51.71
CA ALA C 985 2.07 -32.55 52.70
C ALA C 985 2.68 -32.80 54.07
N LEU C 986 3.14 -31.73 54.72
CA LEU C 986 3.88 -31.85 55.98
C LEU C 986 3.02 -32.38 57.12
N LEU C 987 1.69 -32.40 56.98
CA LEU C 987 0.82 -32.92 58.03
C LEU C 987 0.27 -34.31 57.73
N ASP C 988 0.68 -34.93 56.62
CA ASP C 988 0.06 -36.18 56.19
C ASP C 988 0.76 -37.39 56.78
N GLY C 989 2.06 -37.54 56.53
CA GLY C 989 2.75 -38.77 56.83
C GLY C 989 3.81 -38.66 57.91
N PRO C 990 4.96 -39.31 57.67
CA PRO C 990 5.99 -39.36 58.72
C PRO C 990 6.57 -38.01 59.10
N PHE C 991 6.41 -36.99 58.25
CA PHE C 991 6.89 -35.66 58.56
C PHE C 991 5.94 -34.86 59.43
N ALA C 992 4.80 -35.45 59.82
CA ALA C 992 3.81 -34.72 60.61
C ALA C 992 4.36 -34.28 61.95
N ASP C 993 5.23 -35.09 62.56
CA ASP C 993 5.81 -34.73 63.85
C ASP C 993 6.67 -33.48 63.77
N LEU C 994 7.23 -33.18 62.60
CA LEU C 994 8.13 -32.06 62.41
C LEU C 994 7.41 -30.87 61.78
N GLY C 995 6.15 -30.65 62.16
CA GLY C 995 5.39 -29.54 61.61
C GLY C 995 6.02 -28.20 61.92
N ASP C 996 6.57 -28.04 63.12
CA ASP C 996 7.28 -26.82 63.52
C ASP C 996 8.59 -27.26 64.18
N GLY C 997 9.62 -27.45 63.36
CA GLY C 997 10.91 -27.84 63.86
C GLY C 997 11.98 -26.80 63.58
N GLY C 998 11.81 -26.05 62.51
CA GLY C 998 12.78 -25.03 62.13
C GLY C 998 14.12 -25.58 61.69
N CYS C 999 14.12 -26.67 60.93
CA CYS C 999 15.38 -27.21 60.39
C CYS C 999 15.05 -28.01 59.12
N TYR C 1000 15.24 -27.39 57.97
CA TYR C 1000 15.07 -28.09 56.69
C TYR C 1000 16.08 -29.22 56.53
N GLY C 1001 17.25 -29.07 57.17
CA GLY C 1001 18.24 -30.13 57.12
C GLY C 1001 17.70 -31.44 57.63
N ASP C 1002 16.94 -31.39 58.72
CA ASP C 1002 16.29 -32.60 59.22
C ASP C 1002 15.35 -33.18 58.19
N LEU C 1003 14.54 -32.33 57.56
CA LEU C 1003 13.62 -32.78 56.51
C LEU C 1003 14.36 -33.59 55.46
N PHE C 1004 15.33 -32.96 54.78
CA PHE C 1004 15.91 -33.67 53.65
C PHE C 1004 16.83 -34.80 54.09
N CYS C 1005 17.42 -34.72 55.29
CA CYS C 1005 18.23 -35.83 55.77
C CYS C 1005 17.39 -37.07 56.01
N LYS C 1006 16.30 -36.93 56.77
CA LYS C 1006 15.42 -38.09 56.96
C LYS C 1006 14.77 -38.54 55.66
N ALA C 1007 14.51 -37.60 54.74
CA ALA C 1007 13.97 -37.99 53.45
C ALA C 1007 14.96 -38.85 52.67
N LEU C 1008 16.25 -38.49 52.71
CA LEU C 1008 17.25 -39.24 51.95
C LEU C 1008 17.54 -40.59 52.60
N LYS C 1009 17.66 -40.63 53.93
CA LYS C 1009 17.96 -41.92 54.57
C LYS C 1009 16.75 -42.85 54.53
N THR C 1010 15.57 -42.36 54.86
CA THR C 1010 14.40 -43.24 54.95
C THR C 1010 14.00 -43.79 53.58
N TYR C 1011 13.88 -42.90 52.58
CA TYR C 1011 13.30 -43.28 51.29
C TYR C 1011 14.16 -42.92 50.10
N ASN C 1012 15.38 -42.43 50.30
CA ASN C 1012 16.22 -41.90 49.21
C ASN C 1012 15.47 -40.82 48.43
N MET C 1013 14.73 -39.98 49.16
CA MET C 1013 13.84 -39.00 48.57
C MET C 1013 14.46 -37.62 48.70
N LEU C 1014 14.59 -36.91 47.57
CA LEU C 1014 15.32 -35.65 47.52
C LEU C 1014 14.32 -34.50 47.45
N CYS C 1015 14.50 -33.52 48.33
CA CYS C 1015 13.64 -32.34 48.40
C CYS C 1015 14.48 -31.10 48.14
N PHE C 1016 13.95 -30.19 47.31
CA PHE C 1016 14.73 -29.04 46.85
C PHE C 1016 14.02 -27.70 47.04
N GLY C 1017 12.91 -27.65 47.75
CA GLY C 1017 12.24 -26.38 47.97
C GLY C 1017 11.01 -26.56 48.82
N ILE C 1018 10.44 -25.43 49.24
CA ILE C 1018 9.24 -25.41 50.06
C ILE C 1018 8.21 -24.53 49.39
N TYR C 1019 6.94 -24.79 49.68
CA TYR C 1019 5.83 -24.10 49.03
C TYR C 1019 4.85 -23.71 50.14
N ARG C 1020 4.86 -22.44 50.52
CA ARG C 1020 4.33 -21.98 51.80
C ARG C 1020 3.23 -20.95 51.60
N LEU C 1021 2.23 -20.97 52.47
CA LEU C 1021 1.13 -20.02 52.41
C LEU C 1021 1.64 -18.59 52.47
N ARG C 1022 1.02 -17.71 51.67
CA ARG C 1022 1.41 -16.31 51.66
C ARG C 1022 1.16 -15.66 53.02
N ASP C 1023 0.03 -15.98 53.64
CA ASP C 1023 -0.35 -15.41 54.93
C ASP C 1023 0.19 -16.20 56.11
N ALA C 1024 1.20 -17.05 55.89
CA ALA C 1024 1.80 -17.79 57.00
C ALA C 1024 2.68 -16.92 57.87
N HIS C 1025 3.09 -15.75 57.38
CA HIS C 1025 3.88 -14.82 58.18
C HIS C 1025 3.04 -13.72 58.80
N LEU C 1026 1.90 -13.38 58.19
CA LEU C 1026 1.05 -12.33 58.72
C LEU C 1026 0.46 -12.75 60.07
N SER C 1027 0.45 -11.81 61.02
CA SER C 1027 -0.08 -12.10 62.35
C SER C 1027 -1.58 -12.39 62.31
N THR C 1028 -2.32 -11.59 61.54
CA THR C 1028 -3.77 -11.75 61.49
C THR C 1028 -4.14 -12.98 60.66
N PRO C 1029 -4.88 -13.94 61.21
CA PRO C 1029 -5.32 -15.08 60.40
C PRO C 1029 -6.25 -14.65 59.28
N SER C 1030 -6.17 -15.37 58.17
CA SER C 1030 -6.99 -15.08 57.00
C SER C 1030 -7.39 -16.39 56.34
N GLN C 1031 -8.06 -16.29 55.18
CA GLN C 1031 -8.55 -17.46 54.46
C GLN C 1031 -7.86 -17.66 53.12
N CYS C 1032 -6.91 -16.80 52.76
CA CYS C 1032 -6.24 -16.92 51.48
C CYS C 1032 -5.38 -18.17 51.43
N THR C 1033 -5.53 -18.95 50.36
CA THR C 1033 -4.77 -20.18 50.17
C THR C 1033 -3.68 -20.05 49.11
N LYS C 1034 -3.41 -18.83 48.64
CA LYS C 1034 -2.33 -18.63 47.68
C LYS C 1034 -0.98 -18.84 48.36
N ARG C 1035 -0.14 -19.66 47.73
CA ARG C 1035 1.14 -20.07 48.32
C ARG C 1035 2.29 -19.60 47.44
N TYR C 1036 3.30 -19.01 48.05
CA TYR C 1036 4.53 -18.67 47.38
C TYR C 1036 5.51 -19.85 47.45
N VAL C 1037 6.67 -19.67 46.82
CA VAL C 1037 7.69 -20.71 46.72
C VAL C 1037 9.00 -20.18 47.28
N ILE C 1038 9.69 -21.01 48.07
CA ILE C 1038 11.03 -20.73 48.55
C ILE C 1038 11.93 -21.83 48.00
N THR C 1039 12.87 -21.44 47.13
CA THR C 1039 13.75 -22.39 46.46
C THR C 1039 14.96 -22.68 47.35
N ASN C 1040 15.04 -23.91 47.84
CA ASN C 1040 16.14 -24.40 48.67
C ASN C 1040 16.39 -23.46 49.85
N PRO C 1041 15.52 -23.46 50.85
CA PRO C 1041 15.75 -22.61 52.02
C PRO C 1041 16.91 -23.13 52.85
N PRO C 1042 17.50 -22.29 53.70
CA PRO C 1042 18.63 -22.73 54.52
C PRO C 1042 18.27 -23.94 55.38
N TYR C 1043 19.32 -24.55 55.94
CA TYR C 1043 19.14 -25.79 56.70
C TYR C 1043 18.29 -25.56 57.94
N GLU C 1044 18.30 -24.34 58.48
CA GLU C 1044 17.63 -24.02 59.73
C GLU C 1044 16.31 -23.26 59.52
N PHE C 1045 15.80 -23.25 58.29
CA PHE C 1045 14.62 -22.46 57.98
C PHE C 1045 13.42 -22.88 58.83
N GLU C 1046 12.65 -21.88 59.27
CA GLU C 1046 11.49 -22.13 60.12
C GLU C 1046 10.45 -22.94 59.38
N LEU C 1047 9.69 -23.73 60.13
CA LEU C 1047 8.73 -24.68 59.58
C LEU C 1047 7.31 -24.29 60.01
N VAL C 1048 6.39 -24.31 59.05
CA VAL C 1048 4.96 -24.18 59.32
C VAL C 1048 4.32 -25.54 59.03
N PRO C 1049 3.50 -26.08 59.93
CA PRO C 1049 2.94 -27.42 59.70
C PRO C 1049 2.13 -27.53 58.42
N THR C 1050 1.43 -26.47 58.02
CA THR C 1050 0.64 -26.49 56.79
C THR C 1050 1.50 -26.00 55.63
N ASP C 1051 2.49 -26.83 55.29
CA ASP C 1051 3.43 -26.52 54.22
C ASP C 1051 3.55 -27.70 53.28
N LEU C 1052 3.70 -27.41 51.99
CA LEU C 1052 3.92 -28.42 50.96
C LEU C 1052 5.37 -28.36 50.53
N ILE C 1053 6.03 -29.52 50.48
CA ILE C 1053 7.44 -29.59 50.18
C ILE C 1053 7.63 -29.96 48.72
N PHE C 1054 8.67 -29.42 48.10
CA PHE C 1054 9.05 -29.79 46.75
C PHE C 1054 10.02 -30.97 46.83
N CYS C 1055 9.65 -32.08 46.19
CA CYS C 1055 10.33 -33.35 46.40
C CYS C 1055 10.61 -34.04 45.07
N LEU C 1056 11.56 -34.96 45.13
CA LEU C 1056 11.86 -35.90 44.05
C LEU C 1056 11.87 -37.29 44.65
N MET C 1057 10.86 -38.10 44.33
CA MET C 1057 10.74 -39.42 44.91
C MET C 1057 11.72 -40.37 44.23
N GLN C 1058 11.62 -41.65 44.55
CA GLN C 1058 12.48 -42.67 43.98
C GLN C 1058 11.81 -43.30 42.76
N PHE C 1059 12.57 -44.16 42.09
CA PHE C 1059 12.11 -44.75 40.84
C PHE C 1059 10.89 -45.64 41.07
N ASP C 1060 10.07 -45.78 40.03
CA ASP C 1060 8.90 -46.63 40.08
C ASP C 1060 8.81 -47.51 38.85
N GLN D 19 57.28 44.01 11.23
CA GLN D 19 57.21 42.76 10.48
C GLN D 19 56.09 41.87 11.01
N ARG D 20 56.09 40.61 10.58
CA ARG D 20 55.09 39.64 10.99
C ARG D 20 55.79 38.36 11.45
N MET D 21 55.08 37.58 12.27
CA MET D 21 55.65 36.38 12.86
C MET D 21 54.74 35.16 12.68
N TRP D 22 53.73 35.26 11.80
CA TRP D 22 52.84 34.14 11.55
C TRP D 22 53.57 32.91 11.04
N TRP D 23 54.77 33.10 10.47
CA TRP D 23 55.55 31.98 9.96
C TRP D 23 55.83 30.97 11.07
N ALA D 24 56.18 31.45 12.27
CA ALA D 24 56.52 30.55 13.37
C ALA D 24 55.33 29.66 13.73
N PHE D 25 54.17 30.26 13.97
CA PHE D 25 53.00 29.49 14.37
C PHE D 25 52.57 28.53 13.27
N LEU D 26 52.47 29.03 12.04
CA LEU D 26 52.01 28.18 10.94
C LEU D 26 52.96 27.02 10.71
N ALA D 27 54.27 27.29 10.68
CA ALA D 27 55.25 26.24 10.49
C ALA D 27 55.19 25.23 11.63
N SER D 28 55.08 25.71 12.87
CA SER D 28 55.01 24.79 14.00
C SER D 28 53.84 23.83 13.84
N SER D 29 52.64 24.37 13.56
CA SER D 29 51.46 23.51 13.42
C SER D 29 51.61 22.53 12.27
N MET D 30 51.99 23.02 11.09
CA MET D 30 52.05 22.16 9.92
C MET D 30 53.12 21.09 10.05
N VAL D 31 54.30 21.44 10.57
CA VAL D 31 55.35 20.43 10.71
C VAL D 31 55.03 19.47 11.84
N THR D 32 54.29 19.90 12.86
CA THR D 32 53.82 18.94 13.86
C THR D 32 52.91 17.91 13.22
N PHE D 33 51.95 18.37 12.41
CA PHE D 33 51.06 17.45 11.70
C PHE D 33 51.86 16.51 10.80
N PHE D 34 52.79 17.06 10.02
CA PHE D 34 53.53 16.26 9.05
C PHE D 34 54.44 15.25 9.74
N GLY D 35 55.14 15.67 10.80
CA GLY D 35 55.99 14.76 11.53
C GLY D 35 55.22 13.64 12.19
N GLY D 36 54.06 13.97 12.80
CA GLY D 36 53.23 12.93 13.36
C GLY D 36 52.75 11.94 12.31
N LEU D 37 52.30 12.46 11.15
CA LEU D 37 51.83 11.60 10.08
C LEU D 37 52.94 10.68 9.59
N PHE D 38 54.13 11.23 9.38
CA PHE D 38 55.24 10.41 8.90
C PHE D 38 55.67 9.37 9.94
N ILE D 39 55.73 9.76 11.21
CA ILE D 39 56.17 8.84 12.26
C ILE D 39 55.19 7.68 12.39
N ILE D 40 53.89 7.99 12.42
CA ILE D 40 52.90 6.91 12.57
C ILE D 40 52.79 6.08 11.30
N LEU D 41 52.96 6.70 10.13
CA LEU D 41 52.78 5.99 8.87
C LEU D 41 53.89 4.98 8.60
N LEU D 42 54.96 4.98 9.40
CA LEU D 42 56.10 4.09 9.17
C LEU D 42 55.99 2.77 9.92
N TRP D 43 54.84 2.47 10.53
CA TRP D 43 54.70 1.19 11.22
C TRP D 43 54.78 0.02 10.25
N ARG D 44 54.16 0.16 9.08
CA ARG D 44 54.24 -0.85 8.04
C ARG D 44 55.21 -0.48 6.92
N THR D 45 55.39 0.81 6.65
CA THR D 45 56.32 1.23 5.61
C THR D 45 57.76 0.83 5.97
N LEU D 46 58.13 1.00 7.23
CA LEU D 46 59.47 0.60 7.67
C LEU D 46 59.55 -0.90 7.89
N LYS D 47 58.61 -1.47 8.64
CA LYS D 47 58.59 -2.90 8.92
C LYS D 47 57.69 -3.64 7.94
N TYR D 48 58.01 -3.50 6.66
CA TYR D 48 57.30 -4.21 5.60
C TYR D 48 57.90 -5.61 5.52
N LEU D 49 57.35 -6.52 6.33
CA LEU D 49 57.87 -7.88 6.50
C LEU D 49 59.32 -7.83 6.99
N TRP D 50 59.50 -7.20 8.15
CA TRP D 50 60.82 -7.02 8.76
C TRP D 50 61.79 -6.33 7.81
N THR D 51 61.31 -5.33 7.09
CA THR D 51 62.14 -4.58 6.17
C THR D 51 63.08 -3.64 6.90
N MET D 94 52.84 -1.76 28.16
CA MET D 94 52.25 -2.70 27.22
C MET D 94 50.75 -2.43 27.05
N THR D 95 49.98 -3.50 26.87
CA THR D 95 48.54 -3.37 26.71
C THR D 95 47.86 -2.96 28.01
N SER D 96 48.38 -3.42 29.15
CA SER D 96 47.72 -3.16 30.43
C SER D 96 47.67 -1.66 30.73
N VAL D 97 48.78 -0.95 30.52
CA VAL D 97 48.77 0.49 30.73
C VAL D 97 47.96 1.19 29.63
N LYS D 98 48.13 0.76 28.38
CA LYS D 98 47.52 1.44 27.25
C LYS D 98 46.01 1.53 27.40
N ASP D 99 45.33 0.38 27.48
CA ASP D 99 43.88 0.40 27.65
C ASP D 99 43.48 1.01 28.99
N TRP D 100 44.41 1.12 29.94
CA TRP D 100 44.10 1.86 31.16
C TRP D 100 43.77 3.31 30.85
N ALA D 101 44.56 3.94 29.97
CA ALA D 101 44.18 5.26 29.49
C ALA D 101 42.82 5.21 28.82
N GLY D 102 42.51 4.10 28.16
CA GLY D 102 41.21 3.92 27.54
C GLY D 102 40.04 3.93 28.50
N VAL D 103 40.28 3.62 29.78
CA VAL D 103 39.20 3.70 30.76
C VAL D 103 39.15 5.07 31.43
N MET D 104 40.04 5.98 31.06
CA MET D 104 40.00 7.35 31.55
C MET D 104 39.44 8.32 30.52
N ILE D 105 39.86 8.20 29.26
CA ILE D 105 39.29 9.04 28.21
C ILE D 105 37.83 8.69 27.97
N SER D 106 37.43 7.46 28.25
CA SER D 106 36.04 7.06 28.12
C SER D 106 35.22 7.59 29.30
N ALA D 107 33.90 7.51 29.16
CA ALA D 107 32.98 8.04 30.15
C ALA D 107 32.50 7.00 31.15
N GLN D 108 33.05 5.78 31.09
CA GLN D 108 32.58 4.73 32.00
C GLN D 108 32.93 5.04 33.44
N THR D 109 34.15 5.50 33.69
CA THR D 109 34.62 5.76 35.04
C THR D 109 34.20 7.15 35.52
N LEU D 110 34.19 7.31 36.86
CA LEU D 110 33.83 8.59 37.44
C LEU D 110 34.80 9.69 37.02
N THR D 111 36.09 9.38 36.98
CA THR D 111 37.07 10.36 36.49
C THR D 111 36.82 10.70 35.03
N GLY D 112 36.38 9.72 34.24
CA GLY D 112 36.05 9.99 32.85
C GLY D 112 34.87 10.93 32.70
N ARG D 113 33.83 10.74 33.52
CA ARG D 113 32.68 11.62 33.46
C ARG D 113 33.05 13.06 33.85
N VAL D 114 33.92 13.20 34.85
CA VAL D 114 34.36 14.53 35.25
C VAL D 114 35.21 15.16 34.14
N LEU D 115 35.99 14.35 33.43
CA LEU D 115 36.96 14.87 32.49
C LEU D 115 36.30 15.66 31.36
N VAL D 116 35.19 15.15 30.81
CA VAL D 116 34.55 15.80 29.67
C VAL D 116 33.95 17.14 30.08
N VAL D 117 33.41 17.22 31.29
CA VAL D 117 32.87 18.49 31.78
C VAL D 117 33.97 19.54 31.85
N LEU D 118 35.13 19.14 32.36
CA LEU D 118 36.29 20.05 32.37
C LEU D 118 36.70 20.42 30.95
N VAL D 119 36.66 19.46 30.03
CA VAL D 119 37.00 19.75 28.63
C VAL D 119 36.11 20.85 28.09
N PHE D 120 34.79 20.71 28.29
CA PHE D 120 33.86 21.71 27.78
C PHE D 120 34.07 23.07 28.45
N ALA D 121 34.25 23.07 29.77
CA ALA D 121 34.44 24.34 30.48
C ALA D 121 35.69 25.06 30.00
N LEU D 122 36.80 24.32 29.86
CA LEU D 122 38.04 24.92 29.40
C LEU D 122 37.94 25.41 27.97
N SER D 123 37.23 24.66 27.12
CA SER D 123 37.02 25.10 25.74
C SER D 123 36.21 26.38 25.68
N ILE D 124 35.17 26.49 26.51
CA ILE D 124 34.36 27.71 26.53
C ILE D 124 35.19 28.88 27.02
N GLY D 125 35.99 28.67 28.07
CA GLY D 125 36.88 29.72 28.54
C GLY D 125 37.86 30.16 27.48
N ALA D 126 38.42 29.20 26.75
CA ALA D 126 39.36 29.52 25.67
C ALA D 126 38.67 30.32 24.58
N LEU D 127 37.43 29.97 24.25
CA LEU D 127 36.69 30.72 23.23
C LEU D 127 36.43 32.15 23.69
N VAL D 128 36.08 32.33 24.97
CA VAL D 128 35.87 33.68 25.51
C VAL D 128 37.17 34.48 25.44
N ILE D 129 38.29 33.86 25.81
CA ILE D 129 39.58 34.53 25.73
C ILE D 129 39.90 34.89 24.29
N TYR D 130 39.55 34.01 23.35
CA TYR D 130 39.77 34.31 21.94
C TYR D 130 38.95 35.51 21.49
N PHE D 131 37.70 35.60 21.94
CA PHE D 131 36.88 36.77 21.60
C PHE D 131 37.50 38.04 22.19
N ILE D 132 37.96 37.97 23.44
CA ILE D 132 38.57 39.14 24.07
C ILE D 132 39.81 39.58 23.31
N ASP D 133 40.64 38.62 22.90
CA ASP D 133 41.84 38.95 22.13
C ASP D 133 41.48 39.48 20.74
N SER D 134 40.40 38.95 20.15
CA SER D 134 39.94 39.45 18.86
C SER D 134 39.46 40.88 18.95
N SER D 135 38.94 41.29 20.11
CA SER D 135 38.63 42.70 20.33
C SER D 135 39.87 43.56 20.25
N ASN D 136 41.05 42.98 20.41
CA ASN D 136 42.33 43.66 20.35
C ASN D 136 42.92 43.55 18.95
N PRO D 137 44.00 44.29 18.66
CA PRO D 137 44.64 44.19 17.34
C PRO D 137 45.13 42.78 17.04
N ILE D 138 45.48 42.57 15.76
CA ILE D 138 45.81 41.24 15.27
C ILE D 138 47.09 40.71 15.94
N GLU D 139 48.11 41.56 16.08
CA GLU D 139 49.37 41.13 16.66
C GLU D 139 49.98 42.27 17.47
N SER D 140 50.75 41.90 18.49
CA SER D 140 51.43 42.87 19.35
C SER D 140 52.47 42.13 20.18
N CYS D 141 53.66 42.72 20.30
CA CYS D 141 54.71 42.13 21.12
C CYS D 141 54.49 42.52 22.58
N GLN D 142 54.19 41.55 23.43
CA GLN D 142 53.86 41.79 24.82
C GLN D 142 54.59 40.80 25.72
N ASN D 143 54.92 41.25 26.92
CA ASN D 143 55.52 40.36 27.91
C ASN D 143 54.48 39.40 28.45
N PHE D 144 54.87 38.12 28.55
CA PHE D 144 53.94 37.10 28.99
C PHE D 144 53.46 37.34 30.42
N TYR D 145 54.39 37.74 31.30
CA TYR D 145 54.09 37.82 32.72
C TYR D 145 53.33 39.09 33.11
N LYS D 146 53.11 40.01 32.16
CA LYS D 146 52.47 41.28 32.51
C LYS D 146 50.95 41.13 32.63
N ASP D 147 50.28 40.75 31.54
CA ASP D 147 48.84 40.63 31.56
C ASP D 147 48.42 39.30 32.17
N PHE D 148 47.12 39.19 32.48
CA PHE D 148 46.57 38.00 33.11
C PHE D 148 46.00 37.01 32.12
N THR D 149 46.01 37.31 30.82
CA THR D 149 45.39 36.45 29.82
C THR D 149 46.35 35.46 29.18
N LEU D 150 47.65 35.75 29.18
CA LEU D 150 48.57 34.90 28.45
C LEU D 150 48.94 33.62 29.20
N GLN D 151 48.47 33.45 30.44
CA GLN D 151 48.76 32.22 31.18
C GLN D 151 47.54 31.34 31.40
N ILE D 152 46.33 31.91 31.45
CA ILE D 152 45.13 31.10 31.62
C ILE D 152 44.89 30.22 30.40
N ASP D 153 45.05 30.81 29.21
CA ASP D 153 44.96 30.02 27.99
C ASP D 153 46.01 28.92 27.97
N MET D 154 47.20 29.18 28.54
CA MET D 154 48.20 28.13 28.65
C MET D 154 47.72 26.99 29.53
N ALA D 155 47.04 27.31 30.64
CA ALA D 155 46.46 26.26 31.47
C ALA D 155 45.43 25.46 30.67
N PHE D 156 44.56 26.15 29.93
CA PHE D 156 43.56 25.47 29.12
C PHE D 156 44.22 24.52 28.12
N ASN D 157 45.21 25.01 27.37
CA ASN D 157 45.80 24.19 26.33
C ASN D 157 46.73 23.11 26.87
N VAL D 158 47.30 23.27 28.06
CA VAL D 158 48.07 22.16 28.60
C VAL D 158 47.15 21.09 29.17
N PHE D 159 45.99 21.47 29.70
CA PHE D 159 44.99 20.46 30.07
C PHE D 159 44.49 19.72 28.83
N PHE D 160 44.25 20.45 27.74
CA PHE D 160 43.89 19.79 26.48
C PHE D 160 45.03 18.94 25.95
N LEU D 161 46.28 19.35 26.17
CA LEU D 161 47.43 18.57 25.74
C LEU D 161 47.53 17.25 26.50
N LEU D 162 47.30 17.29 27.82
CA LEU D 162 47.32 16.04 28.58
C LEU D 162 46.14 15.15 28.23
N TYR D 163 44.97 15.74 27.93
CA TYR D 163 43.85 14.94 27.45
C TYR D 163 44.19 14.29 26.11
N PHE D 164 44.83 15.05 25.21
CA PHE D 164 45.25 14.51 23.92
C PHE D 164 46.27 13.39 24.10
N GLY D 165 47.21 13.56 25.03
CA GLY D 165 48.17 12.50 25.30
C GLY D 165 47.51 11.25 25.87
N LEU D 166 46.52 11.44 26.75
CA LEU D 166 45.78 10.30 27.28
C LEU D 166 45.05 9.56 26.16
N ARG D 167 44.47 10.30 25.22
CA ARG D 167 43.86 9.65 24.06
C ARG D 167 44.91 8.97 23.19
N PHE D 168 46.08 9.58 23.04
CA PHE D 168 47.12 9.06 22.16
C PHE D 168 47.70 7.75 22.69
N ILE D 169 47.91 7.67 24.00
CA ILE D 169 48.38 6.42 24.59
C ILE D 169 47.34 5.33 24.41
N ALA D 170 46.07 5.66 24.58
CA ALA D 170 44.98 4.72 24.42
C ALA D 170 44.52 4.56 22.98
N ALA D 171 45.12 5.29 22.04
CA ALA D 171 44.72 5.20 20.65
C ALA D 171 44.95 3.80 20.11
N ASN D 172 43.88 3.16 19.61
CA ASN D 172 43.99 1.81 19.08
C ASN D 172 44.90 1.77 17.87
N ASP D 173 44.51 2.45 16.79
CA ASP D 173 45.32 2.61 15.59
C ASP D 173 45.70 4.08 15.50
N LYS D 174 46.97 4.38 15.78
CA LYS D 174 47.42 5.77 15.84
C LYS D 174 47.29 6.47 14.49
N LEU D 175 47.27 5.72 13.39
CA LEU D 175 47.13 6.36 12.07
C LEU D 175 45.77 7.02 11.93
N TRP D 176 44.70 6.30 12.25
CA TRP D 176 43.37 6.88 12.18
C TRP D 176 43.11 7.84 13.33
N PHE D 177 43.81 7.65 14.46
CA PHE D 177 43.70 8.60 15.54
C PHE D 177 44.32 9.95 15.18
N TRP D 178 45.40 9.94 14.39
CA TRP D 178 46.02 11.19 13.98
C TRP D 178 45.12 12.02 13.07
N LEU D 179 44.11 11.40 12.46
CA LEU D 179 43.17 12.09 11.60
C LEU D 179 41.85 12.39 12.29
N GLU D 180 41.88 12.65 13.59
CA GLU D 180 40.69 12.97 14.36
C GLU D 180 40.57 14.49 14.53
N VAL D 181 39.37 15.00 14.32
CA VAL D 181 39.17 16.45 14.25
C VAL D 181 39.54 17.11 15.58
N ASN D 182 39.22 16.47 16.70
CA ASN D 182 39.59 17.03 18.00
C ASN D 182 41.10 17.16 18.13
N SER D 183 41.83 16.11 17.74
CA SER D 183 43.29 16.18 17.75
C SER D 183 43.80 17.22 16.77
N VAL D 184 43.13 17.36 15.63
CA VAL D 184 43.52 18.37 14.66
C VAL D 184 43.45 19.76 15.28
N VAL D 185 42.34 20.06 15.97
CA VAL D 185 42.22 21.33 16.67
C VAL D 185 43.30 21.45 17.74
N ASP D 186 43.55 20.35 18.47
CA ASP D 186 44.49 20.40 19.59
C ASP D 186 45.89 20.79 19.13
N PHE D 187 46.43 20.09 18.13
CA PHE D 187 47.77 20.41 17.68
C PHE D 187 47.80 21.45 16.57
N PHE D 188 46.66 22.04 16.23
CA PHE D 188 46.63 23.28 15.49
C PHE D 188 46.60 24.50 16.39
N THR D 189 46.19 24.34 17.65
CA THR D 189 46.15 25.47 18.58
C THR D 189 47.25 25.46 19.64
N VAL D 190 47.86 24.31 19.94
CA VAL D 190 48.86 24.26 21.01
C VAL D 190 50.24 24.74 20.56
N PRO D 191 50.78 24.32 19.41
CA PRO D 191 52.11 24.82 19.01
C PRO D 191 52.14 26.34 18.89
N PRO D 192 51.10 26.99 18.34
CA PRO D 192 51.12 28.47 18.34
C PRO D 192 51.20 29.09 19.72
N VAL D 193 50.49 28.54 20.71
CA VAL D 193 50.54 29.16 22.03
C VAL D 193 51.85 28.83 22.73
N PHE D 194 52.45 27.68 22.42
CA PHE D 194 53.79 27.40 22.94
C PHE D 194 54.81 28.38 22.39
N VAL D 195 54.77 28.67 21.09
CA VAL D 195 55.75 29.57 20.52
C VAL D 195 55.42 31.04 20.77
N SER D 196 54.17 31.34 21.16
CA SER D 196 53.79 32.71 21.48
C SER D 196 54.51 33.28 22.68
N VAL D 197 55.13 32.44 23.51
CA VAL D 197 55.97 32.91 24.59
C VAL D 197 57.45 32.64 24.32
N TYR D 198 57.77 31.72 23.42
CA TYR D 198 59.14 31.59 22.94
C TYR D 198 59.53 32.78 22.09
N LEU D 199 58.55 33.52 21.55
CA LEU D 199 58.78 34.81 20.91
C LEU D 199 58.18 35.98 21.68
N ASN D 200 57.31 35.72 22.66
CA ASN D 200 56.72 36.75 23.51
C ASN D 200 55.96 37.79 22.70
N ARG D 201 54.95 37.31 21.97
CA ARG D 201 54.08 38.18 21.20
C ARG D 201 52.78 37.43 20.92
N SER D 202 51.75 38.18 20.52
CA SER D 202 50.41 37.66 20.33
C SER D 202 50.10 37.49 18.84
N TRP D 203 49.26 36.50 18.54
CA TRP D 203 48.84 36.21 17.17
C TRP D 203 47.51 35.47 17.24
N LEU D 204 46.43 36.14 16.82
CA LEU D 204 45.11 35.53 16.88
C LEU D 204 45.05 34.24 16.07
N GLY D 205 45.47 34.28 14.82
CA GLY D 205 45.55 33.11 13.96
C GLY D 205 44.37 32.16 14.01
N LEU D 206 44.65 30.88 14.15
CA LEU D 206 43.62 29.84 14.13
C LEU D 206 43.10 29.51 15.52
N ARG D 207 43.15 30.46 16.46
CA ARG D 207 42.74 30.20 17.84
C ARG D 207 41.23 30.05 17.96
N PHE D 208 40.50 30.35 16.89
CA PHE D 208 39.05 30.19 16.89
C PHE D 208 38.62 28.74 16.70
N LEU D 209 39.53 27.85 16.32
CA LEU D 209 39.18 26.45 16.10
C LEU D 209 38.65 25.79 17.36
N ARG D 210 38.93 26.38 18.53
CA ARG D 210 38.36 25.86 19.77
C ARG D 210 36.84 25.79 19.72
N ALA D 211 36.22 26.67 18.93
CA ALA D 211 34.77 26.65 18.79
C ALA D 211 34.26 25.33 18.23
N LEU D 212 35.11 24.56 17.55
CA LEU D 212 34.71 23.26 17.05
C LEU D 212 34.43 22.25 18.16
N ARG D 213 34.81 22.56 19.41
CA ARG D 213 34.60 21.64 20.51
C ARG D 213 33.19 21.71 21.09
N LEU D 214 32.33 22.58 20.56
CA LEU D 214 30.95 22.65 21.03
C LEU D 214 30.13 21.44 20.59
N ILE D 215 30.61 20.64 19.66
CA ILE D 215 29.85 19.49 19.18
C ILE D 215 29.70 18.42 20.26
N GLN D 216 30.57 18.41 21.26
CA GLN D 216 30.48 17.42 22.33
C GLN D 216 29.41 17.76 23.36
N PHE D 217 28.87 18.97 23.33
CA PHE D 217 27.93 19.43 24.35
C PHE D 217 26.78 18.44 24.55
N SER D 218 26.21 17.96 23.45
CA SER D 218 25.10 17.01 23.54
C SER D 218 25.49 15.78 24.34
N GLU D 219 26.68 15.23 24.09
CA GLU D 219 27.13 14.07 24.84
C GLU D 219 27.23 14.39 26.33
N ILE D 220 27.64 15.62 26.65
CA ILE D 220 27.70 16.04 28.05
C ILE D 220 26.30 16.11 28.64
N LEU D 221 25.30 16.50 27.83
CA LEU D 221 23.93 16.45 28.30
C LEU D 221 23.44 15.03 28.51
N GLN D 222 24.21 14.03 28.05
CA GLN D 222 23.96 12.64 28.43
C GLN D 222 24.15 12.44 29.92
N PHE D 223 25.08 13.18 30.54
CA PHE D 223 25.42 12.94 31.94
C PHE D 223 24.61 13.84 32.86
N LEU D 224 24.51 15.13 32.54
CA LEU D 224 23.61 16.02 33.27
C LEU D 224 22.17 15.67 32.91
N ASN D 225 21.33 15.52 33.93
CA ASN D 225 19.97 15.02 33.75
C ASN D 225 18.98 16.11 33.38
N ILE D 226 19.45 17.22 32.82
CA ILE D 226 18.56 18.30 32.42
C ILE D 226 17.64 17.84 31.29
N LEU D 227 18.18 17.15 30.30
CA LEU D 227 17.43 16.72 29.12
C LEU D 227 17.39 15.19 29.07
N LYS D 228 16.21 14.65 28.86
CA LYS D 228 16.03 13.20 28.80
C LYS D 228 15.31 12.72 27.54
N THR D 229 14.92 13.61 26.64
CA THR D 229 14.25 13.23 25.40
C THR D 229 15.30 13.05 24.31
N SER D 230 15.31 11.85 23.70
CA SER D 230 16.31 11.53 22.69
C SER D 230 16.22 12.46 21.49
N ASN D 231 15.00 12.75 21.03
CA ASN D 231 14.84 13.66 19.91
C ASN D 231 15.35 15.05 20.24
N SER D 232 15.10 15.52 21.46
CA SER D 232 15.64 16.80 21.88
C SER D 232 17.17 16.77 21.96
N ILE D 233 17.74 15.62 22.32
CA ILE D 233 19.19 15.49 22.31
C ILE D 233 19.73 15.57 20.88
N LYS D 234 19.05 14.94 19.92
CA LYS D 234 19.44 15.09 18.52
C LYS D 234 19.33 16.56 18.08
N LEU D 235 18.28 17.24 18.52
CA LEU D 235 18.09 18.65 18.18
C LEU D 235 19.23 19.51 18.73
N VAL D 236 19.62 19.27 19.98
CA VAL D 236 20.70 20.06 20.55
C VAL D 236 22.03 19.70 19.90
N ASN D 237 22.19 18.45 19.46
CA ASN D 237 23.38 18.09 18.69
C ASN D 237 23.45 18.88 17.39
N LEU D 238 22.33 18.95 16.67
CA LEU D 238 22.29 19.73 15.43
C LEU D 238 22.58 21.20 15.70
N LEU D 239 21.99 21.75 16.76
CA LEU D 239 22.22 23.15 17.09
C LEU D 239 23.68 23.42 17.44
N SER D 240 24.30 22.50 18.18
CA SER D 240 25.71 22.65 18.52
C SER D 240 26.58 22.60 17.27
N ILE D 241 26.28 21.67 16.35
CA ILE D 241 27.06 21.60 15.12
C ILE D 241 26.93 22.88 14.33
N PHE D 242 25.71 23.40 14.20
CA PHE D 242 25.49 24.64 13.46
C PHE D 242 26.24 25.80 14.09
N ILE D 243 26.14 25.94 15.42
CA ILE D 243 26.82 27.04 16.10
C ILE D 243 28.33 26.92 15.93
N SER D 244 28.87 25.71 16.06
CA SER D 244 30.31 25.51 15.95
C SER D 244 30.80 25.89 14.57
N THR D 245 30.13 25.39 13.52
CA THR D 245 30.60 25.70 12.16
C THR D 245 30.44 27.19 11.86
N TRP D 246 29.37 27.81 12.37
CA TRP D 246 29.18 29.25 12.17
C TRP D 246 30.32 30.05 12.80
N LEU D 247 30.65 29.74 14.06
CA LEU D 247 31.69 30.48 14.75
C LEU D 247 33.06 30.24 14.12
N THR D 248 33.35 29.01 13.71
CA THR D 248 34.64 28.74 13.06
C THR D 248 34.76 29.47 11.73
N ALA D 249 33.69 29.48 10.93
CA ALA D 249 33.73 30.22 9.67
C ALA D 249 33.92 31.71 9.92
N ALA D 250 33.23 32.25 10.94
CA ALA D 250 33.42 33.65 11.28
C ALA D 250 34.86 33.94 11.67
N GLY D 251 35.46 33.07 12.48
CA GLY D 251 36.86 33.27 12.83
C GLY D 251 37.77 33.25 11.63
N PHE D 252 37.56 32.29 10.72
CA PHE D 252 38.38 32.20 9.52
C PHE D 252 38.27 33.46 8.67
N ILE D 253 37.04 33.91 8.41
CA ILE D 253 36.84 35.07 7.55
C ILE D 253 37.41 36.32 8.22
N HIS D 254 37.22 36.46 9.53
CA HIS D 254 37.77 37.61 10.24
C HIS D 254 39.29 37.63 10.14
N LEU D 255 39.93 36.47 10.35
CA LEU D 255 41.38 36.40 10.23
C LEU D 255 41.84 36.76 8.82
N VAL D 256 41.16 36.23 7.81
CA VAL D 256 41.59 36.47 6.44
C VAL D 256 41.43 37.93 6.06
N GLU D 257 40.31 38.55 6.46
CA GLU D 257 40.05 39.93 6.04
C GLU D 257 40.85 40.94 6.84
N ASN D 258 41.11 40.69 8.12
CA ASN D 258 41.81 41.67 8.93
C ASN D 258 43.26 41.88 8.48
N SER D 259 43.83 40.93 7.75
CA SER D 259 45.18 41.05 7.22
C SER D 259 45.15 40.69 5.74
N GLY D 260 45.50 41.63 4.88
CA GLY D 260 45.40 41.44 3.45
C GLY D 260 46.21 40.26 2.95
N ASP D 261 45.92 39.88 1.71
CA ASP D 261 46.59 38.74 1.11
C ASP D 261 48.09 39.02 0.98
N PRO D 262 48.95 38.02 1.24
CA PRO D 262 50.39 38.29 1.25
C PRO D 262 50.95 38.82 -0.06
N TRP D 263 50.44 38.34 -1.21
CA TRP D 263 51.01 38.78 -2.48
C TRP D 263 50.69 40.24 -2.80
N GLU D 264 49.79 40.86 -2.06
CA GLU D 264 49.56 42.30 -2.15
C GLU D 264 50.29 43.08 -1.07
N ASN D 265 51.22 42.43 -0.37
CA ASN D 265 52.01 43.05 0.70
C ASN D 265 51.11 43.60 1.81
N PHE D 266 50.01 42.91 2.08
CA PHE D 266 49.10 43.25 3.19
C PHE D 266 48.62 44.68 3.08
N GLN D 267 48.36 45.14 1.86
CA GLN D 267 48.02 46.54 1.62
C GLN D 267 46.52 46.78 1.44
N ASN D 268 45.71 45.72 1.34
CA ASN D 268 44.28 45.84 1.15
C ASN D 268 43.51 45.32 2.36
N ASN D 269 44.06 45.56 3.56
CA ASN D 269 43.39 45.12 4.78
C ASN D 269 42.10 45.90 4.99
N GLN D 270 41.05 45.18 5.40
CA GLN D 270 39.75 45.76 5.70
C GLN D 270 39.48 45.62 7.19
N ALA D 271 39.11 46.72 7.84
CA ALA D 271 38.88 46.73 9.28
C ALA D 271 37.50 46.16 9.56
N LEU D 272 37.45 44.93 10.08
CA LEU D 272 36.21 44.26 10.40
C LEU D 272 36.30 43.65 11.79
N THR D 273 35.39 44.04 12.67
CA THR D 273 35.31 43.40 13.98
C THR D 273 34.77 41.98 13.84
N TYR D 274 35.03 41.17 14.86
CA TYR D 274 34.62 39.76 14.81
C TYR D 274 33.11 39.63 14.76
N TRP D 275 32.39 40.41 15.57
CA TRP D 275 30.93 40.32 15.56
C TRP D 275 30.35 40.82 14.24
N GLU D 276 30.99 41.83 13.64
CA GLU D 276 30.60 42.24 12.30
C GLU D 276 30.76 41.09 11.31
N CYS D 277 31.83 40.30 11.46
CA CYS D 277 32.03 39.16 10.58
C CYS D 277 30.99 38.07 10.83
N VAL D 278 30.60 37.88 12.09
CA VAL D 278 29.53 36.93 12.39
C VAL D 278 28.24 37.35 11.72
N TYR D 279 27.93 38.65 11.79
CA TYR D 279 26.78 39.19 11.08
C TYR D 279 26.90 38.98 9.59
N LEU D 280 28.11 39.16 9.05
CA LEU D 280 28.34 38.95 7.61
C LEU D 280 28.03 37.51 7.21
N LEU D 281 28.54 36.54 7.97
CA LEU D 281 28.27 35.14 7.64
C LEU D 281 26.79 34.81 7.78
N MET D 282 26.12 35.35 8.81
CA MET D 282 24.70 35.09 8.96
C MET D 282 23.90 35.67 7.79
N VAL D 283 24.25 36.87 7.36
CA VAL D 283 23.58 37.47 6.20
C VAL D 283 23.85 36.62 4.96
N THR D 284 25.09 36.19 4.76
CA THR D 284 25.44 35.44 3.57
C THR D 284 24.69 34.11 3.51
N MET D 285 24.60 33.39 4.63
CA MET D 285 24.02 32.06 4.59
C MET D 285 22.51 32.07 4.66
N SER D 286 21.89 33.21 4.96
CA SER D 286 20.45 33.37 4.78
C SER D 286 20.10 33.77 3.36
N THR D 287 21.10 33.88 2.48
CA THR D 287 20.92 34.27 1.09
C THR D 287 20.26 35.64 0.97
N VAL D 288 20.55 36.53 1.91
CA VAL D 288 20.02 37.89 1.85
C VAL D 288 20.98 38.75 1.02
N GLY D 289 22.23 38.84 1.45
CA GLY D 289 23.22 39.60 0.71
C GLY D 289 22.93 41.09 0.70
N TYR D 290 23.02 41.72 1.88
CA TYR D 290 22.77 43.14 1.97
C TYR D 290 23.80 43.94 1.16
N GLY D 291 25.07 43.56 1.26
CA GLY D 291 26.14 44.34 0.66
C GLY D 291 26.68 45.44 1.54
N ASP D 292 26.20 45.58 2.77
CA ASP D 292 26.74 46.57 3.68
C ASP D 292 28.20 46.27 4.01
N VAL D 293 28.50 45.00 4.27
CA VAL D 293 29.86 44.52 4.46
C VAL D 293 30.06 43.31 3.57
N TYR D 294 31.28 43.10 3.09
CA TYR D 294 31.59 41.97 2.22
C TYR D 294 33.09 41.77 2.22
N ALA D 295 33.53 40.68 1.61
CA ALA D 295 34.94 40.36 1.54
C ALA D 295 35.58 41.11 0.38
N LYS D 296 36.59 41.93 0.71
CA LYS D 296 37.31 42.71 -0.30
C LYS D 296 38.58 42.01 -0.77
N THR D 297 39.30 41.34 0.13
CA THR D 297 40.52 40.65 -0.24
C THR D 297 40.20 39.44 -1.13
N THR D 298 41.18 39.09 -1.97
CA THR D 298 41.00 37.95 -2.87
C THR D 298 40.81 36.66 -2.09
N LEU D 299 41.60 36.45 -1.04
CA LEU D 299 41.41 35.27 -0.19
C LEU D 299 40.04 35.30 0.48
N GLY D 300 39.60 36.48 0.90
CA GLY D 300 38.27 36.59 1.48
C GLY D 300 37.17 36.17 0.52
N ARG D 301 37.25 36.67 -0.72
CA ARG D 301 36.26 36.28 -1.73
C ARG D 301 36.32 34.78 -2.01
N LEU D 302 37.53 34.23 -2.13
CA LEU D 302 37.67 32.82 -2.45
C LEU D 302 37.07 31.95 -1.36
N PHE D 303 37.41 32.23 -0.09
CA PHE D 303 36.83 31.45 0.99
C PHE D 303 35.35 31.71 1.14
N MET D 304 34.88 32.91 0.80
CA MET D 304 33.45 33.17 0.83
C MET D 304 32.72 32.26 -0.14
N VAL D 305 33.24 32.14 -1.36
CA VAL D 305 32.61 31.26 -2.34
C VAL D 305 32.66 29.80 -1.86
N PHE D 306 33.84 29.37 -1.39
CA PHE D 306 33.98 27.99 -0.94
C PHE D 306 33.03 27.68 0.21
N PHE D 307 32.89 28.58 1.17
CA PHE D 307 32.04 28.29 2.31
C PHE D 307 30.57 28.53 2.02
N ILE D 308 30.22 29.34 1.02
CA ILE D 308 28.85 29.33 0.53
C ILE D 308 28.50 27.95 0.00
N LEU D 309 29.37 27.39 -0.86
CA LEU D 309 29.13 26.05 -1.36
C LEU D 309 29.02 25.05 -0.22
N GLY D 310 29.95 25.13 0.74
CA GLY D 310 29.94 24.20 1.85
C GLY D 310 28.73 24.33 2.74
N GLY D 311 28.33 25.56 3.07
CA GLY D 311 27.19 25.76 3.93
C GLY D 311 25.89 25.33 3.28
N LEU D 312 25.70 25.64 2.00
CA LEU D 312 24.51 25.14 1.31
C LEU D 312 24.51 23.63 1.22
N ALA D 313 25.68 23.01 0.99
CA ALA D 313 25.74 21.56 0.96
C ALA D 313 25.38 20.95 2.32
N MET D 314 25.92 21.52 3.41
CA MET D 314 25.61 21.01 4.74
C MET D 314 24.13 21.20 5.07
N PHE D 315 23.56 22.35 4.72
CA PHE D 315 22.14 22.58 4.96
C PHE D 315 21.29 21.59 4.19
N ALA D 316 21.64 21.33 2.93
CA ALA D 316 20.91 20.34 2.14
C ALA D 316 21.02 18.95 2.76
N SER D 317 22.21 18.59 3.24
CA SER D 317 22.38 17.30 3.89
C SER D 317 21.67 17.24 5.24
N TYR D 318 21.28 18.39 5.80
CA TYR D 318 20.59 18.44 7.08
C TYR D 318 19.09 18.61 6.92
N VAL D 319 18.57 18.63 5.69
CA VAL D 319 17.12 18.74 5.50
C VAL D 319 16.36 17.58 6.13
N PRO D 320 16.76 16.31 5.93
CA PRO D 320 16.03 15.22 6.60
C PRO D 320 16.01 15.34 8.12
N GLU D 321 17.09 15.84 8.73
CA GLU D 321 17.10 16.03 10.17
C GLU D 321 16.07 17.07 10.60
N ILE D 322 16.02 18.20 9.88
CA ILE D 322 15.03 19.23 10.18
C ILE D 322 13.62 18.68 9.99
N ILE D 323 13.43 17.84 8.97
CA ILE D 323 12.11 17.26 8.72
C ILE D 323 11.70 16.34 9.86
N GLU D 324 12.61 15.46 10.29
CA GLU D 324 12.26 14.47 11.30
C GLU D 324 12.23 15.02 12.71
N LEU D 325 12.86 16.16 12.97
CA LEU D 325 12.74 16.81 14.27
C LEU D 325 11.52 17.73 14.35
N ILE D 326 11.45 18.72 13.47
CA ILE D 326 10.32 19.64 13.47
C ILE D 326 9.14 18.96 12.78
N GLY D 327 8.02 18.86 13.50
CA GLY D 327 6.84 18.14 13.05
C GLY D 327 6.48 16.97 13.94
N ASN D 328 7.47 16.32 14.54
CA ASN D 328 7.25 15.21 15.45
C ASN D 328 6.97 15.72 16.87
N ARG D 329 5.93 16.55 16.96
CA ARG D 329 5.51 17.14 18.23
C ARG D 329 4.40 16.28 18.82
N LYS D 330 4.64 15.79 20.05
CA LYS D 330 3.68 14.91 20.69
C LYS D 330 2.38 15.64 20.97
N LYS D 331 1.28 14.89 20.92
CA LYS D 331 -0.04 15.47 21.15
C LYS D 331 -0.22 15.87 22.61
N TYR D 332 -0.15 14.91 23.52
CA TYR D 332 -0.33 15.18 24.94
C TYR D 332 0.57 14.25 25.74
N GLY D 333 1.27 14.81 26.73
CA GLY D 333 2.10 14.01 27.61
C GLY D 333 1.88 14.37 29.06
N GLY D 334 1.13 15.45 29.30
CA GLY D 334 0.90 15.94 30.64
C GLY D 334 -0.24 15.22 31.33
N SER D 335 -0.68 15.81 32.44
CA SER D 335 -1.76 15.26 33.24
C SER D 335 -2.83 16.34 33.46
N TYR D 336 -4.10 15.92 33.39
CA TYR D 336 -5.19 16.83 33.65
C TYR D 336 -5.15 17.32 35.09
N SER D 337 -5.33 18.62 35.28
CA SER D 337 -5.35 19.22 36.60
C SER D 337 -6.79 19.29 37.11
N ALA D 338 -7.02 18.80 38.32
CA ALA D 338 -8.36 18.72 38.88
C ALA D 338 -8.76 20.10 39.41
N VAL D 339 -9.80 20.68 38.83
CA VAL D 339 -10.37 21.92 39.33
C VAL D 339 -11.23 21.61 40.55
N SER D 340 -10.95 22.28 41.67
CA SER D 340 -11.64 21.97 42.91
C SER D 340 -13.13 22.23 42.78
N GLY D 341 -13.93 21.27 43.26
CA GLY D 341 -15.36 21.34 43.20
C GLY D 341 -15.99 20.91 41.89
N ARG D 342 -15.26 21.04 40.78
CA ARG D 342 -15.78 20.67 39.47
C ARG D 342 -15.44 19.22 39.18
N LYS D 343 -16.45 18.43 38.84
CA LYS D 343 -16.26 17.02 38.53
C LYS D 343 -15.79 16.85 37.09
N HIS D 344 -15.50 15.60 36.74
CA HIS D 344 -15.16 15.26 35.36
C HIS D 344 -15.50 13.79 35.13
N ILE D 345 -15.72 13.45 33.86
CA ILE D 345 -16.00 12.08 33.45
C ILE D 345 -15.03 11.70 32.35
N VAL D 346 -14.48 10.49 32.45
CA VAL D 346 -13.44 10.03 31.53
C VAL D 346 -14.11 9.18 30.46
N VAL D 347 -14.07 9.68 29.22
CA VAL D 347 -14.65 8.97 28.09
C VAL D 347 -13.51 8.40 27.27
N CYS D 348 -13.44 7.06 27.21
CA CYS D 348 -12.38 6.37 26.48
C CYS D 348 -12.96 5.15 25.81
N GLY D 349 -12.19 4.57 24.89
CA GLY D 349 -12.59 3.43 24.11
C GLY D 349 -12.44 3.73 22.65
N HIS D 350 -13.49 3.43 21.88
CA HIS D 350 -13.49 3.75 20.46
C HIS D 350 -13.66 5.25 20.26
N ILE D 351 -12.57 5.96 20.02
CA ILE D 351 -12.60 7.41 19.85
C ILE D 351 -12.34 7.69 18.37
N THR D 352 -13.40 7.98 17.63
CA THR D 352 -13.31 8.37 16.23
C THR D 352 -14.13 9.64 16.03
N LEU D 353 -14.11 10.16 14.80
CA LEU D 353 -14.78 11.42 14.52
C LEU D 353 -16.29 11.29 14.73
N GLU D 354 -16.89 10.22 14.19
CA GLU D 354 -18.35 10.09 14.23
C GLU D 354 -18.85 9.82 15.65
N SER D 355 -18.20 8.90 16.37
CA SER D 355 -18.64 8.57 17.72
C SER D 355 -18.51 9.78 18.63
N VAL D 356 -17.37 10.47 18.57
CA VAL D 356 -17.17 11.66 19.38
C VAL D 356 -18.17 12.74 19.00
N SER D 357 -18.45 12.91 17.71
CA SER D 357 -19.42 13.90 17.27
C SER D 357 -20.79 13.61 17.88
N ASN D 358 -21.25 12.37 17.77
CA ASN D 358 -22.57 12.02 18.30
C ASN D 358 -22.61 12.19 19.82
N PHE D 359 -21.56 11.73 20.51
CA PHE D 359 -21.57 11.84 21.97
C PHE D 359 -21.55 13.30 22.42
N LEU D 360 -20.77 14.14 21.74
CA LEU D 360 -20.70 15.55 22.11
C LEU D 360 -22.01 16.26 21.84
N LYS D 361 -22.64 15.99 20.68
CA LYS D 361 -23.90 16.66 20.40
C LYS D 361 -25.02 16.17 21.32
N ALA D 362 -24.97 14.91 21.75
CA ALA D 362 -25.98 14.41 22.68
C ALA D 362 -25.77 14.95 24.09
N PHE D 363 -24.51 14.99 24.54
CA PHE D 363 -24.24 15.36 25.93
C PHE D 363 -24.36 16.86 26.14
N LEU D 364 -23.67 17.65 25.33
CA LEU D 364 -23.64 19.11 25.50
C LEU D 364 -24.75 19.77 24.69
N HIS D 365 -25.98 19.33 24.94
CA HIS D 365 -27.15 19.95 24.35
C HIS D 365 -27.70 20.99 25.30
N LYS D 366 -28.06 22.16 24.77
CA LYS D 366 -28.27 23.35 25.58
C LYS D 366 -29.55 23.31 26.41
N ALA D 367 -30.43 22.34 26.21
CA ALA D 367 -31.73 22.31 26.88
C ALA D 367 -31.71 21.54 28.20
N ARG D 368 -30.54 21.43 28.84
CA ARG D 368 -30.41 20.67 30.08
C ARG D 368 -29.97 21.58 31.21
N ASP D 369 -29.94 21.03 32.41
CA ASP D 369 -29.34 21.71 33.55
C ASP D 369 -27.86 21.93 33.27
N ASP D 370 -27.33 23.06 33.74
CA ASP D 370 -25.91 23.40 33.46
C ASP D 370 -25.02 22.20 33.79
N VAL D 371 -24.22 21.76 32.82
CA VAL D 371 -23.27 20.64 33.07
C VAL D 371 -22.14 21.16 33.98
N ASN D 372 -21.62 20.32 34.88
CA ASN D 372 -20.59 20.77 35.87
C ASN D 372 -19.44 19.78 35.80
N VAL D 373 -19.31 19.05 34.69
CA VAL D 373 -18.29 18.04 34.49
C VAL D 373 -17.49 18.37 33.24
N GLU D 374 -16.19 18.11 33.29
CA GLU D 374 -15.32 18.31 32.13
C GLU D 374 -15.21 16.99 31.36
N ILE D 375 -15.50 17.05 30.07
CA ILE D 375 -15.48 15.85 29.23
C ILE D 375 -14.06 15.58 28.79
N VAL D 376 -13.32 14.82 29.59
CA VAL D 376 -11.94 14.49 29.28
C VAL D 376 -11.89 13.20 28.48
N PHE D 377 -11.01 13.17 27.48
CA PHE D 377 -10.84 12.01 26.62
C PHE D 377 -9.48 11.37 26.84
N LEU D 378 -9.33 10.14 26.33
CA LEU D 378 -8.07 9.44 26.41
C LEU D 378 -8.04 8.39 25.30
N HIS D 379 -7.03 8.45 24.45
CA HIS D 379 -6.91 7.51 23.33
C HIS D 379 -5.46 7.52 22.89
N ASN D 380 -4.81 6.36 22.91
CA ASN D 380 -3.39 6.29 22.58
C ASN D 380 -3.10 6.50 21.10
N ILE D 381 -4.12 6.49 20.25
CA ILE D 381 -3.91 6.69 18.82
C ILE D 381 -3.95 8.18 18.51
N SER D 382 -3.06 8.61 17.63
CA SER D 382 -2.97 10.03 17.29
C SER D 382 -4.28 10.50 16.67
N PRO D 383 -4.83 11.63 17.12
CA PRO D 383 -6.15 12.05 16.64
C PRO D 383 -6.11 12.55 15.21
N ASN D 384 -7.25 12.46 14.55
CA ASN D 384 -7.40 12.98 13.20
C ASN D 384 -7.41 14.50 13.21
N LEU D 385 -7.01 15.09 12.08
CA LEU D 385 -6.98 16.55 11.98
C LEU D 385 -8.38 17.15 12.09
N GLU D 386 -9.35 16.56 11.37
CA GLU D 386 -10.73 17.00 11.51
C GLU D 386 -11.25 16.71 12.91
N LEU D 387 -10.81 15.61 13.51
CA LEU D 387 -11.14 15.34 14.91
C LEU D 387 -10.57 16.41 15.82
N GLU D 388 -9.36 16.89 15.51
CA GLU D 388 -8.78 17.96 16.31
C GLU D 388 -9.52 19.27 16.13
N ALA D 389 -10.00 19.57 14.92
CA ALA D 389 -10.86 20.73 14.73
C ALA D 389 -12.14 20.60 15.54
N LEU D 390 -12.72 19.40 15.53
CA LEU D 390 -13.89 19.12 16.37
C LEU D 390 -13.61 19.40 17.83
N PHE D 391 -12.46 18.92 18.34
CA PHE D 391 -12.13 19.12 19.74
C PHE D 391 -11.91 20.59 20.06
N LYS D 392 -11.17 21.30 19.20
CA LYS D 392 -10.91 22.72 19.46
C LYS D 392 -12.15 23.57 19.33
N ARG D 393 -13.14 23.14 18.55
CA ARG D 393 -14.40 23.87 18.51
C ARG D 393 -15.10 23.84 19.87
N HIS D 394 -14.89 22.78 20.65
CA HIS D 394 -15.43 22.66 21.99
C HIS D 394 -14.32 22.67 23.04
N PHE D 395 -13.31 23.51 22.83
CA PHE D 395 -12.18 23.58 23.76
C PHE D 395 -12.58 24.08 25.14
N THR D 396 -13.76 24.68 25.28
CA THR D 396 -14.21 25.16 26.58
C THR D 396 -14.38 24.02 27.58
N GLN D 397 -14.91 22.89 27.12
CA GLN D 397 -15.25 21.79 28.02
C GLN D 397 -14.67 20.45 27.60
N VAL D 398 -13.79 20.42 26.59
CA VAL D 398 -13.29 19.17 26.04
C VAL D 398 -11.77 19.25 25.89
N GLU D 399 -11.09 18.17 26.26
CA GLU D 399 -9.66 18.04 26.08
C GLU D 399 -9.34 16.62 25.64
N PHE D 400 -8.17 16.44 25.05
CA PHE D 400 -7.73 15.15 24.54
C PHE D 400 -6.41 14.76 25.17
N TYR D 401 -6.08 13.47 25.09
CA TYR D 401 -4.85 12.95 25.64
C TYR D 401 -4.42 11.74 24.84
N GLN D 402 -3.13 11.41 24.95
CA GLN D 402 -2.55 10.22 24.33
C GLN D 402 -2.07 9.29 25.43
N GLY D 403 -2.56 8.06 25.44
CA GLY D 403 -2.16 7.09 26.43
C GLY D 403 -3.01 5.84 26.44
N SER D 404 -2.52 4.79 27.09
CA SER D 404 -3.23 3.52 27.16
C SER D 404 -4.10 3.47 28.41
N VAL D 405 -5.39 3.15 28.22
CA VAL D 405 -6.30 3.05 29.34
C VAL D 405 -5.86 1.92 30.28
N LEU D 406 -5.15 0.94 29.76
CA LEU D 406 -4.66 -0.15 30.60
C LEU D 406 -3.53 0.30 31.52
N ASN D 407 -2.78 1.32 31.12
CA ASN D 407 -1.66 1.80 31.93
C ASN D 407 -2.18 2.55 33.15
N PRO D 408 -1.82 2.15 34.36
CA PRO D 408 -2.25 2.91 35.55
C PRO D 408 -1.74 4.34 35.56
N HIS D 409 -0.57 4.60 34.99
CA HIS D 409 -0.04 5.96 34.99
C HIS D 409 -0.86 6.88 34.11
N ASP D 410 -1.37 6.38 32.99
CA ASP D 410 -2.27 7.17 32.16
C ASP D 410 -3.57 7.46 32.89
N LEU D 411 -4.06 6.49 33.67
CA LEU D 411 -5.25 6.73 34.49
C LEU D 411 -4.99 7.80 35.52
N ALA D 412 -3.82 7.76 36.16
CA ALA D 412 -3.46 8.80 37.12
C ALA D 412 -3.32 10.16 36.45
N ARG D 413 -2.88 10.19 35.19
CA ARG D 413 -2.81 11.44 34.46
C ARG D 413 -4.19 12.06 34.29
N VAL D 414 -5.19 11.23 33.99
CA VAL D 414 -6.56 11.72 33.80
C VAL D 414 -7.30 11.85 35.11
N LYS D 415 -6.71 11.39 36.23
CA LYS D 415 -7.31 11.46 37.55
C LYS D 415 -8.62 10.65 37.61
N ILE D 416 -8.48 9.35 37.40
CA ILE D 416 -9.62 8.43 37.46
C ILE D 416 -10.22 8.41 38.85
N GLU D 417 -9.38 8.36 39.88
CA GLU D 417 -9.86 8.17 41.25
C GLU D 417 -10.74 9.32 41.71
N SER D 418 -10.54 10.52 41.17
CA SER D 418 -11.32 11.69 41.55
C SER D 418 -12.46 11.99 40.60
N ALA D 419 -12.64 11.17 39.56
CA ALA D 419 -13.70 11.40 38.60
C ALA D 419 -15.04 10.91 39.14
N ASP D 420 -16.12 11.32 38.48
CA ASP D 420 -17.45 10.90 38.86
C ASP D 420 -17.88 9.61 38.17
N ALA D 421 -17.49 9.43 36.91
CA ALA D 421 -17.85 8.23 36.17
C ALA D 421 -16.90 8.09 34.99
N CYS D 422 -16.84 6.88 34.45
CA CYS D 422 -16.07 6.58 33.25
C CYS D 422 -16.99 5.95 32.21
N LEU D 423 -16.94 6.47 31.00
CA LEU D 423 -17.80 6.02 29.91
C LEU D 423 -16.96 5.34 28.85
N ILE D 424 -17.34 4.12 28.48
CA ILE D 424 -16.62 3.33 27.48
C ILE D 424 -17.43 3.34 26.19
N LEU D 425 -16.85 3.89 25.14
CA LEU D 425 -17.47 3.79 23.82
C LEU D 425 -17.21 2.42 23.22
N ALA D 426 -17.97 2.10 22.18
CA ALA D 426 -17.86 0.82 21.50
C ALA D 426 -17.79 1.04 19.99
N ASN D 427 -16.93 0.26 19.33
CA ASN D 427 -16.85 0.27 17.87
C ASN D 427 -17.94 -0.64 17.33
N LYS D 428 -19.14 -0.08 17.21
CA LYS D 428 -20.28 -0.86 16.74
C LYS D 428 -20.04 -1.43 15.35
N TYR D 429 -19.25 -0.74 14.53
CA TYR D 429 -18.89 -1.24 13.21
C TYR D 429 -17.51 -1.89 13.24
N CYS D 430 -17.42 -2.98 14.00
CA CYS D 430 -16.17 -3.71 14.17
C CYS D 430 -16.16 -4.92 13.25
N ALA D 431 -15.13 -5.75 13.39
CA ALA D 431 -15.02 -6.98 12.61
C ALA D 431 -15.59 -8.18 13.36
N ASP D 432 -15.36 -8.26 14.67
CA ASP D 432 -15.89 -9.34 15.49
C ASP D 432 -16.40 -8.75 16.80
N PRO D 433 -17.70 -8.84 17.07
CA PRO D 433 -18.25 -8.25 18.31
C PRO D 433 -17.63 -8.83 19.57
N ASP D 434 -17.30 -10.13 19.58
CA ASP D 434 -16.76 -10.75 20.78
C ASP D 434 -15.41 -10.15 21.16
N ALA D 435 -14.56 -9.88 20.17
CA ALA D 435 -13.26 -9.29 20.46
C ALA D 435 -13.41 -7.89 21.04
N GLU D 436 -14.30 -7.08 20.48
CA GLU D 436 -14.51 -5.73 21.00
C GLU D 436 -15.07 -5.77 22.41
N ASP D 437 -16.01 -6.68 22.67
CA ASP D 437 -16.56 -6.81 24.01
C ASP D 437 -15.51 -7.27 25.01
N ALA D 438 -14.64 -8.20 24.61
CA ALA D 438 -13.55 -8.61 25.48
C ALA D 438 -12.61 -7.46 25.78
N SER D 439 -12.31 -6.64 24.76
CA SER D 439 -11.48 -5.47 24.97
C SER D 439 -12.11 -4.50 25.96
N ASN D 440 -13.42 -4.27 25.82
CA ASN D 440 -14.11 -3.38 26.75
C ASN D 440 -14.12 -3.96 28.16
N ILE D 441 -14.28 -5.27 28.28
CA ILE D 441 -14.26 -5.91 29.59
C ILE D 441 -12.89 -5.76 30.23
N MET D 442 -11.82 -5.93 29.46
CA MET D 442 -10.47 -5.73 30.01
C MET D 442 -10.26 -4.28 30.40
N ARG D 443 -10.80 -3.33 29.63
CA ARG D 443 -10.72 -1.93 30.02
C ARG D 443 -11.41 -1.71 31.36
N VAL D 444 -12.58 -2.31 31.55
CA VAL D 444 -13.29 -2.21 32.82
C VAL D 444 -12.47 -2.84 33.94
N ILE D 445 -11.82 -3.97 33.66
CA ILE D 445 -10.99 -4.63 34.65
C ILE D 445 -9.86 -3.71 35.09
N SER D 446 -9.20 -3.07 34.13
CA SER D 446 -8.11 -2.15 34.47
C SER D 446 -8.62 -0.97 35.29
N ILE D 447 -9.78 -0.41 34.90
CA ILE D 447 -10.33 0.73 35.63
C ILE D 447 -10.64 0.34 37.07
N LYS D 448 -11.27 -0.82 37.26
CA LYS D 448 -11.59 -1.27 38.62
C LYS D 448 -10.33 -1.58 39.42
N ASN D 449 -9.32 -2.15 38.75
CA ASN D 449 -8.07 -2.47 39.44
C ASN D 449 -7.39 -1.20 39.95
N TYR D 450 -7.34 -0.16 39.12
CA TYR D 450 -6.75 1.10 39.59
C TYR D 450 -7.61 1.74 40.66
N HIS D 451 -8.93 1.73 40.49
CA HIS D 451 -9.84 2.31 41.46
C HIS D 451 -11.15 1.53 41.47
N PRO D 452 -11.54 0.96 42.61
CA PRO D 452 -12.73 0.09 42.66
C PRO D 452 -14.03 0.79 43.05
N LYS D 453 -14.04 2.12 43.17
CA LYS D 453 -15.25 2.83 43.55
C LYS D 453 -15.89 3.61 42.41
N ILE D 454 -15.17 3.84 41.31
CA ILE D 454 -15.72 4.59 40.20
C ILE D 454 -16.79 3.75 39.50
N ARG D 455 -17.75 4.43 38.88
CA ARG D 455 -18.82 3.78 38.14
C ARG D 455 -18.55 3.86 36.64
N ILE D 456 -18.83 2.78 35.94
CA ILE D 456 -18.54 2.66 34.51
C ILE D 456 -19.82 2.35 33.77
N ILE D 457 -20.09 3.12 32.72
CA ILE D 457 -21.17 2.84 31.78
C ILE D 457 -20.51 2.51 30.45
N THR D 458 -20.84 1.34 29.90
CA THR D 458 -20.19 0.86 28.69
C THR D 458 -21.25 0.37 27.70
N GLN D 459 -20.80 0.13 26.48
CA GLN D 459 -21.66 -0.36 25.41
C GLN D 459 -21.13 -1.69 24.92
N MET D 460 -22.00 -2.71 24.94
CA MET D 460 -21.65 -4.04 24.48
C MET D 460 -22.33 -4.35 23.16
N LEU D 461 -21.99 -5.50 22.58
CA LEU D 461 -22.57 -5.93 21.31
C LEU D 461 -23.26 -7.27 21.38
N GLN D 462 -23.18 -7.99 22.50
CA GLN D 462 -23.84 -9.27 22.68
C GLN D 462 -24.35 -9.37 24.11
N TYR D 463 -24.97 -10.50 24.43
CA TYR D 463 -25.55 -10.74 25.75
C TYR D 463 -24.63 -11.55 26.65
N HIS D 464 -24.06 -12.63 26.11
CA HIS D 464 -23.09 -13.42 26.87
C HIS D 464 -21.90 -12.56 27.30
N ASN D 465 -21.53 -11.57 26.48
CA ASN D 465 -20.47 -10.66 26.89
C ASN D 465 -20.90 -9.76 28.04
N LYS D 466 -22.18 -9.38 28.09
CA LYS D 466 -22.68 -8.69 29.28
C LYS D 466 -22.60 -9.58 30.50
N ALA D 467 -22.90 -10.87 30.33
CA ALA D 467 -22.74 -11.80 31.45
C ALA D 467 -21.29 -11.88 31.90
N HIS D 468 -20.35 -11.88 30.95
CA HIS D 468 -18.94 -11.84 31.29
C HIS D 468 -18.60 -10.59 32.09
N LEU D 469 -19.11 -9.44 31.66
CA LEU D 469 -18.86 -8.19 32.37
C LEU D 469 -19.45 -8.24 33.78
N LEU D 470 -20.54 -8.97 33.98
CA LEU D 470 -21.11 -9.13 35.31
C LEU D 470 -20.15 -9.81 36.27
N ASN D 471 -19.12 -10.49 35.76
CA ASN D 471 -18.27 -11.33 36.58
C ASN D 471 -17.13 -10.56 37.25
N ILE D 472 -17.02 -9.26 37.02
CA ILE D 472 -15.94 -8.49 37.63
C ILE D 472 -16.13 -8.45 39.13
N PRO D 473 -15.08 -8.65 39.93
CA PRO D 473 -15.26 -8.65 41.40
C PRO D 473 -15.83 -7.36 41.95
N SER D 474 -15.47 -6.21 41.37
CA SER D 474 -15.88 -4.91 41.90
C SER D 474 -17.00 -4.27 41.09
N TRP D 475 -17.70 -5.04 40.27
CA TRP D 475 -18.79 -4.52 39.46
C TRP D 475 -20.09 -4.61 40.25
N ASN D 476 -20.56 -3.47 40.74
CA ASN D 476 -21.81 -3.37 41.50
C ASN D 476 -22.85 -2.71 40.61
N TRP D 477 -23.75 -3.51 40.06
CA TRP D 477 -24.80 -3.00 39.19
C TRP D 477 -25.84 -2.18 39.93
N LYS D 478 -25.89 -2.29 41.26
CA LYS D 478 -26.79 -1.48 42.09
C LYS D 478 -26.20 -0.14 42.48
N GLU D 479 -24.87 -0.05 42.55
CA GLU D 479 -24.22 1.17 43.01
C GLU D 479 -24.23 2.24 41.91
N GLY D 480 -24.42 1.82 40.67
CA GLY D 480 -24.48 2.77 39.57
C GLY D 480 -23.82 2.31 38.29
N ASP D 481 -23.20 1.13 38.32
CA ASP D 481 -22.58 0.54 37.14
C ASP D 481 -23.65 -0.01 36.22
N ASP D 482 -23.39 0.08 34.91
CA ASP D 482 -24.37 -0.34 33.93
C ASP D 482 -23.67 -0.79 32.65
N ALA D 483 -24.33 -1.70 31.94
CA ALA D 483 -23.88 -2.18 30.63
C ALA D 483 -25.02 -2.02 29.64
N ILE D 484 -24.72 -1.43 28.49
CA ILE D 484 -25.74 -1.17 27.47
C ILE D 484 -25.51 -2.07 26.27
N CYS D 485 -26.21 -3.20 26.24
CA CYS D 485 -26.09 -4.13 25.12
C CYS D 485 -26.90 -3.60 23.94
N LEU D 486 -26.21 -3.16 22.89
CA LEU D 486 -26.89 -2.56 21.75
C LEU D 486 -27.79 -3.56 21.04
N ALA D 487 -27.34 -4.79 20.89
CA ALA D 487 -28.14 -5.79 20.20
C ALA D 487 -29.44 -6.07 20.94
N GLU D 488 -29.36 -6.25 22.26
CA GLU D 488 -30.55 -6.54 23.05
C GLU D 488 -31.55 -5.40 22.99
N LEU D 489 -31.08 -4.18 23.22
CA LEU D 489 -31.98 -3.03 23.18
C LEU D 489 -32.57 -2.83 21.80
N LYS D 490 -31.75 -2.99 20.75
CA LYS D 490 -32.25 -2.80 19.39
C LYS D 490 -33.35 -3.81 19.06
N LEU D 491 -33.10 -5.09 19.34
CA LEU D 491 -34.10 -6.10 19.01
C LEU D 491 -35.33 -5.98 19.90
N GLY D 492 -35.16 -5.55 21.15
CA GLY D 492 -36.32 -5.30 21.99
C GLY D 492 -37.17 -4.14 21.49
N PHE D 493 -36.51 -3.07 21.01
CA PHE D 493 -37.24 -1.97 20.41
C PHE D 493 -37.99 -2.43 19.18
N ILE D 494 -37.36 -3.27 18.35
CA ILE D 494 -38.03 -3.80 17.17
C ILE D 494 -39.25 -4.63 17.57
N ALA D 495 -39.11 -5.47 18.60
CA ALA D 495 -40.24 -6.27 19.05
C ALA D 495 -41.37 -5.40 19.60
N GLN D 496 -41.02 -4.36 20.36
CA GLN D 496 -42.03 -3.47 20.92
C GLN D 496 -42.77 -2.72 19.81
N SER D 497 -42.05 -2.26 18.78
CA SER D 497 -42.73 -1.64 17.65
C SER D 497 -43.56 -2.66 16.88
N CYS D 498 -43.15 -3.92 16.87
CA CYS D 498 -43.98 -4.96 16.28
C CYS D 498 -45.29 -5.10 17.06
N LEU D 499 -45.23 -5.00 18.39
CA LEU D 499 -46.45 -5.03 19.18
C LEU D 499 -47.32 -3.82 18.90
N ALA D 500 -46.72 -2.64 18.78
CA ALA D 500 -47.44 -1.40 18.50
C ALA D 500 -46.59 -0.54 17.59
N GLN D 501 -47.07 -0.34 16.36
CA GLN D 501 -46.29 0.36 15.34
C GLN D 501 -45.90 1.76 15.80
N GLY D 502 -44.61 1.98 16.00
CA GLY D 502 -44.09 3.30 16.30
C GLY D 502 -43.63 3.51 17.73
N LEU D 503 -43.67 2.49 18.59
CA LEU D 503 -43.29 2.68 19.98
C LEU D 503 -41.81 3.03 20.11
N SER D 504 -40.95 2.35 19.34
CA SER D 504 -39.52 2.58 19.45
C SER D 504 -39.16 4.03 19.14
N THR D 505 -39.90 4.65 18.22
CA THR D 505 -39.61 6.02 17.84
C THR D 505 -39.83 6.98 19.00
N MET D 506 -40.98 6.88 19.67
CA MET D 506 -41.24 7.76 20.79
C MET D 506 -40.35 7.42 21.98
N LEU D 507 -39.96 6.14 22.14
CA LEU D 507 -39.00 5.80 23.18
C LEU D 507 -37.66 6.49 22.94
N ALA D 508 -37.17 6.43 21.70
CA ALA D 508 -35.91 7.08 21.36
C ALA D 508 -36.01 8.59 21.56
N ASN D 509 -37.14 9.19 21.16
CA ASN D 509 -37.32 10.61 21.39
C ASN D 509 -37.38 10.95 22.87
N LEU D 510 -37.92 10.03 23.68
CA LEU D 510 -37.89 10.21 25.13
C LEU D 510 -36.46 10.23 25.64
N PHE D 511 -35.61 9.35 25.11
CA PHE D 511 -34.21 9.33 25.55
C PHE D 511 -33.48 10.59 25.09
N SER D 512 -33.37 10.77 23.79
CA SER D 512 -32.67 11.92 23.23
C SER D 512 -33.47 13.18 23.52
N MET D 513 -33.01 13.97 24.48
CA MET D 513 -33.70 15.22 24.80
C MET D 513 -33.56 16.20 23.65
N ARG D 514 -34.68 16.84 23.30
CA ARG D 514 -34.74 17.78 22.19
C ARG D 514 -35.32 19.10 22.67
N SER D 515 -34.64 20.19 22.38
CA SER D 515 -35.22 21.51 22.60
C SER D 515 -36.38 21.73 21.63
N PHE D 516 -37.44 22.35 22.13
CA PHE D 516 -38.64 22.51 21.33
C PHE D 516 -38.42 23.51 20.19
N ILE D 517 -38.78 23.11 18.99
CA ILE D 517 -38.66 23.94 17.80
C ILE D 517 -40.06 24.11 17.20
N LYS D 518 -40.44 25.35 16.92
CA LYS D 518 -41.77 25.67 16.42
C LYS D 518 -41.70 25.93 14.92
N ILE D 519 -42.60 25.29 14.18
CA ILE D 519 -42.74 25.49 12.73
C ILE D 519 -44.04 26.25 12.49
N GLU D 520 -43.95 27.32 11.70
CA GLU D 520 -45.11 28.19 11.50
C GLU D 520 -46.21 27.50 10.72
N GLU D 521 -45.85 26.82 9.63
CA GLU D 521 -46.84 26.21 8.76
C GLU D 521 -47.57 25.08 9.48
N ASP D 522 -48.81 24.83 9.06
CA ASP D 522 -49.65 23.80 9.65
C ASP D 522 -49.34 22.47 8.97
N THR D 523 -48.16 21.94 9.29
CA THR D 523 -47.71 20.65 8.80
C THR D 523 -47.64 19.66 9.95
N TRP D 524 -47.45 18.38 9.62
CA TRP D 524 -47.26 17.37 10.65
C TRP D 524 -45.98 17.59 11.44
N GLN D 525 -45.02 18.34 10.88
CA GLN D 525 -43.78 18.60 11.58
C GLN D 525 -44.03 19.41 12.85
N LYS D 526 -44.98 20.35 12.81
CA LYS D 526 -45.29 21.15 13.99
C LYS D 526 -45.76 20.28 15.14
N TYR D 527 -46.74 19.41 14.88
CA TYR D 527 -47.24 18.53 15.93
C TYR D 527 -46.19 17.53 16.38
N TYR D 528 -45.39 17.03 15.44
CA TYR D 528 -44.32 16.11 15.80
C TYR D 528 -43.31 16.75 16.73
N LEU D 529 -42.90 17.99 16.43
CA LEU D 529 -41.94 18.68 17.28
C LEU D 529 -42.55 19.08 18.60
N GLU D 530 -43.86 19.36 18.63
CA GLU D 530 -44.53 19.58 19.91
C GLU D 530 -44.50 18.31 20.75
N GLY D 531 -44.73 17.16 20.13
CA GLY D 531 -44.72 15.91 20.88
C GLY D 531 -43.35 15.50 21.38
N VAL D 532 -42.32 15.65 20.54
CA VAL D 532 -41.02 15.11 20.89
C VAL D 532 -40.33 15.91 21.99
N SER D 533 -40.79 17.14 22.26
CA SER D 533 -40.17 17.94 23.31
C SER D 533 -40.40 17.35 24.69
N ASN D 534 -41.38 16.45 24.84
CA ASN D 534 -41.64 15.81 26.13
C ASN D 534 -40.58 14.75 26.38
N GLU D 535 -39.60 15.07 27.22
CA GLU D 535 -38.54 14.14 27.57
C GLU D 535 -38.94 13.34 28.81
N MET D 536 -37.98 12.63 29.39
CA MET D 536 -38.19 11.82 30.58
C MET D 536 -37.32 12.33 31.71
N TYR D 537 -37.92 12.51 32.89
CA TYR D 537 -37.21 12.97 34.06
C TYR D 537 -37.69 12.19 35.28
N THR D 538 -36.86 12.15 36.31
CA THR D 538 -37.15 11.37 37.51
C THR D 538 -36.92 12.22 38.75
N GLU D 539 -37.87 12.12 39.69
CA GLU D 539 -37.73 12.72 41.01
C GLU D 539 -38.85 12.19 41.89
N TYR D 540 -38.52 11.88 43.13
CA TYR D 540 -39.51 11.35 44.06
C TYR D 540 -40.48 12.45 44.43
N LEU D 541 -41.77 12.15 44.34
CA LEU D 541 -42.80 13.18 44.50
C LEU D 541 -42.91 13.61 45.96
N SER D 542 -43.86 14.51 46.21
CA SER D 542 -44.02 15.10 47.54
C SER D 542 -44.57 14.07 48.52
N SER D 543 -44.50 14.43 49.80
CA SER D 543 -44.89 13.55 50.90
C SER D 543 -46.37 13.63 51.24
N ALA D 544 -47.14 14.47 50.54
CA ALA D 544 -48.57 14.56 50.82
C ALA D 544 -49.35 13.37 50.28
N PHE D 545 -48.77 12.61 49.36
CA PHE D 545 -49.46 11.49 48.71
C PHE D 545 -49.07 10.14 49.30
N VAL D 546 -48.32 10.12 50.40
CA VAL D 546 -47.90 8.87 51.01
C VAL D 546 -49.13 8.13 51.55
N GLY D 547 -49.02 6.80 51.61
CA GLY D 547 -50.11 5.98 52.08
C GLY D 547 -50.45 4.88 51.09
N LEU D 548 -49.51 4.61 50.18
CA LEU D 548 -49.68 3.60 49.13
C LEU D 548 -50.91 3.87 48.27
N SER D 549 -51.40 5.11 48.27
CA SER D 549 -52.49 5.51 47.39
C SER D 549 -52.01 5.90 46.00
N PHE D 550 -50.70 5.81 45.76
CA PHE D 550 -50.15 6.10 44.43
C PHE D 550 -50.82 5.33 43.30
N PRO D 551 -51.16 4.04 43.43
CA PRO D 551 -51.95 3.39 42.38
C PRO D 551 -53.27 4.07 42.09
N THR D 552 -53.77 4.89 43.01
CA THR D 552 -54.93 5.75 42.76
C THR D 552 -54.53 7.18 42.45
N VAL D 553 -53.41 7.65 43.01
CA VAL D 553 -52.94 9.00 42.72
C VAL D 553 -52.62 9.15 41.24
N CYS D 554 -52.10 8.09 40.61
CA CYS D 554 -51.79 8.17 39.19
C CYS D 554 -53.04 8.38 38.34
N GLU D 555 -54.17 8.33 39.06
CA GLU D 555 -55.47 8.65 38.39
C GLU D 555 -55.80 10.10 38.72
N LEU D 556 -55.97 10.93 37.68
CA LEU D 556 -56.38 12.33 37.84
C LEU D 556 -55.43 13.13 38.74
N CYS D 557 -54.11 12.93 38.61
CA CYS D 557 -53.18 13.80 39.37
C CYS D 557 -52.20 14.40 38.38
N PHE D 558 -52.71 14.76 37.21
CA PHE D 558 -51.85 15.25 36.14
C PHE D 558 -52.43 16.44 35.40
N VAL D 559 -53.74 16.66 35.47
CA VAL D 559 -54.33 17.86 34.90
C VAL D 559 -53.94 19.09 35.73
N LYS D 560 -53.59 18.90 36.99
CA LYS D 560 -53.19 20.00 37.86
C LYS D 560 -51.71 20.34 37.74
N LEU D 561 -50.85 19.32 37.56
CA LEU D 561 -49.42 19.53 37.44
C LEU D 561 -48.92 19.49 36.00
N LYS D 562 -49.78 19.13 35.05
CA LYS D 562 -49.41 19.12 33.62
C LYS D 562 -48.21 18.22 33.35
N LEU D 563 -48.18 17.06 34.01
CA LEU D 563 -47.10 16.10 33.85
C LEU D 563 -47.68 14.73 33.50
N LEU D 564 -46.82 13.72 33.47
CA LEU D 564 -47.22 12.35 33.23
C LEU D 564 -46.19 11.43 33.86
N MET D 565 -46.67 10.50 34.70
CA MET D 565 -45.81 9.62 35.46
C MET D 565 -46.08 8.17 35.09
N ILE D 566 -45.01 7.37 35.08
CA ILE D 566 -45.14 5.93 34.85
C ILE D 566 -44.53 5.18 36.03
N SER D 581 -41.10 -0.40 46.01
CA SER D 581 -40.26 -1.57 45.77
C SER D 581 -39.60 -1.49 44.40
N ARG D 582 -40.07 -2.32 43.48
CA ARG D 582 -39.51 -2.39 42.14
C ARG D 582 -40.08 -1.26 41.28
N ILE D 583 -39.85 -1.34 39.97
CA ILE D 583 -40.17 -0.24 39.07
C ILE D 583 -41.68 -0.16 38.87
N LEU D 584 -42.20 1.06 38.79
CA LEU D 584 -43.63 1.31 38.66
C LEU D 584 -43.99 1.42 37.19
N ILE D 585 -44.85 0.52 36.72
CA ILE D 585 -45.36 0.54 35.34
C ILE D 585 -46.88 0.47 35.44
N ASN D 586 -47.52 1.65 35.45
CA ASN D 586 -48.97 1.77 35.55
C ASN D 586 -49.50 1.00 36.76
N PRO D 587 -49.24 1.46 37.98
CA PRO D 587 -49.69 0.72 39.17
C PRO D 587 -51.21 0.83 39.32
N GLY D 588 -51.86 -0.32 39.47
CA GLY D 588 -53.30 -0.35 39.61
C GLY D 588 -53.76 -0.52 41.05
N ASN D 589 -55.04 -0.21 41.29
CA ASN D 589 -55.69 -0.26 42.60
C ASN D 589 -54.78 -0.12 43.82
N GLY D 596 -43.34 3.50 46.58
CA GLY D 596 -42.17 2.67 46.38
C GLY D 596 -41.06 3.38 45.65
N THR D 597 -40.71 2.89 44.46
CA THR D 597 -39.67 3.54 43.66
C THR D 597 -40.14 4.92 43.23
N LEU D 598 -39.19 5.86 43.16
CA LEU D 598 -39.52 7.23 42.81
C LEU D 598 -40.15 7.29 41.43
N GLY D 599 -41.05 8.26 41.26
CA GLY D 599 -41.83 8.33 40.04
C GLY D 599 -40.98 8.69 38.83
N PHE D 600 -41.40 8.16 37.68
CA PHE D 600 -40.75 8.43 36.40
C PHE D 600 -41.63 9.37 35.61
N PHE D 601 -41.20 10.62 35.47
CA PHE D 601 -42.01 11.65 34.85
C PHE D 601 -41.69 11.80 33.37
N ILE D 602 -42.73 12.07 32.58
CA ILE D 602 -42.60 12.50 31.19
C ILE D 602 -42.98 13.97 31.14
N ALA D 603 -42.03 14.82 30.78
CA ALA D 603 -42.25 16.26 30.83
C ALA D 603 -41.35 16.95 29.82
N SER D 604 -41.71 18.21 29.51
CA SER D 604 -40.89 19.01 28.62
C SER D 604 -39.53 19.31 29.24
N ASP D 605 -39.49 19.60 30.54
CA ASP D 605 -38.25 19.97 31.19
C ASP D 605 -38.32 19.54 32.66
N ALA D 606 -37.17 19.62 33.33
CA ALA D 606 -37.07 19.20 34.72
C ALA D 606 -37.65 20.22 35.71
N LYS D 607 -37.86 21.46 35.28
CA LYS D 607 -38.43 22.46 36.18
C LYS D 607 -39.84 22.07 36.61
N GLU D 608 -40.64 21.55 35.68
CA GLU D 608 -41.98 21.08 36.03
C GLU D 608 -41.92 19.88 36.97
N VAL D 609 -40.93 19.00 36.79
CA VAL D 609 -40.76 17.88 37.72
C VAL D 609 -40.44 18.40 39.11
N LYS D 610 -39.54 19.39 39.20
CA LYS D 610 -39.19 19.96 40.50
C LYS D 610 -40.39 20.64 41.15
N ARG D 611 -41.19 21.36 40.36
CA ARG D 611 -42.38 22.00 40.90
C ARG D 611 -43.45 20.99 41.31
N ALA D 612 -43.51 19.83 40.64
CA ALA D 612 -44.39 18.76 41.09
C ALA D 612 -43.92 18.19 42.41
N PHE D 613 -42.61 18.04 42.58
CA PHE D 613 -42.09 17.60 43.86
C PHE D 613 -42.39 18.61 44.96
N PHE D 614 -42.25 19.91 44.66
CA PHE D 614 -42.47 20.94 45.67
C PHE D 614 -43.92 20.99 46.13
N TYR D 615 -44.86 20.90 45.19
CA TYR D 615 -46.28 21.01 45.52
C TYR D 615 -46.71 19.75 46.25
N CYS D 616 -47.10 19.91 47.52
CA CYS D 616 -47.60 18.78 48.29
C CYS D 616 -48.90 18.23 47.69
N LYS D 617 -49.94 19.06 47.67
CA LYS D 617 -51.24 18.63 47.19
C LYS D 617 -51.30 18.65 45.67
N LYS D 688 -44.95 -26.83 32.97
CA LYS D 688 -43.94 -26.57 31.94
C LYS D 688 -44.49 -25.64 30.85
N LYS D 689 -45.66 -25.05 31.10
CA LYS D 689 -46.23 -24.12 30.14
C LYS D 689 -45.51 -22.78 30.17
N TYR D 690 -44.99 -22.37 31.32
CA TYR D 690 -44.25 -21.13 31.47
C TYR D 690 -42.77 -21.46 31.71
N ASP D 691 -41.97 -20.41 31.91
CA ASP D 691 -40.55 -20.56 32.15
C ASP D 691 -40.28 -20.82 33.62
N SER D 692 -38.99 -20.89 33.98
CA SER D 692 -38.62 -21.19 35.36
C SER D 692 -39.04 -20.07 36.31
N THR D 693 -38.89 -18.81 35.89
CA THR D 693 -39.16 -17.68 36.76
C THR D 693 -40.57 -17.12 36.61
N GLY D 694 -41.40 -17.70 35.74
CA GLY D 694 -42.76 -17.24 35.60
C GLY D 694 -42.91 -15.92 34.87
N MET D 695 -41.86 -15.42 34.23
CA MET D 695 -41.91 -14.13 33.54
C MET D 695 -42.14 -14.25 32.04
N PHE D 696 -42.02 -15.45 31.47
CA PHE D 696 -42.14 -15.64 30.03
C PHE D 696 -42.74 -17.00 29.74
N HIS D 697 -43.05 -17.23 28.47
CA HIS D 697 -43.56 -18.52 28.03
C HIS D 697 -42.41 -19.49 27.77
N TRP D 698 -42.75 -20.77 27.64
CA TRP D 698 -41.77 -21.81 27.43
C TRP D 698 -42.42 -23.01 26.77
N CYS D 699 -41.65 -23.69 25.93
CA CYS D 699 -42.10 -24.90 25.26
C CYS D 699 -41.01 -25.96 25.32
N ALA D 700 -41.40 -27.20 25.05
CA ALA D 700 -40.45 -28.29 25.08
C ALA D 700 -39.39 -28.11 23.98
N PRO D 701 -38.16 -28.57 24.22
CA PRO D 701 -37.10 -28.39 23.21
C PRO D 701 -37.44 -29.09 21.90
N LYS D 702 -37.61 -28.30 20.85
CA LYS D 702 -37.98 -28.82 19.54
C LYS D 702 -36.73 -29.06 18.69
N GLU D 703 -36.93 -29.37 17.42
CA GLU D 703 -35.87 -29.47 16.44
C GLU D 703 -36.23 -28.58 15.26
N ILE D 704 -35.20 -27.99 14.64
CA ILE D 704 -35.45 -27.05 13.55
C ILE D 704 -36.15 -27.73 12.38
N GLU D 705 -35.93 -29.03 12.20
CA GLU D 705 -36.61 -29.76 11.14
C GLU D 705 -38.10 -29.95 11.41
N LYS D 706 -38.56 -29.63 12.63
CA LYS D 706 -39.99 -29.74 12.94
C LYS D 706 -40.77 -28.52 12.51
N VAL D 707 -40.13 -27.36 12.37
CA VAL D 707 -40.82 -26.13 12.02
C VAL D 707 -40.39 -25.56 10.68
N ILE D 708 -39.36 -26.12 10.04
CA ILE D 708 -38.96 -25.65 8.72
C ILE D 708 -40.05 -25.97 7.71
N LEU D 709 -40.27 -25.03 6.78
CA LEU D 709 -41.31 -25.17 5.77
C LEU D 709 -40.72 -24.94 4.38
N THR D 710 -41.42 -25.46 3.38
CA THR D 710 -41.11 -25.22 1.97
C THR D 710 -42.16 -24.30 1.39
N ARG D 711 -41.99 -23.97 0.11
CA ARG D 711 -42.92 -23.07 -0.56
C ARG D 711 -44.34 -23.62 -0.53
N SER D 712 -44.51 -24.88 -0.94
CA SER D 712 -45.83 -25.49 -0.90
C SER D 712 -46.33 -25.64 0.53
N GLU D 713 -45.46 -26.07 1.44
CA GLU D 713 -45.87 -26.24 2.84
C GLU D 713 -46.30 -24.92 3.46
N ALA D 714 -45.54 -23.85 3.21
CA ALA D 714 -45.91 -22.54 3.71
C ALA D 714 -47.21 -22.05 3.08
N ALA D 715 -47.39 -22.29 1.78
CA ALA D 715 -48.61 -21.87 1.10
C ALA D 715 -49.83 -22.58 1.68
N MET D 716 -49.70 -23.88 1.97
CA MET D 716 -50.83 -24.61 2.55
C MET D 716 -51.21 -24.05 3.92
N THR D 717 -50.22 -23.74 4.75
CA THR D 717 -50.49 -23.19 6.06
C THR D 717 -51.05 -21.78 5.95
N VAL D 718 -52.00 -21.46 6.81
CA VAL D 718 -52.61 -20.13 6.87
C VAL D 718 -51.94 -19.32 7.96
N LEU D 719 -51.61 -18.07 7.66
CA LEU D 719 -50.89 -17.19 8.57
C LEU D 719 -51.54 -15.82 8.52
N SER D 720 -52.26 -15.47 9.58
CA SER D 720 -52.93 -14.17 9.66
C SER D 720 -52.54 -13.48 10.95
N GLY D 721 -52.28 -12.18 10.85
CA GLY D 721 -51.90 -11.40 12.03
C GLY D 721 -50.65 -11.89 12.71
N HIS D 722 -49.64 -12.29 11.94
CA HIS D 722 -48.41 -12.84 12.47
C HIS D 722 -47.24 -11.90 12.19
N VAL D 723 -46.04 -12.35 12.53
CA VAL D 723 -44.83 -11.57 12.39
C VAL D 723 -43.86 -12.33 11.51
N VAL D 724 -43.29 -11.64 10.52
CA VAL D 724 -42.30 -12.23 9.62
C VAL D 724 -41.02 -11.42 9.73
N VAL D 725 -39.89 -12.11 9.84
CA VAL D 725 -38.59 -11.49 9.96
C VAL D 725 -37.74 -11.95 8.79
N CYS D 726 -37.47 -11.04 7.86
CA CYS D 726 -36.65 -11.34 6.69
C CYS D 726 -35.20 -11.00 7.02
N ILE D 727 -34.35 -12.02 7.07
CA ILE D 727 -32.97 -11.87 7.54
C ILE D 727 -32.02 -12.16 6.38
N PHE D 728 -31.09 -11.24 6.15
CA PHE D 728 -30.03 -11.43 5.16
C PHE D 728 -28.77 -11.85 5.90
N GLY D 729 -28.38 -13.12 5.72
CA GLY D 729 -27.20 -13.63 6.40
C GLY D 729 -26.75 -14.93 5.80
N ASP D 730 -25.61 -15.42 6.26
CA ASP D 730 -25.05 -16.71 5.78
C ASP D 730 -24.28 -17.34 6.94
N VAL D 731 -23.42 -18.32 6.68
CA VAL D 731 -22.58 -18.88 7.77
C VAL D 731 -21.58 -17.84 8.26
N SER D 732 -20.96 -17.10 7.34
CA SER D 732 -19.87 -16.18 7.76
C SER D 732 -20.39 -15.04 8.63
N SER D 733 -21.54 -14.48 8.30
CA SER D 733 -22.13 -13.33 8.99
C SER D 733 -22.16 -13.56 10.50
N ALA D 734 -21.95 -12.49 11.25
CA ALA D 734 -21.91 -12.57 12.70
C ALA D 734 -23.31 -12.85 13.26
N LEU D 735 -23.34 -13.43 14.46
CA LEU D 735 -24.59 -13.80 15.09
C LEU D 735 -25.33 -12.55 15.58
N ILE D 736 -26.55 -12.35 15.11
CA ILE D 736 -27.34 -11.21 15.56
C ILE D 736 -27.80 -11.39 17.00
N GLY D 737 -28.27 -12.58 17.34
CA GLY D 737 -28.81 -12.81 18.67
C GLY D 737 -30.30 -12.60 18.76
N LEU D 738 -31.05 -13.31 17.90
CA LEU D 738 -32.49 -13.10 17.80
C LEU D 738 -33.26 -13.54 19.03
N ARG D 739 -32.59 -14.17 20.01
CA ARG D 739 -33.30 -14.63 21.20
C ARG D 739 -33.92 -13.48 21.97
N ASN D 740 -33.17 -12.37 22.12
CA ASN D 740 -33.69 -11.21 22.82
C ASN D 740 -34.68 -10.41 21.98
N LEU D 741 -34.93 -10.84 20.74
CA LEU D 741 -36.01 -10.28 19.93
C LEU D 741 -37.31 -11.06 20.14
N VAL D 742 -37.24 -12.39 20.16
CA VAL D 742 -38.44 -13.18 20.37
C VAL D 742 -38.87 -13.16 21.83
N MET D 743 -37.92 -12.98 22.76
CA MET D 743 -38.27 -13.01 24.18
C MET D 743 -39.28 -11.95 24.58
N PRO D 744 -39.14 -10.67 24.20
CA PRO D 744 -40.17 -9.69 24.59
C PRO D 744 -41.55 -10.02 24.04
N LEU D 745 -41.63 -10.68 22.89
CA LEU D 745 -42.92 -11.09 22.35
C LEU D 745 -43.49 -12.29 23.09
N ARG D 746 -42.63 -13.13 23.65
CA ARG D 746 -43.07 -14.29 24.44
C ARG D 746 -43.19 -13.94 25.91
N ALA D 747 -43.91 -12.87 26.23
CA ALA D 747 -44.09 -12.44 27.60
C ALA D 747 -45.20 -13.25 28.27
N SER D 748 -45.03 -13.52 29.56
CA SER D 748 -46.00 -14.32 30.29
C SER D 748 -47.35 -13.62 30.44
N ASN D 749 -47.39 -12.29 30.30
CA ASN D 749 -48.63 -11.56 30.44
C ASN D 749 -49.47 -11.57 29.17
N PHE D 750 -49.04 -12.27 28.13
CA PHE D 750 -49.82 -12.47 26.92
C PHE D 750 -50.46 -13.86 26.96
N HIS D 751 -51.76 -13.92 26.78
CA HIS D 751 -52.45 -15.20 26.70
C HIS D 751 -51.96 -15.98 25.49
N TYR D 752 -51.89 -17.31 25.63
CA TYR D 752 -51.30 -18.15 24.60
C TYR D 752 -51.95 -17.94 23.24
N HIS D 753 -53.27 -17.67 23.21
CA HIS D 753 -53.92 -17.36 21.95
C HIS D 753 -53.46 -16.02 21.39
N GLU D 754 -53.16 -15.06 22.28
CA GLU D 754 -52.72 -13.75 21.83
C GLU D 754 -51.31 -13.77 21.26
N LEU D 755 -50.51 -14.78 21.57
CA LEU D 755 -49.15 -14.85 21.06
C LEU D 755 -49.15 -14.92 19.53
N LYS D 756 -48.33 -14.08 18.92
CA LYS D 756 -48.20 -14.05 17.47
C LYS D 756 -47.29 -15.17 17.00
N HIS D 757 -47.27 -15.38 15.69
CA HIS D 757 -46.43 -16.39 15.06
C HIS D 757 -45.25 -15.71 14.39
N ILE D 758 -44.04 -16.19 14.70
CA ILE D 758 -42.81 -15.59 14.21
C ILE D 758 -42.23 -16.51 13.14
N VAL D 759 -42.14 -16.00 11.91
CA VAL D 759 -41.63 -16.77 10.78
C VAL D 759 -40.34 -16.11 10.29
N PHE D 760 -39.25 -16.86 10.35
CA PHE D 760 -37.93 -16.36 9.97
C PHE D 760 -37.67 -16.75 8.52
N VAL D 761 -37.69 -15.78 7.62
CA VAL D 761 -37.45 -15.99 6.20
C VAL D 761 -36.01 -15.62 5.89
N GLY D 762 -35.22 -16.60 5.46
CA GLY D 762 -33.85 -16.33 5.13
C GLY D 762 -33.04 -17.62 5.04
N SER D 763 -31.73 -17.44 4.99
CA SER D 763 -30.82 -18.58 4.84
C SER D 763 -30.93 -19.51 6.04
N ILE D 764 -30.75 -20.80 5.78
CA ILE D 764 -31.07 -21.82 6.78
C ILE D 764 -29.95 -22.09 7.79
N GLU D 765 -28.69 -21.83 7.42
CA GLU D 765 -27.60 -22.11 8.36
C GLU D 765 -27.57 -21.06 9.48
N TYR D 766 -27.75 -19.79 9.13
CA TYR D 766 -27.85 -18.75 10.15
C TYR D 766 -29.03 -19.00 11.07
N LEU D 767 -30.18 -19.33 10.48
CA LEU D 767 -31.35 -19.63 11.29
C LEU D 767 -31.18 -20.91 12.09
N LYS D 768 -30.33 -21.84 11.65
CA LYS D 768 -30.04 -23.02 12.45
C LYS D 768 -29.19 -22.67 13.67
N ARG D 769 -28.11 -21.91 13.46
CA ARG D 769 -27.26 -21.52 14.58
C ARG D 769 -27.98 -20.59 15.53
N GLU D 770 -29.05 -19.93 15.09
CA GLU D 770 -29.89 -19.18 15.99
C GLU D 770 -30.98 -20.03 16.64
N TRP D 771 -31.52 -21.01 15.92
CA TRP D 771 -32.51 -21.91 16.49
C TRP D 771 -31.92 -22.72 17.62
N GLU D 772 -30.61 -22.98 17.57
CA GLU D 772 -29.93 -23.64 18.68
C GLU D 772 -30.28 -23.02 20.02
N THR D 773 -30.60 -21.72 20.05
CA THR D 773 -31.10 -21.06 21.26
C THR D 773 -32.57 -20.68 21.17
N LEU D 774 -33.12 -20.58 19.96
CA LEU D 774 -34.52 -20.20 19.77
C LEU D 774 -35.50 -21.35 19.97
N HIS D 775 -35.02 -22.59 20.12
CA HIS D 775 -35.89 -23.75 20.12
C HIS D 775 -36.84 -23.81 21.31
N ASN D 776 -36.64 -22.97 22.33
CA ASN D 776 -37.50 -22.98 23.52
C ASN D 776 -38.56 -21.91 23.48
N PHE D 777 -39.09 -21.58 22.30
CA PHE D 777 -40.12 -20.57 22.16
C PHE D 777 -41.25 -21.09 21.28
N PRO D 778 -42.51 -20.95 21.71
CA PRO D 778 -43.62 -21.46 20.91
C PRO D 778 -43.94 -20.55 19.73
N LYS D 779 -44.67 -21.12 18.77
CA LYS D 779 -45.17 -20.39 17.61
C LYS D 779 -44.03 -19.77 16.80
N VAL D 780 -43.10 -20.62 16.38
CA VAL D 780 -41.94 -20.20 15.60
C VAL D 780 -41.83 -21.11 14.39
N SER D 781 -41.63 -20.51 13.21
CA SER D 781 -41.49 -21.25 11.97
C SER D 781 -40.34 -20.66 11.17
N ILE D 782 -39.77 -21.48 10.29
CA ILE D 782 -38.61 -21.10 9.49
C ILE D 782 -38.96 -21.27 8.02
N LEU D 783 -38.29 -20.48 7.16
CA LEU D 783 -38.52 -20.56 5.73
C LEU D 783 -37.25 -20.19 4.98
N PRO D 784 -36.58 -21.17 4.37
CA PRO D 784 -35.39 -20.87 3.58
C PRO D 784 -35.73 -20.13 2.30
N GLY D 785 -34.77 -19.33 1.84
CA GLY D 785 -34.91 -18.60 0.59
C GLY D 785 -34.57 -17.13 0.77
N THR D 786 -34.39 -16.47 -0.37
CA THR D 786 -34.04 -15.06 -0.37
C THR D 786 -35.28 -14.22 -0.06
N PRO D 787 -35.21 -13.28 0.88
CA PRO D 787 -36.35 -12.40 1.14
C PRO D 787 -36.73 -11.53 -0.05
N LEU D 788 -35.84 -11.39 -1.03
CA LEU D 788 -36.11 -10.59 -2.23
C LEU D 788 -36.90 -11.37 -3.28
N SER D 789 -37.56 -12.46 -2.89
CA SER D 789 -38.34 -13.28 -3.82
C SER D 789 -39.81 -13.09 -3.54
N ARG D 790 -40.58 -12.81 -4.59
CA ARG D 790 -42.02 -12.59 -4.44
C ARG D 790 -42.72 -13.87 -4.00
N ALA D 791 -42.24 -15.03 -4.47
CA ALA D 791 -42.90 -16.29 -4.15
C ALA D 791 -42.84 -16.58 -2.65
N ASP D 792 -41.69 -16.34 -2.03
CA ASP D 792 -41.56 -16.59 -0.60
C ASP D 792 -42.48 -15.68 0.21
N LEU D 793 -42.57 -14.40 -0.17
CA LEU D 793 -43.40 -13.47 0.57
C LEU D 793 -44.88 -13.77 0.39
N ARG D 794 -45.28 -14.17 -0.82
CA ARG D 794 -46.67 -14.55 -1.04
C ARG D 794 -47.03 -15.82 -0.29
N ALA D 795 -46.10 -16.78 -0.24
CA ALA D 795 -46.36 -18.04 0.45
C ALA D 795 -46.57 -17.81 1.95
N VAL D 796 -45.78 -16.92 2.55
CA VAL D 796 -45.88 -16.66 3.98
C VAL D 796 -46.99 -15.68 4.32
N ASN D 797 -47.79 -15.28 3.33
CA ASN D 797 -48.88 -14.32 3.52
C ASN D 797 -48.34 -13.00 4.08
N ILE D 798 -47.51 -12.34 3.26
CA ILE D 798 -46.92 -11.07 3.67
C ILE D 798 -47.99 -10.01 3.87
N ASN D 799 -49.11 -10.11 3.15
CA ASN D 799 -50.21 -9.17 3.39
C ASN D 799 -50.90 -9.45 4.72
N LEU D 800 -51.04 -10.72 5.08
CA LEU D 800 -51.72 -11.11 6.31
C LEU D 800 -50.70 -11.27 7.46
N CYS D 801 -49.94 -10.20 7.68
CA CYS D 801 -48.96 -10.16 8.76
C CYS D 801 -49.09 -8.87 9.54
N ASP D 802 -48.87 -8.96 10.85
CA ASP D 802 -48.89 -7.76 11.70
C ASP D 802 -47.60 -6.96 11.59
N MET D 803 -46.50 -7.59 11.21
CA MET D 803 -45.23 -6.89 11.11
C MET D 803 -44.29 -7.66 10.20
N CYS D 804 -43.53 -6.92 9.39
CA CYS D 804 -42.42 -7.46 8.61
C CYS D 804 -41.16 -6.72 8.99
N VAL D 805 -40.17 -7.43 9.52
CA VAL D 805 -38.95 -6.84 10.04
C VAL D 805 -37.80 -7.22 9.11
N ILE D 806 -37.16 -6.22 8.52
CA ILE D 806 -36.02 -6.44 7.65
C ILE D 806 -34.75 -6.30 8.46
N LEU D 807 -33.90 -7.33 8.41
CA LEU D 807 -32.66 -7.33 9.17
C LEU D 807 -31.51 -7.80 8.29
N SER D 808 -30.34 -7.18 8.47
CA SER D 808 -29.14 -7.54 7.74
C SER D 808 -28.07 -7.98 8.74
N ALA D 809 -27.66 -9.25 8.65
CA ALA D 809 -26.60 -9.72 9.53
C ALA D 809 -25.25 -9.09 9.17
N ASN D 810 -24.98 -8.95 7.87
CA ASN D 810 -23.74 -8.34 7.41
C ASN D 810 -23.89 -6.82 7.45
N GLN D 811 -23.72 -6.25 8.65
CA GLN D 811 -23.90 -4.82 8.84
C GLN D 811 -22.63 -4.06 9.16
N ASN D 812 -21.55 -4.73 9.58
CA ASN D 812 -20.30 -4.06 9.90
C ASN D 812 -19.11 -4.61 9.12
N ASN D 813 -19.32 -5.53 8.20
CA ASN D 813 -18.23 -6.14 7.43
C ASN D 813 -18.03 -5.49 6.07
N ILE D 814 -18.75 -4.42 5.77
CA ILE D 814 -18.64 -3.72 4.49
C ILE D 814 -18.34 -2.25 4.79
N ASP D 815 -17.33 -1.71 4.11
CA ASP D 815 -16.88 -0.34 4.36
C ASP D 815 -17.58 0.69 3.47
N ASP D 816 -17.87 0.34 2.23
CA ASP D 816 -18.47 1.30 1.30
C ASP D 816 -19.88 1.66 1.74
N THR D 817 -20.21 2.94 1.60
CA THR D 817 -21.51 3.43 2.03
C THR D 817 -22.63 2.97 1.09
N SER D 818 -22.38 3.04 -0.22
CA SER D 818 -23.40 2.64 -1.19
C SER D 818 -23.75 1.17 -1.03
N LEU D 819 -22.74 0.31 -0.83
CA LEU D 819 -23.00 -1.10 -0.61
C LEU D 819 -23.67 -1.37 0.72
N GLN D 820 -23.62 -0.43 1.65
CA GLN D 820 -24.33 -0.58 2.91
C GLN D 820 -25.83 -0.41 2.70
N ASP D 821 -26.61 -1.29 3.33
CA ASP D 821 -28.07 -1.21 3.32
C ASP D 821 -28.62 -1.27 1.90
N LYS D 822 -28.10 -2.19 1.10
CA LYS D 822 -28.63 -2.39 -0.24
C LYS D 822 -29.79 -3.39 -0.23
N GLU D 823 -29.56 -4.56 0.35
CA GLU D 823 -30.58 -5.60 0.34
C GLU D 823 -31.80 -5.20 1.17
N CYS D 824 -31.58 -4.49 2.28
CA CYS D 824 -32.70 -4.04 3.10
C CYS D 824 -33.60 -3.08 2.34
N ILE D 825 -33.00 -2.09 1.67
CA ILE D 825 -33.78 -1.12 0.92
C ILE D 825 -34.49 -1.80 -0.25
N LEU D 826 -33.80 -2.71 -0.94
CA LEU D 826 -34.45 -3.43 -2.03
C LEU D 826 -35.62 -4.27 -1.54
N ALA D 827 -35.47 -4.93 -0.40
CA ALA D 827 -36.57 -5.72 0.16
C ALA D 827 -37.74 -4.83 0.54
N SER D 828 -37.47 -3.68 1.15
CA SER D 828 -38.54 -2.77 1.53
C SER D 828 -39.30 -2.28 0.31
N LEU D 829 -38.59 -1.84 -0.72
CA LEU D 829 -39.26 -1.36 -1.92
C LEU D 829 -39.97 -2.48 -2.65
N ASN D 830 -39.42 -3.70 -2.60
CA ASN D 830 -40.10 -4.85 -3.20
C ASN D 830 -41.41 -5.14 -2.50
N ILE D 831 -41.42 -5.08 -1.17
CA ILE D 831 -42.66 -5.26 -0.43
C ILE D 831 -43.65 -4.16 -0.77
N LYS D 832 -43.16 -2.93 -0.90
CA LYS D 832 -44.06 -1.82 -1.23
C LYS D 832 -44.71 -2.01 -2.60
N SER D 833 -43.98 -2.60 -3.55
CA SER D 833 -44.47 -2.75 -4.91
C SER D 833 -45.33 -3.99 -5.12
N MET D 834 -45.56 -4.79 -4.09
CA MET D 834 -46.39 -5.97 -4.23
C MET D 834 -47.81 -5.60 -4.64
N GLN D 835 -48.41 -6.45 -5.47
CA GLN D 835 -49.81 -6.33 -5.85
C GLN D 835 -50.52 -7.63 -5.52
N PHE D 836 -51.61 -7.54 -4.76
CA PHE D 836 -52.34 -8.70 -4.27
C PHE D 836 -53.68 -8.81 -5.00
N ASP D 837 -54.50 -9.77 -4.56
CA ASP D 837 -55.81 -9.99 -5.15
C ASP D 837 -56.69 -8.76 -5.01
N THR D 875 -54.58 -6.07 -3.72
CA THR D 875 -54.31 -4.65 -3.57
C THR D 875 -52.81 -4.38 -3.52
N THR D 876 -52.44 -3.12 -3.29
CA THR D 876 -51.03 -2.75 -3.23
C THR D 876 -50.42 -3.17 -1.90
N GLY D 877 -49.09 -3.14 -1.86
CA GLY D 877 -48.34 -3.48 -0.67
C GLY D 877 -47.79 -2.30 0.10
N VAL D 878 -48.16 -1.06 -0.26
CA VAL D 878 -47.68 0.09 0.47
C VAL D 878 -48.29 0.18 1.86
N ASN D 879 -49.42 -0.49 2.10
CA ASN D 879 -50.07 -0.48 3.39
C ASN D 879 -49.46 -1.47 4.37
N ILE D 880 -48.62 -2.38 3.90
CA ILE D 880 -48.03 -3.39 4.79
C ILE D 880 -47.09 -2.70 5.78
N PRO D 881 -47.19 -2.98 7.07
CA PRO D 881 -46.27 -2.35 8.05
C PRO D 881 -44.87 -2.91 7.90
N ILE D 882 -43.91 -2.01 7.70
CA ILE D 882 -42.51 -2.37 7.46
C ILE D 882 -41.64 -1.59 8.42
N ILE D 883 -40.70 -2.27 9.07
CA ILE D 883 -39.65 -1.64 9.86
C ILE D 883 -38.32 -2.13 9.33
N THR D 884 -37.38 -1.22 9.11
CA THR D 884 -36.13 -1.54 8.45
C THR D 884 -34.96 -1.15 9.33
N GLU D 885 -34.03 -2.07 9.50
CA GLU D 885 -32.79 -1.79 10.23
C GLU D 885 -31.82 -1.08 9.29
N LEU D 886 -31.52 0.18 9.58
CA LEU D 886 -30.67 1.00 8.73
C LEU D 886 -29.33 1.21 9.42
N VAL D 887 -28.27 0.67 8.84
CA VAL D 887 -26.93 0.86 9.39
C VAL D 887 -26.47 2.29 9.20
N ASN D 888 -26.67 2.85 8.00
CA ASN D 888 -26.34 4.22 7.69
C ASN D 888 -27.62 5.03 7.68
N ASP D 889 -27.75 5.97 8.61
CA ASP D 889 -28.99 6.73 8.73
C ASP D 889 -29.24 7.63 7.53
N THR D 890 -28.17 8.07 6.84
CA THR D 890 -28.33 8.92 5.67
C THR D 890 -29.14 8.24 4.57
N ASN D 891 -29.17 6.90 4.57
CA ASN D 891 -29.95 6.16 3.58
C ASN D 891 -31.45 6.26 3.81
N VAL D 892 -31.89 6.83 4.93
CA VAL D 892 -33.30 6.84 5.26
C VAL D 892 -34.10 7.56 4.18
N GLN D 893 -33.47 8.49 3.47
CA GLN D 893 -34.17 9.22 2.42
C GLN D 893 -34.67 8.28 1.33
N PHE D 894 -33.92 7.22 1.04
CA PHE D 894 -34.34 6.26 0.03
C PHE D 894 -35.47 5.35 0.51
N LEU D 895 -35.77 5.34 1.81
CA LEU D 895 -36.72 4.36 2.33
C LEU D 895 -38.14 4.67 1.86
N ASP D 896 -38.48 5.94 1.74
CA ASP D 896 -39.81 6.36 1.32
C ASP D 896 -39.70 7.42 0.24
N GLN D 897 -40.72 7.49 -0.61
CA GLN D 897 -40.75 8.42 -1.73
C GLN D 897 -41.75 9.54 -1.58
N ASP D 898 -42.77 9.40 -0.72
CA ASP D 898 -43.78 10.44 -0.51
C ASP D 898 -43.30 11.38 0.60
N ASP D 899 -42.19 12.05 0.33
CA ASP D 899 -41.56 12.93 1.30
C ASP D 899 -40.61 13.86 0.56
N ASP D 900 -39.97 14.76 1.31
CA ASP D 900 -38.92 15.63 0.80
C ASP D 900 -37.61 15.24 1.47
N ASP D 901 -36.56 15.06 0.66
CA ASP D 901 -35.30 14.51 1.12
C ASP D 901 -34.27 15.61 1.29
N ASP D 902 -33.70 15.71 2.48
CA ASP D 902 -32.61 16.64 2.77
C ASP D 902 -31.42 15.86 3.28
N PRO D 903 -30.20 16.17 2.82
CA PRO D 903 -29.01 15.50 3.34
C PRO D 903 -28.54 16.02 4.70
N ASP D 904 -29.20 17.04 5.24
CA ASP D 904 -28.83 17.61 6.52
C ASP D 904 -29.90 17.46 7.61
N THR D 905 -31.15 17.18 7.23
CA THR D 905 -32.21 17.01 8.21
C THR D 905 -31.88 15.84 9.14
N GLU D 906 -32.08 16.04 10.44
CA GLU D 906 -31.75 15.02 11.42
C GLU D 906 -32.71 13.85 11.31
N LEU D 907 -32.26 12.68 11.80
CA LEU D 907 -33.01 11.45 11.61
C LEU D 907 -34.38 11.52 12.28
N TYR D 908 -34.47 12.19 13.43
CA TYR D 908 -35.76 12.24 14.13
C TYR D 908 -36.80 13.02 13.34
N LEU D 909 -36.38 14.07 12.62
CA LEU D 909 -37.31 14.85 11.82
C LEU D 909 -37.73 14.15 10.54
N THR D 910 -36.95 13.20 10.06
CA THR D 910 -37.25 12.52 8.80
C THR D 910 -38.57 11.76 8.91
N GLN D 911 -39.33 11.77 7.81
CA GLN D 911 -40.63 11.11 7.81
C GLN D 911 -40.56 9.61 8.06
N PRO D 912 -39.66 8.83 7.44
CA PRO D 912 -39.65 7.38 7.73
C PRO D 912 -39.44 7.05 9.20
N PHE D 913 -38.58 7.80 9.88
CA PHE D 913 -38.38 7.55 11.31
C PHE D 913 -39.55 8.10 12.13
N ALA D 914 -40.08 9.25 11.74
CA ALA D 914 -41.21 9.83 12.47
C ALA D 914 -42.42 8.90 12.42
N CYS D 915 -42.64 8.23 11.30
CA CYS D 915 -43.79 7.34 11.14
C CYS D 915 -43.61 6.02 11.85
N GLY D 916 -42.38 5.65 12.20
CA GLY D 916 -42.13 4.38 12.83
C GLY D 916 -41.73 3.25 11.90
N THR D 917 -41.42 3.56 10.64
CA THR D 917 -41.06 2.55 9.66
C THR D 917 -39.55 2.35 9.55
N ALA D 918 -38.75 3.09 10.32
CA ALA D 918 -37.31 2.99 10.26
C ALA D 918 -36.75 2.97 11.67
N PHE D 919 -35.55 2.40 11.80
CA PHE D 919 -34.89 2.32 13.10
C PHE D 919 -33.41 2.05 12.88
N ALA D 920 -32.57 2.94 13.40
CA ALA D 920 -31.13 2.82 13.31
C ALA D 920 -30.56 2.57 14.71
N VAL D 921 -29.25 2.31 14.76
CA VAL D 921 -28.58 2.07 16.02
C VAL D 921 -28.03 3.36 16.63
N SER D 922 -27.74 4.38 15.81
CA SER D 922 -27.16 5.61 16.34
C SER D 922 -28.08 6.31 17.31
N VAL D 923 -29.40 6.15 17.13
CA VAL D 923 -30.35 6.85 18.01
C VAL D 923 -30.20 6.40 19.45
N LEU D 924 -29.65 5.19 19.67
CA LEU D 924 -29.45 4.71 21.03
C LEU D 924 -28.23 5.33 21.69
N ASP D 925 -27.33 5.94 20.92
CA ASP D 925 -26.08 6.45 21.49
C ASP D 925 -26.35 7.50 22.56
N SER D 926 -27.24 8.45 22.25
CA SER D 926 -27.59 9.47 23.24
C SER D 926 -28.10 8.83 24.53
N LEU D 927 -28.70 7.65 24.44
CA LEU D 927 -29.18 6.94 25.62
C LEU D 927 -28.07 6.84 26.66
N MET D 928 -26.85 6.49 26.23
CA MET D 928 -25.76 6.34 27.18
C MET D 928 -25.53 7.63 27.94
N SER D 929 -25.55 8.77 27.25
CA SER D 929 -25.43 10.05 27.94
C SER D 929 -26.54 10.20 28.97
N ALA D 930 -27.78 9.91 28.57
CA ALA D 930 -28.87 9.95 29.53
C ALA D 930 -28.64 8.95 30.66
N THR D 931 -28.07 7.78 30.32
CA THR D 931 -27.78 6.80 31.35
C THR D 931 -26.77 7.33 32.36
N TYR D 932 -25.89 8.24 31.94
CA TYR D 932 -24.99 8.86 32.89
C TYR D 932 -25.75 9.75 33.87
N PHE D 933 -26.76 10.46 33.37
CA PHE D 933 -27.53 11.36 34.22
C PHE D 933 -28.59 10.64 35.04
N ASN D 934 -28.85 9.37 34.75
CA ASN D 934 -29.85 8.62 35.50
C ASN D 934 -29.69 7.14 35.20
N ASP D 935 -29.54 6.34 36.26
CA ASP D 935 -29.58 4.89 36.10
C ASP D 935 -31.00 4.41 35.86
N ASN D 936 -31.95 4.94 36.64
CA ASN D 936 -33.28 4.34 36.72
C ASN D 936 -33.95 4.23 35.36
N ILE D 937 -33.76 5.24 34.50
CA ILE D 937 -34.40 5.22 33.19
C ILE D 937 -34.04 3.94 32.45
N LEU D 938 -32.73 3.61 32.41
CA LEU D 938 -32.32 2.38 31.74
C LEU D 938 -33.01 1.18 32.36
N THR D 939 -33.10 1.14 33.69
CA THR D 939 -33.78 0.05 34.35
C THR D 939 -35.21 -0.11 33.82
N LEU D 940 -35.92 1.01 33.70
CA LEU D 940 -37.29 0.95 33.19
C LEU D 940 -37.31 0.33 31.81
N ILE D 941 -36.36 0.70 30.96
CA ILE D 941 -36.29 0.12 29.63
C ILE D 941 -36.04 -1.37 29.73
N ARG D 942 -35.12 -1.78 30.61
CA ARG D 942 -34.86 -3.20 30.80
C ARG D 942 -36.07 -3.93 31.33
N THR D 943 -37.06 -3.22 31.86
CA THR D 943 -38.31 -3.83 32.25
C THR D 943 -39.38 -3.69 31.19
N LEU D 944 -39.32 -2.65 30.36
CA LEU D 944 -40.35 -2.38 29.37
C LEU D 944 -39.97 -2.96 28.01
N VAL D 945 -38.83 -2.55 27.46
CA VAL D 945 -38.42 -3.02 26.14
C VAL D 945 -38.05 -4.49 26.20
N THR D 946 -37.26 -4.88 27.21
CA THR D 946 -36.86 -6.28 27.31
C THR D 946 -38.04 -7.17 27.67
N GLY D 947 -38.89 -6.73 28.58
CA GLY D 947 -40.03 -7.52 28.99
C GLY D 947 -40.00 -7.88 30.47
N GLY D 948 -39.40 -7.02 31.27
CA GLY D 948 -39.32 -7.26 32.70
C GLY D 948 -38.46 -8.45 33.10
N ALA D 949 -37.30 -8.60 32.46
CA ALA D 949 -36.40 -9.71 32.76
C ALA D 949 -35.69 -9.44 34.08
N THR D 950 -36.00 -10.24 35.10
CA THR D 950 -35.35 -10.09 36.39
C THR D 950 -33.90 -10.55 36.32
N PRO D 951 -33.03 -10.01 37.19
CA PRO D 951 -31.63 -10.47 37.19
C PRO D 951 -31.47 -11.95 37.46
N GLU D 952 -32.43 -12.58 38.16
CA GLU D 952 -32.38 -14.03 38.34
C GLU D 952 -32.42 -14.75 37.00
N LEU D 953 -33.29 -14.29 36.10
CA LEU D 953 -33.35 -14.89 34.77
C LEU D 953 -32.05 -14.67 34.01
N GLU D 954 -31.45 -13.49 34.15
CA GLU D 954 -30.17 -13.23 33.48
C GLU D 954 -29.08 -14.15 34.01
N ALA D 955 -29.04 -14.38 35.32
CA ALA D 955 -28.07 -15.30 35.88
C ALA D 955 -28.30 -16.73 35.40
N LEU D 956 -29.57 -17.14 35.33
CA LEU D 956 -29.88 -18.47 34.82
C LEU D 956 -29.45 -18.63 33.37
N ILE D 957 -29.67 -17.59 32.57
CA ILE D 957 -29.23 -17.63 31.17
C ILE D 957 -27.72 -17.70 31.08
N ALA D 958 -27.02 -16.92 31.90
CA ALA D 958 -25.56 -16.94 31.88
C ALA D 958 -25.02 -18.31 32.29
N GLU D 959 -25.70 -18.97 33.22
CA GLU D 959 -25.24 -20.27 33.68
C GLU D 959 -25.54 -21.37 32.67
N GLU D 960 -26.83 -21.57 32.35
CA GLU D 960 -27.25 -22.66 31.49
C GLU D 960 -26.94 -22.41 30.01
N ASN D 961 -26.73 -21.16 29.62
CA ASN D 961 -26.51 -20.74 28.23
C ASN D 961 -27.73 -20.99 27.36
N ALA D 962 -28.88 -21.31 27.96
CA ALA D 962 -30.12 -21.53 27.23
C ALA D 962 -31.28 -21.41 28.19
N LEU D 963 -32.41 -20.94 27.68
CA LEU D 963 -33.59 -20.75 28.52
C LEU D 963 -34.13 -22.10 28.98
N ARG D 964 -34.46 -22.19 30.26
CA ARG D 964 -34.98 -23.40 30.86
C ARG D 964 -36.31 -23.11 31.53
N GLY D 965 -37.32 -23.90 31.22
CA GLY D 965 -38.64 -23.71 31.78
C GLY D 965 -38.78 -24.33 33.16
N GLY D 966 -39.95 -24.09 33.77
CA GLY D 966 -40.24 -24.63 35.07
C GLY D 966 -41.72 -24.89 35.22
N TYR D 967 -42.05 -25.68 36.23
CA TYR D 967 -43.45 -26.01 36.49
C TYR D 967 -44.21 -24.78 36.96
N SER D 968 -45.49 -24.71 36.59
CA SER D 968 -46.32 -23.54 36.87
C SER D 968 -46.77 -23.55 38.33
N THR D 969 -45.80 -23.37 39.22
CA THR D 969 -46.10 -23.23 40.64
C THR D 969 -46.86 -21.92 40.86
N PRO D 970 -47.71 -21.86 41.90
CA PRO D 970 -48.57 -20.67 42.04
C PRO D 970 -47.82 -19.39 42.38
N GLN D 971 -46.56 -19.47 42.78
CA GLN D 971 -45.75 -18.27 42.91
C GLN D 971 -45.45 -17.65 41.54
N THR D 972 -45.26 -18.50 40.52
CA THR D 972 -45.01 -17.99 39.18
C THR D 972 -46.23 -17.28 38.60
N LEU D 973 -47.44 -17.70 38.99
CA LEU D 973 -48.65 -17.09 38.46
C LEU D 973 -48.76 -15.62 38.82
N ALA D 974 -48.11 -15.18 39.89
CA ALA D 974 -48.14 -13.77 40.28
C ALA D 974 -47.15 -12.92 39.49
N ASN D 975 -46.21 -13.54 38.78
CA ASN D 975 -45.22 -12.79 38.03
C ASN D 975 -45.76 -12.17 36.75
N ARG D 976 -46.89 -12.68 36.25
CA ARG D 976 -47.45 -12.18 34.99
C ARG D 976 -48.36 -10.97 35.20
N ASP D 977 -48.22 -10.27 36.33
CA ASP D 977 -48.98 -9.04 36.59
C ASP D 977 -48.22 -7.83 36.05
N ARG D 978 -47.96 -7.86 34.75
CA ARG D 978 -47.19 -6.83 34.07
C ARG D 978 -48.09 -6.06 33.12
N CYS D 979 -48.08 -4.74 33.24
CA CYS D 979 -48.92 -3.88 32.41
C CYS D 979 -48.32 -3.77 31.02
N ARG D 980 -48.87 -4.54 30.08
CA ARG D 980 -48.37 -4.51 28.71
C ARG D 980 -48.77 -3.20 28.03
N VAL D 981 -48.11 -2.92 26.91
CA VAL D 981 -48.32 -1.71 26.14
C VAL D 981 -49.04 -2.07 24.84
N ALA D 982 -50.00 -1.22 24.44
CA ALA D 982 -50.75 -1.49 23.24
C ALA D 982 -51.28 -0.19 22.64
N GLN D 983 -51.57 -0.25 21.34
CA GLN D 983 -52.23 0.82 20.62
C GLN D 983 -53.69 0.43 20.37
N LEU D 984 -54.60 1.35 20.66
CA LEU D 984 -56.02 1.09 20.51
C LEU D 984 -56.62 2.04 19.49
N ALA D 985 -57.62 1.54 18.78
CA ALA D 985 -58.34 2.32 17.78
C ALA D 985 -59.42 3.17 18.44
N LEU D 986 -59.47 4.44 18.08
CA LEU D 986 -60.45 5.37 18.61
C LEU D 986 -61.75 5.37 17.81
N LEU D 987 -61.87 4.51 16.80
CA LEU D 987 -63.01 4.50 15.91
C LEU D 987 -64.06 3.46 16.29
N ASP D 988 -63.69 2.49 17.12
CA ASP D 988 -64.64 1.39 17.46
C ASP D 988 -64.78 1.24 18.98
N GLY D 989 -65.55 0.25 19.43
CA GLY D 989 -65.64 -0.03 20.88
C GLY D 989 -66.22 1.11 21.71
N PRO D 990 -65.81 1.28 22.99
CA PRO D 990 -66.29 2.38 23.83
C PRO D 990 -65.90 3.79 23.35
N PHE D 991 -64.69 3.91 22.83
CA PHE D 991 -64.19 5.25 22.48
C PHE D 991 -64.87 5.79 21.25
N ALA D 992 -65.68 4.95 20.59
CA ALA D 992 -66.44 5.43 19.41
C ALA D 992 -67.36 6.56 19.87
N ASP D 993 -67.95 6.41 21.06
CA ASP D 993 -68.82 7.49 21.63
C ASP D 993 -67.93 8.71 21.83
N LEU D 994 -66.70 8.49 22.30
CA LEU D 994 -65.76 9.62 22.45
C LEU D 994 -65.58 10.21 21.06
N GLY D 995 -65.36 9.37 20.05
CA GLY D 995 -65.34 9.91 18.67
C GLY D 995 -64.47 11.13 18.61
N ASP D 996 -65.05 12.27 18.22
CA ASP D 996 -64.30 13.54 18.28
C ASP D 996 -64.47 14.04 19.71
N GLY D 997 -63.67 13.52 20.64
CA GLY D 997 -63.74 14.03 22.02
C GLY D 997 -63.34 15.50 22.07
N GLY D 998 -62.28 15.88 21.37
CA GLY D 998 -61.79 17.28 21.41
C GLY D 998 -61.06 17.61 22.71
N CYS D 999 -60.51 16.61 23.39
CA CYS D 999 -59.79 16.76 24.66
C CYS D 999 -59.06 15.45 24.94
N TYR D 1000 -57.74 15.45 24.76
CA TYR D 1000 -56.92 14.32 25.16
C TYR D 1000 -57.01 14.09 26.67
N GLY D 1001 -57.24 15.16 27.43
CA GLY D 1001 -57.49 15.00 28.85
C GLY D 1001 -58.68 14.11 29.13
N ASP D 1002 -59.77 14.32 28.38
CA ASP D 1002 -60.91 13.41 28.48
C ASP D 1002 -60.51 11.99 28.14
N LEU D 1003 -59.68 11.82 27.11
CA LEU D 1003 -59.21 10.49 26.75
C LEU D 1003 -58.57 9.78 27.93
N PHE D 1004 -57.50 10.35 28.50
CA PHE D 1004 -56.83 9.56 29.51
C PHE D 1004 -57.57 9.57 30.85
N CYS D 1005 -58.42 10.56 31.11
CA CYS D 1005 -59.25 10.51 32.31
C CYS D 1005 -60.24 9.36 32.23
N LYS D 1006 -60.94 9.23 31.10
CA LYS D 1006 -61.84 8.10 30.92
C LYS D 1006 -61.09 6.79 30.95
N ALA D 1007 -59.91 6.75 30.31
CA ALA D 1007 -59.11 5.53 30.28
C ALA D 1007 -58.70 5.11 31.69
N LEU D 1008 -58.28 6.07 32.51
CA LEU D 1008 -57.89 5.76 33.88
C LEU D 1008 -59.08 5.33 34.71
N LYS D 1009 -60.24 5.97 34.53
CA LYS D 1009 -61.39 5.61 35.36
C LYS D 1009 -61.94 4.24 34.98
N THR D 1010 -61.86 3.86 33.70
CA THR D 1010 -62.43 2.58 33.28
C THR D 1010 -61.56 1.40 33.71
N TYR D 1011 -60.32 1.36 33.20
CA TYR D 1011 -59.45 0.22 33.45
C TYR D 1011 -58.10 0.63 34.04
N ASN D 1012 -57.95 1.88 34.46
CA ASN D 1012 -56.65 2.44 34.86
C ASN D 1012 -55.68 2.40 33.68
N MET D 1013 -56.13 2.95 32.56
CA MET D 1013 -55.34 3.02 31.34
C MET D 1013 -54.63 4.37 31.25
N LEU D 1014 -53.33 4.33 31.03
CA LEU D 1014 -52.53 5.54 30.88
C LEU D 1014 -52.23 5.72 29.40
N CYS D 1015 -53.05 6.50 28.73
CA CYS D 1015 -52.82 6.85 27.33
C CYS D 1015 -51.70 7.88 27.28
N PHE D 1016 -50.54 7.47 26.76
CA PHE D 1016 -49.36 8.33 26.78
C PHE D 1016 -48.94 8.85 25.42
N GLY D 1017 -49.39 8.23 24.33
CA GLY D 1017 -49.00 8.70 23.01
C GLY D 1017 -50.18 8.71 22.06
N ILE D 1018 -50.02 9.46 20.97
CA ILE D 1018 -51.01 9.46 19.91
C ILE D 1018 -50.31 9.17 18.59
N TYR D 1019 -51.04 8.54 17.68
CA TYR D 1019 -50.49 8.01 16.43
C TYR D 1019 -51.52 8.36 15.35
N ARG D 1020 -51.23 9.42 14.61
CA ARG D 1020 -52.21 10.14 13.80
C ARG D 1020 -51.89 10.02 12.32
N LEU D 1021 -52.93 9.98 11.49
CA LEU D 1021 -52.74 9.96 10.04
C LEU D 1021 -51.92 11.17 9.61
N ARG D 1022 -50.98 10.94 8.69
CA ARG D 1022 -50.05 12.00 8.28
C ARG D 1022 -50.80 13.17 7.67
N ASP D 1023 -51.98 12.93 7.11
CA ASP D 1023 -52.83 14.00 6.57
C ASP D 1023 -54.14 14.14 7.35
N ALA D 1024 -54.19 13.66 8.59
CA ALA D 1024 -55.40 13.84 9.39
C ALA D 1024 -55.63 15.31 9.74
N HIS D 1025 -54.58 16.12 9.73
CA HIS D 1025 -54.69 17.54 10.00
C HIS D 1025 -54.91 18.36 8.73
N LEU D 1026 -55.07 17.71 7.58
CA LEU D 1026 -55.32 18.39 6.32
C LEU D 1026 -56.76 18.13 5.90
N SER D 1027 -57.47 19.20 5.54
CA SER D 1027 -58.87 19.07 5.16
C SER D 1027 -59.03 18.28 3.86
N THR D 1028 -58.13 18.49 2.90
CA THR D 1028 -58.23 17.81 1.62
C THR D 1028 -58.03 16.31 1.81
N PRO D 1029 -58.93 15.47 1.29
CA PRO D 1029 -58.79 14.03 1.48
C PRO D 1029 -57.55 13.48 0.78
N SER D 1030 -56.98 12.44 1.38
CA SER D 1030 -55.82 11.75 0.84
C SER D 1030 -56.02 10.24 1.02
N GLN D 1031 -55.01 9.47 0.63
CA GLN D 1031 -55.10 8.01 0.74
C GLN D 1031 -53.86 7.39 1.37
N CYS D 1032 -52.98 8.19 1.97
CA CYS D 1032 -51.81 7.64 2.64
C CYS D 1032 -52.20 7.07 3.99
N THR D 1033 -51.77 5.84 4.26
CA THR D 1033 -52.04 5.18 5.52
C THR D 1033 -50.95 5.45 6.56
N LYS D 1034 -49.84 6.04 6.14
CA LYS D 1034 -48.74 6.31 7.07
C LYS D 1034 -49.19 7.24 8.18
N ARG D 1035 -48.70 6.98 9.39
CA ARG D 1035 -49.10 7.71 10.58
C ARG D 1035 -47.87 8.12 11.37
N TYR D 1036 -47.94 9.29 11.99
CA TYR D 1036 -46.83 9.84 12.76
C TYR D 1036 -47.19 9.90 14.24
N VAL D 1037 -46.16 9.90 15.07
CA VAL D 1037 -46.30 9.80 16.53
C VAL D 1037 -46.19 11.19 17.15
N ILE D 1038 -47.08 11.49 18.09
CA ILE D 1038 -46.97 12.66 18.95
C ILE D 1038 -46.93 12.16 20.39
N THR D 1039 -45.88 12.57 21.12
CA THR D 1039 -45.61 12.05 22.45
C THR D 1039 -46.16 13.01 23.50
N ASN D 1040 -47.01 12.50 24.39
CA ASN D 1040 -47.59 13.23 25.52
C ASN D 1040 -48.16 14.57 25.09
N PRO D 1041 -49.24 14.59 24.30
CA PRO D 1041 -49.81 15.86 23.85
C PRO D 1041 -50.50 16.58 24.99
N PRO D 1042 -50.63 17.90 24.91
CA PRO D 1042 -51.42 18.62 25.92
C PRO D 1042 -52.87 18.18 25.89
N TYR D 1043 -53.52 18.28 27.05
CA TYR D 1043 -54.86 17.73 27.19
C TYR D 1043 -55.90 18.51 26.42
N GLU D 1044 -55.53 19.66 25.83
CA GLU D 1044 -56.42 20.41 24.96
C GLU D 1044 -56.31 19.97 23.50
N PHE D 1045 -55.89 18.73 23.26
CA PHE D 1045 -55.66 18.29 21.89
C PHE D 1045 -56.97 17.91 21.21
N GLU D 1046 -57.14 18.37 19.98
CA GLU D 1046 -58.32 18.03 19.20
C GLU D 1046 -58.25 16.59 18.75
N LEU D 1047 -59.37 15.87 18.86
CA LEU D 1047 -59.40 14.43 18.66
C LEU D 1047 -60.03 14.10 17.33
N VAL D 1048 -59.20 13.94 16.30
CA VAL D 1048 -59.68 13.39 15.03
C VAL D 1048 -60.02 11.92 15.24
N PRO D 1049 -61.20 11.46 14.81
CA PRO D 1049 -61.59 10.06 15.09
C PRO D 1049 -60.61 9.04 14.54
N THR D 1050 -59.90 9.35 13.45
CA THR D 1050 -58.92 8.43 12.89
C THR D 1050 -57.58 8.60 13.62
N ASP D 1051 -57.56 8.13 14.87
CA ASP D 1051 -56.40 8.23 15.71
C ASP D 1051 -56.13 6.89 16.39
N LEU D 1052 -54.86 6.64 16.71
CA LEU D 1052 -54.46 5.48 17.49
C LEU D 1052 -53.88 5.96 18.80
N ILE D 1053 -54.34 5.37 19.91
CA ILE D 1053 -53.89 5.78 21.24
C ILE D 1053 -52.88 4.77 21.75
N PHE D 1054 -51.68 5.25 22.07
CA PHE D 1054 -50.63 4.45 22.71
C PHE D 1054 -50.86 4.49 24.21
N CYS D 1055 -51.38 3.40 24.77
CA CYS D 1055 -51.71 3.31 26.18
C CYS D 1055 -51.16 2.02 26.76
N LEU D 1056 -51.11 1.96 28.08
CA LEU D 1056 -50.57 0.81 28.80
C LEU D 1056 -51.73 -0.06 29.25
N MET D 1057 -51.90 -1.21 28.60
CA MET D 1057 -52.93 -2.16 28.96
C MET D 1057 -52.69 -2.72 30.37
N GLN D 1058 -53.77 -3.13 31.02
CA GLN D 1058 -53.67 -3.66 32.37
C GLN D 1058 -53.10 -5.07 32.33
N PHE D 1059 -52.76 -5.59 33.51
CA PHE D 1059 -52.15 -6.90 33.62
C PHE D 1059 -53.12 -7.98 33.19
N ASP D 1060 -52.58 -9.17 32.95
CA ASP D 1060 -53.38 -10.31 32.51
C ASP D 1060 -53.08 -11.54 33.36
CA CA E . -26.87 6.32 -42.42
CA CA F . -4.66 -11.09 -39.72
CA CA G . 36.19 -21.12 -25.75
CA CA H . 30.04 -24.06 0.82
CA CA I . 21.21 -13.36 43.96
CA CA J . -4.39 -7.31 41.82
CA CA K . -36.51 19.11 26.02
CA CA L . -37.51 10.19 0.15
#